data_3R1A
#
_entry.id   3R1A
#
_cell.length_a   134.381
_cell.length_b   144.549
_cell.length_c   229.275
_cell.angle_alpha   90.000
_cell.angle_beta   90.000
_cell.angle_gamma   90.000
#
_symmetry.space_group_name_H-M   'P 21 21 21'
#
loop_
_entity.id
_entity.type
_entity.pdbx_description
1 polymer 'Cytochrome P450 2B4'
2 non-polymer 'PROTOPORPHYRIN IX CONTAINING FE'
3 non-polymer (4-tert-butylphenyl)acetaldehyde
4 water water
#
_entity_poly.entity_id   1
_entity_poly.type   'polypeptide(L)'
_entity_poly.pdbx_seq_one_letter_code
;MAKKTSSKGKLPPGPSPLPVLGNLLQMDRKGLLRSFLRLREKYGDVFTVYLGSRPVVVLCGTDAIREALVDQAEAFSGRG
KIAVVDPIFQGYGVIFANGERWRALRRFSLATMRDFGMGKRSVEERIQEEARCLVEELRKSKGALLDNTLLFHSITSNII
CSIVFGKRFDYKDPVFLRLLDLFFQSFSLISSFSSQVFELFSGFLKYFPGTHRQIYRNLQEINTFIGQSVEKHRATLDPS
NPRDFIDVYLLRMEKDKSDPSSEFHHQNLILTVLSLFFAGTETTSTTLRYGFLLMLKYPHVTERVQKEIEQVIGSHRPPA
LDDRAKMPYTDAVIHEIQRLGDLIPFGVPHTVTKDTQFRGYVIPKNTEVFPVLSSALHDPRYFETPNTFNPGHFLDANGA
LKRNEGFMPFSLGKRICLGEGIARTELFLFFTTILQNFSIASPVPPEDIDLTPRESGVGNVPPSYQIRFLARHHHH
;
_entity_poly.pdbx_strand_id   A,B,C,D,E,F,G,H
#
loop_
_chem_comp.id
_chem_comp.type
_chem_comp.name
_chem_comp.formula
HEM non-polymer 'PROTOPORPHYRIN IX CONTAINING FE' 'C34 H32 Fe N4 O4'
TB2 non-polymer (4-tert-butylphenyl)acetaldehyde 'C12 H16 O'
#
# COMPACT_ATOMS: atom_id res chain seq x y z
N GLY A 9 27.82 22.04 47.94
CA GLY A 9 27.12 22.31 46.71
C GLY A 9 25.62 22.21 46.86
N LYS A 10 25.18 21.35 47.78
CA LYS A 10 23.76 21.16 48.07
C LYS A 10 23.03 20.33 47.01
N LEU A 11 21.82 19.90 47.36
CA LEU A 11 20.99 19.09 46.48
C LEU A 11 20.25 19.93 45.45
N PRO A 12 19.66 19.29 44.43
CA PRO A 12 18.85 19.98 43.44
C PRO A 12 17.74 20.80 44.10
N PRO A 13 17.14 21.74 43.35
CA PRO A 13 16.06 22.56 43.89
C PRO A 13 14.83 21.71 44.21
N GLY A 14 14.01 22.18 45.15
CA GLY A 14 12.81 21.45 45.54
C GLY A 14 12.17 22.07 46.76
N PRO A 15 10.83 21.98 46.85
CA PRO A 15 10.07 22.58 47.95
C PRO A 15 10.65 22.20 49.30
N SER A 16 10.70 23.15 50.23
CA SER A 16 11.20 22.88 51.56
C SER A 16 10.31 21.89 52.29
N PRO A 17 10.92 20.89 52.94
CA PRO A 17 10.21 19.81 53.62
C PRO A 17 9.94 20.10 55.10
N LEU A 18 8.68 20.03 55.50
CA LEU A 18 8.34 20.07 56.92
C LEU A 18 8.97 18.83 57.55
N PRO A 19 9.21 18.88 58.87
CA PRO A 19 9.76 17.70 59.54
C PRO A 19 8.81 16.51 59.44
N VAL A 20 9.35 15.32 59.15
CA VAL A 20 8.58 14.08 59.14
C VAL A 20 7.67 13.92 57.92
N LEU A 21 6.74 14.85 57.73
CA LEU A 21 5.78 14.78 56.62
C LEU A 21 6.44 15.15 55.30
N GLY A 22 7.59 15.82 55.39
CA GLY A 22 8.29 16.26 54.20
C GLY A 22 7.44 17.18 53.36
N ASN A 23 7.28 16.83 52.08
CA ASN A 23 6.50 17.64 51.16
C ASN A 23 5.09 17.10 50.95
N LEU A 24 4.53 16.49 51.99
CA LEU A 24 3.17 15.98 51.94
C LEU A 24 2.20 17.10 51.57
N LEU A 25 2.67 18.34 51.69
CA LEU A 25 1.83 19.49 51.42
C LEU A 25 1.97 20.02 49.99
N GLN A 26 3.07 19.66 49.33
CA GLN A 26 3.29 20.08 47.95
C GLN A 26 2.92 18.99 46.94
N MET A 27 2.65 17.79 47.45
CA MET A 27 2.26 16.68 46.58
C MET A 27 0.94 16.99 45.89
N ASP A 28 0.56 16.12 44.97
CA ASP A 28 -0.76 16.19 44.36
C ASP A 28 -1.61 15.05 44.91
N ARG A 29 -2.92 15.22 44.90
CA ARG A 29 -3.82 14.22 45.47
C ARG A 29 -4.13 13.08 44.49
N LYS A 30 -3.58 13.19 43.28
CA LYS A 30 -3.83 12.19 42.24
C LYS A 30 -2.85 11.02 42.32
N GLY A 31 -1.64 11.29 42.81
CA GLY A 31 -0.64 10.25 42.93
C GLY A 31 0.79 10.74 42.77
N LEU A 32 1.75 9.86 43.05
CA LEU A 32 3.16 10.18 42.94
C LEU A 32 3.51 10.72 41.55
N LEU A 33 2.96 10.10 40.52
CA LEU A 33 3.23 10.52 39.15
C LEU A 33 2.80 11.96 38.94
N ARG A 34 1.52 12.23 39.20
CA ARG A 34 0.95 13.55 39.02
C ARG A 34 1.64 14.59 39.90
N SER A 35 2.09 14.14 41.07
CA SER A 35 2.77 15.03 42.01
C SER A 35 4.12 15.46 41.44
N PHE A 36 4.86 14.50 40.88
CA PHE A 36 6.17 14.77 40.30
C PHE A 36 6.09 15.78 39.16
N LEU A 37 5.14 15.56 38.26
CA LEU A 37 4.99 16.42 37.08
C LEU A 37 4.63 17.85 37.46
N ARG A 38 3.79 18.00 38.49
CA ARG A 38 3.43 19.32 38.98
C ARG A 38 4.63 20.02 39.60
N LEU A 39 5.45 19.27 40.32
CA LEU A 39 6.67 19.82 40.91
C LEU A 39 7.66 20.20 39.82
N ARG A 40 7.66 19.45 38.73
CA ARG A 40 8.58 19.70 37.62
C ARG A 40 8.35 21.07 37.00
N GLU A 41 7.09 21.46 36.85
CA GLU A 41 6.75 22.72 36.19
C GLU A 41 7.26 23.94 36.93
N LYS A 42 7.41 23.83 38.25
CA LYS A 42 7.84 24.97 39.05
C LYS A 42 9.31 24.89 39.44
N TYR A 43 9.85 23.67 39.46
CA TYR A 43 11.22 23.48 39.96
C TYR A 43 12.18 22.93 38.91
N GLY A 44 11.66 22.57 37.74
CA GLY A 44 12.51 22.18 36.63
C GLY A 44 12.53 20.69 36.33
N ASP A 45 13.52 20.27 35.54
CA ASP A 45 13.63 18.88 35.11
C ASP A 45 14.31 17.99 36.14
N VAL A 46 15.13 18.61 37.00
CA VAL A 46 15.79 17.86 38.07
C VAL A 46 15.56 18.56 39.42
N PHE A 47 14.73 17.95 40.25
CA PHE A 47 14.36 18.53 41.53
C PHE A 47 14.36 17.49 42.65
N THR A 48 14.46 17.96 43.88
CA THR A 48 14.44 17.07 45.04
C THR A 48 13.15 17.19 45.83
N VAL A 49 12.39 16.11 45.88
CA VAL A 49 11.18 16.04 46.70
C VAL A 49 11.44 15.16 47.91
N TYR A 50 10.78 15.45 49.02
CA TYR A 50 10.93 14.66 50.23
C TYR A 50 9.70 13.80 50.47
N LEU A 51 9.85 12.49 50.28
CA LEU A 51 8.79 11.55 50.58
C LEU A 51 8.92 11.11 52.04
N GLY A 52 8.38 11.92 52.95
CA GLY A 52 8.60 11.71 54.37
C GLY A 52 9.96 12.25 54.75
N SER A 53 10.68 11.51 55.58
CA SER A 53 12.03 11.88 55.96
C SER A 53 13.02 11.43 54.90
N ARG A 54 12.51 11.27 53.67
CA ARG A 54 13.31 10.73 52.58
C ARG A 54 13.53 11.74 51.46
N PRO A 55 14.80 12.14 51.25
CA PRO A 55 15.17 13.04 50.14
C PRO A 55 15.42 12.24 48.87
N VAL A 56 14.57 12.41 47.87
CA VAL A 56 14.72 11.70 46.60
C VAL A 56 14.86 12.67 45.43
N VAL A 57 15.83 12.39 44.57
CA VAL A 57 16.09 13.23 43.41
C VAL A 57 15.29 12.74 42.21
N VAL A 58 14.36 13.56 41.74
CA VAL A 58 13.51 13.20 40.60
C VAL A 58 14.15 13.63 39.29
N LEU A 59 14.03 12.79 38.26
CA LEU A 59 14.59 13.09 36.96
C LEU A 59 13.52 13.06 35.88
N CYS A 60 13.28 14.21 35.25
CA CYS A 60 12.22 14.34 34.26
C CYS A 60 12.76 14.72 32.88
N GLY A 61 12.11 14.22 31.84
CA GLY A 61 12.52 14.50 30.48
C GLY A 61 13.58 13.53 29.99
N THR A 62 13.66 13.37 28.67
CA THR A 62 14.62 12.45 28.07
C THR A 62 16.06 12.75 28.47
N ASP A 63 16.50 13.97 28.19
CA ASP A 63 17.90 14.36 28.40
C ASP A 63 18.35 14.25 29.86
N ALA A 64 17.44 14.53 30.78
CA ALA A 64 17.77 14.52 32.20
C ALA A 64 17.88 13.10 32.75
N ILE A 65 17.24 12.15 32.09
CA ILE A 65 17.26 10.76 32.53
C ILE A 65 18.43 10.01 31.92
N ARG A 66 18.93 10.51 30.79
CA ARG A 66 20.07 9.90 30.12
C ARG A 66 21.39 10.40 30.68
N GLU A 67 21.50 11.71 30.86
CA GLU A 67 22.70 12.33 31.40
C GLU A 67 23.10 11.67 32.72
N ALA A 68 22.13 11.02 33.36
CA ALA A 68 22.39 10.33 34.61
C ALA A 68 22.56 8.83 34.40
N LEU A 69 21.54 8.20 33.83
CA LEU A 69 21.50 6.74 33.70
C LEU A 69 22.39 6.17 32.60
N VAL A 70 22.76 7.01 31.63
CA VAL A 70 23.55 6.53 30.49
C VAL A 70 25.00 7.00 30.54
N ASP A 71 25.19 8.29 30.80
CA ASP A 71 26.53 8.88 30.80
C ASP A 71 27.30 8.86 32.11
N GLN A 72 26.59 8.74 33.22
CA GLN A 72 27.24 8.57 34.52
C GLN A 72 26.60 7.27 35.03
N ALA A 73 26.36 6.34 34.11
CA ALA A 73 25.67 5.10 34.41
C ALA A 73 26.26 4.30 35.55
N GLU A 74 27.40 4.74 36.07
CA GLU A 74 28.06 4.03 37.16
C GLU A 74 27.59 4.51 38.53
N ALA A 75 27.44 5.82 38.68
CA ALA A 75 27.02 6.40 39.94
C ALA A 75 25.54 6.15 40.22
N PHE A 76 24.74 6.09 39.15
CA PHE A 76 23.29 5.95 39.28
C PHE A 76 22.81 4.51 39.17
N SER A 77 23.68 3.55 39.46
CA SER A 77 23.35 2.14 39.28
C SER A 77 22.77 1.48 40.53
N GLY A 78 22.57 2.27 41.58
CA GLY A 78 22.05 1.73 42.82
C GLY A 78 20.56 1.46 42.77
N ARG A 79 20.11 0.54 43.61
CA ARG A 79 18.69 0.20 43.68
C ARG A 79 18.07 0.62 45.01
N GLY A 80 16.83 1.09 44.96
CA GLY A 80 16.14 1.53 46.16
C GLY A 80 15.02 0.59 46.54
N LYS A 81 14.53 0.71 47.77
CA LYS A 81 13.44 -0.12 48.25
C LYS A 81 12.11 0.42 47.77
N ILE A 82 11.13 -0.47 47.60
CA ILE A 82 9.76 -0.06 47.37
C ILE A 82 8.92 -0.35 48.61
N ALA A 83 8.27 0.68 49.14
CA ALA A 83 7.53 0.56 50.39
C ALA A 83 6.88 -0.81 50.58
N VAL A 84 5.89 -1.10 49.75
CA VAL A 84 5.04 -2.28 49.92
C VAL A 84 5.78 -3.62 49.85
N VAL A 85 6.59 -3.81 48.81
CA VAL A 85 7.19 -5.12 48.57
C VAL A 85 8.54 -5.34 49.26
N ASP A 86 9.13 -4.28 49.81
CA ASP A 86 10.39 -4.42 50.54
C ASP A 86 10.30 -5.47 51.65
N PRO A 87 9.18 -5.51 52.37
CA PRO A 87 8.98 -6.55 53.39
C PRO A 87 9.29 -7.95 52.86
N ILE A 88 8.81 -8.27 51.66
CA ILE A 88 9.06 -9.57 51.07
C ILE A 88 10.52 -9.75 50.68
N PHE A 89 11.07 -8.76 49.99
CA PHE A 89 12.42 -8.86 49.44
C PHE A 89 13.58 -8.50 50.37
N GLN A 90 13.50 -7.35 51.02
CA GLN A 90 14.53 -6.90 51.94
C GLN A 90 15.94 -6.78 51.35
N GLY A 91 16.01 -6.36 50.09
CA GLY A 91 17.30 -6.19 49.42
C GLY A 91 17.84 -7.47 48.82
N TYR A 92 17.06 -8.54 48.93
CA TYR A 92 17.46 -9.85 48.41
C TYR A 92 16.77 -10.15 47.08
N GLY A 93 17.37 -11.00 46.26
CA GLY A 93 16.85 -11.29 44.94
C GLY A 93 17.46 -10.36 43.92
N VAL A 94 17.40 -10.76 42.64
CA VAL A 94 18.10 -10.02 41.58
C VAL A 94 17.57 -8.60 41.35
N ILE A 95 16.27 -8.40 41.54
CA ILE A 95 15.66 -7.10 41.26
C ILE A 95 16.03 -6.03 42.29
N PHE A 96 16.00 -6.39 43.56
CA PHE A 96 16.27 -5.43 44.62
C PHE A 96 17.65 -5.59 45.24
N ALA A 97 18.41 -6.59 44.78
CA ALA A 97 19.77 -6.78 45.25
C ALA A 97 20.57 -5.52 44.99
N ASN A 98 21.67 -5.37 45.72
CA ASN A 98 22.51 -4.18 45.58
C ASN A 98 23.98 -4.48 45.84
N GLY A 99 24.85 -3.91 45.01
CA GLY A 99 26.27 -4.11 45.14
C GLY A 99 26.73 -5.42 44.54
N GLU A 100 27.61 -6.13 45.25
CA GLU A 100 28.15 -7.38 44.74
C GLU A 100 27.07 -8.45 44.59
N ARG A 101 26.12 -8.46 45.51
CA ARG A 101 25.03 -9.43 45.44
C ARG A 101 24.29 -9.28 44.12
N TRP A 102 24.00 -8.03 43.74
CA TRP A 102 23.30 -7.76 42.50
C TRP A 102 24.11 -8.16 41.28
N ARG A 103 25.35 -7.67 41.21
CA ARG A 103 26.23 -7.93 40.09
C ARG A 103 26.28 -9.42 39.74
N ALA A 104 26.31 -10.26 40.77
CA ALA A 104 26.43 -11.70 40.59
C ALA A 104 25.07 -12.38 40.36
N LEU A 105 24.01 -11.78 40.88
CA LEU A 105 22.67 -12.30 40.65
C LEU A 105 22.19 -11.93 39.26
N ARG A 106 22.73 -10.84 38.72
CA ARG A 106 22.47 -10.47 37.33
C ARG A 106 23.35 -11.35 36.45
N ARG A 107 24.64 -11.35 36.75
CA ARG A 107 25.60 -12.18 36.05
C ARG A 107 25.07 -13.59 35.86
N PHE A 108 24.46 -14.13 36.91
CA PHE A 108 23.90 -15.48 36.85
C PHE A 108 22.57 -15.47 36.12
N SER A 109 21.55 -14.88 36.72
CA SER A 109 20.20 -14.84 36.14
C SER A 109 20.24 -14.57 34.64
N LEU A 110 21.02 -13.58 34.24
CA LEU A 110 21.13 -13.22 32.83
C LEU A 110 21.67 -14.39 32.01
N ALA A 111 22.80 -14.94 32.44
CA ALA A 111 23.46 -16.00 31.70
C ALA A 111 22.79 -17.36 31.88
N THR A 112 21.84 -17.45 32.81
CA THR A 112 21.07 -18.68 32.99
C THR A 112 20.00 -18.77 31.92
N MET A 113 19.28 -17.67 31.74
CA MET A 113 18.31 -17.57 30.66
C MET A 113 18.95 -17.96 29.34
N ARG A 114 20.16 -17.46 29.11
CA ARG A 114 20.89 -17.74 27.89
C ARG A 114 21.08 -19.23 27.65
N ASP A 115 21.18 -19.99 28.74
CA ASP A 115 21.40 -21.43 28.63
C ASP A 115 20.12 -22.15 28.25
N PHE A 116 18.99 -21.45 28.36
CA PHE A 116 17.69 -22.07 28.10
C PHE A 116 16.83 -21.37 27.07
N GLY A 117 17.41 -20.43 26.33
CA GLY A 117 16.69 -19.78 25.24
C GLY A 117 16.88 -18.28 25.08
N MET A 118 17.47 -17.62 26.07
CA MET A 118 17.71 -16.19 25.98
C MET A 118 18.62 -15.85 24.79
N GLY A 119 19.18 -16.90 24.19
CA GLY A 119 19.91 -16.77 22.94
C GLY A 119 18.94 -16.67 21.79
N LYS A 120 17.65 -16.62 22.13
CA LYS A 120 16.56 -16.39 21.19
C LYS A 120 16.21 -17.41 20.09
N ARG A 121 16.38 -18.68 20.38
CA ARG A 121 15.92 -19.72 19.47
C ARG A 121 15.00 -20.74 20.15
N SER A 122 15.57 -21.50 21.08
CA SER A 122 14.77 -22.44 21.87
C SER A 122 13.73 -21.70 22.69
N VAL A 123 13.78 -20.37 22.67
CA VAL A 123 12.75 -19.56 23.33
C VAL A 123 11.75 -19.09 22.29
N GLU A 124 12.25 -18.72 21.12
CA GLU A 124 11.39 -18.29 20.02
C GLU A 124 10.42 -19.42 19.69
N GLU A 125 10.96 -20.63 19.60
CA GLU A 125 10.13 -21.80 19.31
C GLU A 125 9.17 -22.07 20.46
N ARG A 126 9.52 -21.58 21.64
CA ARG A 126 8.64 -21.70 22.80
C ARG A 126 7.53 -20.66 22.72
N ILE A 127 7.90 -19.42 22.44
CA ILE A 127 6.92 -18.35 22.26
C ILE A 127 6.01 -18.68 21.08
N GLN A 128 6.62 -19.04 19.95
CA GLN A 128 5.86 -19.48 18.79
C GLN A 128 4.87 -20.55 19.21
N GLU A 129 5.39 -21.60 19.82
CA GLU A 129 4.57 -22.72 20.27
C GLU A 129 3.45 -22.26 21.19
N GLU A 130 3.74 -21.29 22.06
CA GLU A 130 2.74 -20.79 22.98
C GLU A 130 1.63 -20.09 22.22
N ALA A 131 2.01 -19.23 21.27
CA ALA A 131 1.04 -18.56 20.43
C ALA A 131 0.12 -19.57 19.77
N ARG A 132 0.69 -20.68 19.32
CA ARG A 132 -0.07 -21.76 18.72
C ARG A 132 -1.16 -22.26 19.66
N CYS A 133 -0.81 -22.36 20.94
CA CYS A 133 -1.76 -22.79 21.96
C CYS A 133 -2.79 -21.70 22.26
N LEU A 134 -2.36 -20.45 22.16
CA LEU A 134 -3.26 -19.32 22.31
C LEU A 134 -4.32 -19.35 21.21
N VAL A 135 -3.84 -19.39 19.96
CA VAL A 135 -4.73 -19.41 18.80
C VAL A 135 -5.77 -20.53 18.91
N GLU A 136 -5.34 -21.68 19.42
CA GLU A 136 -6.24 -22.82 19.56
C GLU A 136 -7.22 -22.62 20.72
N GLU A 137 -6.74 -21.99 21.79
CA GLU A 137 -7.57 -21.71 22.95
C GLU A 137 -8.67 -20.70 22.61
N LEU A 138 -8.30 -19.69 21.83
CA LEU A 138 -9.23 -18.64 21.44
C LEU A 138 -10.23 -19.14 20.40
N ARG A 139 -9.72 -19.79 19.37
CA ARG A 139 -10.59 -20.36 18.33
C ARG A 139 -11.66 -21.24 18.96
N LYS A 140 -11.32 -21.90 20.06
CA LYS A 140 -12.22 -22.82 20.73
C LYS A 140 -13.38 -22.10 21.43
N SER A 141 -13.15 -20.85 21.82
CA SER A 141 -14.19 -20.07 22.48
C SER A 141 -15.18 -19.52 21.46
N LYS A 142 -14.93 -19.82 20.19
CA LYS A 142 -15.81 -19.39 19.10
C LYS A 142 -16.01 -17.88 19.07
N GLY A 143 -15.07 -17.15 19.67
CA GLY A 143 -15.09 -15.70 19.65
C GLY A 143 -16.29 -15.09 20.36
N ALA A 144 -16.45 -15.45 21.63
CA ALA A 144 -17.48 -14.83 22.46
C ALA A 144 -16.84 -13.82 23.42
N LEU A 145 -17.65 -13.20 24.26
CA LEU A 145 -17.14 -12.21 25.21
C LEU A 145 -16.23 -12.83 26.26
N LEU A 146 -14.98 -12.39 26.28
CA LEU A 146 -14.00 -12.88 27.24
C LEU A 146 -13.15 -11.74 27.78
N ASP A 147 -12.71 -11.87 29.02
CA ASP A 147 -11.77 -10.91 29.59
C ASP A 147 -10.44 -11.57 29.27
N ASN A 148 -9.58 -10.82 28.56
CA ASN A 148 -8.33 -11.37 28.04
C ASN A 148 -7.23 -11.24 29.10
N THR A 149 -7.59 -10.80 30.30
CA THR A 149 -6.62 -10.58 31.35
C THR A 149 -5.85 -11.83 31.82
N LEU A 150 -6.60 -12.83 32.27
CA LEU A 150 -6.02 -14.05 32.83
C LEU A 150 -5.42 -14.92 31.73
N LEU A 151 -5.91 -14.75 30.50
CA LEU A 151 -5.44 -15.57 29.40
C LEU A 151 -4.13 -15.03 28.84
N PHE A 152 -4.02 -13.72 28.71
CA PHE A 152 -2.78 -13.08 28.26
C PHE A 152 -1.69 -13.28 29.30
N HIS A 153 -2.07 -13.23 30.57
CA HIS A 153 -1.13 -13.47 31.66
C HIS A 153 -0.49 -14.84 31.51
N SER A 154 -1.25 -15.80 31.01
CA SER A 154 -0.77 -17.17 30.85
C SER A 154 0.32 -17.29 29.78
N ILE A 155 0.04 -16.78 28.59
CA ILE A 155 0.97 -16.91 27.47
C ILE A 155 2.36 -16.36 27.80
N THR A 156 2.39 -15.19 28.42
CA THR A 156 3.65 -14.53 28.76
C THR A 156 4.34 -15.21 29.93
N SER A 157 3.53 -15.74 30.85
CA SER A 157 4.05 -16.43 32.03
C SER A 157 4.75 -17.72 31.66
N ASN A 158 4.08 -18.54 30.84
CA ASN A 158 4.64 -19.81 30.40
C ASN A 158 5.99 -19.68 29.73
N ILE A 159 6.33 -18.47 29.30
CA ILE A 159 7.60 -18.23 28.64
C ILE A 159 8.74 -18.12 29.63
N ILE A 160 8.47 -17.55 30.80
CA ILE A 160 9.48 -17.47 31.85
C ILE A 160 9.51 -18.77 32.63
N CYS A 161 8.39 -19.49 32.63
CA CYS A 161 8.31 -20.80 33.27
C CYS A 161 9.08 -21.82 32.45
N SER A 162 9.06 -21.66 31.14
CA SER A 162 9.80 -22.53 30.23
C SER A 162 11.29 -22.48 30.55
N ILE A 163 11.69 -21.51 31.37
CA ILE A 163 13.09 -21.28 31.66
C ILE A 163 13.40 -21.44 33.16
N VAL A 164 12.52 -20.92 34.00
CA VAL A 164 12.78 -20.90 35.43
C VAL A 164 12.18 -22.10 36.16
N PHE A 165 11.24 -22.78 35.50
CA PHE A 165 10.56 -23.91 36.13
C PHE A 165 10.55 -25.15 35.24
N GLY A 166 11.04 -25.00 34.01
CA GLY A 166 11.09 -26.12 33.09
C GLY A 166 9.75 -26.42 32.45
N LYS A 167 8.77 -26.77 33.28
CA LYS A 167 7.44 -27.13 32.79
C LYS A 167 6.70 -25.92 32.24
N ARG A 168 5.56 -26.18 31.61
CA ARG A 168 4.59 -25.14 31.31
C ARG A 168 3.26 -25.62 31.84
N PHE A 169 2.29 -24.72 31.95
CA PHE A 169 1.01 -25.08 32.54
C PHE A 169 -0.13 -25.01 31.54
N ASP A 170 -1.26 -25.61 31.90
CA ASP A 170 -2.43 -25.57 31.04
C ASP A 170 -3.26 -24.33 31.34
N TYR A 171 -3.85 -23.74 30.32
CA TYR A 171 -4.62 -22.51 30.47
C TYR A 171 -5.76 -22.65 31.48
N LYS A 172 -6.06 -23.87 31.88
CA LYS A 172 -7.16 -24.12 32.81
C LYS A 172 -6.70 -24.84 34.09
N ASP A 173 -5.40 -25.08 34.19
CA ASP A 173 -4.84 -25.73 35.37
C ASP A 173 -5.05 -24.87 36.61
N PRO A 174 -5.81 -25.40 37.58
CA PRO A 174 -6.23 -24.68 38.80
C PRO A 174 -5.06 -23.98 39.52
N VAL A 175 -4.02 -24.75 39.85
CA VAL A 175 -2.88 -24.19 40.56
C VAL A 175 -2.24 -23.04 39.79
N PHE A 176 -2.26 -23.14 38.46
CA PHE A 176 -1.64 -22.15 37.59
C PHE A 176 -2.39 -20.82 37.59
N LEU A 177 -3.71 -20.89 37.50
CA LEU A 177 -4.54 -19.69 37.50
C LEU A 177 -4.45 -18.94 38.83
N ARG A 178 -4.43 -19.69 39.92
CA ARG A 178 -4.29 -19.11 41.24
C ARG A 178 -2.98 -18.32 41.33
N LEU A 179 -1.93 -18.86 40.76
CA LEU A 179 -0.64 -18.17 40.70
C LEU A 179 -0.78 -16.87 39.93
N LEU A 180 -1.46 -16.93 38.79
CA LEU A 180 -1.61 -15.76 37.92
C LEU A 180 -2.53 -14.71 38.51
N ASP A 181 -3.65 -15.15 39.09
CA ASP A 181 -4.60 -14.24 39.72
C ASP A 181 -3.91 -13.44 40.82
N LEU A 182 -2.94 -14.07 41.48
CA LEU A 182 -2.18 -13.42 42.52
C LEU A 182 -1.30 -12.31 41.94
N PHE A 183 -0.61 -12.61 40.85
CA PHE A 183 0.27 -11.64 40.20
C PHE A 183 -0.52 -10.43 39.68
N PHE A 184 -1.73 -10.68 39.21
CA PHE A 184 -2.59 -9.63 38.69
C PHE A 184 -3.03 -8.69 39.81
N GLN A 185 -3.59 -9.27 40.86
CA GLN A 185 -4.07 -8.48 42.00
C GLN A 185 -2.93 -7.83 42.77
N SER A 186 -1.82 -8.56 42.90
CA SER A 186 -0.65 -8.04 43.60
C SER A 186 -0.07 -6.82 42.90
N PHE A 187 -0.22 -6.77 41.58
CA PHE A 187 0.26 -5.63 40.81
C PHE A 187 -0.68 -4.44 40.98
N SER A 188 -1.98 -4.70 40.90
CA SER A 188 -2.98 -3.67 41.12
C SER A 188 -2.80 -2.99 42.47
N LEU A 189 -2.76 -3.81 43.52
CA LEU A 189 -2.57 -3.31 44.88
C LEU A 189 -1.30 -2.47 45.00
N ILE A 190 -0.19 -2.99 44.49
CA ILE A 190 1.08 -2.29 44.55
C ILE A 190 1.02 -0.95 43.82
N SER A 191 0.15 -0.86 42.82
CA SER A 191 0.02 0.36 42.03
C SER A 191 -1.13 1.24 42.54
N SER A 192 -1.84 0.75 43.55
CA SER A 192 -3.00 1.46 44.07
C SER A 192 -2.59 2.73 44.82
N PHE A 193 -3.58 3.51 45.23
CA PHE A 193 -3.35 4.75 45.94
C PHE A 193 -2.62 4.51 47.26
N SER A 194 -3.17 3.60 48.05
CA SER A 194 -2.62 3.30 49.37
C SER A 194 -1.14 2.90 49.35
N SER A 195 -0.72 2.20 48.29
CA SER A 195 0.67 1.81 48.15
C SER A 195 1.58 3.02 48.02
N GLN A 196 1.09 4.02 47.30
CA GLN A 196 1.84 5.27 47.14
C GLN A 196 1.84 6.04 48.45
N VAL A 197 0.73 5.98 49.17
CA VAL A 197 0.63 6.57 50.49
C VAL A 197 1.61 5.86 51.42
N PHE A 198 1.56 4.53 51.41
CA PHE A 198 2.42 3.71 52.24
C PHE A 198 3.89 4.00 51.96
N GLU A 199 4.17 4.46 50.75
CA GLU A 199 5.55 4.79 50.36
C GLU A 199 6.10 5.89 51.25
N LEU A 200 5.30 6.92 51.50
CA LEU A 200 5.71 8.03 52.35
C LEU A 200 5.77 7.77 53.86
N PHE A 201 4.71 7.17 54.38
CA PHE A 201 4.58 7.00 55.82
C PHE A 201 4.56 5.53 56.24
N SER A 202 5.30 4.70 55.51
CA SER A 202 5.39 3.28 55.83
C SER A 202 5.72 3.02 57.30
N GLY A 203 6.66 3.79 57.83
CA GLY A 203 7.12 3.62 59.20
C GLY A 203 6.01 3.69 60.24
N PHE A 204 4.88 4.28 59.85
CA PHE A 204 3.74 4.40 60.75
C PHE A 204 2.64 3.41 60.36
N LEU A 205 2.30 3.37 59.09
CA LEU A 205 1.19 2.55 58.60
C LEU A 205 1.47 1.06 58.70
N LYS A 206 2.75 0.68 58.70
CA LYS A 206 3.12 -0.73 58.69
C LYS A 206 2.72 -1.46 59.97
N TYR A 207 2.12 -0.74 60.91
CA TYR A 207 1.67 -1.33 62.16
C TYR A 207 0.17 -1.58 62.12
N PHE A 208 -0.49 -1.09 61.08
CA PHE A 208 -1.93 -1.24 60.93
C PHE A 208 -2.25 -2.11 59.73
N PRO A 209 -3.49 -2.63 59.66
CA PRO A 209 -3.97 -3.36 58.49
C PRO A 209 -4.19 -2.44 57.29
N GLY A 210 -4.15 -3.01 56.09
CA GLY A 210 -4.30 -2.24 54.86
C GLY A 210 -3.89 -3.07 53.66
N THR A 211 -3.74 -2.40 52.52
CA THR A 211 -3.38 -3.10 51.28
C THR A 211 -1.96 -3.67 51.34
N HIS A 212 -1.03 -2.89 51.87
CA HIS A 212 0.36 -3.33 51.99
C HIS A 212 0.44 -4.70 52.65
N ARG A 213 -0.61 -5.05 53.40
CA ARG A 213 -0.65 -6.33 54.07
C ARG A 213 -1.09 -7.44 53.13
N GLN A 214 -2.21 -7.23 52.44
CA GLN A 214 -2.71 -8.21 51.48
C GLN A 214 -1.71 -8.42 50.36
N ILE A 215 -0.73 -7.53 50.28
CA ILE A 215 0.37 -7.66 49.32
C ILE A 215 1.39 -8.66 49.83
N TYR A 216 1.81 -8.48 51.07
CA TYR A 216 2.72 -9.41 51.73
C TYR A 216 2.20 -10.83 51.56
N ARG A 217 0.95 -11.05 51.95
CA ARG A 217 0.31 -12.35 51.83
C ARG A 217 0.38 -12.88 50.41
N ASN A 218 -0.22 -12.14 49.48
CA ASN A 218 -0.27 -12.55 48.08
C ASN A 218 1.06 -13.06 47.55
N LEU A 219 2.13 -12.32 47.81
CA LEU A 219 3.45 -12.71 47.33
C LEU A 219 4.01 -13.90 48.10
N GLN A 220 3.73 -13.95 49.41
CA GLN A 220 4.19 -15.06 50.23
C GLN A 220 3.55 -16.38 49.81
N GLU A 221 2.42 -16.30 49.13
CA GLU A 221 1.78 -17.50 48.59
C GLU A 221 2.56 -17.99 47.37
N ILE A 222 2.95 -17.05 46.51
CA ILE A 222 3.75 -17.37 45.34
C ILE A 222 5.14 -17.83 45.79
N ASN A 223 5.58 -17.34 46.94
CA ASN A 223 6.84 -17.82 47.53
C ASN A 223 6.72 -19.25 48.04
N THR A 224 5.58 -19.56 48.66
CA THR A 224 5.32 -20.91 49.12
C THR A 224 5.38 -21.91 47.97
N PHE A 225 4.72 -21.56 46.88
CA PHE A 225 4.72 -22.41 45.68
C PHE A 225 6.11 -22.49 45.08
N ILE A 226 6.84 -21.37 45.08
CA ILE A 226 8.19 -21.34 44.55
C ILE A 226 9.09 -22.33 45.27
N GLY A 227 9.11 -22.26 46.59
CA GLY A 227 9.89 -23.18 47.39
C GLY A 227 9.42 -24.61 47.20
N GLN A 228 8.11 -24.77 47.05
CA GLN A 228 7.51 -26.08 46.86
C GLN A 228 8.03 -26.74 45.58
N SER A 229 8.31 -25.92 44.57
CA SER A 229 8.86 -26.42 43.31
C SER A 229 10.37 -26.56 43.42
N VAL A 230 11.00 -25.64 44.13
CA VAL A 230 12.45 -25.68 44.33
C VAL A 230 12.87 -27.00 44.96
N GLU A 231 12.01 -27.55 45.80
CA GLU A 231 12.28 -28.82 46.45
C GLU A 231 11.97 -29.98 45.51
N LYS A 232 10.88 -29.84 44.76
CA LYS A 232 10.49 -30.83 43.75
C LYS A 232 11.62 -31.05 42.75
N HIS A 233 12.39 -29.99 42.51
CA HIS A 233 13.56 -30.07 41.66
C HIS A 233 14.71 -30.71 42.43
N ARG A 234 15.00 -30.15 43.61
CA ARG A 234 16.11 -30.59 44.44
C ARG A 234 16.25 -32.11 44.51
N ALA A 235 15.13 -32.81 44.66
CA ALA A 235 15.13 -34.24 44.85
C ALA A 235 15.36 -35.00 43.54
N THR A 236 15.31 -34.29 42.42
CA THR A 236 15.45 -34.91 41.11
C THR A 236 16.53 -34.24 40.27
N LEU A 237 17.41 -33.49 40.91
CA LEU A 237 18.45 -32.74 40.23
C LEU A 237 19.53 -33.64 39.61
N ASP A 238 19.62 -33.63 38.29
CA ASP A 238 20.67 -34.33 37.58
C ASP A 238 21.72 -33.34 37.09
N PRO A 239 22.94 -33.42 37.65
CA PRO A 239 24.02 -32.46 37.39
C PRO A 239 24.45 -32.42 35.93
N SER A 240 24.50 -33.59 35.28
CA SER A 240 24.92 -33.70 33.89
C SER A 240 23.88 -33.11 32.96
N ASN A 241 22.69 -32.86 33.48
CA ASN A 241 21.60 -32.35 32.65
C ASN A 241 20.66 -31.41 33.40
N PRO A 242 21.10 -30.16 33.58
CA PRO A 242 20.26 -29.13 34.20
C PRO A 242 19.01 -28.87 33.35
N ARG A 243 17.87 -28.67 34.01
CA ARG A 243 16.61 -28.52 33.29
C ARG A 243 16.14 -27.06 33.19
N ASP A 244 16.43 -26.27 34.23
CA ASP A 244 15.95 -24.89 34.26
C ASP A 244 16.72 -24.05 35.28
N PHE A 245 16.38 -22.77 35.34
CA PHE A 245 17.05 -21.81 36.23
C PHE A 245 17.30 -22.41 37.61
N ILE A 246 16.31 -23.15 38.11
CA ILE A 246 16.41 -23.75 39.43
C ILE A 246 17.60 -24.69 39.54
N ASP A 247 17.60 -25.74 38.72
CA ASP A 247 18.70 -26.70 38.70
C ASP A 247 20.05 -26.00 38.68
N VAL A 248 20.25 -25.14 37.70
CA VAL A 248 21.52 -24.42 37.56
C VAL A 248 21.87 -23.65 38.82
N TYR A 249 20.84 -23.12 39.49
CA TYR A 249 21.05 -22.41 40.73
C TYR A 249 21.44 -23.38 41.84
N LEU A 250 20.73 -24.50 41.91
CA LEU A 250 21.04 -25.54 42.89
C LEU A 250 22.42 -26.12 42.65
N LEU A 251 22.90 -26.01 41.40
CA LEU A 251 24.23 -26.50 41.06
C LEU A 251 25.31 -25.48 41.43
N ARG A 252 25.11 -24.23 41.03
CA ARG A 252 26.02 -23.16 41.44
C ARG A 252 26.06 -23.10 42.96
N MET A 253 25.05 -23.71 43.57
CA MET A 253 24.93 -23.78 45.02
C MET A 253 25.79 -24.92 45.55
N GLU A 254 25.84 -26.01 44.79
CA GLU A 254 26.58 -27.20 45.21
C GLU A 254 28.09 -27.01 45.00
N LYS A 255 28.45 -26.18 44.03
CA LYS A 255 29.85 -25.90 43.74
C LYS A 255 30.44 -24.92 44.74
N ASP A 256 29.64 -24.51 45.71
CA ASP A 256 30.07 -23.57 46.73
C ASP A 256 29.79 -24.10 48.12
N LYS A 257 30.09 -25.38 48.34
CA LYS A 257 29.73 -26.07 49.58
C LYS A 257 30.17 -25.34 50.85
N SER A 258 31.31 -24.65 50.77
CA SER A 258 31.93 -24.12 51.97
C SER A 258 31.84 -22.59 52.10
N ASP A 259 32.04 -21.88 50.99
CA ASP A 259 32.08 -20.42 51.01
C ASP A 259 30.76 -19.91 51.58
N PRO A 260 30.82 -19.21 52.72
CA PRO A 260 29.63 -18.73 53.42
C PRO A 260 29.33 -17.30 52.95
N SER A 261 30.19 -16.76 52.09
CA SER A 261 29.97 -15.43 51.53
C SER A 261 29.57 -15.54 50.07
N SER A 262 29.03 -16.69 49.70
CA SER A 262 28.52 -16.83 48.37
C SER A 262 27.22 -16.02 48.46
N GLU A 263 26.79 -15.47 47.33
CA GLU A 263 25.63 -14.60 47.31
C GLU A 263 24.53 -15.46 46.72
N PHE A 264 24.62 -16.76 46.97
CA PHE A 264 23.62 -17.72 46.53
C PHE A 264 23.06 -18.55 47.67
N HIS A 265 22.22 -17.93 48.50
CA HIS A 265 21.58 -18.63 49.61
C HIS A 265 20.33 -19.35 49.10
N HIS A 266 19.54 -19.84 50.03
CA HIS A 266 18.20 -20.32 49.71
C HIS A 266 17.35 -19.07 49.56
N GLN A 267 17.73 -18.01 50.25
CA GLN A 267 17.08 -16.71 50.14
C GLN A 267 17.02 -16.25 48.69
N ASN A 268 18.19 -16.01 48.12
CA ASN A 268 18.31 -15.45 46.78
C ASN A 268 17.66 -16.30 45.68
N LEU A 269 17.49 -17.59 45.94
CA LEU A 269 16.78 -18.44 44.99
C LEU A 269 15.28 -18.18 45.10
N ILE A 270 14.76 -18.31 46.31
CA ILE A 270 13.33 -18.07 46.57
C ILE A 270 12.90 -16.68 46.15
N LEU A 271 13.84 -15.73 46.14
CA LEU A 271 13.51 -14.34 45.87
C LEU A 271 13.86 -13.88 44.46
N THR A 272 14.91 -14.45 43.87
CA THR A 272 15.25 -14.15 42.48
C THR A 272 14.21 -14.75 41.54
N VAL A 273 13.86 -16.01 41.79
CA VAL A 273 12.81 -16.67 41.02
C VAL A 273 11.53 -15.86 41.11
N LEU A 274 11.17 -15.44 42.32
CA LEU A 274 10.01 -14.60 42.53
C LEU A 274 10.04 -13.41 41.58
N SER A 275 11.17 -12.73 41.54
CA SER A 275 11.35 -11.54 40.71
C SER A 275 11.12 -11.85 39.24
N LEU A 276 11.86 -12.83 38.72
CA LEU A 276 11.73 -13.23 37.32
C LEU A 276 10.35 -13.77 36.99
N PHE A 277 9.80 -14.54 37.92
CA PHE A 277 8.46 -15.12 37.75
C PHE A 277 7.45 -13.99 37.62
N PHE A 278 7.51 -13.06 38.57
CA PHE A 278 6.61 -11.92 38.60
C PHE A 278 6.85 -11.03 37.39
N ALA A 279 8.00 -10.37 37.35
CA ALA A 279 8.33 -9.44 36.28
C ALA A 279 8.04 -10.02 34.90
N GLY A 280 8.51 -11.23 34.66
CA GLY A 280 8.30 -11.89 33.38
C GLY A 280 6.83 -12.01 33.04
N THR A 281 6.07 -12.64 33.92
CA THR A 281 4.64 -12.80 33.72
C THR A 281 3.92 -11.47 33.55
N GLU A 282 4.12 -10.58 34.52
CA GLU A 282 3.29 -9.38 34.65
C GLU A 282 3.22 -8.24 33.62
N THR A 283 4.36 -7.61 33.38
CA THR A 283 4.41 -6.34 32.63
C THR A 283 4.34 -6.67 31.14
N THR A 284 4.94 -7.79 30.75
CA THR A 284 4.91 -8.22 29.36
C THR A 284 3.47 -8.41 28.90
N SER A 285 2.63 -8.86 29.83
CA SER A 285 1.25 -9.18 29.52
C SER A 285 0.30 -7.98 29.58
N THR A 286 0.46 -7.14 30.59
CA THR A 286 -0.39 -5.96 30.73
C THR A 286 -0.14 -5.02 29.55
N THR A 287 1.09 -5.03 29.04
CA THR A 287 1.39 -4.41 27.76
C THR A 287 0.71 -4.97 26.52
N LEU A 288 0.58 -6.29 26.49
CA LEU A 288 -0.13 -6.98 25.43
C LEU A 288 -1.60 -6.61 25.58
N ARG A 289 -2.05 -6.48 26.81
CA ARG A 289 -3.45 -6.17 27.11
C ARG A 289 -3.78 -4.72 26.76
N TYR A 290 -3.01 -3.79 27.30
CA TYR A 290 -3.17 -2.37 26.96
C TYR A 290 -3.18 -2.23 25.45
N GLY A 291 -2.29 -2.97 24.80
CA GLY A 291 -2.16 -2.93 23.36
C GLY A 291 -3.46 -3.19 22.62
N PHE A 292 -4.11 -4.31 22.96
CA PHE A 292 -5.33 -4.72 22.26
C PHE A 292 -6.51 -3.80 22.51
N LEU A 293 -6.38 -2.92 23.51
CA LEU A 293 -7.40 -1.91 23.74
C LEU A 293 -7.28 -0.84 22.66
N LEU A 294 -6.06 -0.36 22.47
CA LEU A 294 -5.75 0.57 21.38
C LEU A 294 -6.19 -0.05 20.06
N MET A 295 -5.91 -1.33 19.91
CA MET A 295 -6.22 -2.06 18.69
C MET A 295 -7.73 -2.08 18.42
N LEU A 296 -8.52 -1.79 19.45
CA LEU A 296 -9.96 -1.65 19.30
C LEU A 296 -10.34 -0.19 19.11
N LYS A 297 -9.52 0.70 19.63
CA LYS A 297 -9.81 2.12 19.62
C LYS A 297 -9.45 2.77 18.28
N TYR A 298 -8.36 2.32 17.68
CA TYR A 298 -7.92 2.85 16.39
C TYR A 298 -7.84 1.72 15.35
N PRO A 299 -9.01 1.19 14.97
CA PRO A 299 -9.14 0.00 14.12
C PRO A 299 -8.45 0.14 12.76
N HIS A 300 -8.40 1.35 12.21
CA HIS A 300 -7.76 1.54 10.91
C HIS A 300 -6.27 1.23 11.02
N VAL A 301 -5.75 1.29 12.24
CA VAL A 301 -4.38 0.88 12.51
C VAL A 301 -4.29 -0.65 12.52
N THR A 302 -5.29 -1.29 13.12
CA THR A 302 -5.36 -2.75 13.15
C THR A 302 -5.39 -3.35 11.75
N GLU A 303 -6.20 -2.77 10.88
CA GLU A 303 -6.30 -3.24 9.49
C GLU A 303 -4.95 -3.15 8.78
N ARG A 304 -4.27 -2.03 8.98
CA ARG A 304 -2.96 -1.81 8.35
C ARG A 304 -1.90 -2.68 9.00
N VAL A 305 -2.08 -2.99 10.28
CA VAL A 305 -1.18 -3.91 10.97
C VAL A 305 -1.35 -5.31 10.41
N GLN A 306 -2.55 -5.59 9.90
CA GLN A 306 -2.84 -6.89 9.29
C GLN A 306 -2.35 -6.96 7.85
N LYS A 307 -2.58 -5.87 7.11
CA LYS A 307 -2.14 -5.78 5.72
C LYS A 307 -0.65 -6.05 5.62
N GLU A 308 0.08 -5.80 6.71
CA GLU A 308 1.51 -6.05 6.76
C GLU A 308 1.80 -7.49 7.13
N ILE A 309 1.08 -8.00 8.13
CA ILE A 309 1.16 -9.41 8.49
C ILE A 309 0.91 -10.24 7.25
N GLU A 310 0.11 -9.70 6.34
CA GLU A 310 -0.20 -10.36 5.08
C GLU A 310 0.92 -10.17 4.06
N GLN A 311 1.24 -8.91 3.77
CA GLN A 311 2.26 -8.59 2.79
C GLN A 311 3.60 -9.27 3.06
N VAL A 312 3.86 -9.59 4.33
CA VAL A 312 5.17 -10.11 4.72
C VAL A 312 5.15 -11.55 5.21
N ILE A 313 4.17 -11.89 6.03
CA ILE A 313 4.14 -13.22 6.64
C ILE A 313 3.22 -14.19 5.90
N GLY A 314 2.08 -13.70 5.45
CA GLY A 314 1.13 -14.54 4.73
C GLY A 314 0.10 -15.16 5.65
N SER A 315 -0.46 -16.29 5.24
CA SER A 315 -1.52 -16.93 6.00
C SER A 315 -1.19 -18.39 6.33
N HIS A 316 -0.10 -18.89 5.75
CA HIS A 316 0.26 -20.29 5.88
C HIS A 316 1.03 -20.60 7.17
N ARG A 317 2.05 -19.80 7.46
CA ARG A 317 2.96 -20.09 8.56
C ARG A 317 2.66 -19.23 9.79
N PRO A 318 3.43 -19.43 10.87
CA PRO A 318 3.38 -18.52 12.01
C PRO A 318 4.27 -17.32 11.77
N PRO A 319 4.09 -16.24 12.55
CA PRO A 319 5.01 -15.11 12.49
C PRO A 319 6.33 -15.46 13.18
N ALA A 320 7.42 -15.48 12.44
CA ALA A 320 8.74 -15.74 13.01
C ALA A 320 9.39 -14.43 13.45
N LEU A 321 10.48 -14.54 14.19
CA LEU A 321 11.13 -13.35 14.76
C LEU A 321 11.65 -12.40 13.69
N ASP A 322 12.52 -12.90 12.81
CA ASP A 322 13.10 -12.05 11.78
C ASP A 322 12.06 -11.32 10.93
N ASP A 323 10.82 -11.76 11.00
CA ASP A 323 9.72 -11.13 10.26
C ASP A 323 9.51 -9.68 10.70
N ARG A 324 9.78 -9.39 11.96
CA ARG A 324 9.60 -8.05 12.51
C ARG A 324 10.46 -7.03 11.77
N ALA A 325 11.64 -7.46 11.33
CA ALA A 325 12.57 -6.57 10.64
C ALA A 325 12.02 -6.14 9.28
N LYS A 326 11.06 -6.89 8.76
CA LYS A 326 10.48 -6.60 7.45
C LYS A 326 9.06 -6.03 7.57
N MET A 327 8.69 -5.64 8.78
CA MET A 327 7.37 -5.07 9.02
C MET A 327 7.49 -3.75 9.79
N PRO A 328 7.99 -2.70 9.11
CA PRO A 328 8.26 -1.40 9.72
C PRO A 328 7.07 -0.85 10.50
N TYR A 329 5.90 -0.84 9.87
CA TYR A 329 4.71 -0.28 10.50
C TYR A 329 4.32 -0.99 11.78
N THR A 330 4.25 -2.32 11.73
CA THR A 330 3.85 -3.11 12.89
C THR A 330 4.84 -2.95 14.03
N ASP A 331 6.10 -2.75 13.68
CA ASP A 331 7.14 -2.53 14.69
C ASP A 331 6.93 -1.19 15.37
N ALA A 332 6.37 -0.23 14.63
CA ALA A 332 6.07 1.08 15.17
C ALA A 332 4.83 1.05 16.05
N VAL A 333 3.81 0.33 15.61
CA VAL A 333 2.58 0.19 16.39
C VAL A 333 2.87 -0.48 17.73
N ILE A 334 3.73 -1.49 17.72
CA ILE A 334 4.17 -2.13 18.95
C ILE A 334 4.92 -1.12 19.82
N HIS A 335 5.81 -0.37 19.19
CA HIS A 335 6.61 0.64 19.90
C HIS A 335 5.73 1.70 20.56
N GLU A 336 4.71 2.15 19.84
CA GLU A 336 3.82 3.19 20.36
C GLU A 336 2.94 2.66 21.49
N ILE A 337 2.42 1.45 21.30
CA ILE A 337 1.68 0.77 22.36
C ILE A 337 2.53 0.80 23.63
N GLN A 338 3.80 0.46 23.48
CA GLN A 338 4.73 0.39 24.60
C GLN A 338 4.99 1.77 25.20
N ARG A 339 4.94 2.81 24.35
CA ARG A 339 5.22 4.17 24.80
C ARG A 339 4.05 4.76 25.57
N LEU A 340 2.86 4.73 24.96
CA LEU A 340 1.68 5.28 25.61
C LEU A 340 1.14 4.33 26.67
N GLY A 341 1.59 3.08 26.63
CA GLY A 341 1.27 2.12 27.66
C GLY A 341 1.87 2.58 28.97
N ASP A 342 3.20 2.58 29.05
CA ASP A 342 3.89 3.16 30.19
C ASP A 342 3.53 2.43 31.48
N LEU A 343 3.81 1.14 31.51
CA LEU A 343 3.42 0.30 32.65
C LEU A 343 4.21 0.65 33.92
N ILE A 344 5.42 1.17 33.74
CA ILE A 344 6.21 1.62 34.88
C ILE A 344 6.54 3.10 34.73
N PRO A 345 5.61 3.96 35.16
CA PRO A 345 5.70 5.43 35.03
C PRO A 345 7.00 6.01 35.58
N PHE A 346 7.26 5.83 36.86
CA PHE A 346 8.49 6.36 37.45
C PHE A 346 9.59 5.33 37.71
N GLY A 347 9.70 4.35 36.81
CA GLY A 347 10.77 3.37 36.87
C GLY A 347 10.80 2.63 38.20
N VAL A 348 11.94 1.98 38.46
CA VAL A 348 12.15 1.29 39.72
C VAL A 348 13.21 2.13 40.44
N PRO A 349 13.01 2.35 41.74
CA PRO A 349 13.81 3.26 42.57
C PRO A 349 15.30 3.03 42.35
N HIS A 350 15.97 4.10 41.91
CA HIS A 350 17.43 4.09 41.78
C HIS A 350 18.06 4.77 43.00
N THR A 351 19.36 4.56 43.16
CA THR A 351 20.13 5.27 44.17
C THR A 351 21.53 5.49 43.63
N VAL A 352 22.22 6.51 44.11
CA VAL A 352 23.59 6.75 43.68
C VAL A 352 24.57 6.09 44.64
N THR A 353 25.60 5.45 44.08
CA THR A 353 26.60 4.77 44.89
C THR A 353 27.60 5.77 45.44
N LYS A 354 28.34 6.43 44.54
CA LYS A 354 29.30 7.45 44.93
C LYS A 354 28.57 8.78 45.14
N ASP A 355 29.26 9.72 45.80
CA ASP A 355 28.76 11.09 45.86
C ASP A 355 28.88 11.65 44.45
N THR A 356 27.73 11.88 43.82
CA THR A 356 27.68 12.19 42.40
C THR A 356 27.51 13.67 42.09
N GLN A 357 28.52 14.26 41.45
CA GLN A 357 28.41 15.61 40.92
C GLN A 357 27.59 15.53 39.64
N PHE A 358 26.40 16.14 39.67
CA PHE A 358 25.49 16.06 38.53
C PHE A 358 24.75 17.38 38.29
N ARG A 359 24.90 17.91 37.08
CA ARG A 359 24.28 19.17 36.69
C ARG A 359 24.48 20.27 37.71
N GLY A 360 25.71 20.40 38.21
CA GLY A 360 26.05 21.46 39.15
C GLY A 360 25.74 21.11 40.59
N TYR A 361 24.82 20.16 40.77
CA TYR A 361 24.45 19.72 42.10
C TYR A 361 25.35 18.59 42.57
N VAL A 362 25.33 18.32 43.87
CA VAL A 362 26.02 17.16 44.42
C VAL A 362 25.03 16.29 45.16
N ILE A 363 24.87 15.05 44.71
CA ILE A 363 23.95 14.13 45.34
C ILE A 363 24.69 13.18 46.28
N PRO A 364 24.35 13.20 47.57
CA PRO A 364 24.96 12.34 48.60
C PRO A 364 24.91 10.87 48.23
N LYS A 365 25.93 10.12 48.64
CA LYS A 365 25.96 8.68 48.43
C LYS A 365 24.69 8.08 49.01
N ASN A 366 24.16 7.06 48.33
CA ASN A 366 22.97 6.34 48.78
C ASN A 366 21.67 7.14 48.79
N THR A 367 21.67 8.28 48.11
CA THR A 367 20.45 9.08 48.02
C THR A 367 19.68 8.47 46.85
N GLU A 368 18.37 8.39 47.00
CA GLU A 368 17.53 7.76 45.99
C GLU A 368 17.30 8.67 44.79
N VAL A 369 17.18 8.05 43.61
CA VAL A 369 16.89 8.78 42.39
C VAL A 369 15.71 8.15 41.67
N PHE A 370 14.73 8.96 41.30
CA PHE A 370 13.52 8.47 40.65
C PHE A 370 13.47 8.87 39.19
N PRO A 371 13.84 7.93 38.30
CA PRO A 371 13.79 8.20 36.85
C PRO A 371 12.36 8.20 36.36
N VAL A 372 11.80 9.39 36.13
CA VAL A 372 10.44 9.50 35.64
C VAL A 372 10.36 9.10 34.17
N LEU A 373 10.33 7.79 33.92
CA LEU A 373 10.32 7.25 32.57
C LEU A 373 9.15 7.80 31.75
N SER A 374 7.98 7.86 32.37
CA SER A 374 6.79 8.36 31.70
C SER A 374 7.01 9.75 31.12
N SER A 375 7.86 10.53 31.77
CA SER A 375 8.13 11.90 31.35
C SER A 375 9.06 11.95 30.15
N ALA A 376 9.68 10.81 29.85
CA ALA A 376 10.56 10.70 28.69
C ALA A 376 9.80 10.11 27.51
N LEU A 377 8.86 9.23 27.81
CA LEU A 377 8.01 8.66 26.78
C LEU A 377 7.06 9.72 26.25
N HIS A 378 6.86 10.79 27.03
CA HIS A 378 5.93 11.85 26.67
C HIS A 378 6.62 13.18 26.42
N ASP A 379 7.96 13.15 26.36
CA ASP A 379 8.73 14.37 26.12
C ASP A 379 8.35 15.00 24.79
N PRO A 380 7.81 16.23 24.83
CA PRO A 380 7.45 16.95 23.61
C PRO A 380 8.68 17.23 22.75
N ARG A 381 9.83 17.33 23.42
CA ARG A 381 11.09 17.54 22.75
C ARG A 381 11.35 16.44 21.72
N TYR A 382 11.01 15.20 22.10
CA TYR A 382 11.34 14.04 21.28
C TYR A 382 10.12 13.37 20.66
N PHE A 383 8.95 13.99 20.82
CA PHE A 383 7.72 13.45 20.24
C PHE A 383 6.73 14.53 19.83
N GLU A 384 6.46 14.62 18.53
CA GLU A 384 5.33 15.41 18.07
C GLU A 384 4.07 14.72 18.52
N THR A 385 3.10 15.48 19.03
CA THR A 385 1.85 14.90 19.53
C THR A 385 1.99 13.78 20.56
N PRO A 386 2.84 13.99 21.58
CA PRO A 386 3.07 12.98 22.61
C PRO A 386 1.81 12.42 23.28
N ASN A 387 0.71 13.14 23.16
CA ASN A 387 -0.51 12.81 23.89
C ASN A 387 -1.47 11.88 23.15
N THR A 388 -1.05 11.36 22.00
CA THR A 388 -1.94 10.52 21.21
C THR A 388 -1.24 9.29 20.62
N PHE A 389 -1.97 8.18 20.57
CA PHE A 389 -1.47 6.98 19.92
C PHE A 389 -1.06 7.32 18.49
N ASN A 390 0.24 7.24 18.22
CA ASN A 390 0.76 7.66 16.91
C ASN A 390 1.94 6.81 16.45
N PRO A 391 1.67 5.78 15.62
CA PRO A 391 2.70 4.90 15.07
C PRO A 391 3.73 5.68 14.24
N GLY A 392 3.40 6.91 13.87
CA GLY A 392 4.27 7.71 13.04
C GLY A 392 5.52 8.21 13.75
N HIS A 393 5.45 8.27 15.08
CA HIS A 393 6.59 8.71 15.89
C HIS A 393 7.85 7.94 15.53
N PHE A 394 7.67 6.69 15.10
CA PHE A 394 8.80 5.80 14.86
C PHE A 394 8.99 5.49 13.38
N LEU A 395 8.55 6.42 12.52
CA LEU A 395 8.67 6.23 11.09
C LEU A 395 9.26 7.45 10.39
N ASP A 396 10.26 7.21 9.54
CA ASP A 396 10.83 8.26 8.72
C ASP A 396 9.92 8.51 7.52
N ALA A 397 10.25 9.54 6.74
CA ALA A 397 9.44 9.88 5.56
C ALA A 397 9.19 8.67 4.68
N ASN A 398 10.19 7.79 4.58
CA ASN A 398 10.09 6.59 3.76
C ASN A 398 9.03 5.62 4.27
N GLY A 399 9.01 5.42 5.59
CA GLY A 399 8.08 4.47 6.19
C GLY A 399 8.81 3.32 6.85
N ALA A 400 10.05 3.58 7.25
CA ALA A 400 10.86 2.57 7.94
C ALA A 400 11.13 3.02 9.38
N LEU A 401 11.28 2.04 10.27
CA LEU A 401 11.43 2.33 11.70
C LEU A 401 12.50 3.39 11.97
N LYS A 402 12.15 4.35 12.81
CA LYS A 402 13.06 5.42 13.17
C LYS A 402 13.31 5.45 14.68
N ARG A 403 14.54 5.15 15.08
CA ARG A 403 14.91 5.16 16.49
C ARG A 403 14.60 6.52 17.11
N ASN A 404 14.10 6.50 18.35
CA ASN A 404 13.78 7.73 19.05
C ASN A 404 14.45 7.77 20.42
N GLU A 405 15.30 8.77 20.62
CA GLU A 405 16.03 8.93 21.87
C GLU A 405 15.13 8.78 23.09
N GLY A 406 13.91 9.29 22.99
CA GLY A 406 13.01 9.37 24.13
C GLY A 406 12.22 8.11 24.40
N PHE A 407 12.52 7.02 23.71
CA PHE A 407 11.85 5.75 23.96
C PHE A 407 12.48 4.69 24.87
N MET A 408 12.25 4.85 26.17
CA MET A 408 12.90 4.02 27.17
C MET A 408 11.87 3.48 28.16
N PRO A 409 11.13 2.41 27.77
CA PRO A 409 10.10 1.84 28.64
C PRO A 409 10.81 0.75 29.45
N PHE A 410 11.97 0.33 28.97
CA PHE A 410 12.79 -0.64 29.68
C PHE A 410 13.88 0.07 30.47
N SER A 411 13.84 1.39 30.44
CA SER A 411 14.81 2.23 31.14
C SER A 411 16.18 2.20 30.45
N LEU A 412 17.20 2.68 31.15
CA LEU A 412 18.54 2.77 30.59
C LEU A 412 19.61 2.55 31.66
N GLY A 413 20.81 2.16 31.24
CA GLY A 413 21.94 2.07 32.13
C GLY A 413 22.32 0.66 32.54
N LYS A 414 23.23 0.59 33.51
CA LYS A 414 23.70 -0.69 34.03
C LYS A 414 22.57 -1.46 34.70
N ARG A 415 21.40 -0.82 34.79
CA ARG A 415 20.25 -1.41 35.45
C ARG A 415 19.08 -1.57 34.49
N ILE A 416 19.38 -1.86 33.23
CA ILE A 416 18.35 -2.02 32.23
C ILE A 416 17.68 -3.39 32.33
N CYS A 417 16.42 -3.47 31.93
CA CYS A 417 15.63 -4.68 32.04
C CYS A 417 16.32 -5.89 31.42
N LEU A 418 16.19 -7.03 32.09
CA LEU A 418 16.67 -8.31 31.57
C LEU A 418 15.67 -8.85 30.56
N GLY A 419 14.40 -8.53 30.78
CA GLY A 419 13.31 -8.96 29.92
C GLY A 419 13.23 -8.17 28.64
N GLU A 420 14.18 -7.26 28.43
CA GLU A 420 14.27 -6.49 27.19
C GLU A 420 14.20 -7.41 25.98
N GLY A 421 15.04 -8.43 25.97
CA GLY A 421 15.09 -9.38 24.89
C GLY A 421 13.79 -10.16 24.76
N ILE A 422 13.49 -10.99 25.76
CA ILE A 422 12.32 -11.86 25.69
C ILE A 422 11.02 -11.07 25.56
N ALA A 423 10.93 -9.93 26.23
CA ALA A 423 9.72 -9.12 26.21
C ALA A 423 9.41 -8.62 24.81
N ARG A 424 10.33 -7.84 24.24
CA ARG A 424 10.14 -7.28 22.90
C ARG A 424 9.74 -8.36 21.90
N THR A 425 10.29 -9.56 22.08
CA THR A 425 9.95 -10.69 21.22
C THR A 425 8.53 -11.17 21.52
N GLU A 426 8.28 -11.56 22.76
CA GLU A 426 6.95 -11.99 23.17
C GLU A 426 5.90 -11.03 22.63
N LEU A 427 6.17 -9.73 22.76
CA LEU A 427 5.28 -8.72 22.24
C LEU A 427 4.98 -8.95 20.77
N PHE A 428 6.02 -8.90 19.95
CA PHE A 428 5.86 -9.02 18.51
C PHE A 428 5.18 -10.32 18.09
N LEU A 429 5.77 -11.44 18.49
CA LEU A 429 5.25 -12.74 18.09
C LEU A 429 3.83 -12.98 18.58
N PHE A 430 3.51 -12.46 19.76
CA PHE A 430 2.17 -12.60 20.31
C PHE A 430 1.19 -11.63 19.66
N PHE A 431 1.66 -10.44 19.33
CA PHE A 431 0.82 -9.42 18.74
C PHE A 431 0.39 -9.81 17.34
N THR A 432 1.34 -10.30 16.56
CA THR A 432 1.08 -10.67 15.16
C THR A 432 0.27 -11.96 15.04
N THR A 433 0.75 -13.03 15.67
CA THR A 433 0.08 -14.33 15.59
C THR A 433 -1.41 -14.23 15.91
N ILE A 434 -1.75 -13.42 16.90
CA ILE A 434 -3.15 -13.18 17.24
C ILE A 434 -3.86 -12.50 16.08
N LEU A 435 -3.35 -11.33 15.70
CA LEU A 435 -3.94 -10.55 14.61
C LEU A 435 -3.89 -11.27 13.28
N GLN A 436 -3.22 -12.43 13.25
CA GLN A 436 -3.08 -13.20 12.02
C GLN A 436 -4.22 -14.19 11.84
N ASN A 437 -4.80 -14.63 12.95
CA ASN A 437 -5.88 -15.60 12.90
C ASN A 437 -7.16 -15.06 13.53
N PHE A 438 -7.10 -13.83 14.04
CA PHE A 438 -8.23 -13.21 14.69
C PHE A 438 -8.33 -11.72 14.36
N SER A 439 -9.55 -11.21 14.34
CA SER A 439 -9.79 -9.77 14.27
C SER A 439 -10.66 -9.37 15.44
N ILE A 440 -10.31 -8.28 16.10
CA ILE A 440 -10.91 -7.95 17.38
C ILE A 440 -12.05 -6.93 17.28
N ALA A 441 -13.04 -7.11 18.16
CA ALA A 441 -14.15 -6.18 18.26
C ALA A 441 -14.67 -6.17 19.69
N SER A 442 -15.33 -5.09 20.08
CA SER A 442 -15.89 -4.95 21.41
C SER A 442 -17.18 -4.16 21.34
N PRO A 443 -18.09 -4.37 22.31
CA PRO A 443 -19.36 -3.63 22.33
C PRO A 443 -19.12 -2.14 22.53
N VAL A 444 -17.93 -1.77 22.99
CA VAL A 444 -17.59 -0.36 23.19
C VAL A 444 -16.98 0.24 21.93
N PRO A 445 -17.66 1.24 21.35
CA PRO A 445 -17.22 1.91 20.12
C PRO A 445 -15.83 2.52 20.27
N PRO A 446 -15.08 2.61 19.17
CA PRO A 446 -13.73 3.19 19.17
C PRO A 446 -13.71 4.56 19.84
N GLU A 447 -14.81 5.29 19.72
CA GLU A 447 -14.91 6.63 20.28
C GLU A 447 -15.02 6.61 21.81
N ASP A 448 -15.71 5.60 22.33
CA ASP A 448 -15.99 5.52 23.76
C ASP A 448 -14.94 4.75 24.55
N ILE A 449 -13.87 4.33 23.88
CA ILE A 449 -12.79 3.61 24.55
C ILE A 449 -12.00 4.53 25.47
N ASP A 450 -11.83 4.12 26.72
CA ASP A 450 -11.14 4.94 27.70
C ASP A 450 -9.82 4.30 28.11
N LEU A 451 -8.72 4.80 27.55
CA LEU A 451 -7.40 4.26 27.84
C LEU A 451 -6.95 4.57 29.26
N THR A 452 -7.64 5.53 29.89
CA THR A 452 -7.32 5.94 31.26
C THR A 452 -7.12 4.74 32.19
N PRO A 453 -5.94 4.66 32.82
CA PRO A 453 -5.52 3.54 33.67
C PRO A 453 -6.42 3.37 34.89
N ARG A 454 -6.96 2.17 35.08
CA ARG A 454 -7.79 1.88 36.24
C ARG A 454 -7.04 2.18 37.54
N GLU A 455 -5.72 2.03 37.49
CA GLU A 455 -4.88 2.29 38.64
C GLU A 455 -3.56 2.90 38.18
N SER A 456 -3.23 4.07 38.71
CA SER A 456 -2.00 4.75 38.33
C SER A 456 -1.06 4.93 39.53
N GLY A 457 0.10 4.30 39.46
CA GLY A 457 1.07 4.36 40.54
C GLY A 457 2.45 3.90 40.10
N VAL A 458 3.09 3.07 40.93
CA VAL A 458 4.40 2.53 40.58
C VAL A 458 4.28 1.75 39.28
N GLY A 459 3.14 1.10 39.10
CA GLY A 459 2.79 0.47 37.84
C GLY A 459 1.59 1.20 37.26
N ASN A 460 1.29 0.95 35.99
CA ASN A 460 0.14 1.57 35.35
C ASN A 460 -0.81 0.51 34.79
N VAL A 461 -1.75 0.08 35.61
CA VAL A 461 -2.68 -0.97 35.21
C VAL A 461 -3.83 -0.40 34.39
N PRO A 462 -4.00 -0.91 33.15
CA PRO A 462 -5.10 -0.48 32.29
C PRO A 462 -6.40 -1.14 32.73
N PRO A 463 -7.55 -0.51 32.44
CA PRO A 463 -8.85 -1.07 32.81
C PRO A 463 -9.06 -2.47 32.26
N SER A 464 -10.06 -3.18 32.76
CA SER A 464 -10.39 -4.50 32.26
C SER A 464 -11.58 -4.39 31.31
N TYR A 465 -11.39 -4.79 30.07
CA TYR A 465 -12.43 -4.66 29.05
C TYR A 465 -12.84 -6.00 28.49
N GLN A 466 -14.07 -6.07 27.98
CA GLN A 466 -14.55 -7.25 27.29
C GLN A 466 -14.20 -7.15 25.81
N ILE A 467 -13.72 -8.25 25.25
CA ILE A 467 -13.33 -8.27 23.85
C ILE A 467 -13.57 -9.67 23.31
N ARG A 468 -13.64 -9.80 21.99
CA ARG A 468 -13.76 -11.12 21.38
C ARG A 468 -12.88 -11.28 20.14
N PHE A 469 -12.20 -12.42 20.08
CA PHE A 469 -11.30 -12.71 18.98
C PHE A 469 -12.02 -13.52 17.91
N LEU A 470 -12.26 -12.90 16.77
CA LEU A 470 -13.04 -13.50 15.69
C LEU A 470 -12.15 -14.16 14.66
N ALA A 471 -12.33 -15.47 14.48
CA ALA A 471 -11.52 -16.23 13.54
C ALA A 471 -11.54 -15.60 12.15
N ARG A 472 -10.52 -15.89 11.36
CA ARG A 472 -10.42 -15.36 10.01
C ARG A 472 -10.31 -16.48 8.98
N HIS A 473 -10.59 -16.14 7.73
CA HIS A 473 -10.52 -17.13 6.65
C HIS A 473 -9.88 -16.55 5.39
N GLY B 9 7.17 -29.14 -7.52
CA GLY B 9 6.39 -28.02 -7.02
C GLY B 9 7.18 -26.73 -7.00
N LYS B 10 7.91 -26.47 -8.07
CA LYS B 10 8.74 -25.26 -8.18
C LYS B 10 9.86 -25.26 -7.15
N LEU B 11 11.02 -24.73 -7.54
CA LEU B 11 12.17 -24.60 -6.65
C LEU B 11 11.91 -23.56 -5.57
N PRO B 12 12.73 -23.56 -4.51
CA PRO B 12 12.64 -22.52 -3.49
C PRO B 12 12.64 -21.15 -4.15
N PRO B 13 12.04 -20.15 -3.48
CA PRO B 13 11.96 -18.79 -4.04
C PRO B 13 13.34 -18.23 -4.34
N GLY B 14 13.41 -17.26 -5.27
CA GLY B 14 14.68 -16.67 -5.64
C GLY B 14 14.55 -15.67 -6.77
N PRO B 15 15.64 -14.93 -7.03
CA PRO B 15 15.69 -13.92 -8.09
C PRO B 15 15.41 -14.52 -9.46
N SER B 16 15.02 -13.68 -10.42
CA SER B 16 14.76 -14.13 -11.78
C SER B 16 16.02 -14.12 -12.63
N PRO B 17 16.51 -15.32 -12.97
CA PRO B 17 17.77 -15.48 -13.71
C PRO B 17 17.65 -15.12 -15.18
N LEU B 18 18.68 -14.46 -15.70
CA LEU B 18 18.80 -14.24 -17.14
C LEU B 18 19.53 -15.45 -17.70
N PRO B 19 19.40 -15.70 -19.01
CA PRO B 19 20.07 -16.86 -19.61
C PRO B 19 21.59 -16.73 -19.55
N VAL B 20 22.26 -17.82 -19.16
CA VAL B 20 23.71 -17.89 -19.14
C VAL B 20 24.39 -17.06 -18.03
N LEU B 21 23.78 -15.94 -17.67
CA LEU B 21 24.34 -15.09 -16.63
C LEU B 21 23.78 -15.43 -15.24
N GLY B 22 22.60 -16.05 -15.22
CA GLY B 22 21.93 -16.33 -13.96
C GLY B 22 21.80 -15.07 -13.14
N ASN B 23 21.87 -15.20 -11.82
CA ASN B 23 21.74 -14.05 -10.93
C ASN B 23 23.05 -13.29 -10.75
N LEU B 24 23.62 -12.83 -11.85
CA LEU B 24 24.86 -12.07 -11.80
C LEU B 24 24.60 -10.64 -11.40
N LEU B 25 23.45 -10.12 -11.78
CA LEU B 25 23.08 -8.74 -11.48
C LEU B 25 22.60 -8.62 -10.03
N GLN B 26 22.41 -9.76 -9.36
CA GLN B 26 21.91 -9.75 -7.99
C GLN B 26 22.95 -10.20 -6.96
N MET B 27 24.21 -10.21 -7.34
CA MET B 27 25.28 -10.53 -6.40
C MET B 27 25.85 -9.26 -5.76
N ASP B 28 26.55 -9.44 -4.64
CA ASP B 28 27.17 -8.31 -3.94
C ASP B 28 28.68 -8.28 -4.22
N ARG B 29 29.28 -7.10 -4.14
CA ARG B 29 30.69 -6.95 -4.49
C ARG B 29 31.62 -7.46 -3.40
N LYS B 30 31.07 -7.77 -2.23
CA LYS B 30 31.87 -8.28 -1.13
C LYS B 30 32.39 -9.68 -1.44
N GLY B 31 31.54 -10.49 -2.08
CA GLY B 31 31.91 -11.85 -2.42
C GLY B 31 30.71 -12.78 -2.46
N LEU B 32 30.95 -14.03 -2.83
CA LEU B 32 29.89 -15.03 -2.94
C LEU B 32 29.13 -15.19 -1.63
N LEU B 33 29.86 -15.32 -0.53
CA LEU B 33 29.23 -15.50 0.77
C LEU B 33 28.25 -14.40 1.08
N ARG B 34 28.72 -13.15 1.00
CA ARG B 34 27.87 -11.99 1.26
C ARG B 34 26.66 -12.00 0.33
N SER B 35 26.89 -12.39 -0.93
CA SER B 35 25.80 -12.47 -1.90
C SER B 35 24.66 -13.31 -1.34
N PHE B 36 24.99 -14.51 -0.87
CA PHE B 36 24.01 -15.40 -0.26
C PHE B 36 23.34 -14.73 0.94
N LEU B 37 24.13 -14.11 1.81
CA LEU B 37 23.61 -13.40 2.97
C LEU B 37 22.59 -12.34 2.54
N ARG B 38 22.97 -11.52 1.57
CA ARG B 38 22.10 -10.47 1.06
C ARG B 38 20.82 -11.07 0.48
N LEU B 39 20.97 -12.07 -0.37
CA LEU B 39 19.82 -12.76 -0.96
C LEU B 39 18.84 -13.25 0.10
N ARG B 40 19.38 -13.82 1.17
CA ARG B 40 18.56 -14.37 2.25
C ARG B 40 17.65 -13.32 2.87
N GLU B 41 18.19 -12.12 3.06
CA GLU B 41 17.46 -11.05 3.74
C GLU B 41 16.13 -10.77 3.04
N LYS B 42 16.02 -11.18 1.79
CA LYS B 42 14.81 -10.93 1.00
C LYS B 42 13.98 -12.13 0.56
N TYR B 43 14.59 -13.31 0.57
CA TYR B 43 13.91 -14.51 0.06
C TYR B 43 13.76 -15.62 1.10
N GLY B 44 14.30 -15.42 2.29
CA GLY B 44 14.15 -16.38 3.37
C GLY B 44 15.39 -17.24 3.62
N ASP B 45 15.23 -18.24 4.47
CA ASP B 45 16.35 -19.11 4.85
C ASP B 45 16.67 -20.15 3.79
N VAL B 46 15.68 -20.48 2.96
CA VAL B 46 15.90 -21.38 1.84
C VAL B 46 15.47 -20.71 0.55
N PHE B 47 16.43 -20.53 -0.35
CA PHE B 47 16.14 -19.90 -1.64
C PHE B 47 16.98 -20.50 -2.76
N THR B 48 16.64 -20.14 -3.99
CA THR B 48 17.37 -20.60 -5.17
C THR B 48 18.02 -19.43 -5.88
N VAL B 49 19.33 -19.51 -6.07
CA VAL B 49 20.06 -18.53 -6.86
C VAL B 49 20.72 -19.26 -8.02
N TYR B 50 20.84 -18.58 -9.15
CA TYR B 50 21.43 -19.20 -10.34
C TYR B 50 22.87 -18.75 -10.59
N LEU B 51 23.82 -19.56 -10.14
CA LEU B 51 25.22 -19.30 -10.40
C LEU B 51 25.52 -19.56 -11.88
N GLY B 52 25.29 -18.54 -12.69
CA GLY B 52 25.49 -18.67 -14.12
C GLY B 52 24.38 -19.45 -14.78
N SER B 53 24.67 -20.71 -15.13
CA SER B 53 23.71 -21.55 -15.83
C SER B 53 23.27 -22.74 -14.98
N ARG B 54 23.69 -22.75 -13.71
CA ARG B 54 23.34 -23.83 -12.80
C ARG B 54 22.40 -23.34 -11.71
N PRO B 55 21.48 -24.22 -11.26
CA PRO B 55 20.57 -23.92 -10.17
C PRO B 55 21.15 -24.36 -8.84
N VAL B 56 21.31 -23.42 -7.90
CA VAL B 56 21.84 -23.77 -6.59
C VAL B 56 20.93 -23.32 -5.45
N VAL B 57 20.59 -24.27 -4.58
CA VAL B 57 19.75 -23.99 -3.44
C VAL B 57 20.62 -23.61 -2.25
N VAL B 58 20.31 -22.48 -1.63
CA VAL B 58 21.10 -21.98 -0.50
C VAL B 58 20.43 -22.26 0.84
N LEU B 59 21.19 -22.84 1.77
CA LEU B 59 20.67 -23.18 3.08
C LEU B 59 21.31 -22.37 4.19
N CYS B 60 20.63 -21.32 4.63
CA CYS B 60 21.12 -20.49 5.72
C CYS B 60 20.44 -20.86 7.02
N GLY B 61 21.14 -20.69 8.13
CA GLY B 61 20.58 -20.99 9.43
C GLY B 61 20.79 -22.43 9.88
N THR B 62 20.97 -22.60 11.18
CA THR B 62 21.16 -23.92 11.77
C THR B 62 19.96 -24.80 11.45
N ASP B 63 18.77 -24.22 11.58
CA ASP B 63 17.53 -24.94 11.30
C ASP B 63 17.52 -25.54 9.90
N ALA B 64 17.73 -24.69 8.90
CA ALA B 64 17.69 -25.14 7.51
C ALA B 64 18.71 -26.25 7.22
N ILE B 65 19.96 -26.00 7.57
CA ILE B 65 21.04 -26.94 7.28
C ILE B 65 20.80 -28.30 7.92
N ARG B 66 20.24 -28.31 9.12
CA ARG B 66 19.98 -29.56 9.83
C ARG B 66 18.82 -30.35 9.24
N GLU B 67 17.77 -29.63 8.84
CA GLU B 67 16.61 -30.27 8.22
C GLU B 67 17.04 -31.01 6.97
N ALA B 68 17.90 -30.39 6.18
CA ALA B 68 18.38 -30.99 4.94
C ALA B 68 19.47 -32.04 5.18
N LEU B 69 20.59 -31.61 5.75
CA LEU B 69 21.75 -32.48 5.91
C LEU B 69 21.58 -33.60 6.95
N VAL B 70 20.76 -33.35 7.96
CA VAL B 70 20.64 -34.32 9.06
C VAL B 70 19.37 -35.16 8.98
N ASP B 71 18.22 -34.48 8.96
CA ASP B 71 16.93 -35.17 8.92
C ASP B 71 16.83 -36.03 7.65
N GLN B 72 16.87 -35.37 6.49
CA GLN B 72 16.94 -36.09 5.23
C GLN B 72 18.44 -36.16 4.91
N ALA B 73 19.15 -36.99 5.66
CA ALA B 73 20.60 -37.09 5.56
C ALA B 73 20.98 -37.73 4.22
N GLU B 74 20.34 -38.85 3.90
CA GLU B 74 20.62 -39.56 2.66
C GLU B 74 20.42 -38.67 1.43
N ALA B 75 19.33 -37.91 1.44
CA ALA B 75 18.98 -37.05 0.31
C ALA B 75 20.11 -36.11 -0.09
N PHE B 76 20.58 -35.31 0.86
CA PHE B 76 21.55 -34.25 0.57
C PHE B 76 23.02 -34.66 0.63
N SER B 77 23.29 -35.97 0.60
CA SER B 77 24.66 -36.46 0.71
C SER B 77 25.47 -36.57 -0.58
N GLY B 78 25.01 -35.90 -1.63
CA GLY B 78 25.72 -35.90 -2.89
C GLY B 78 26.74 -34.77 -2.95
N ARG B 79 27.85 -35.01 -3.64
CA ARG B 79 28.90 -34.00 -3.73
C ARG B 79 28.69 -33.09 -4.93
N GLY B 80 29.06 -31.83 -4.79
CA GLY B 80 28.99 -30.87 -5.87
C GLY B 80 30.34 -30.66 -6.50
N LYS B 81 30.50 -29.55 -7.22
CA LYS B 81 31.76 -29.27 -7.91
C LYS B 81 32.30 -27.88 -7.56
N ILE B 82 33.54 -27.85 -7.09
CA ILE B 82 34.26 -26.58 -6.89
C ILE B 82 34.88 -26.18 -8.22
N ALA B 83 34.48 -25.03 -8.75
CA ALA B 83 34.90 -24.60 -10.08
C ALA B 83 36.40 -24.72 -10.32
N VAL B 84 37.19 -24.07 -9.49
CA VAL B 84 38.62 -23.92 -9.73
C VAL B 84 39.45 -25.17 -9.45
N VAL B 85 38.88 -26.13 -8.73
CA VAL B 85 39.61 -27.35 -8.41
C VAL B 85 39.00 -28.57 -9.07
N ASP B 86 38.16 -28.34 -10.08
CA ASP B 86 37.47 -29.42 -10.78
C ASP B 86 38.30 -30.13 -11.84
N PRO B 87 39.16 -29.38 -12.55
CA PRO B 87 40.01 -30.01 -13.58
C PRO B 87 41.06 -30.90 -12.92
N ILE B 88 41.22 -30.77 -11.61
CA ILE B 88 42.19 -31.57 -10.86
C ILE B 88 41.67 -32.87 -10.26
N PHE B 89 40.44 -32.83 -9.76
CA PHE B 89 39.83 -34.00 -9.13
C PHE B 89 38.91 -34.75 -10.09
N GLN B 90 38.14 -33.99 -10.88
CA GLN B 90 37.31 -34.55 -11.94
C GLN B 90 36.42 -35.72 -11.50
N GLY B 91 35.96 -35.66 -10.25
CA GLY B 91 35.04 -36.67 -9.75
C GLY B 91 35.70 -37.81 -9.00
N TYR B 92 37.03 -37.77 -8.92
CA TYR B 92 37.79 -38.78 -8.20
C TYR B 92 38.31 -38.23 -6.89
N GLY B 93 38.81 -39.10 -6.02
CA GLY B 93 39.26 -38.68 -4.71
C GLY B 93 38.10 -38.67 -3.73
N VAL B 94 38.36 -39.14 -2.52
CA VAL B 94 37.31 -39.34 -1.52
C VAL B 94 36.40 -38.13 -1.31
N ILE B 95 36.94 -36.93 -1.49
CA ILE B 95 36.17 -35.71 -1.25
C ILE B 95 35.11 -35.46 -2.31
N PHE B 96 35.54 -35.24 -3.55
CA PHE B 96 34.64 -34.88 -4.64
C PHE B 96 33.95 -36.08 -5.26
N ALA B 97 34.28 -37.28 -4.78
CA ALA B 97 33.67 -38.50 -5.29
C ALA B 97 32.16 -38.49 -5.06
N ASN B 98 31.47 -39.53 -5.54
CA ASN B 98 30.03 -39.61 -5.39
C ASN B 98 29.51 -41.04 -5.56
N GLY B 99 28.26 -41.26 -5.14
CA GLY B 99 27.63 -42.56 -5.28
C GLY B 99 28.44 -43.69 -4.69
N GLU B 100 28.56 -44.78 -5.45
CA GLU B 100 29.28 -45.96 -4.99
C GLU B 100 30.77 -45.71 -4.90
N ARG B 101 31.26 -44.72 -5.64
CA ARG B 101 32.67 -44.36 -5.59
C ARG B 101 33.02 -43.70 -4.26
N TRP B 102 32.12 -42.85 -3.78
CA TRP B 102 32.30 -42.19 -2.50
C TRP B 102 32.15 -43.16 -1.33
N ARG B 103 31.04 -43.90 -1.32
CA ARG B 103 30.82 -44.90 -0.28
C ARG B 103 32.00 -45.85 -0.17
N ALA B 104 32.66 -46.10 -1.28
CA ALA B 104 33.83 -46.98 -1.30
C ALA B 104 35.02 -46.29 -0.64
N LEU B 105 35.44 -45.16 -1.21
CA LEU B 105 36.60 -44.43 -0.74
C LEU B 105 36.49 -44.04 0.74
N ARG B 106 35.28 -43.65 1.16
CA ARG B 106 35.09 -43.28 2.56
C ARG B 106 35.11 -44.50 3.48
N ARG B 107 34.50 -45.59 3.02
CA ARG B 107 34.47 -46.83 3.79
C ARG B 107 35.88 -47.37 3.99
N PHE B 108 36.74 -47.11 3.01
CA PHE B 108 38.13 -47.54 3.07
C PHE B 108 38.97 -46.57 3.89
N SER B 109 38.98 -45.30 3.48
CA SER B 109 39.75 -44.27 4.17
C SER B 109 39.47 -44.27 5.67
N LEU B 110 38.18 -44.29 6.01
CA LEU B 110 37.76 -44.21 7.41
C LEU B 110 38.38 -45.30 8.28
N ALA B 111 38.26 -46.55 7.83
CA ALA B 111 38.72 -47.69 8.61
C ALA B 111 40.19 -48.02 8.38
N THR B 112 40.79 -47.40 7.37
CA THR B 112 42.22 -47.55 7.13
C THR B 112 42.99 -46.67 8.09
N MET B 113 42.52 -45.44 8.26
CA MET B 113 43.12 -44.51 9.20
C MET B 113 42.96 -45.05 10.62
N ARG B 114 41.77 -45.56 10.92
CA ARG B 114 41.51 -46.19 12.20
C ARG B 114 42.40 -47.41 12.39
N ASP B 115 42.83 -48.00 11.26
CA ASP B 115 43.74 -49.12 11.30
C ASP B 115 45.15 -48.66 11.64
N PHE B 116 45.35 -47.34 11.65
CA PHE B 116 46.67 -46.78 11.92
C PHE B 116 46.84 -45.77 13.06
N GLY B 117 45.76 -45.49 13.77
CA GLY B 117 45.84 -44.59 14.91
C GLY B 117 44.66 -43.66 15.07
N MET B 118 43.91 -43.45 13.99
CA MET B 118 42.70 -42.64 14.08
C MET B 118 41.76 -43.23 15.13
N GLY B 119 42.06 -44.46 15.53
CA GLY B 119 41.36 -45.10 16.63
C GLY B 119 41.62 -44.42 17.95
N LYS B 120 42.38 -43.32 17.87
CA LYS B 120 42.62 -42.42 19.00
C LYS B 120 43.72 -42.85 19.96
N ARG B 121 44.14 -44.11 19.88
CA ARG B 121 45.17 -44.62 20.79
C ARG B 121 46.58 -44.18 20.39
N SER B 122 46.97 -44.48 19.16
CA SER B 122 48.34 -44.22 18.70
C SER B 122 48.50 -42.83 18.10
N VAL B 123 47.40 -42.22 17.70
CA VAL B 123 47.43 -40.88 17.11
C VAL B 123 47.67 -39.81 18.17
N GLU B 124 47.00 -39.95 19.32
CA GLU B 124 47.20 -39.04 20.43
C GLU B 124 48.68 -38.87 20.74
N GLU B 125 49.41 -39.98 20.69
CA GLU B 125 50.82 -39.98 21.03
C GLU B 125 51.69 -39.35 19.94
N ARG B 126 51.33 -39.60 18.68
CA ARG B 126 52.06 -39.02 17.56
C ARG B 126 51.81 -37.52 17.48
N ILE B 127 50.78 -37.06 18.18
CA ILE B 127 50.44 -35.63 18.23
C ILE B 127 51.12 -34.93 19.40
N GLN B 128 51.13 -35.58 20.56
CA GLN B 128 51.87 -35.07 21.70
C GLN B 128 53.36 -35.03 21.36
N GLU B 129 53.78 -35.99 20.54
CA GLU B 129 55.16 -36.05 20.07
C GLU B 129 55.47 -34.84 19.20
N GLU B 130 54.67 -34.67 18.14
CA GLU B 130 54.83 -33.53 17.25
C GLU B 130 54.77 -32.22 18.04
N ALA B 131 54.04 -32.26 19.16
CA ALA B 131 53.94 -31.11 20.05
C ALA B 131 55.27 -30.89 20.76
N ARG B 132 55.84 -31.97 21.28
CA ARG B 132 57.13 -31.91 21.94
C ARG B 132 58.13 -31.22 21.02
N CYS B 133 58.10 -31.60 19.75
CA CYS B 133 59.00 -31.01 18.77
C CYS B 133 58.72 -29.53 18.57
N LEU B 134 57.43 -29.18 18.51
CA LEU B 134 57.03 -27.79 18.31
C LEU B 134 57.59 -26.90 19.42
N VAL B 135 57.45 -27.33 20.66
CA VAL B 135 57.98 -26.60 21.80
C VAL B 135 59.49 -26.43 21.63
N GLU B 136 60.12 -27.42 21.02
CA GLU B 136 61.56 -27.39 20.78
C GLU B 136 61.94 -26.37 19.73
N GLU B 137 61.18 -26.32 18.64
CA GLU B 137 61.44 -25.37 17.55
C GLU B 137 61.06 -23.95 17.96
N LEU B 138 60.02 -23.82 18.78
CA LEU B 138 59.57 -22.51 19.26
C LEU B 138 60.57 -21.93 20.26
N ARG B 139 60.95 -22.72 21.25
CA ARG B 139 61.90 -22.29 22.27
C ARG B 139 63.24 -21.96 21.62
N LYS B 140 63.47 -22.51 20.43
CA LYS B 140 64.75 -22.36 19.74
C LYS B 140 65.00 -20.95 19.21
N SER B 141 63.95 -20.32 18.70
CA SER B 141 64.09 -19.01 18.04
C SER B 141 64.39 -17.87 19.01
N LYS B 142 64.53 -18.19 20.28
CA LYS B 142 64.73 -17.17 21.30
C LYS B 142 63.57 -16.18 21.29
N GLY B 143 62.41 -16.65 20.87
CA GLY B 143 61.19 -15.87 20.91
C GLY B 143 61.22 -14.57 20.14
N ALA B 144 61.68 -14.62 18.90
CA ALA B 144 61.70 -13.44 18.05
C ALA B 144 60.45 -13.43 17.15
N LEU B 145 60.05 -12.26 16.68
CA LEU B 145 58.88 -12.15 15.81
C LEU B 145 58.97 -13.09 14.62
N LEU B 146 58.03 -14.02 14.53
CA LEU B 146 58.05 -15.00 13.44
C LEU B 146 56.65 -15.20 12.85
N ASP B 147 56.59 -15.96 11.76
CA ASP B 147 55.35 -16.18 11.03
C ASP B 147 55.00 -17.66 11.21
N ASN B 148 54.07 -17.91 12.13
CA ASN B 148 53.69 -19.28 12.46
C ASN B 148 52.82 -19.88 11.36
N THR B 149 52.65 -19.14 10.27
CA THR B 149 51.87 -19.60 9.13
C THR B 149 52.37 -20.97 8.68
N LEU B 150 53.65 -21.02 8.32
CA LEU B 150 54.25 -22.23 7.79
C LEU B 150 54.49 -23.26 8.89
N LEU B 151 55.04 -22.81 10.01
CA LEU B 151 55.43 -23.72 11.08
C LEU B 151 54.22 -24.51 11.60
N PHE B 152 53.10 -23.83 11.78
CA PHE B 152 51.87 -24.51 12.18
C PHE B 152 51.48 -25.53 11.11
N HIS B 153 51.62 -25.13 9.86
CA HIS B 153 51.31 -26.00 8.71
C HIS B 153 52.10 -27.30 8.76
N SER B 154 53.17 -27.32 9.55
CA SER B 154 54.04 -28.48 9.66
C SER B 154 53.49 -29.47 10.67
N ILE B 155 53.26 -29.00 11.89
CA ILE B 155 52.80 -29.86 12.97
C ILE B 155 51.47 -30.52 12.63
N THR B 156 50.68 -29.87 11.79
CA THR B 156 49.37 -30.37 11.40
C THR B 156 49.46 -31.38 10.26
N SER B 157 50.51 -31.25 9.46
CA SER B 157 50.70 -32.13 8.30
C SER B 157 51.41 -33.43 8.71
N ASN B 158 52.37 -33.30 9.63
CA ASN B 158 53.12 -34.46 10.12
C ASN B 158 52.21 -35.49 10.79
N ILE B 159 50.96 -35.11 11.01
CA ILE B 159 50.00 -36.03 11.62
C ILE B 159 49.31 -36.86 10.55
N ILE B 160 49.10 -36.25 9.38
CA ILE B 160 48.49 -36.95 8.25
C ILE B 160 49.56 -37.71 7.48
N CYS B 161 50.71 -37.07 7.28
CA CYS B 161 51.84 -37.72 6.63
C CYS B 161 52.22 -38.96 7.41
N SER B 162 52.07 -38.88 8.73
CA SER B 162 52.28 -40.03 9.59
C SER B 162 51.43 -41.20 9.12
N ILE B 163 50.21 -40.90 8.66
CA ILE B 163 49.27 -41.93 8.23
C ILE B 163 49.39 -42.28 6.76
N VAL B 164 49.38 -41.25 5.90
CA VAL B 164 49.30 -41.44 4.46
C VAL B 164 50.65 -41.60 3.78
N PHE B 165 51.73 -41.43 4.53
CA PHE B 165 53.07 -41.57 3.96
C PHE B 165 53.99 -42.43 4.83
N GLY B 166 53.54 -42.72 6.05
CA GLY B 166 54.30 -43.57 6.95
C GLY B 166 55.55 -42.90 7.50
N LYS B 167 55.53 -41.58 7.54
CA LYS B 167 56.69 -40.82 8.00
C LYS B 167 56.30 -39.41 8.42
N ARG B 168 57.29 -38.64 8.87
CA ARG B 168 57.11 -37.23 9.14
C ARG B 168 58.24 -36.48 8.47
N PHE B 169 58.22 -35.16 8.56
CA PHE B 169 59.27 -34.35 7.94
C PHE B 169 59.94 -33.43 8.95
N ASP B 170 61.12 -32.93 8.61
CA ASP B 170 61.82 -32.00 9.46
C ASP B 170 61.40 -30.57 9.12
N TYR B 171 61.14 -29.77 10.14
CA TYR B 171 60.60 -28.43 9.98
C TYR B 171 61.39 -27.55 9.00
N LYS B 172 62.63 -27.95 8.71
CA LYS B 172 63.49 -27.14 7.85
C LYS B 172 63.73 -27.76 6.48
N ASP B 173 63.13 -28.92 6.23
CA ASP B 173 63.23 -29.58 4.94
C ASP B 173 62.86 -28.61 3.82
N PRO B 174 63.76 -28.45 2.83
CA PRO B 174 63.48 -27.59 1.68
C PRO B 174 62.31 -28.11 0.84
N VAL B 175 62.05 -29.40 0.91
CA VAL B 175 60.97 -30.02 0.12
C VAL B 175 59.63 -29.95 0.84
N PHE B 176 59.56 -30.52 2.03
CA PHE B 176 58.37 -30.49 2.85
C PHE B 176 57.84 -29.06 2.98
N LEU B 177 58.75 -28.10 2.97
CA LEU B 177 58.39 -26.69 3.04
C LEU B 177 57.80 -26.17 1.73
N ARG B 178 58.31 -26.69 0.62
CA ARG B 178 57.80 -26.31 -0.69
C ARG B 178 56.37 -26.81 -0.87
N LEU B 179 56.13 -28.04 -0.43
CA LEU B 179 54.78 -28.62 -0.46
C LEU B 179 53.80 -27.78 0.34
N LEU B 180 54.20 -27.43 1.56
CA LEU B 180 53.34 -26.67 2.46
C LEU B 180 52.95 -25.32 1.87
N ASP B 181 53.95 -24.56 1.43
CA ASP B 181 53.69 -23.23 0.87
C ASP B 181 52.63 -23.31 -0.24
N LEU B 182 52.68 -24.38 -1.03
CA LEU B 182 51.67 -24.62 -2.04
C LEU B 182 50.30 -24.73 -1.39
N PHE B 183 50.17 -25.66 -0.45
CA PHE B 183 48.92 -25.83 0.29
C PHE B 183 48.41 -24.51 0.86
N PHE B 184 49.32 -23.65 1.27
CA PHE B 184 48.97 -22.35 1.84
C PHE B 184 48.53 -21.34 0.79
N GLN B 185 49.38 -21.12 -0.21
CA GLN B 185 49.11 -20.15 -1.27
C GLN B 185 48.00 -20.62 -2.20
N SER B 186 47.75 -21.92 -2.22
CA SER B 186 46.67 -22.47 -3.03
C SER B 186 45.32 -22.15 -2.39
N PHE B 187 45.20 -22.44 -1.10
CA PHE B 187 43.97 -22.14 -0.37
C PHE B 187 43.67 -20.65 -0.40
N SER B 188 44.72 -19.83 -0.42
CA SER B 188 44.56 -18.39 -0.56
C SER B 188 43.88 -18.08 -1.89
N LEU B 189 44.40 -18.65 -2.96
CA LEU B 189 43.87 -18.40 -4.31
C LEU B 189 42.47 -18.98 -4.50
N ILE B 190 42.26 -20.21 -4.06
CA ILE B 190 40.96 -20.86 -4.21
C ILE B 190 39.87 -20.05 -3.53
N SER B 191 40.25 -19.24 -2.55
CA SER B 191 39.30 -18.42 -1.80
C SER B 191 39.32 -16.98 -2.29
N SER B 192 40.04 -16.72 -3.38
CA SER B 192 40.17 -15.37 -3.91
C SER B 192 38.94 -14.96 -4.70
N PHE B 193 38.84 -13.67 -5.02
CA PHE B 193 37.73 -13.14 -5.79
C PHE B 193 37.56 -13.89 -7.10
N SER B 194 38.66 -14.01 -7.84
CA SER B 194 38.65 -14.69 -9.14
C SER B 194 37.94 -16.03 -9.07
N SER B 195 38.42 -16.90 -8.19
CA SER B 195 37.86 -18.24 -8.03
C SER B 195 36.33 -18.21 -7.92
N GLN B 196 35.82 -17.19 -7.25
CA GLN B 196 34.38 -17.07 -7.02
C GLN B 196 33.64 -16.67 -8.29
N VAL B 197 34.23 -15.75 -9.06
CA VAL B 197 33.67 -15.37 -10.35
C VAL B 197 33.79 -16.52 -11.33
N PHE B 198 34.88 -17.28 -11.19
CA PHE B 198 35.11 -18.45 -12.04
C PHE B 198 34.04 -19.50 -11.82
N GLU B 199 33.50 -19.55 -10.60
CA GLU B 199 32.44 -20.49 -10.27
C GLU B 199 31.27 -20.31 -11.22
N LEU B 200 30.75 -19.09 -11.31
CA LEU B 200 29.64 -18.79 -12.19
C LEU B 200 29.86 -19.01 -13.68
N PHE B 201 31.02 -18.57 -14.17
CA PHE B 201 31.29 -18.58 -15.60
C PHE B 201 32.57 -19.40 -15.64
N SER B 202 32.44 -20.72 -15.53
CA SER B 202 33.59 -21.60 -15.60
C SER B 202 33.83 -21.81 -17.09
N GLY B 203 32.77 -22.10 -17.82
CA GLY B 203 32.87 -22.32 -19.26
C GLY B 203 33.44 -21.14 -19.99
N PHE B 204 32.90 -19.95 -19.71
CA PHE B 204 33.33 -18.73 -20.36
C PHE B 204 34.82 -18.46 -20.16
N LEU B 205 35.26 -18.52 -18.90
CA LEU B 205 36.57 -17.99 -18.52
C LEU B 205 37.72 -18.99 -18.46
N LYS B 206 37.41 -20.28 -18.59
CA LYS B 206 38.44 -21.31 -18.48
C LYS B 206 39.47 -21.20 -19.61
N TYR B 207 39.09 -20.52 -20.68
CA TYR B 207 39.95 -20.35 -21.85
C TYR B 207 40.86 -19.14 -21.73
N PHE B 208 40.57 -18.27 -20.77
CA PHE B 208 41.33 -17.03 -20.59
C PHE B 208 42.31 -17.14 -19.44
N PRO B 209 43.24 -16.17 -19.34
CA PRO B 209 44.22 -16.14 -18.24
C PRO B 209 43.57 -15.75 -16.91
N GLY B 210 43.33 -16.74 -16.05
CA GLY B 210 42.77 -16.48 -14.74
C GLY B 210 43.61 -17.13 -13.65
N THR B 211 43.27 -16.85 -12.39
CA THR B 211 44.00 -17.43 -11.27
C THR B 211 43.65 -18.91 -11.10
N HIS B 212 42.62 -19.35 -11.82
CA HIS B 212 42.25 -20.76 -11.84
C HIS B 212 43.41 -21.52 -12.46
N ARG B 213 44.14 -20.85 -13.34
CA ARG B 213 45.30 -21.41 -14.01
C ARG B 213 46.40 -21.71 -12.99
N GLN B 214 46.72 -20.72 -12.16
CA GLN B 214 47.76 -20.86 -11.15
C GLN B 214 47.45 -21.95 -10.14
N ILE B 215 46.18 -22.28 -9.99
CA ILE B 215 45.77 -23.36 -9.09
C ILE B 215 46.03 -24.72 -9.73
N TYR B 216 45.76 -24.80 -11.03
CA TYR B 216 46.03 -26.02 -11.78
C TYR B 216 47.51 -26.38 -11.67
N ARG B 217 48.35 -25.35 -11.62
CA ARG B 217 49.79 -25.54 -11.50
C ARG B 217 50.15 -26.04 -10.11
N ASN B 218 49.79 -25.27 -9.09
CA ASN B 218 50.09 -25.63 -7.71
C ASN B 218 49.68 -27.06 -7.37
N LEU B 219 48.50 -27.46 -7.82
CA LEU B 219 47.97 -28.77 -7.49
C LEU B 219 48.65 -29.90 -8.26
N GLN B 220 49.24 -29.57 -9.41
CA GLN B 220 50.00 -30.55 -10.15
C GLN B 220 51.37 -30.79 -9.52
N GLU B 221 51.98 -29.72 -9.05
CA GLU B 221 53.26 -29.83 -8.36
C GLU B 221 53.09 -30.67 -7.10
N ILE B 222 51.87 -30.71 -6.58
CA ILE B 222 51.55 -31.49 -5.40
C ILE B 222 51.23 -32.94 -5.77
N ASN B 223 50.50 -33.11 -6.87
CA ASN B 223 50.23 -34.45 -7.39
C ASN B 223 51.50 -35.09 -7.92
N THR B 224 52.37 -34.26 -8.51
CA THR B 224 53.66 -34.71 -9.00
C THR B 224 54.40 -35.46 -7.89
N PHE B 225 54.56 -34.80 -6.75
CA PHE B 225 55.20 -35.41 -5.60
C PHE B 225 54.42 -36.64 -5.12
N ILE B 226 53.10 -36.51 -5.07
CA ILE B 226 52.26 -37.62 -4.67
C ILE B 226 52.50 -38.83 -5.56
N GLY B 227 52.84 -38.56 -6.82
CA GLY B 227 53.08 -39.62 -7.79
C GLY B 227 54.39 -40.35 -7.56
N GLN B 228 55.50 -39.63 -7.70
CA GLN B 228 56.83 -40.21 -7.52
C GLN B 228 57.04 -40.79 -6.13
N SER B 229 56.16 -40.44 -5.19
CA SER B 229 56.29 -40.90 -3.81
C SER B 229 55.49 -42.17 -3.55
N VAL B 230 54.57 -42.49 -4.45
CA VAL B 230 53.88 -43.78 -4.41
C VAL B 230 54.81 -44.82 -5.02
N GLU B 231 55.70 -44.36 -5.89
CA GLU B 231 56.72 -45.22 -6.48
C GLU B 231 57.72 -45.63 -5.41
N LYS B 232 58.18 -44.67 -4.63
CA LYS B 232 59.08 -44.94 -3.52
C LYS B 232 58.38 -45.84 -2.49
N HIS B 233 57.09 -46.10 -2.72
CA HIS B 233 56.30 -46.94 -1.85
C HIS B 233 56.11 -48.33 -2.45
N ARG B 234 55.58 -48.36 -3.68
CA ARG B 234 55.30 -49.62 -4.37
C ARG B 234 56.59 -50.32 -4.79
N ALA B 235 57.73 -49.78 -4.37
CA ALA B 235 59.03 -50.37 -4.66
C ALA B 235 59.57 -51.10 -3.42
N THR B 236 58.83 -50.99 -2.32
CA THR B 236 59.23 -51.63 -1.06
C THR B 236 58.04 -52.25 -0.36
N LEU B 237 56.94 -52.39 -1.10
CA LEU B 237 55.69 -52.91 -0.54
C LEU B 237 55.88 -54.27 0.12
N ASP B 238 55.55 -54.34 1.41
CA ASP B 238 55.64 -55.60 2.16
C ASP B 238 54.26 -55.96 2.69
N PRO B 239 53.59 -56.93 2.04
CA PRO B 239 52.21 -57.33 2.33
C PRO B 239 51.98 -57.73 3.79
N SER B 240 52.95 -58.37 4.42
CA SER B 240 52.85 -58.80 5.82
C SER B 240 53.09 -57.64 6.77
N ASN B 241 53.45 -56.48 6.24
CA ASN B 241 53.73 -55.33 7.06
C ASN B 241 53.35 -54.02 6.36
N PRO B 242 52.04 -53.78 6.20
CA PRO B 242 51.54 -52.56 5.57
C PRO B 242 51.94 -51.32 6.36
N ARG B 243 52.93 -50.59 5.86
CA ARG B 243 53.50 -49.47 6.61
C ARG B 243 52.53 -48.29 6.82
N ASP B 244 51.73 -47.97 5.81
CA ASP B 244 50.81 -46.84 5.93
C ASP B 244 49.61 -46.90 4.99
N PHE B 245 48.92 -45.77 4.87
CA PHE B 245 47.73 -45.65 4.02
C PHE B 245 48.00 -46.12 2.60
N ILE B 246 48.99 -45.51 1.96
CA ILE B 246 49.36 -45.88 0.60
C ILE B 246 49.65 -47.38 0.49
N ASP B 247 50.34 -47.93 1.48
CA ASP B 247 50.61 -49.36 1.51
C ASP B 247 49.31 -50.15 1.46
N VAL B 248 48.46 -49.95 2.45
CA VAL B 248 47.19 -50.66 2.54
C VAL B 248 46.35 -50.48 1.29
N TYR B 249 46.60 -49.40 0.57
CA TYR B 249 45.83 -49.11 -0.64
C TYR B 249 46.32 -49.95 -1.82
N LEU B 250 47.63 -50.15 -1.90
CA LEU B 250 48.22 -50.94 -2.97
C LEU B 250 47.99 -52.44 -2.74
N LEU B 251 47.56 -52.78 -1.53
CA LEU B 251 47.31 -54.17 -1.17
C LEU B 251 45.83 -54.54 -1.33
N ARG B 252 44.99 -53.53 -1.40
CA ARG B 252 43.58 -53.73 -1.76
C ARG B 252 43.40 -53.27 -3.20
N MET B 253 44.51 -52.87 -3.81
CA MET B 253 44.57 -52.50 -5.21
C MET B 253 45.05 -53.71 -5.98
N GLU B 254 45.95 -54.46 -5.36
CA GLU B 254 46.44 -55.72 -5.90
C GLU B 254 45.35 -56.78 -5.79
N LYS B 255 44.50 -56.65 -4.78
CA LYS B 255 43.44 -57.61 -4.54
C LYS B 255 42.22 -57.37 -5.45
N ASP B 256 42.29 -56.33 -6.26
CA ASP B 256 41.20 -55.99 -7.17
C ASP B 256 41.67 -55.82 -8.59
N LYS B 257 42.78 -56.46 -8.93
CA LYS B 257 43.34 -56.39 -10.28
C LYS B 257 42.47 -57.13 -11.29
N SER B 258 41.43 -57.78 -10.79
CA SER B 258 40.53 -58.53 -11.64
C SER B 258 39.26 -57.73 -11.91
N ASP B 259 38.64 -57.22 -10.85
CA ASP B 259 37.42 -56.43 -10.95
C ASP B 259 37.71 -55.07 -11.59
N PRO B 260 37.36 -54.91 -12.88
CA PRO B 260 37.64 -53.68 -13.61
C PRO B 260 36.61 -52.59 -13.31
N SER B 261 35.66 -52.90 -12.45
CA SER B 261 34.67 -51.92 -12.00
C SER B 261 34.90 -51.59 -10.53
N SER B 262 36.02 -52.06 -9.99
CA SER B 262 36.43 -51.74 -8.64
C SER B 262 36.90 -50.29 -8.57
N GLU B 263 36.45 -49.58 -7.55
CA GLU B 263 36.74 -48.15 -7.43
C GLU B 263 38.15 -47.74 -7.01
N PHE B 264 39.01 -48.73 -6.79
CA PHE B 264 40.42 -48.46 -6.47
C PHE B 264 41.41 -48.35 -7.62
N HIS B 265 41.49 -47.16 -8.22
CA HIS B 265 42.39 -46.90 -9.34
C HIS B 265 43.74 -46.40 -8.87
N HIS B 266 44.56 -45.98 -9.82
CA HIS B 266 45.68 -45.10 -9.55
C HIS B 266 45.12 -43.68 -9.63
N GLN B 267 44.04 -43.56 -10.40
CA GLN B 267 43.28 -42.32 -10.46
C GLN B 267 42.82 -41.93 -9.05
N ASN B 268 42.32 -42.91 -8.32
CA ASN B 268 41.84 -42.69 -6.96
C ASN B 268 42.98 -42.54 -5.97
N LEU B 269 44.01 -43.36 -6.11
CA LEU B 269 45.17 -43.29 -5.23
C LEU B 269 45.73 -41.87 -5.18
N ILE B 270 46.16 -41.36 -6.33
CA ILE B 270 46.74 -40.03 -6.42
C ILE B 270 45.82 -38.94 -5.88
N LEU B 271 44.54 -39.01 -6.26
CA LEU B 271 43.60 -37.94 -5.94
C LEU B 271 43.07 -37.96 -4.50
N THR B 272 42.79 -39.14 -3.98
CA THR B 272 42.33 -39.27 -2.60
C THR B 272 43.42 -38.80 -1.66
N VAL B 273 44.65 -39.21 -1.94
CA VAL B 273 45.79 -38.84 -1.12
C VAL B 273 46.06 -37.34 -1.19
N LEU B 274 45.71 -36.72 -2.30
CA LEU B 274 45.82 -35.27 -2.45
C LEU B 274 44.86 -34.60 -1.47
N SER B 275 43.69 -35.20 -1.30
CA SER B 275 42.66 -34.65 -0.43
C SER B 275 43.09 -34.66 1.03
N LEU B 276 43.26 -35.85 1.59
CA LEU B 276 43.68 -36.00 2.97
C LEU B 276 44.97 -35.23 3.27
N PHE B 277 45.77 -35.03 2.23
CA PHE B 277 47.03 -34.29 2.38
C PHE B 277 46.75 -32.80 2.49
N PHE B 278 45.96 -32.27 1.55
CA PHE B 278 45.62 -30.85 1.54
C PHE B 278 44.73 -30.50 2.71
N ALA B 279 43.54 -31.10 2.75
CA ALA B 279 42.59 -30.84 3.81
C ALA B 279 43.24 -31.02 5.18
N GLY B 280 44.09 -32.04 5.30
CA GLY B 280 44.74 -32.34 6.56
C GLY B 280 45.74 -31.30 7.00
N THR B 281 46.37 -30.63 6.02
CA THR B 281 47.42 -29.66 6.31
C THR B 281 46.89 -28.23 6.43
N GLU B 282 45.94 -27.88 5.58
CA GLU B 282 45.49 -26.50 5.48
C GLU B 282 44.64 -25.85 6.55
N THR B 283 43.52 -26.49 6.90
CA THR B 283 42.51 -25.87 7.74
C THR B 283 42.92 -26.00 9.21
N THR B 284 43.21 -27.21 9.65
CA THR B 284 43.58 -27.44 11.06
C THR B 284 44.65 -26.46 11.50
N SER B 285 45.60 -26.21 10.61
CA SER B 285 46.71 -25.30 10.91
C SER B 285 46.26 -23.85 10.95
N THR B 286 45.59 -23.39 9.90
CA THR B 286 45.13 -22.01 9.84
C THR B 286 44.07 -21.72 10.91
N THR B 287 43.41 -22.77 11.38
CA THR B 287 42.53 -22.64 12.53
C THR B 287 43.41 -22.28 13.72
N LEU B 288 44.47 -23.06 13.90
CA LEU B 288 45.45 -22.85 14.94
C LEU B 288 46.07 -21.46 14.79
N ARG B 289 46.22 -21.02 13.54
CA ARG B 289 46.81 -19.71 13.25
C ARG B 289 45.86 -18.58 13.64
N TYR B 290 44.62 -18.68 13.19
CA TYR B 290 43.61 -17.69 13.54
C TYR B 290 43.45 -17.64 15.05
N GLY B 291 43.47 -18.81 15.68
CA GLY B 291 43.33 -18.92 17.12
C GLY B 291 44.31 -18.07 17.90
N PHE B 292 45.58 -18.13 17.50
CA PHE B 292 46.63 -17.39 18.20
C PHE B 292 46.57 -15.89 17.94
N LEU B 293 46.01 -15.51 16.79
CA LEU B 293 45.76 -14.10 16.53
C LEU B 293 44.73 -13.61 17.51
N LEU B 294 43.69 -14.42 17.70
CA LEU B 294 42.63 -14.12 18.66
C LEU B 294 43.17 -14.00 20.07
N MET B 295 44.20 -14.79 20.38
CA MET B 295 44.80 -14.77 21.71
C MET B 295 45.59 -13.50 21.95
N LEU B 296 45.80 -12.72 20.90
CA LEU B 296 46.55 -11.47 21.00
C LEU B 296 45.62 -10.27 21.25
N LYS B 297 44.59 -10.16 20.43
CA LYS B 297 43.62 -9.07 20.57
C LYS B 297 42.84 -9.20 21.87
N TYR B 298 42.73 -10.43 22.37
CA TYR B 298 42.01 -10.71 23.61
C TYR B 298 42.93 -11.48 24.54
N PRO B 299 43.82 -10.78 25.25
CA PRO B 299 44.89 -11.43 26.02
C PRO B 299 44.42 -11.97 27.37
N HIS B 300 43.33 -11.43 27.89
CA HIS B 300 42.82 -11.90 29.17
C HIS B 300 42.28 -13.32 29.05
N VAL B 301 41.80 -13.66 27.86
CA VAL B 301 41.34 -15.01 27.58
C VAL B 301 42.53 -15.97 27.57
N THR B 302 43.65 -15.49 27.07
CA THR B 302 44.88 -16.27 27.05
C THR B 302 45.30 -16.62 28.47
N GLU B 303 45.04 -15.71 29.40
CA GLU B 303 45.42 -15.89 30.79
C GLU B 303 44.60 -16.98 31.48
N ARG B 304 43.28 -16.83 31.46
CA ARG B 304 42.39 -17.80 32.09
C ARG B 304 42.58 -19.19 31.49
N VAL B 305 42.97 -19.22 30.21
CA VAL B 305 43.27 -20.47 29.53
C VAL B 305 44.54 -21.10 30.12
N GLN B 306 45.49 -20.24 30.49
CA GLN B 306 46.73 -20.70 31.10
C GLN B 306 46.50 -21.06 32.57
N LYS B 307 45.64 -20.30 33.23
CA LYS B 307 45.31 -20.55 34.63
C LYS B 307 44.67 -21.93 34.78
N GLU B 308 43.90 -22.33 33.78
CA GLU B 308 43.25 -23.64 33.79
C GLU B 308 44.26 -24.75 33.48
N ILE B 309 45.00 -24.56 32.38
CA ILE B 309 46.10 -25.46 32.04
C ILE B 309 46.90 -25.80 33.29
N GLU B 310 47.16 -24.77 34.09
CA GLU B 310 47.93 -24.91 35.32
C GLU B 310 47.24 -25.84 36.31
N GLN B 311 46.03 -25.48 36.71
CA GLN B 311 45.30 -26.22 37.73
C GLN B 311 45.07 -27.69 37.40
N VAL B 312 44.84 -27.98 36.12
CA VAL B 312 44.47 -29.33 35.70
C VAL B 312 45.65 -30.18 35.27
N ILE B 313 46.64 -29.56 34.64
CA ILE B 313 47.76 -30.30 34.08
C ILE B 313 49.08 -29.97 34.77
N GLY B 314 49.33 -28.70 35.02
CA GLY B 314 50.56 -28.26 35.67
C GLY B 314 51.64 -27.88 34.67
N SER B 315 52.89 -27.93 35.11
CA SER B 315 54.01 -27.58 34.25
C SER B 315 55.08 -28.66 34.25
N HIS B 316 54.66 -29.89 34.54
CA HIS B 316 55.57 -31.03 34.54
C HIS B 316 55.18 -32.03 33.46
N ARG B 317 53.89 -32.37 33.42
CA ARG B 317 53.38 -33.35 32.46
C ARG B 317 53.02 -32.68 31.13
N PRO B 318 53.03 -33.46 30.03
CA PRO B 318 52.49 -32.99 28.76
C PRO B 318 50.97 -33.13 28.72
N PRO B 319 50.28 -32.09 28.23
CA PRO B 319 48.82 -32.16 28.14
C PRO B 319 48.38 -33.40 27.38
N ALA B 320 47.40 -34.12 27.92
CA ALA B 320 46.84 -35.29 27.26
C ALA B 320 45.39 -35.03 26.85
N LEU B 321 44.81 -35.94 26.09
CA LEU B 321 43.49 -35.70 25.50
C LEU B 321 42.35 -35.60 26.51
N ASP B 322 42.32 -36.50 27.49
CA ASP B 322 41.25 -36.49 28.48
C ASP B 322 41.40 -35.35 29.50
N ASP B 323 42.45 -34.54 29.34
CA ASP B 323 42.60 -33.33 30.12
C ASP B 323 41.67 -32.25 29.58
N ARG B 324 41.04 -32.56 28.44
CA ARG B 324 40.14 -31.62 27.80
C ARG B 324 38.80 -31.53 28.52
N ALA B 325 38.17 -32.69 28.72
CA ALA B 325 36.90 -32.73 29.42
C ALA B 325 37.03 -32.19 30.84
N LYS B 326 38.27 -32.05 31.30
CA LYS B 326 38.55 -31.50 32.62
C LYS B 326 38.79 -29.99 32.52
N MET B 327 39.04 -29.53 31.29
CA MET B 327 39.29 -28.11 31.03
C MET B 327 38.16 -27.51 30.19
N PRO B 328 37.06 -27.13 30.86
CA PRO B 328 35.87 -26.61 30.17
C PRO B 328 36.15 -25.31 29.43
N TYR B 329 36.98 -24.45 30.01
CA TYR B 329 37.20 -23.13 29.45
C TYR B 329 38.01 -23.17 28.15
N THR B 330 38.99 -24.05 28.08
CA THR B 330 39.80 -24.18 26.87
C THR B 330 38.99 -24.80 25.74
N ASP B 331 38.26 -25.89 26.04
CA ASP B 331 37.38 -26.51 25.06
C ASP B 331 36.37 -25.46 24.60
N ALA B 332 36.01 -24.55 25.51
CA ALA B 332 35.11 -23.46 25.17
C ALA B 332 35.79 -22.50 24.21
N VAL B 333 36.97 -22.01 24.60
CA VAL B 333 37.73 -21.08 23.78
C VAL B 333 37.93 -21.63 22.36
N ILE B 334 38.35 -22.88 22.29
CA ILE B 334 38.62 -23.52 21.00
C ILE B 334 37.39 -23.48 20.09
N HIS B 335 36.25 -23.92 20.61
CA HIS B 335 35.00 -23.84 19.87
C HIS B 335 34.77 -22.43 19.37
N GLU B 336 34.96 -21.44 20.25
CA GLU B 336 34.74 -20.05 19.90
C GLU B 336 35.79 -19.55 18.92
N ILE B 337 36.94 -20.22 18.89
CA ILE B 337 37.94 -19.95 17.88
C ILE B 337 37.46 -20.56 16.57
N GLN B 338 37.09 -21.83 16.63
CA GLN B 338 36.63 -22.57 15.46
C GLN B 338 35.39 -21.93 14.87
N ARG B 339 34.57 -21.34 15.73
CA ARG B 339 33.33 -20.72 15.30
C ARG B 339 33.59 -19.41 14.59
N LEU B 340 34.32 -18.51 15.25
CA LEU B 340 34.62 -17.20 14.67
C LEU B 340 35.57 -17.36 13.50
N GLY B 341 36.40 -18.40 13.56
CA GLY B 341 37.28 -18.74 12.46
C GLY B 341 36.49 -18.92 11.19
N ASP B 342 35.64 -19.95 11.18
CA ASP B 342 34.75 -20.18 10.05
C ASP B 342 35.55 -20.35 8.76
N LEU B 343 36.36 -21.40 8.71
CA LEU B 343 37.31 -21.58 7.61
C LEU B 343 36.64 -21.88 6.27
N ILE B 344 35.52 -22.60 6.29
CA ILE B 344 34.76 -22.83 5.07
C ILE B 344 33.38 -22.20 5.17
N PRO B 345 33.28 -20.89 4.87
CA PRO B 345 32.10 -20.04 5.03
C PRO B 345 30.82 -20.68 4.53
N PHE B 346 30.89 -21.45 3.44
CA PHE B 346 29.72 -22.19 2.95
C PHE B 346 30.02 -23.64 2.57
N GLY B 347 30.66 -24.35 3.50
CA GLY B 347 30.97 -25.76 3.35
C GLY B 347 31.46 -26.09 1.96
N VAL B 348 31.24 -27.34 1.55
CA VAL B 348 31.60 -27.79 0.21
C VAL B 348 30.28 -28.14 -0.49
N PRO B 349 30.13 -27.69 -1.74
CA PRO B 349 28.90 -27.79 -2.53
C PRO B 349 28.30 -29.19 -2.53
N HIS B 350 27.04 -29.27 -2.11
CA HIS B 350 26.31 -30.54 -2.09
C HIS B 350 25.37 -30.73 -3.27
N THR B 351 24.81 -31.93 -3.37
CA THR B 351 23.77 -32.23 -4.34
C THR B 351 22.86 -33.29 -3.76
N VAL B 352 21.63 -33.36 -4.26
CA VAL B 352 20.71 -34.41 -3.85
C VAL B 352 20.91 -35.64 -4.72
N THR B 353 20.38 -36.78 -4.29
CA THR B 353 20.55 -38.03 -5.04
C THR B 353 19.26 -38.41 -5.76
N LYS B 354 18.14 -37.89 -5.27
CA LYS B 354 16.84 -38.13 -5.90
C LYS B 354 16.10 -36.80 -6.04
N ASP B 355 14.84 -36.88 -6.49
CA ASP B 355 14.00 -35.70 -6.52
C ASP B 355 13.40 -35.50 -5.14
N THR B 356 13.92 -34.53 -4.40
CA THR B 356 13.61 -34.37 -2.98
C THR B 356 12.67 -33.21 -2.66
N GLN B 357 11.65 -33.49 -1.86
CA GLN B 357 10.76 -32.45 -1.36
C GLN B 357 11.33 -31.85 -0.09
N PHE B 358 11.33 -30.52 -0.01
CA PHE B 358 11.96 -29.82 1.10
C PHE B 358 11.20 -28.55 1.48
N ARG B 359 10.47 -28.61 2.59
CA ARG B 359 9.75 -27.46 3.11
C ARG B 359 8.70 -26.93 2.14
N GLY B 360 8.11 -27.81 1.36
CA GLY B 360 7.07 -27.41 0.41
C GLY B 360 7.63 -27.07 -0.95
N TYR B 361 8.83 -27.56 -1.23
CA TYR B 361 9.45 -27.37 -2.54
C TYR B 361 9.97 -28.71 -3.06
N VAL B 362 10.17 -28.78 -4.38
CA VAL B 362 10.76 -29.97 -4.97
C VAL B 362 12.11 -29.65 -5.61
N ILE B 363 13.13 -30.37 -5.18
CA ILE B 363 14.48 -30.21 -5.72
C ILE B 363 14.81 -31.33 -6.71
N PRO B 364 15.10 -30.96 -7.96
CA PRO B 364 15.46 -31.93 -8.99
C PRO B 364 16.65 -32.78 -8.54
N LYS B 365 16.71 -34.03 -8.98
CA LYS B 365 17.86 -34.87 -8.70
C LYS B 365 19.11 -34.14 -9.19
N ASN B 366 20.23 -34.35 -8.48
CA ASN B 366 21.52 -33.81 -8.88
C ASN B 366 21.70 -32.28 -8.80
N THR B 367 20.78 -31.60 -8.11
CA THR B 367 20.82 -30.14 -8.03
C THR B 367 21.83 -29.77 -6.94
N GLU B 368 22.49 -28.63 -7.12
CA GLU B 368 23.51 -28.18 -6.18
C GLU B 368 22.90 -27.49 -4.95
N VAL B 369 23.33 -27.96 -3.77
CA VAL B 369 22.87 -27.39 -2.52
C VAL B 369 24.04 -26.80 -1.73
N PHE B 370 23.94 -25.53 -1.38
CA PHE B 370 24.99 -24.84 -0.65
C PHE B 370 24.58 -24.56 0.79
N PRO B 371 25.03 -25.40 1.74
CA PRO B 371 24.80 -25.12 3.16
C PRO B 371 25.75 -24.04 3.65
N VAL B 372 25.26 -22.81 3.77
CA VAL B 372 26.09 -21.70 4.22
C VAL B 372 26.40 -21.84 5.71
N LEU B 373 27.38 -22.69 6.02
CA LEU B 373 27.75 -22.96 7.40
C LEU B 373 27.99 -21.68 8.21
N SER B 374 28.60 -20.69 7.57
CA SER B 374 28.91 -19.44 8.23
C SER B 374 27.69 -18.82 8.90
N SER B 375 26.56 -18.89 8.22
CA SER B 375 25.32 -18.32 8.73
C SER B 375 24.82 -19.06 9.96
N ALA B 376 25.34 -20.27 10.16
CA ALA B 376 24.98 -21.08 11.32
C ALA B 376 25.93 -20.80 12.47
N LEU B 377 27.22 -20.71 12.17
CA LEU B 377 28.21 -20.40 13.19
C LEU B 377 28.01 -19.00 13.72
N HIS B 378 27.24 -18.19 12.99
CA HIS B 378 26.92 -16.83 13.40
C HIS B 378 25.43 -16.66 13.66
N ASP B 379 24.67 -17.74 13.50
CA ASP B 379 23.22 -17.68 13.65
C ASP B 379 22.79 -17.04 14.97
N PRO B 380 22.22 -15.84 14.89
CA PRO B 380 21.83 -15.04 16.06
C PRO B 380 20.83 -15.78 16.95
N ARG B 381 20.12 -16.74 16.37
CA ARG B 381 19.15 -17.51 17.15
C ARG B 381 19.85 -18.46 18.11
N TYR B 382 21.04 -18.92 17.73
CA TYR B 382 21.77 -19.91 18.53
C TYR B 382 23.00 -19.33 19.26
N PHE B 383 23.34 -18.08 18.99
CA PHE B 383 24.50 -17.47 19.63
C PHE B 383 24.28 -16.03 20.09
N GLU B 384 24.49 -15.79 21.37
CA GLU B 384 24.57 -14.44 21.90
C GLU B 384 25.82 -13.80 21.32
N THR B 385 25.76 -12.51 21.03
CA THR B 385 26.91 -11.77 20.49
C THR B 385 27.68 -12.45 19.35
N PRO B 386 26.95 -12.91 18.32
CA PRO B 386 27.50 -13.66 17.19
C PRO B 386 28.78 -13.14 16.54
N ASN B 387 29.01 -11.84 16.58
CA ASN B 387 30.12 -11.24 15.83
C ASN B 387 31.36 -10.90 16.65
N THR B 388 31.32 -11.20 17.94
CA THR B 388 32.44 -10.90 18.81
C THR B 388 32.98 -12.16 19.47
N PHE B 389 34.29 -12.33 19.48
CA PHE B 389 34.91 -13.48 20.13
C PHE B 389 34.39 -13.60 21.56
N ASN B 390 33.77 -14.73 21.86
CA ASN B 390 33.13 -14.92 23.16
C ASN B 390 33.04 -16.39 23.56
N PRO B 391 34.00 -16.84 24.38
CA PRO B 391 34.04 -18.23 24.86
C PRO B 391 32.74 -18.61 25.56
N GLY B 392 32.06 -17.63 26.14
CA GLY B 392 30.84 -17.85 26.88
C GLY B 392 29.75 -18.53 26.07
N HIS B 393 29.96 -18.65 24.77
CA HIS B 393 29.00 -19.32 23.90
C HIS B 393 28.90 -20.80 24.25
N PHE B 394 29.77 -21.26 25.12
CA PHE B 394 29.85 -22.68 25.45
C PHE B 394 30.05 -22.93 26.94
N LEU B 395 29.44 -22.07 27.76
CA LEU B 395 29.56 -22.18 29.21
C LEU B 395 28.24 -21.84 29.91
N ASP B 396 27.70 -22.80 30.64
CA ASP B 396 26.56 -22.50 31.51
C ASP B 396 27.05 -21.72 32.72
N ALA B 397 26.11 -21.14 33.48
CA ALA B 397 26.47 -20.32 34.63
C ALA B 397 27.43 -21.03 35.58
N ASN B 398 27.38 -22.36 35.58
CA ASN B 398 28.29 -23.17 36.38
C ASN B 398 29.72 -23.08 35.85
N GLY B 399 29.87 -23.11 34.53
CA GLY B 399 31.18 -22.98 33.90
C GLY B 399 31.57 -24.18 33.07
N ALA B 400 30.68 -25.16 32.98
CA ALA B 400 30.95 -26.38 32.21
C ALA B 400 30.62 -26.19 30.74
N LEU B 401 31.19 -27.04 29.88
CA LEU B 401 31.01 -26.91 28.45
C LEU B 401 29.56 -27.17 28.02
N LYS B 402 28.99 -26.20 27.32
CA LYS B 402 27.62 -26.32 26.83
C LYS B 402 27.61 -26.54 25.32
N ARG B 403 27.46 -27.79 24.90
CA ARG B 403 27.37 -28.10 23.48
C ARG B 403 26.30 -27.22 22.87
N ASN B 404 26.59 -26.67 21.70
CA ASN B 404 25.64 -25.78 21.02
C ASN B 404 25.18 -26.34 19.68
N GLU B 405 23.87 -26.31 19.45
CA GLU B 405 23.28 -26.90 18.26
C GLU B 405 23.74 -26.25 16.94
N GLY B 406 24.11 -24.98 17.02
CA GLY B 406 24.51 -24.24 15.83
C GLY B 406 25.96 -24.46 15.44
N PHE B 407 26.74 -25.03 16.36
CA PHE B 407 28.16 -25.25 16.12
C PHE B 407 28.49 -26.42 15.20
N MET B 408 28.65 -26.12 13.91
CA MET B 408 28.93 -27.15 12.91
C MET B 408 30.02 -26.73 11.94
N PRO B 409 31.26 -26.61 12.43
CA PRO B 409 32.37 -26.21 11.55
C PRO B 409 32.75 -27.38 10.66
N PHE B 410 32.51 -28.60 11.14
CA PHE B 410 32.85 -29.80 10.38
C PHE B 410 31.66 -30.30 9.55
N SER B 411 30.72 -29.41 9.27
CA SER B 411 29.52 -29.78 8.51
C SER B 411 28.72 -30.84 9.26
N LEU B 412 27.78 -31.48 8.57
CA LEU B 412 26.91 -32.48 9.19
C LEU B 412 26.47 -33.56 8.21
N GLY B 413 25.95 -34.66 8.75
CA GLY B 413 25.34 -35.70 7.95
C GLY B 413 26.28 -36.77 7.44
N LYS B 414 25.82 -37.50 6.41
CA LYS B 414 26.59 -38.59 5.83
C LYS B 414 27.79 -38.08 5.05
N ARG B 415 27.96 -36.76 5.03
CA ARG B 415 29.08 -36.14 4.34
C ARG B 415 29.92 -35.30 5.28
N ILE B 416 29.83 -35.59 6.57
CA ILE B 416 30.61 -34.88 7.58
C ILE B 416 32.11 -35.06 7.32
N CYS B 417 32.93 -34.36 8.09
CA CYS B 417 34.37 -34.39 7.91
C CYS B 417 34.99 -35.64 8.53
N LEU B 418 36.03 -36.16 7.89
CA LEU B 418 36.81 -37.26 8.44
C LEU B 418 37.73 -36.72 9.53
N GLY B 419 38.30 -35.54 9.28
CA GLY B 419 39.21 -34.90 10.21
C GLY B 419 38.53 -34.45 11.49
N GLU B 420 37.20 -34.62 11.55
CA GLU B 420 36.46 -34.33 12.77
C GLU B 420 37.17 -34.95 13.97
N GLY B 421 37.75 -36.13 13.76
CA GLY B 421 38.44 -36.85 14.81
C GLY B 421 39.85 -36.34 15.07
N ILE B 422 40.63 -36.20 14.01
CA ILE B 422 42.03 -35.79 14.16
C ILE B 422 42.16 -34.30 14.49
N ALA B 423 41.46 -33.46 13.73
CA ALA B 423 41.52 -32.02 13.93
C ALA B 423 41.18 -31.61 15.37
N ARG B 424 40.01 -32.03 15.84
CA ARG B 424 39.59 -31.72 17.21
C ARG B 424 40.72 -31.96 18.21
N THR B 425 41.42 -33.07 18.03
CA THR B 425 42.52 -33.43 18.91
C THR B 425 43.74 -32.54 18.69
N GLU B 426 44.19 -32.48 17.44
CA GLU B 426 45.33 -31.62 17.09
C GLU B 426 45.17 -30.25 17.73
N LEU B 427 44.01 -29.63 17.52
CA LEU B 427 43.73 -28.32 18.06
C LEU B 427 43.98 -28.26 19.56
N PHE B 428 43.28 -29.10 20.32
CA PHE B 428 43.39 -29.05 21.76
C PHE B 428 44.76 -29.44 22.30
N LEU B 429 45.43 -30.37 21.63
CA LEU B 429 46.73 -30.85 22.09
C LEU B 429 47.87 -29.91 21.73
N PHE B 430 47.75 -29.24 20.58
CA PHE B 430 48.74 -28.27 20.16
C PHE B 430 48.54 -26.94 20.89
N PHE B 431 47.28 -26.54 21.02
CA PHE B 431 46.94 -25.24 21.60
C PHE B 431 47.34 -25.14 23.07
N THR B 432 47.12 -26.22 23.82
CA THR B 432 47.43 -26.24 25.25
C THR B 432 48.91 -26.45 25.49
N THR B 433 49.55 -27.24 24.64
CA THR B 433 50.98 -27.48 24.74
C THR B 433 51.76 -26.18 24.58
N ILE B 434 51.51 -25.46 23.49
CA ILE B 434 52.17 -24.20 23.23
C ILE B 434 51.89 -23.20 24.36
N LEU B 435 50.61 -23.05 24.71
CA LEU B 435 50.20 -22.12 25.74
C LEU B 435 50.61 -22.56 27.14
N GLN B 436 51.37 -23.65 27.22
CA GLN B 436 51.89 -24.13 28.49
C GLN B 436 53.33 -23.69 28.66
N ASN B 437 54.14 -23.93 27.62
CA ASN B 437 55.56 -23.61 27.65
C ASN B 437 55.86 -22.24 27.06
N PHE B 438 54.82 -21.48 26.75
CA PHE B 438 55.02 -20.21 26.07
C PHE B 438 53.98 -19.14 26.41
N SER B 439 54.41 -17.89 26.40
CA SER B 439 53.51 -16.75 26.43
C SER B 439 53.65 -16.01 25.11
N ILE B 440 52.59 -15.32 24.70
CA ILE B 440 52.62 -14.62 23.42
C ILE B 440 52.72 -13.11 23.60
N ALA B 441 53.36 -12.45 22.64
CA ALA B 441 53.51 -11.01 22.66
C ALA B 441 53.52 -10.46 21.24
N SER B 442 52.93 -9.29 21.05
CA SER B 442 52.84 -8.67 19.74
C SER B 442 53.11 -7.18 19.80
N PRO B 443 53.69 -6.62 18.73
CA PRO B 443 53.94 -5.18 18.65
C PRO B 443 52.65 -4.38 18.52
N VAL B 444 51.62 -5.01 17.96
CA VAL B 444 50.35 -4.34 17.73
C VAL B 444 49.40 -4.49 18.92
N PRO B 445 48.96 -3.36 19.48
CA PRO B 445 48.00 -3.38 20.59
C PRO B 445 46.76 -4.20 20.21
N PRO B 446 46.04 -4.73 21.21
CA PRO B 446 44.87 -5.58 20.97
C PRO B 446 43.86 -4.92 20.04
N GLU B 447 43.42 -3.72 20.42
CA GLU B 447 42.36 -3.01 19.69
C GLU B 447 42.72 -2.77 18.22
N ASP B 448 43.98 -2.95 17.88
CA ASP B 448 44.44 -2.70 16.50
C ASP B 448 44.51 -3.99 15.67
N ILE B 449 44.29 -5.12 16.33
CA ILE B 449 44.31 -6.42 15.66
C ILE B 449 43.07 -6.60 14.78
N ASP B 450 43.27 -6.66 13.47
CA ASP B 450 42.17 -6.82 12.54
C ASP B 450 41.92 -8.30 12.23
N LEU B 451 40.82 -8.83 12.77
CA LEU B 451 40.46 -10.22 12.56
C LEU B 451 39.80 -10.42 11.20
N THR B 452 39.41 -9.30 10.59
CA THR B 452 38.81 -9.34 9.26
C THR B 452 39.69 -10.12 8.29
N PRO B 453 39.23 -11.31 7.87
CA PRO B 453 39.97 -12.20 6.98
C PRO B 453 40.51 -11.45 5.77
N ARG B 454 41.65 -11.91 5.25
CA ARG B 454 42.26 -11.30 4.07
C ARG B 454 41.46 -11.67 2.83
N GLU B 455 41.18 -12.97 2.67
CA GLU B 455 40.47 -13.45 1.49
C GLU B 455 39.26 -14.30 1.87
N SER B 456 38.06 -13.79 1.58
CA SER B 456 36.83 -14.51 1.90
C SER B 456 36.28 -15.19 0.65
N GLY B 457 35.82 -16.42 0.81
CA GLY B 457 35.27 -17.19 -0.30
C GLY B 457 34.97 -18.61 0.13
N VAL B 458 35.30 -19.58 -0.72
CA VAL B 458 35.12 -20.98 -0.36
C VAL B 458 35.87 -21.27 0.93
N GLY B 459 36.87 -20.44 1.20
CA GLY B 459 37.63 -20.53 2.44
C GLY B 459 37.80 -19.15 3.06
N ASN B 460 38.30 -19.12 4.29
CA ASN B 460 38.50 -17.86 5.00
C ASN B 460 39.91 -17.73 5.57
N VAL B 461 40.86 -17.35 4.73
CA VAL B 461 42.25 -17.22 5.14
C VAL B 461 42.52 -15.93 5.91
N PRO B 462 42.80 -16.06 7.22
CA PRO B 462 43.12 -14.94 8.10
C PRO B 462 44.41 -14.24 7.67
N PRO B 463 44.62 -13.00 8.13
CA PRO B 463 45.78 -12.19 7.75
C PRO B 463 47.07 -12.70 8.36
N SER B 464 48.20 -12.16 7.90
CA SER B 464 49.51 -12.47 8.48
C SER B 464 49.76 -11.55 9.66
N TYR B 465 50.40 -12.07 10.71
CA TYR B 465 50.64 -11.29 11.91
C TYR B 465 51.99 -11.56 12.57
N GLN B 466 52.52 -10.55 13.24
CA GLN B 466 53.76 -10.67 13.99
C GLN B 466 53.49 -11.31 15.33
N ILE B 467 54.29 -12.32 15.69
CA ILE B 467 54.14 -13.00 16.97
C ILE B 467 55.47 -13.52 17.49
N ARG B 468 55.64 -13.48 18.80
CA ARG B 468 56.81 -14.08 19.43
C ARG B 468 56.39 -15.03 20.56
N PHE B 469 57.04 -16.17 20.64
CA PHE B 469 56.73 -17.18 21.65
C PHE B 469 57.75 -17.20 22.78
N LEU B 470 57.51 -16.39 23.80
CA LEU B 470 58.39 -16.33 24.96
C LEU B 470 58.30 -17.64 25.74
N ALA B 471 59.39 -18.03 26.40
CA ALA B 471 59.39 -19.23 27.22
C ALA B 471 58.94 -18.91 28.64
N ARG B 472 58.28 -19.87 29.28
CA ARG B 472 57.77 -19.67 30.64
C ARG B 472 58.50 -20.51 31.67
N HIS B 473 58.32 -20.17 32.94
CA HIS B 473 59.00 -20.86 34.03
C HIS B 473 58.09 -21.01 35.26
N GLY C 9 2.89 -52.91 -56.80
CA GLY C 9 2.40 -54.08 -56.09
C GLY C 9 0.89 -54.19 -56.11
N LYS C 10 0.22 -53.04 -56.06
CA LYS C 10 -1.24 -52.94 -56.08
C LYS C 10 -1.86 -52.98 -54.68
N LEU C 11 -3.15 -52.66 -54.62
CA LEU C 11 -3.88 -52.61 -53.35
C LEU C 11 -4.44 -53.98 -53.03
N PRO C 12 -4.95 -54.14 -51.80
CA PRO C 12 -5.60 -55.40 -51.39
C PRO C 12 -6.85 -55.56 -52.26
N PRO C 13 -7.30 -56.81 -52.44
CA PRO C 13 -8.41 -57.12 -53.36
C PRO C 13 -9.72 -56.48 -52.89
N GLY C 14 -10.54 -56.02 -53.83
CA GLY C 14 -11.80 -55.39 -53.47
C GLY C 14 -12.71 -55.20 -54.66
N PRO C 15 -14.02 -55.02 -54.38
CA PRO C 15 -15.01 -54.80 -55.43
C PRO C 15 -14.61 -53.65 -56.34
N SER C 16 -15.03 -53.70 -57.61
CA SER C 16 -14.73 -52.63 -58.55
C SER C 16 -15.59 -51.40 -58.24
N PRO C 17 -14.94 -50.28 -57.88
CA PRO C 17 -15.61 -49.05 -57.46
C PRO C 17 -15.99 -48.13 -58.61
N LEU C 18 -17.21 -47.62 -58.58
CA LEU C 18 -17.63 -46.60 -59.55
C LEU C 18 -17.06 -45.26 -59.11
N PRO C 19 -16.90 -44.33 -60.05
CA PRO C 19 -16.37 -43.00 -59.75
C PRO C 19 -17.24 -42.25 -58.73
N VAL C 20 -16.60 -41.64 -57.74
CA VAL C 20 -17.28 -40.83 -56.73
C VAL C 20 -18.24 -41.61 -55.83
N LEU C 21 -18.98 -42.55 -56.40
CA LEU C 21 -19.88 -43.39 -55.62
C LEU C 21 -19.10 -44.46 -54.86
N GLY C 22 -17.93 -44.79 -55.38
CA GLY C 22 -17.09 -45.82 -54.77
C GLY C 22 -17.75 -47.18 -54.84
N ASN C 23 -17.93 -47.80 -53.68
CA ASN C 23 -18.57 -49.12 -53.62
C ASN C 23 -19.94 -49.08 -52.96
N LEU C 24 -20.71 -48.04 -53.29
CA LEU C 24 -22.05 -47.87 -52.72
C LEU C 24 -22.96 -49.04 -53.10
N LEU C 25 -22.78 -49.57 -54.31
CA LEU C 25 -23.59 -50.67 -54.79
C LEU C 25 -23.37 -51.94 -53.99
N GLN C 26 -22.16 -52.11 -53.48
CA GLN C 26 -21.79 -53.34 -52.79
C GLN C 26 -21.82 -53.19 -51.27
N MET C 27 -22.67 -52.29 -50.79
CA MET C 27 -22.84 -52.09 -49.36
C MET C 27 -24.10 -52.78 -48.87
N ASP C 28 -24.15 -53.10 -47.58
CA ASP C 28 -25.34 -53.66 -46.99
C ASP C 28 -26.20 -52.54 -46.40
N ARG C 29 -27.50 -52.79 -46.28
CA ARG C 29 -28.44 -51.77 -45.81
C ARG C 29 -28.24 -51.43 -44.34
N LYS C 30 -27.90 -52.43 -43.54
CA LYS C 30 -27.81 -52.26 -42.09
C LYS C 30 -26.72 -51.29 -41.64
N GLY C 31 -25.77 -51.01 -42.53
CA GLY C 31 -24.72 -50.05 -42.23
C GLY C 31 -23.33 -50.43 -42.68
N LEU C 32 -22.32 -49.81 -42.07
CA LEU C 32 -20.93 -50.00 -42.46
C LEU C 32 -20.33 -51.28 -41.89
N LEU C 33 -20.49 -51.50 -40.59
CA LEU C 33 -19.95 -52.68 -39.94
C LEU C 33 -20.36 -53.94 -40.70
N ARG C 34 -21.67 -54.12 -40.86
CA ARG C 34 -22.20 -55.27 -41.58
C ARG C 34 -21.67 -55.29 -43.02
N SER C 35 -21.44 -54.12 -43.58
CA SER C 35 -20.98 -53.99 -44.95
C SER C 35 -19.53 -54.47 -45.11
N PHE C 36 -18.74 -54.30 -44.06
CA PHE C 36 -17.37 -54.77 -44.06
C PHE C 36 -17.32 -56.29 -43.87
N LEU C 37 -18.28 -56.81 -43.13
CA LEU C 37 -18.32 -58.25 -42.84
C LEU C 37 -18.81 -59.07 -44.04
N ARG C 38 -19.71 -58.50 -44.82
CA ARG C 38 -20.25 -59.19 -46.00
C ARG C 38 -19.22 -59.23 -47.12
N LEU C 39 -18.49 -58.13 -47.28
CA LEU C 39 -17.46 -58.05 -48.32
C LEU C 39 -16.25 -58.92 -47.97
N ARG C 40 -16.14 -59.29 -46.70
CA ARG C 40 -15.06 -60.15 -46.24
C ARG C 40 -15.34 -61.59 -46.61
N GLU C 41 -16.61 -61.97 -46.54
CA GLU C 41 -17.05 -63.32 -46.87
C GLU C 41 -16.63 -63.70 -48.28
N LYS C 42 -16.31 -62.68 -49.09
CA LYS C 42 -15.95 -62.90 -50.48
C LYS C 42 -14.57 -62.38 -50.84
N TYR C 43 -13.91 -61.67 -49.92
CA TYR C 43 -12.64 -61.01 -50.23
C TYR C 43 -11.51 -61.23 -49.23
N GLY C 44 -11.74 -62.04 -48.21
CA GLY C 44 -10.69 -62.40 -47.27
C GLY C 44 -10.51 -61.41 -46.12
N ASP C 45 -9.42 -61.59 -45.38
CA ASP C 45 -9.18 -60.82 -44.16
C ASP C 45 -8.69 -59.40 -44.43
N VAL C 46 -8.12 -59.17 -45.61
CA VAL C 46 -7.68 -57.84 -45.99
C VAL C 46 -8.18 -57.47 -47.38
N PHE C 47 -8.91 -56.35 -47.47
CA PHE C 47 -9.48 -55.92 -48.74
C PHE C 47 -9.63 -54.41 -48.82
N THR C 48 -9.93 -53.90 -50.01
CA THR C 48 -10.04 -52.47 -50.22
C THR C 48 -11.43 -52.07 -50.73
N VAL C 49 -12.23 -51.47 -49.85
CA VAL C 49 -13.54 -50.96 -50.24
C VAL C 49 -13.49 -49.44 -50.35
N TYR C 50 -14.18 -48.91 -51.36
CA TYR C 50 -14.18 -47.48 -51.61
C TYR C 50 -15.35 -46.75 -50.98
N LEU C 51 -15.09 -46.04 -49.89
CA LEU C 51 -16.10 -45.18 -49.29
C LEU C 51 -16.16 -43.89 -50.09
N GLY C 52 -17.04 -43.88 -51.10
CA GLY C 52 -17.12 -42.76 -52.01
C GLY C 52 -15.82 -42.60 -52.78
N SER C 53 -15.12 -41.50 -52.49
CA SER C 53 -13.85 -41.23 -53.16
C SER C 53 -12.72 -42.09 -52.58
N ARG C 54 -12.39 -41.83 -51.32
CA ARG C 54 -11.25 -42.48 -50.67
C ARG C 54 -11.38 -44.00 -50.62
N PRO C 55 -10.25 -44.70 -50.82
CA PRO C 55 -10.16 -46.16 -50.71
C PRO C 55 -9.65 -46.53 -49.33
N VAL C 56 -10.37 -47.39 -48.62
CA VAL C 56 -9.96 -47.80 -47.28
C VAL C 56 -9.58 -49.29 -47.23
N VAL C 57 -8.46 -49.58 -46.59
CA VAL C 57 -8.03 -50.97 -46.41
C VAL C 57 -8.65 -51.54 -45.15
N VAL C 58 -9.70 -52.34 -45.32
CA VAL C 58 -10.39 -52.95 -44.18
C VAL C 58 -9.66 -54.20 -43.70
N LEU C 59 -9.34 -54.23 -42.40
CA LEU C 59 -8.59 -55.34 -41.84
C LEU C 59 -9.42 -56.13 -40.85
N CYS C 60 -9.85 -57.33 -41.25
CA CYS C 60 -10.67 -58.19 -40.40
C CYS C 60 -9.85 -59.36 -39.90
N GLY C 61 -10.31 -59.98 -38.82
CA GLY C 61 -9.61 -61.10 -38.22
C GLY C 61 -8.62 -60.63 -37.16
N THR C 62 -8.31 -61.51 -36.22
CA THR C 62 -7.38 -61.18 -35.15
C THR C 62 -5.95 -61.17 -35.65
N ASP C 63 -5.65 -62.10 -36.56
CA ASP C 63 -4.30 -62.23 -37.11
C ASP C 63 -3.90 -61.05 -37.97
N ALA C 64 -4.85 -60.53 -38.74
CA ALA C 64 -4.59 -59.45 -39.68
C ALA C 64 -4.44 -58.10 -38.97
N ILE C 65 -5.29 -57.86 -37.98
CA ILE C 65 -5.24 -56.61 -37.23
C ILE C 65 -3.88 -56.47 -36.53
N ARG C 66 -3.40 -57.58 -35.96
CA ARG C 66 -2.13 -57.58 -35.25
C ARG C 66 -0.95 -57.43 -36.20
N GLU C 67 -0.95 -58.19 -37.29
CA GLU C 67 0.15 -58.11 -38.26
C GLU C 67 0.34 -56.68 -38.75
N ALA C 68 -0.74 -55.91 -38.74
CA ALA C 68 -0.71 -54.53 -39.20
C ALA C 68 -0.44 -53.53 -38.08
N LEU C 69 -1.13 -53.70 -36.95
CA LEU C 69 -1.05 -52.75 -35.85
C LEU C 69 0.12 -52.98 -34.89
N VAL C 70 0.67 -54.19 -34.89
CA VAL C 70 1.78 -54.51 -34.01
C VAL C 70 3.08 -54.69 -34.78
N ASP C 71 3.09 -55.64 -35.70
CA ASP C 71 4.28 -55.94 -36.48
C ASP C 71 4.82 -54.78 -37.31
N GLN C 72 3.92 -54.03 -37.94
CA GLN C 72 4.30 -52.81 -38.65
C GLN C 72 3.62 -51.64 -37.95
N ALA C 73 3.59 -51.72 -36.63
CA ALA C 73 2.91 -50.72 -35.80
C ALA C 73 3.13 -49.29 -36.25
N GLU C 74 4.40 -48.89 -36.34
CA GLU C 74 4.75 -47.50 -36.65
C GLU C 74 4.09 -47.01 -37.94
N ALA C 75 4.08 -47.87 -38.96
CA ALA C 75 3.48 -47.52 -40.23
C ALA C 75 1.98 -47.26 -40.10
N PHE C 76 1.31 -48.04 -39.26
CA PHE C 76 -0.14 -47.97 -39.11
C PHE C 76 -0.64 -46.99 -38.06
N SER C 77 0.24 -46.14 -37.55
CA SER C 77 -0.15 -45.19 -36.50
C SER C 77 -1.00 -43.99 -36.90
N GLY C 78 -0.91 -43.59 -38.16
CA GLY C 78 -1.66 -42.44 -38.65
C GLY C 78 -3.13 -42.50 -38.29
N ARG C 79 -3.71 -41.33 -38.03
CA ARG C 79 -5.13 -41.22 -37.71
C ARG C 79 -5.93 -40.72 -38.90
N GLY C 80 -7.08 -41.33 -39.13
CA GLY C 80 -7.96 -40.92 -40.20
C GLY C 80 -9.11 -40.08 -39.67
N LYS C 81 -9.54 -39.10 -40.45
CA LYS C 81 -10.62 -38.22 -40.04
C LYS C 81 -11.95 -38.98 -39.95
N ILE C 82 -12.78 -38.61 -38.99
CA ILE C 82 -14.14 -39.15 -38.91
C ILE C 82 -15.15 -38.17 -39.49
N ALA C 83 -15.96 -38.67 -40.41
CA ALA C 83 -16.90 -37.85 -41.18
C ALA C 83 -17.52 -36.68 -40.42
N VAL C 84 -18.31 -37.00 -39.41
CA VAL C 84 -19.20 -36.02 -38.79
C VAL C 84 -18.53 -35.19 -37.70
N VAL C 85 -17.52 -35.74 -37.05
CA VAL C 85 -16.86 -35.02 -35.96
C VAL C 85 -15.59 -34.30 -36.39
N ASP C 86 -15.34 -34.28 -37.70
CA ASP C 86 -14.16 -33.62 -38.25
C ASP C 86 -14.26 -32.09 -38.20
N PRO C 87 -15.42 -31.53 -38.59
CA PRO C 87 -15.59 -30.07 -38.53
C PRO C 87 -15.31 -29.49 -37.14
N ILE C 88 -15.23 -30.35 -36.14
CA ILE C 88 -14.97 -29.91 -34.77
C ILE C 88 -13.50 -30.05 -34.39
N PHE C 89 -12.97 -31.27 -34.48
CA PHE C 89 -11.57 -31.52 -34.16
C PHE C 89 -10.64 -31.01 -35.25
N GLN C 90 -10.97 -31.34 -36.49
CA GLN C 90 -10.18 -30.91 -37.64
C GLN C 90 -8.72 -31.35 -37.53
N GLY C 91 -8.50 -32.51 -36.91
CA GLY C 91 -7.16 -33.03 -36.77
C GLY C 91 -6.41 -32.40 -35.60
N TYR C 92 -7.12 -31.59 -34.82
CA TYR C 92 -6.56 -31.00 -33.61
C TYR C 92 -7.06 -31.74 -32.38
N GLY C 93 -6.16 -32.04 -31.45
CA GLY C 93 -6.53 -32.77 -30.25
C GLY C 93 -5.86 -34.13 -30.21
N VAL C 94 -5.71 -34.66 -29.00
CA VAL C 94 -4.99 -35.91 -28.77
C VAL C 94 -5.44 -37.06 -29.68
N ILE C 95 -6.73 -37.09 -30.01
CA ILE C 95 -7.28 -38.22 -30.77
C ILE C 95 -7.06 -38.12 -32.27
N PHE C 96 -7.42 -36.99 -32.87
CA PHE C 96 -7.37 -36.85 -34.33
C PHE C 96 -6.08 -36.21 -34.85
N ALA C 97 -5.23 -35.75 -33.94
CA ALA C 97 -3.96 -35.16 -34.32
C ALA C 97 -3.07 -36.21 -35.00
N ASN C 98 -1.98 -35.76 -35.60
CA ASN C 98 -1.11 -36.65 -36.35
C ASN C 98 0.36 -36.24 -36.33
N GLY C 99 1.23 -37.18 -36.69
CA GLY C 99 2.66 -36.91 -36.79
C GLY C 99 3.26 -36.33 -35.53
N GLU C 100 3.86 -35.16 -35.66
CA GLU C 100 4.53 -34.50 -34.55
C GLU C 100 3.54 -33.96 -33.53
N ARG C 101 2.36 -33.56 -34.01
CA ARG C 101 1.32 -33.05 -33.14
C ARG C 101 0.82 -34.12 -32.18
N TRP C 102 0.59 -35.32 -32.72
CA TRP C 102 0.12 -36.44 -31.90
C TRP C 102 1.14 -36.89 -30.87
N ARG C 103 2.33 -37.24 -31.33
CA ARG C 103 3.39 -37.71 -30.44
C ARG C 103 3.57 -36.76 -29.26
N ALA C 104 3.41 -35.47 -29.52
CA ALA C 104 3.52 -34.46 -28.46
C ALA C 104 2.31 -34.50 -27.54
N LEU C 105 1.12 -34.51 -28.14
CA LEU C 105 -0.12 -34.51 -27.37
C LEU C 105 -0.25 -35.76 -26.49
N ARG C 106 0.10 -36.91 -27.05
CA ARG C 106 0.00 -38.16 -26.29
C ARG C 106 0.93 -38.17 -25.08
N ARG C 107 2.23 -38.11 -25.34
CA ARG C 107 3.23 -38.10 -24.28
C ARG C 107 2.80 -37.19 -23.14
N PHE C 108 2.48 -35.94 -23.49
CA PHE C 108 2.00 -34.97 -22.51
C PHE C 108 0.78 -35.34 -21.68
N SER C 109 -0.26 -35.80 -22.36
CA SER C 109 -1.53 -36.12 -21.72
C SER C 109 -1.31 -37.36 -20.87
N LEU C 110 -0.47 -38.26 -21.35
CA LEU C 110 -0.17 -39.49 -20.63
C LEU C 110 0.53 -39.18 -19.31
N ALA C 111 1.73 -38.63 -19.42
CA ALA C 111 2.53 -38.30 -18.25
C ALA C 111 1.81 -37.31 -17.34
N THR C 112 1.06 -36.38 -17.95
CA THR C 112 0.30 -35.41 -17.18
C THR C 112 -0.70 -36.11 -16.29
N MET C 113 -1.51 -36.99 -16.88
CA MET C 113 -2.49 -37.78 -16.12
C MET C 113 -1.78 -38.69 -15.11
N ARG C 114 -0.54 -39.05 -15.42
CA ARG C 114 0.28 -39.84 -14.50
C ARG C 114 0.78 -38.99 -13.35
N ASP C 115 1.10 -37.73 -13.66
CA ASP C 115 1.52 -36.77 -12.65
C ASP C 115 0.43 -36.70 -11.59
N PHE C 116 -0.83 -36.92 -12.01
CA PHE C 116 -2.00 -36.82 -11.12
C PHE C 116 -2.92 -38.03 -10.76
N GLY C 117 -2.58 -39.27 -11.09
CA GLY C 117 -3.50 -40.38 -10.87
C GLY C 117 -3.58 -41.59 -11.78
N MET C 118 -3.08 -41.46 -13.01
CA MET C 118 -3.18 -42.53 -14.01
C MET C 118 -2.24 -43.66 -13.61
N GLY C 119 -1.56 -43.49 -12.48
CA GLY C 119 -0.54 -44.42 -12.00
C GLY C 119 -1.00 -45.47 -11.02
N LYS C 120 -2.32 -45.65 -10.91
CA LYS C 120 -2.89 -46.81 -10.21
C LYS C 120 -3.02 -46.73 -8.68
N ARG C 121 -2.45 -45.70 -8.07
CA ARG C 121 -2.47 -45.60 -6.61
C ARG C 121 -3.50 -44.58 -6.11
N SER C 122 -3.52 -43.40 -6.71
CA SER C 122 -4.45 -42.35 -6.32
C SER C 122 -5.80 -42.46 -7.03
N VAL C 123 -5.76 -42.81 -8.31
CA VAL C 123 -7.00 -43.07 -9.05
C VAL C 123 -7.80 -44.16 -8.36
N GLU C 124 -7.09 -45.17 -7.86
CA GLU C 124 -7.73 -46.28 -7.18
C GLU C 124 -8.65 -45.76 -6.09
N GLU C 125 -8.25 -44.66 -5.46
CA GLU C 125 -9.00 -44.08 -4.36
C GLU C 125 -10.08 -43.11 -4.83
N ARG C 126 -9.74 -42.27 -5.80
CA ARG C 126 -10.69 -41.32 -6.37
C ARG C 126 -11.83 -42.06 -7.06
N ILE C 127 -11.51 -43.21 -7.66
CA ILE C 127 -12.53 -44.07 -8.25
C ILE C 127 -13.38 -44.69 -7.15
N GLN C 128 -12.72 -45.39 -6.23
CA GLN C 128 -13.39 -45.96 -5.08
C GLN C 128 -14.34 -44.97 -4.43
N GLU C 129 -13.87 -43.75 -4.24
CA GLU C 129 -14.68 -42.71 -3.62
C GLU C 129 -15.98 -42.51 -4.38
N GLU C 130 -15.87 -42.34 -5.70
CA GLU C 130 -17.05 -42.17 -6.53
C GLU C 130 -18.00 -43.35 -6.32
N ALA C 131 -17.43 -44.52 -6.09
CA ALA C 131 -18.22 -45.71 -5.81
C ALA C 131 -19.06 -45.50 -4.56
N ARG C 132 -18.41 -45.08 -3.48
CA ARG C 132 -19.10 -44.78 -2.23
C ARG C 132 -20.35 -43.95 -2.50
N CYS C 133 -20.18 -42.87 -3.26
CA CYS C 133 -21.28 -41.99 -3.61
C CYS C 133 -22.33 -42.74 -4.42
N LEU C 134 -21.87 -43.59 -5.32
CA LEU C 134 -22.74 -44.36 -6.20
C LEU C 134 -23.67 -45.29 -5.43
N VAL C 135 -23.13 -46.00 -4.45
CA VAL C 135 -23.95 -46.86 -3.60
C VAL C 135 -24.95 -45.99 -2.86
N GLU C 136 -24.47 -44.87 -2.36
CA GLU C 136 -25.27 -43.92 -1.59
C GLU C 136 -26.43 -43.37 -2.42
N GLU C 137 -26.21 -43.19 -3.72
CA GLU C 137 -27.23 -42.62 -4.59
C GLU C 137 -28.21 -43.69 -5.10
N LEU C 138 -27.78 -44.94 -5.05
CA LEU C 138 -28.66 -46.06 -5.38
C LEU C 138 -29.53 -46.39 -4.18
N ARG C 139 -28.97 -46.20 -2.99
CA ARG C 139 -29.71 -46.42 -1.75
C ARG C 139 -30.76 -45.34 -1.57
N LYS C 140 -30.45 -44.15 -2.06
CA LYS C 140 -31.38 -43.02 -2.00
C LYS C 140 -32.60 -43.23 -2.91
N SER C 141 -32.49 -44.17 -3.84
CA SER C 141 -33.56 -44.40 -4.81
C SER C 141 -34.50 -45.52 -4.40
N LYS C 142 -34.15 -46.23 -3.32
CA LYS C 142 -34.97 -47.32 -2.81
C LYS C 142 -35.21 -48.40 -3.87
N GLY C 143 -34.33 -48.46 -4.85
CA GLY C 143 -34.39 -49.48 -5.88
C GLY C 143 -35.72 -49.54 -6.61
N ALA C 144 -36.06 -48.46 -7.31
CA ALA C 144 -37.25 -48.43 -8.14
C ALA C 144 -36.86 -48.67 -9.59
N LEU C 145 -37.84 -48.75 -10.48
CA LEU C 145 -37.57 -48.88 -11.91
C LEU C 145 -36.89 -47.63 -12.43
N LEU C 146 -35.58 -47.69 -12.59
CA LEU C 146 -34.79 -46.53 -12.99
C LEU C 146 -34.18 -46.73 -14.38
N ASP C 147 -33.48 -45.71 -14.84
CA ASP C 147 -32.72 -45.80 -16.09
C ASP C 147 -31.27 -45.39 -15.85
N ASN C 148 -30.41 -46.38 -15.70
CA ASN C 148 -29.01 -46.19 -15.35
C ASN C 148 -28.18 -45.39 -16.36
N THR C 149 -28.81 -44.98 -17.45
CA THR C 149 -28.10 -44.30 -18.54
C THR C 149 -27.21 -43.15 -18.05
N LEU C 150 -27.84 -42.15 -17.42
CA LEU C 150 -27.13 -40.97 -16.96
C LEU C 150 -26.36 -41.20 -15.67
N LEU C 151 -26.95 -41.97 -14.76
CA LEU C 151 -26.33 -42.27 -13.47
C LEU C 151 -24.95 -42.89 -13.70
N PHE C 152 -24.88 -43.89 -14.55
CA PHE C 152 -23.61 -44.53 -14.92
C PHE C 152 -22.70 -43.53 -15.60
N HIS C 153 -23.27 -42.70 -16.48
CA HIS C 153 -22.49 -41.72 -17.22
C HIS C 153 -21.86 -40.68 -16.28
N SER C 154 -22.48 -40.49 -15.13
CA SER C 154 -22.02 -39.49 -14.17
C SER C 154 -20.82 -39.99 -13.38
N ILE C 155 -20.84 -41.27 -13.01
CA ILE C 155 -19.80 -41.86 -12.19
C ILE C 155 -18.48 -42.01 -12.96
N THR C 156 -18.56 -42.27 -14.25
CA THR C 156 -17.37 -42.38 -15.10
C THR C 156 -16.84 -40.99 -15.45
N SER C 157 -17.73 -40.13 -15.92
CA SER C 157 -17.37 -38.76 -16.28
C SER C 157 -16.58 -38.09 -15.17
N ASN C 158 -17.13 -38.11 -13.95
CA ASN C 158 -16.49 -37.49 -12.80
C ASN C 158 -15.02 -37.87 -12.67
N ILE C 159 -14.71 -39.14 -12.87
CA ILE C 159 -13.34 -39.63 -12.77
C ILE C 159 -12.39 -38.80 -13.63
N ILE C 160 -12.79 -38.53 -14.86
CA ILE C 160 -11.96 -37.79 -15.81
C ILE C 160 -11.97 -36.30 -15.47
N CYS C 161 -13.11 -35.81 -15.00
CA CYS C 161 -13.25 -34.42 -14.61
C CYS C 161 -12.33 -34.10 -13.44
N SER C 162 -11.99 -35.13 -12.66
CA SER C 162 -11.05 -34.97 -11.56
C SER C 162 -9.68 -34.59 -12.09
N ILE C 163 -9.27 -35.26 -13.18
CA ILE C 163 -7.93 -35.08 -13.72
C ILE C 163 -7.84 -33.88 -14.66
N VAL C 164 -8.89 -33.66 -15.44
CA VAL C 164 -8.85 -32.66 -16.50
C VAL C 164 -9.56 -31.36 -16.14
N PHE C 165 -10.25 -31.34 -15.01
CA PHE C 165 -10.98 -30.15 -14.58
C PHE C 165 -10.73 -29.78 -13.13
N GLY C 166 -10.25 -30.73 -12.35
CA GLY C 166 -9.88 -30.49 -10.96
C GLY C 166 -11.03 -30.60 -9.96
N LYS C 167 -12.25 -30.66 -10.48
CA LYS C 167 -13.43 -30.71 -9.63
C LYS C 167 -14.27 -31.95 -9.91
N ARG C 168 -15.39 -32.08 -9.21
CA ARG C 168 -16.37 -33.12 -9.49
C ARG C 168 -17.77 -32.57 -9.32
N PHE C 169 -18.73 -33.12 -10.06
CA PHE C 169 -20.08 -32.60 -10.04
C PHE C 169 -21.03 -33.50 -9.26
N ASP C 170 -22.00 -32.89 -8.61
CA ASP C 170 -23.04 -33.64 -7.91
C ASP C 170 -23.97 -34.29 -8.93
N TYR C 171 -24.54 -35.43 -8.57
CA TYR C 171 -25.37 -36.19 -9.50
C TYR C 171 -26.62 -35.45 -9.97
N LYS C 172 -26.92 -34.32 -9.33
CA LYS C 172 -28.12 -33.57 -9.67
C LYS C 172 -27.83 -32.14 -10.12
N ASP C 173 -26.55 -31.82 -10.27
CA ASP C 173 -26.16 -30.52 -10.81
C ASP C 173 -26.66 -30.40 -12.24
N PRO C 174 -27.63 -29.48 -12.46
CA PRO C 174 -28.32 -29.33 -13.75
C PRO C 174 -27.39 -29.06 -14.94
N VAL C 175 -26.22 -28.49 -14.69
CA VAL C 175 -25.26 -28.24 -15.76
C VAL C 175 -24.49 -29.51 -16.09
N PHE C 176 -24.19 -30.28 -15.05
CA PHE C 176 -23.49 -31.55 -15.19
C PHE C 176 -24.27 -32.50 -16.08
N LEU C 177 -25.59 -32.51 -15.92
CA LEU C 177 -26.45 -33.40 -16.68
C LEU C 177 -26.62 -32.93 -18.12
N ARG C 178 -26.44 -31.65 -18.36
CA ARG C 178 -26.49 -31.13 -19.72
C ARG C 178 -25.27 -31.63 -20.49
N LEU C 179 -24.09 -31.37 -19.94
CA LEU C 179 -22.84 -31.88 -20.50
C LEU C 179 -22.97 -33.38 -20.78
N LEU C 180 -23.53 -34.11 -19.82
CA LEU C 180 -23.68 -35.56 -19.92
C LEU C 180 -24.64 -35.97 -21.03
N ASP C 181 -25.83 -35.40 -21.02
CA ASP C 181 -26.85 -35.76 -22.00
C ASP C 181 -26.38 -35.43 -23.41
N LEU C 182 -25.57 -34.39 -23.53
CA LEU C 182 -24.95 -34.04 -24.80
C LEU C 182 -24.03 -35.16 -25.26
N PHE C 183 -23.19 -35.66 -24.36
CA PHE C 183 -22.31 -36.79 -24.65
C PHE C 183 -23.11 -37.99 -25.14
N PHE C 184 -24.19 -38.30 -24.45
CA PHE C 184 -25.01 -39.45 -24.79
C PHE C 184 -25.64 -39.33 -26.16
N GLN C 185 -26.45 -38.28 -26.34
CA GLN C 185 -27.18 -38.09 -27.58
C GLN C 185 -26.27 -37.83 -28.78
N SER C 186 -25.08 -37.31 -28.52
CA SER C 186 -24.10 -37.10 -29.58
C SER C 186 -23.58 -38.42 -30.10
N PHE C 187 -23.22 -39.31 -29.19
CA PHE C 187 -22.75 -40.63 -29.55
C PHE C 187 -23.88 -41.40 -30.24
N SER C 188 -25.08 -41.32 -29.67
CA SER C 188 -26.26 -41.93 -30.28
C SER C 188 -26.46 -41.42 -31.71
N LEU C 189 -25.98 -40.20 -31.96
CA LEU C 189 -26.15 -39.58 -33.27
C LEU C 189 -24.97 -39.80 -34.19
N ILE C 190 -23.85 -40.25 -33.65
CA ILE C 190 -22.67 -40.56 -34.46
C ILE C 190 -22.74 -42.00 -34.93
N SER C 191 -23.26 -42.87 -34.07
CA SER C 191 -23.40 -44.28 -34.39
C SER C 191 -24.63 -44.50 -35.27
N SER C 192 -25.35 -43.41 -35.53
CA SER C 192 -26.57 -43.49 -36.32
C SER C 192 -26.29 -43.77 -37.79
N PHE C 193 -27.34 -44.10 -38.54
CA PHE C 193 -27.21 -44.43 -39.96
C PHE C 193 -26.65 -43.27 -40.77
N SER C 194 -27.24 -42.09 -40.58
CA SER C 194 -26.85 -40.91 -41.35
C SER C 194 -25.39 -40.55 -41.21
N SER C 195 -24.85 -40.76 -40.01
CA SER C 195 -23.46 -40.41 -39.71
C SER C 195 -22.50 -41.38 -40.39
N GLN C 196 -23.05 -42.26 -41.22
CA GLN C 196 -22.25 -43.20 -41.98
C GLN C 196 -22.44 -42.91 -43.46
N VAL C 197 -23.69 -42.71 -43.85
CA VAL C 197 -24.01 -42.27 -45.21
C VAL C 197 -23.39 -40.90 -45.44
N PHE C 198 -23.05 -40.23 -44.33
CA PHE C 198 -22.36 -38.96 -44.40
C PHE C 198 -20.87 -39.22 -44.65
N GLU C 199 -20.35 -40.27 -44.01
CA GLU C 199 -18.95 -40.64 -44.16
C GLU C 199 -18.56 -40.77 -45.63
N LEU C 200 -19.40 -41.46 -46.40
CA LEU C 200 -19.14 -41.64 -47.82
C LEU C 200 -19.31 -40.38 -48.66
N PHE C 201 -20.36 -39.62 -48.39
CA PHE C 201 -20.72 -38.49 -49.23
C PHE C 201 -20.78 -37.39 -48.17
N SER C 202 -19.60 -36.87 -47.80
CA SER C 202 -19.52 -35.78 -46.84
C SER C 202 -19.54 -34.56 -47.74
N GLY C 203 -18.65 -34.54 -48.72
CA GLY C 203 -18.51 -33.42 -49.63
C GLY C 203 -19.84 -32.92 -50.20
N PHE C 204 -20.79 -33.82 -50.37
CA PHE C 204 -22.08 -33.47 -50.95
C PHE C 204 -23.08 -33.09 -49.87
N LEU C 205 -23.27 -33.98 -48.91
CA LEU C 205 -24.33 -33.82 -47.91
C LEU C 205 -24.04 -32.75 -46.86
N LYS C 206 -22.87 -32.14 -46.93
CA LYS C 206 -22.51 -31.09 -45.97
C LYS C 206 -23.34 -29.82 -46.23
N TYR C 207 -23.83 -29.69 -47.46
CA TYR C 207 -24.61 -28.51 -47.86
C TYR C 207 -26.10 -28.67 -47.57
N PHE C 208 -26.50 -29.87 -47.17
CA PHE C 208 -27.90 -30.13 -46.83
C PHE C 208 -28.03 -30.43 -45.34
N PRO C 209 -29.22 -30.17 -44.77
CA PRO C 209 -29.47 -30.40 -43.35
C PRO C 209 -29.50 -31.88 -43.02
N GLY C 210 -29.18 -32.22 -41.77
CA GLY C 210 -29.19 -33.60 -41.31
C GLY C 210 -28.70 -33.77 -39.89
N THR C 211 -28.39 -35.01 -39.52
CA THR C 211 -27.88 -35.31 -38.19
C THR C 211 -26.54 -34.64 -37.91
N HIS C 212 -25.65 -34.68 -38.90
CA HIS C 212 -24.32 -34.10 -38.78
C HIS C 212 -24.39 -32.68 -38.23
N ARG C 213 -25.47 -31.99 -38.56
CA ARG C 213 -25.68 -30.63 -38.10
C ARG C 213 -25.85 -30.56 -36.59
N GLN C 214 -26.71 -31.43 -36.06
CA GLN C 214 -26.99 -31.49 -34.63
C GLN C 214 -25.76 -31.94 -33.84
N ILE C 215 -24.98 -32.84 -34.45
CA ILE C 215 -23.77 -33.32 -33.81
C ILE C 215 -22.77 -32.19 -33.61
N TYR C 216 -22.75 -31.25 -34.56
CA TYR C 216 -21.87 -30.10 -34.48
C TYR C 216 -22.31 -29.17 -33.35
N ARG C 217 -23.62 -28.95 -33.26
CA ARG C 217 -24.19 -28.12 -32.21
C ARG C 217 -23.83 -28.67 -30.85
N ASN C 218 -24.11 -29.95 -30.64
CA ASN C 218 -23.79 -30.61 -29.39
C ASN C 218 -22.34 -30.42 -28.97
N LEU C 219 -21.42 -30.72 -29.89
CA LEU C 219 -19.99 -30.60 -29.59
C LEU C 219 -19.59 -29.15 -29.32
N GLN C 220 -20.13 -28.22 -30.10
CA GLN C 220 -19.86 -26.82 -29.87
C GLN C 220 -20.28 -26.42 -28.45
N GLU C 221 -21.50 -26.79 -28.08
CA GLU C 221 -22.02 -26.48 -26.75
C GLU C 221 -21.10 -27.03 -25.67
N ILE C 222 -20.72 -28.30 -25.81
CA ILE C 222 -19.78 -28.92 -24.87
C ILE C 222 -18.45 -28.17 -24.90
N ASN C 223 -18.05 -27.72 -26.08
CA ASN C 223 -16.83 -26.93 -26.24
C ASN C 223 -16.97 -25.57 -25.56
N THR C 224 -18.07 -24.89 -25.82
CA THR C 224 -18.34 -23.60 -25.19
C THR C 224 -18.09 -23.68 -23.69
N PHE C 225 -18.66 -24.71 -23.07
CA PHE C 225 -18.47 -24.94 -21.64
C PHE C 225 -17.01 -25.25 -21.32
N ILE C 226 -16.37 -26.04 -22.17
CA ILE C 226 -14.97 -26.40 -22.00
C ILE C 226 -14.09 -25.15 -22.04
N GLY C 227 -14.47 -24.19 -22.88
CA GLY C 227 -13.72 -22.95 -23.01
C GLY C 227 -13.81 -22.08 -21.77
N GLN C 228 -15.03 -21.80 -21.33
CA GLN C 228 -15.25 -20.97 -20.15
C GLN C 228 -14.65 -21.62 -18.89
N SER C 229 -14.31 -22.90 -18.99
CA SER C 229 -13.63 -23.60 -17.91
C SER C 229 -12.15 -23.27 -17.97
N VAL C 230 -11.59 -23.25 -19.18
CA VAL C 230 -10.21 -22.86 -19.38
C VAL C 230 -10.02 -21.42 -18.94
N GLU C 231 -11.10 -20.65 -18.98
CA GLU C 231 -11.06 -19.25 -18.58
C GLU C 231 -10.92 -19.14 -17.06
N LYS C 232 -11.72 -19.90 -16.32
CA LYS C 232 -11.65 -19.91 -14.87
C LYS C 232 -10.32 -20.46 -14.37
N HIS C 233 -9.79 -21.47 -15.06
CA HIS C 233 -8.53 -22.09 -14.67
C HIS C 233 -7.35 -21.14 -14.80
N ARG C 234 -7.22 -20.50 -15.96
CA ARG C 234 -6.18 -19.50 -16.15
C ARG C 234 -6.35 -18.38 -15.14
N ALA C 235 -7.60 -18.07 -14.83
CA ALA C 235 -7.95 -16.98 -13.93
C ALA C 235 -7.43 -17.21 -12.50
N THR C 236 -7.15 -18.46 -12.16
CA THR C 236 -6.70 -18.80 -10.83
C THR C 236 -5.43 -19.64 -10.86
N LEU C 237 -4.63 -19.46 -11.91
CA LEU C 237 -3.45 -20.30 -12.13
C LEU C 237 -2.30 -19.96 -11.19
N ASP C 238 -2.01 -20.87 -10.27
CA ASP C 238 -0.87 -20.74 -9.37
C ASP C 238 0.23 -21.59 -10.00
N PRO C 239 1.32 -20.94 -10.42
CA PRO C 239 2.44 -21.57 -11.13
C PRO C 239 3.22 -22.49 -10.21
N SER C 240 3.02 -22.37 -8.90
CA SER C 240 3.71 -23.22 -7.92
C SER C 240 2.83 -24.37 -7.41
N ASN C 241 1.55 -24.34 -7.76
CA ASN C 241 0.64 -25.40 -7.39
C ASN C 241 -0.44 -25.58 -8.45
N PRO C 242 -0.21 -26.49 -9.41
CA PRO C 242 -1.10 -26.76 -10.53
C PRO C 242 -2.20 -27.75 -10.16
N ARG C 243 -3.44 -27.29 -10.22
CA ARG C 243 -4.59 -28.11 -9.84
C ARG C 243 -4.79 -29.34 -10.72
N ASP C 244 -4.92 -29.12 -12.02
CA ASP C 244 -5.33 -30.19 -12.94
C ASP C 244 -4.70 -30.12 -14.32
N PHE C 245 -5.27 -30.89 -15.24
CA PHE C 245 -4.76 -31.02 -16.60
C PHE C 245 -4.68 -29.69 -17.33
N ILE C 246 -5.70 -28.87 -17.17
CA ILE C 246 -5.75 -27.56 -17.82
C ILE C 246 -4.65 -26.64 -17.26
N ASP C 247 -4.39 -26.78 -15.97
CA ASP C 247 -3.29 -26.04 -15.34
C ASP C 247 -1.96 -26.44 -15.95
N VAL C 248 -1.67 -27.74 -15.91
CA VAL C 248 -0.45 -28.28 -16.49
C VAL C 248 -0.27 -27.78 -17.92
N TYR C 249 -1.34 -27.89 -18.71
CA TYR C 249 -1.31 -27.47 -20.11
C TYR C 249 -1.03 -25.98 -20.22
N LEU C 250 -1.73 -25.19 -19.42
CA LEU C 250 -1.56 -23.74 -19.43
C LEU C 250 -0.12 -23.34 -19.09
N LEU C 251 0.44 -23.95 -18.04
CA LEU C 251 1.80 -23.69 -17.64
C LEU C 251 2.78 -24.03 -18.76
N ARG C 252 2.57 -25.19 -19.38
CA ARG C 252 3.39 -25.63 -20.51
C ARG C 252 3.13 -24.73 -21.70
N MET C 253 1.89 -24.25 -21.82
CA MET C 253 1.50 -23.34 -22.88
C MET C 253 2.17 -21.99 -22.70
N GLU C 254 2.57 -21.71 -21.46
CA GLU C 254 3.27 -20.47 -21.15
C GLU C 254 4.77 -20.64 -21.40
N LYS C 255 5.28 -21.84 -21.13
CA LYS C 255 6.69 -22.13 -21.31
C LYS C 255 7.11 -21.99 -22.77
N ASP C 256 6.13 -21.91 -23.67
CA ASP C 256 6.40 -21.85 -25.09
C ASP C 256 5.60 -20.78 -25.82
N LYS C 257 5.48 -19.61 -25.21
CA LYS C 257 4.82 -18.48 -25.85
C LYS C 257 5.77 -17.86 -26.87
N SER C 258 7.00 -18.38 -26.90
CA SER C 258 8.02 -17.89 -27.81
C SER C 258 8.02 -18.66 -29.11
N ASP C 259 8.23 -19.98 -29.02
CA ASP C 259 8.27 -20.85 -30.19
C ASP C 259 6.92 -20.87 -30.89
N PRO C 260 6.86 -20.29 -32.10
CA PRO C 260 5.62 -20.24 -32.86
C PRO C 260 5.28 -21.60 -33.46
N SER C 261 6.21 -22.53 -33.35
CA SER C 261 6.03 -23.88 -33.89
C SER C 261 5.90 -24.91 -32.77
N SER C 262 5.22 -24.53 -31.69
CA SER C 262 4.93 -25.43 -30.59
C SER C 262 3.51 -25.95 -30.72
N GLU C 263 3.30 -27.23 -30.40
CA GLU C 263 2.00 -27.85 -30.58
C GLU C 263 1.04 -27.63 -29.42
N PHE C 264 1.23 -26.55 -28.68
CA PHE C 264 0.34 -26.23 -27.57
C PHE C 264 -0.46 -24.96 -27.86
N HIS C 265 -1.56 -25.11 -28.58
CA HIS C 265 -2.43 -24.00 -28.93
C HIS C 265 -3.56 -23.84 -27.92
N HIS C 266 -4.37 -22.80 -28.10
CA HIS C 266 -5.67 -22.74 -27.46
C HIS C 266 -6.52 -23.77 -28.18
N GLN C 267 -6.26 -23.90 -29.49
CA GLN C 267 -6.88 -24.91 -30.32
C GLN C 267 -6.72 -26.29 -29.71
N ASN C 268 -5.48 -26.69 -29.44
CA ASN C 268 -5.19 -28.03 -28.94
C ASN C 268 -5.68 -28.29 -27.52
N LEU C 269 -5.73 -27.26 -26.69
CA LEU C 269 -6.24 -27.42 -25.33
C LEU C 269 -7.71 -27.82 -25.33
N ILE C 270 -8.54 -27.00 -25.96
CA ILE C 270 -9.96 -27.28 -26.05
C ILE C 270 -10.21 -28.65 -26.68
N LEU C 271 -9.50 -28.94 -27.76
CA LEU C 271 -9.73 -30.15 -28.53
C LEU C 271 -9.01 -31.38 -27.99
N THR C 272 -8.37 -31.23 -26.83
CA THR C 272 -7.83 -32.37 -26.11
C THR C 272 -8.69 -32.62 -24.89
N VAL C 273 -9.15 -31.53 -24.28
CA VAL C 273 -10.08 -31.62 -23.16
C VAL C 273 -11.40 -32.23 -23.62
N LEU C 274 -11.83 -31.86 -24.82
CA LEU C 274 -13.04 -32.45 -25.40
C LEU C 274 -12.81 -33.93 -25.68
N SER C 275 -11.65 -34.24 -26.26
CA SER C 275 -11.28 -35.62 -26.55
C SER C 275 -11.30 -36.49 -25.30
N LEU C 276 -10.51 -36.10 -24.30
CA LEU C 276 -10.44 -36.82 -23.04
C LEU C 276 -11.77 -36.82 -22.30
N PHE C 277 -12.47 -35.69 -22.35
CA PHE C 277 -13.75 -35.56 -21.67
C PHE C 277 -14.76 -36.55 -22.26
N PHE C 278 -14.94 -36.47 -23.58
CA PHE C 278 -15.92 -37.32 -24.26
C PHE C 278 -15.60 -38.79 -24.07
N ALA C 279 -14.40 -39.19 -24.48
CA ALA C 279 -13.99 -40.58 -24.38
C ALA C 279 -14.19 -41.15 -22.96
N GLY C 280 -13.50 -40.57 -21.99
CA GLY C 280 -13.55 -41.06 -20.62
C GLY C 280 -14.95 -41.30 -20.11
N THR C 281 -15.88 -40.42 -20.46
CA THR C 281 -17.24 -40.50 -19.98
C THR C 281 -18.06 -41.55 -20.73
N GLU C 282 -18.18 -41.36 -22.04
CA GLU C 282 -19.10 -42.15 -22.87
C GLU C 282 -18.93 -43.66 -22.77
N THR C 283 -17.83 -44.17 -23.31
CA THR C 283 -17.66 -45.60 -23.52
C THR C 283 -17.51 -46.43 -22.24
N THR C 284 -16.73 -45.91 -21.29
CA THR C 284 -16.53 -46.62 -20.02
C THR C 284 -17.88 -46.93 -19.38
N SER C 285 -18.74 -45.91 -19.32
CA SER C 285 -20.07 -46.05 -18.74
C SER C 285 -20.93 -47.04 -19.51
N THR C 286 -21.09 -46.80 -20.80
CA THR C 286 -21.97 -47.63 -21.63
C THR C 286 -21.50 -49.09 -21.73
N THR C 287 -20.24 -49.33 -21.37
CA THR C 287 -19.75 -50.70 -21.20
C THR C 287 -20.31 -51.21 -19.89
N LEU C 288 -20.11 -50.43 -18.83
CA LEU C 288 -20.66 -50.72 -17.51
C LEU C 288 -22.17 -50.86 -17.62
N ARG C 289 -22.73 -50.15 -18.60
CA ARG C 289 -24.18 -50.17 -18.83
C ARG C 289 -24.58 -51.44 -19.57
N TYR C 290 -23.91 -51.70 -20.69
CA TYR C 290 -24.14 -52.93 -21.44
C TYR C 290 -24.03 -54.12 -20.50
N GLY C 291 -22.97 -54.13 -19.69
CA GLY C 291 -22.73 -55.20 -18.75
C GLY C 291 -23.93 -55.53 -17.89
N PHE C 292 -24.50 -54.53 -17.25
CA PHE C 292 -25.64 -54.75 -16.35
C PHE C 292 -26.89 -55.26 -17.08
N LEU C 293 -26.85 -55.26 -18.40
CA LEU C 293 -27.92 -55.87 -19.18
C LEU C 293 -27.65 -57.36 -19.30
N LEU C 294 -26.40 -57.72 -19.58
CA LEU C 294 -25.98 -59.11 -19.61
C LEU C 294 -26.27 -59.77 -18.26
N MET C 295 -26.01 -59.03 -17.19
CA MET C 295 -26.27 -59.53 -15.85
C MET C 295 -27.77 -59.73 -15.63
N LEU C 296 -28.58 -59.01 -16.40
CA LEU C 296 -30.02 -59.15 -16.33
C LEU C 296 -30.53 -60.25 -17.26
N LYS C 297 -29.66 -60.71 -18.16
CA LYS C 297 -30.01 -61.81 -19.05
C LYS C 297 -29.44 -63.12 -18.53
N TYR C 298 -28.29 -63.04 -17.87
CA TYR C 298 -27.64 -64.20 -17.28
C TYR C 298 -27.54 -64.01 -15.77
N PRO C 299 -28.63 -64.31 -15.04
CA PRO C 299 -28.69 -64.12 -13.59
C PRO C 299 -27.68 -64.99 -12.86
N HIS C 300 -27.54 -66.24 -13.30
CA HIS C 300 -26.65 -67.20 -12.66
C HIS C 300 -25.19 -66.76 -12.74
N VAL C 301 -24.88 -65.86 -13.67
CA VAL C 301 -23.53 -65.31 -13.77
C VAL C 301 -23.33 -64.26 -12.69
N THR C 302 -24.38 -63.51 -12.39
CA THR C 302 -24.34 -62.53 -11.31
C THR C 302 -24.11 -63.22 -9.98
N GLU C 303 -24.90 -64.26 -9.72
CA GLU C 303 -24.78 -65.05 -8.50
C GLU C 303 -23.34 -65.44 -8.22
N ARG C 304 -22.64 -65.88 -9.27
CA ARG C 304 -21.28 -66.36 -9.12
C ARG C 304 -20.31 -65.20 -8.89
N VAL C 305 -20.57 -64.07 -9.54
CA VAL C 305 -19.76 -62.87 -9.36
C VAL C 305 -19.93 -62.34 -7.94
N GLN C 306 -21.05 -62.69 -7.31
CA GLN C 306 -21.33 -62.30 -5.94
C GLN C 306 -20.70 -63.29 -4.95
N LYS C 307 -20.85 -64.58 -5.25
CA LYS C 307 -20.23 -65.62 -4.44
C LYS C 307 -18.72 -65.38 -4.36
N GLU C 308 -18.16 -64.87 -5.46
CA GLU C 308 -16.73 -64.59 -5.52
C GLU C 308 -16.41 -63.30 -4.75
N ILE C 309 -17.22 -62.28 -4.98
CA ILE C 309 -17.05 -61.01 -4.26
C ILE C 309 -17.02 -61.23 -2.75
N GLU C 310 -17.83 -62.17 -2.28
CA GLU C 310 -17.89 -62.48 -0.86
C GLU C 310 -16.64 -63.22 -0.41
N GLN C 311 -16.39 -64.38 -1.00
CA GLN C 311 -15.26 -65.22 -0.63
C GLN C 311 -13.96 -64.43 -0.48
N VAL C 312 -13.76 -63.47 -1.37
CA VAL C 312 -12.48 -62.77 -1.46
C VAL C 312 -12.47 -61.40 -0.78
N ILE C 313 -13.50 -60.61 -1.01
CA ILE C 313 -13.53 -59.23 -0.53
C ILE C 313 -14.19 -59.08 0.83
N GLY C 314 -15.42 -59.59 0.95
CA GLY C 314 -16.19 -59.46 2.18
C GLY C 314 -17.37 -58.52 2.03
N SER C 315 -18.02 -58.19 3.14
CA SER C 315 -19.17 -57.30 3.11
C SER C 315 -19.00 -56.09 4.02
N HIS C 316 -17.89 -56.04 4.73
CA HIS C 316 -17.61 -54.95 5.66
C HIS C 316 -16.79 -53.83 5.02
N ARG C 317 -15.82 -54.21 4.18
CA ARG C 317 -14.95 -53.24 3.53
C ARG C 317 -15.32 -53.07 2.06
N PRO C 318 -14.76 -52.03 1.40
CA PRO C 318 -15.01 -51.77 -0.01
C PRO C 318 -13.97 -52.41 -0.91
N PRO C 319 -14.39 -52.86 -2.10
CA PRO C 319 -13.49 -53.48 -3.08
C PRO C 319 -12.35 -52.55 -3.47
N ALA C 320 -11.15 -53.11 -3.63
CA ALA C 320 -9.98 -52.33 -4.03
C ALA C 320 -9.37 -52.89 -5.32
N LEU C 321 -8.37 -52.19 -5.85
CA LEU C 321 -7.79 -52.55 -7.14
C LEU C 321 -7.20 -53.96 -7.17
N ASP C 322 -6.32 -54.29 -6.24
CA ASP C 322 -5.62 -55.57 -6.24
C ASP C 322 -6.58 -56.74 -6.12
N ASP C 323 -7.73 -56.50 -5.50
CA ASP C 323 -8.74 -57.56 -5.32
C ASP C 323 -9.11 -58.20 -6.66
N ARG C 324 -8.73 -57.56 -7.75
CA ARG C 324 -8.97 -58.08 -9.08
C ARG C 324 -8.14 -59.35 -9.33
N ALA C 325 -6.87 -59.29 -8.95
CA ALA C 325 -5.95 -60.40 -9.18
C ALA C 325 -6.35 -61.64 -8.40
N LYS C 326 -7.29 -61.49 -7.47
CA LYS C 326 -7.73 -62.61 -6.64
C LYS C 326 -9.14 -63.08 -7.03
N MET C 327 -9.68 -62.51 -8.11
CA MET C 327 -11.02 -62.83 -8.56
C MET C 327 -11.08 -63.01 -10.06
N PRO C 328 -10.48 -64.10 -10.57
CA PRO C 328 -10.44 -64.37 -12.01
C PRO C 328 -11.82 -64.40 -12.66
N TYR C 329 -12.82 -65.00 -11.99
CA TYR C 329 -14.13 -65.13 -12.59
C TYR C 329 -14.77 -63.79 -12.93
N THR C 330 -14.70 -62.85 -11.99
CA THR C 330 -15.17 -61.50 -12.25
C THR C 330 -14.43 -60.93 -13.45
N ASP C 331 -13.10 -61.06 -13.44
CA ASP C 331 -12.26 -60.54 -14.49
C ASP C 331 -12.59 -61.16 -15.85
N ALA C 332 -13.07 -62.40 -15.83
CA ALA C 332 -13.44 -63.10 -17.06
C ALA C 332 -14.84 -62.71 -17.49
N VAL C 333 -15.69 -62.38 -16.54
CA VAL C 333 -17.02 -61.88 -16.83
C VAL C 333 -16.92 -60.45 -17.33
N ILE C 334 -16.06 -59.68 -16.68
CA ILE C 334 -15.78 -58.31 -17.09
C ILE C 334 -15.18 -58.30 -18.49
N HIS C 335 -14.26 -59.23 -18.75
CA HIS C 335 -13.67 -59.36 -20.08
C HIS C 335 -14.71 -59.78 -21.11
N GLU C 336 -15.59 -60.69 -20.72
CA GLU C 336 -16.64 -61.14 -21.62
C GLU C 336 -17.64 -60.02 -21.89
N ILE C 337 -17.74 -59.09 -20.95
CA ILE C 337 -18.60 -57.93 -21.13
C ILE C 337 -18.09 -57.04 -22.27
N GLN C 338 -16.84 -56.59 -22.14
CA GLN C 338 -16.23 -55.74 -23.15
C GLN C 338 -16.23 -56.38 -24.53
N ARG C 339 -15.97 -57.69 -24.57
CA ARG C 339 -15.93 -58.42 -25.83
C ARG C 339 -17.30 -58.41 -26.50
N LEU C 340 -18.30 -58.93 -25.81
CA LEU C 340 -19.66 -58.98 -26.33
C LEU C 340 -20.21 -57.56 -26.45
N GLY C 341 -19.65 -56.64 -25.67
CA GLY C 341 -20.05 -55.25 -25.70
C GLY C 341 -19.85 -54.64 -27.08
N ASP C 342 -18.61 -54.68 -27.56
CA ASP C 342 -18.32 -54.28 -28.94
C ASP C 342 -18.74 -52.84 -29.18
N LEU C 343 -18.19 -51.91 -28.40
CA LEU C 343 -18.63 -50.52 -28.46
C LEU C 343 -17.98 -49.69 -29.58
N ILE C 344 -16.81 -50.11 -30.04
CA ILE C 344 -16.19 -49.51 -31.22
C ILE C 344 -15.92 -50.60 -32.25
N PRO C 345 -16.98 -50.99 -32.99
CA PRO C 345 -16.99 -52.12 -33.93
C PRO C 345 -15.86 -52.08 -34.96
N PHE C 346 -15.63 -50.92 -35.58
CA PHE C 346 -14.54 -50.81 -36.54
C PHE C 346 -13.54 -49.72 -36.17
N GLY C 347 -13.09 -49.76 -34.92
CA GLY C 347 -12.05 -48.88 -34.44
C GLY C 347 -12.22 -47.41 -34.80
N VAL C 348 -11.15 -46.65 -34.65
CA VAL C 348 -11.11 -45.25 -35.05
C VAL C 348 -10.23 -45.29 -36.29
N PRO C 349 -10.57 -44.48 -37.31
CA PRO C 349 -9.92 -44.52 -38.62
C PRO C 349 -8.42 -44.40 -38.44
N HIS C 350 -7.68 -45.35 -39.00
CA HIS C 350 -6.23 -45.29 -39.03
C HIS C 350 -5.77 -44.93 -40.44
N THR C 351 -4.50 -44.58 -40.56
CA THR C 351 -3.88 -44.42 -41.86
C THR C 351 -2.45 -44.93 -41.77
N VAL C 352 -1.86 -45.28 -42.91
CA VAL C 352 -0.47 -45.68 -42.95
C VAL C 352 0.38 -44.44 -43.22
N THR C 353 1.45 -44.30 -42.44
CA THR C 353 2.31 -43.12 -42.52
C THR C 353 3.07 -43.02 -43.84
N LYS C 354 3.61 -44.14 -44.29
CA LYS C 354 4.36 -44.17 -45.54
C LYS C 354 3.79 -45.22 -46.50
N ASP C 355 4.45 -45.38 -47.64
CA ASP C 355 4.08 -46.42 -48.59
C ASP C 355 4.42 -47.79 -48.00
N THR C 356 3.41 -48.46 -47.47
CA THR C 356 3.62 -49.70 -46.73
C THR C 356 3.27 -50.95 -47.55
N GLN C 357 4.05 -52.01 -47.36
CA GLN C 357 3.77 -53.30 -47.97
C GLN C 357 3.13 -54.22 -46.93
N PHE C 358 2.04 -54.89 -47.33
CA PHE C 358 1.27 -55.68 -46.39
C PHE C 358 0.68 -56.94 -47.01
N ARG C 359 1.13 -58.10 -46.54
CA ARG C 359 0.61 -59.40 -46.97
C ARG C 359 0.57 -59.50 -48.49
N GLY C 360 1.58 -58.95 -49.15
CA GLY C 360 1.65 -58.97 -50.60
C GLY C 360 1.03 -57.83 -51.36
N TYR C 361 0.42 -56.91 -50.62
CA TYR C 361 -0.19 -55.74 -51.23
C TYR C 361 0.55 -54.48 -50.78
N VAL C 362 0.35 -53.38 -51.50
CA VAL C 362 1.05 -52.14 -51.18
C VAL C 362 0.10 -50.99 -50.91
N ILE C 363 0.11 -50.52 -49.67
CA ILE C 363 -0.75 -49.43 -49.24
C ILE C 363 -0.02 -48.10 -49.35
N PRO C 364 -0.53 -47.20 -50.22
CA PRO C 364 0.08 -45.90 -50.50
C PRO C 364 0.17 -45.04 -49.25
N LYS C 365 0.89 -43.92 -49.35
CA LYS C 365 0.99 -42.98 -48.25
C LYS C 365 -0.37 -42.30 -48.03
N ASN C 366 -0.79 -42.23 -46.77
CA ASN C 366 -2.01 -41.53 -46.39
C ASN C 366 -3.31 -42.26 -46.73
N THR C 367 -3.21 -43.57 -46.94
CA THR C 367 -4.39 -44.38 -47.17
C THR C 367 -5.10 -44.64 -45.85
N GLU C 368 -6.43 -44.73 -45.89
CA GLU C 368 -7.19 -44.97 -44.67
C GLU C 368 -7.29 -46.47 -44.38
N VAL C 369 -7.19 -46.80 -43.10
CA VAL C 369 -7.22 -48.20 -42.65
C VAL C 369 -8.17 -48.38 -41.48
N PHE C 370 -9.21 -49.17 -41.69
CA PHE C 370 -10.15 -49.48 -40.62
C PHE C 370 -9.86 -50.85 -40.02
N PRO C 371 -9.35 -50.87 -38.77
CA PRO C 371 -9.20 -52.14 -38.07
C PRO C 371 -10.60 -52.51 -37.58
N VAL C 372 -11.22 -53.52 -38.19
CA VAL C 372 -12.55 -53.97 -37.77
C VAL C 372 -12.22 -54.75 -36.49
N LEU C 373 -12.38 -54.09 -35.35
CA LEU C 373 -11.99 -54.66 -34.08
C LEU C 373 -13.04 -55.68 -33.69
N SER C 374 -14.27 -55.45 -34.16
CA SER C 374 -15.39 -56.33 -33.83
C SER C 374 -15.15 -57.71 -34.42
N SER C 375 -14.44 -57.76 -35.55
CA SER C 375 -14.13 -59.02 -36.21
C SER C 375 -13.08 -59.78 -35.42
N ALA C 376 -12.43 -59.09 -34.49
CA ALA C 376 -11.41 -59.71 -33.66
C ALA C 376 -12.01 -60.23 -32.35
N LEU C 377 -12.90 -59.43 -31.76
CA LEU C 377 -13.58 -59.81 -30.53
C LEU C 377 -14.50 -61.01 -30.75
N HIS C 378 -14.73 -61.36 -32.02
CA HIS C 378 -15.64 -62.44 -32.37
C HIS C 378 -14.99 -63.47 -33.27
N ASP C 379 -13.66 -63.47 -33.32
CA ASP C 379 -12.91 -64.35 -34.21
C ASP C 379 -13.02 -65.82 -33.81
N PRO C 380 -13.71 -66.63 -34.63
CA PRO C 380 -13.90 -68.05 -34.36
C PRO C 380 -12.57 -68.77 -34.14
N ARG C 381 -11.52 -68.24 -34.73
CA ARG C 381 -10.18 -68.79 -34.58
C ARG C 381 -9.73 -68.77 -33.13
N TYR C 382 -9.95 -67.63 -32.47
CA TYR C 382 -9.41 -67.40 -31.13
C TYR C 382 -10.47 -67.42 -30.03
N PHE C 383 -11.71 -67.68 -30.40
CA PHE C 383 -12.80 -67.80 -29.43
C PHE C 383 -13.76 -68.92 -29.81
N GLU C 384 -14.14 -69.73 -28.83
CA GLU C 384 -15.24 -70.64 -28.99
C GLU C 384 -16.51 -69.91 -28.61
N THR C 385 -17.65 -70.30 -29.19
CA THR C 385 -18.92 -69.64 -28.90
C THR C 385 -18.84 -68.11 -28.90
N PRO C 386 -18.27 -67.53 -29.97
CA PRO C 386 -18.10 -66.08 -30.05
C PRO C 386 -19.40 -65.29 -29.97
N ASN C 387 -20.52 -65.97 -30.12
CA ASN C 387 -21.82 -65.30 -30.10
C ASN C 387 -22.56 -65.40 -28.77
N THR C 388 -22.01 -66.15 -27.82
CA THR C 388 -22.66 -66.32 -26.52
C THR C 388 -21.77 -65.86 -25.37
N PHE C 389 -22.40 -65.22 -24.38
CA PHE C 389 -21.70 -64.80 -23.18
C PHE C 389 -21.03 -66.00 -22.52
N ASN C 390 -19.71 -66.03 -22.54
CA ASN C 390 -18.95 -67.18 -22.05
C ASN C 390 -17.66 -66.78 -21.33
N PRO C 391 -17.74 -66.53 -20.02
CA PRO C 391 -16.60 -66.12 -19.20
C PRO C 391 -15.42 -67.09 -19.31
N GLY C 392 -15.69 -68.29 -19.81
CA GLY C 392 -14.66 -69.33 -19.89
C GLY C 392 -13.55 -69.03 -20.88
N HIS C 393 -13.78 -68.08 -21.78
CA HIS C 393 -12.79 -67.73 -22.79
C HIS C 393 -11.49 -67.24 -22.17
N PHE C 394 -11.58 -66.82 -20.91
CA PHE C 394 -10.44 -66.22 -20.23
C PHE C 394 -10.07 -67.03 -18.99
N LEU C 395 -10.46 -68.30 -18.99
CA LEU C 395 -10.17 -69.20 -17.89
C LEU C 395 -9.59 -70.52 -18.41
N ASP C 396 -8.54 -70.99 -17.75
CA ASP C 396 -8.01 -72.31 -18.04
C ASP C 396 -8.80 -73.35 -17.25
N ALA C 397 -8.41 -74.62 -17.38
CA ALA C 397 -9.10 -75.69 -16.66
C ALA C 397 -8.89 -75.56 -15.16
N ASN C 398 -8.00 -74.67 -14.76
CA ASN C 398 -7.77 -74.40 -13.34
C ASN C 398 -8.80 -73.43 -12.77
N GLY C 399 -8.97 -72.30 -13.44
CA GLY C 399 -9.90 -71.27 -13.00
C GLY C 399 -9.27 -69.89 -13.01
N ALA C 400 -7.97 -69.84 -13.28
CA ALA C 400 -7.25 -68.57 -13.31
C ALA C 400 -7.36 -67.90 -14.68
N LEU C 401 -6.87 -66.67 -14.77
CA LEU C 401 -7.00 -65.89 -16.01
C LEU C 401 -6.11 -66.28 -17.19
N LYS C 402 -6.75 -66.53 -18.33
CA LYS C 402 -6.04 -66.85 -19.57
C LYS C 402 -6.21 -65.73 -20.59
N ARG C 403 -5.17 -64.91 -20.73
CA ARG C 403 -5.17 -63.83 -21.72
C ARG C 403 -5.50 -64.39 -23.09
N ASN C 404 -6.21 -63.62 -23.90
CA ASN C 404 -6.60 -64.07 -25.23
C ASN C 404 -6.14 -63.12 -26.33
N GLU C 405 -5.72 -63.68 -27.45
CA GLU C 405 -5.22 -62.90 -28.58
C GLU C 405 -6.31 -62.07 -29.23
N GLY C 406 -7.51 -62.65 -29.30
CA GLY C 406 -8.64 -62.00 -29.96
C GLY C 406 -9.31 -60.90 -29.15
N PHE C 407 -8.91 -60.76 -27.90
CA PHE C 407 -9.51 -59.76 -27.02
C PHE C 407 -8.78 -58.42 -27.12
N MET C 408 -9.18 -57.61 -28.09
CA MET C 408 -8.54 -56.30 -28.32
C MET C 408 -9.60 -55.22 -28.52
N PRO C 409 -10.30 -54.86 -27.43
CA PRO C 409 -11.42 -53.90 -27.51
C PRO C 409 -10.89 -52.48 -27.33
N PHE C 410 -9.66 -52.36 -26.84
CA PHE C 410 -9.02 -51.05 -26.69
C PHE C 410 -8.18 -50.73 -27.92
N SER C 411 -8.07 -51.70 -28.82
CA SER C 411 -7.19 -51.63 -29.98
C SER C 411 -5.75 -51.97 -29.59
N LEU C 412 -4.84 -51.89 -30.54
CA LEU C 412 -3.47 -52.36 -30.32
C LEU C 412 -2.41 -51.48 -30.97
N GLY C 413 -1.20 -51.52 -30.41
CA GLY C 413 -0.05 -50.87 -31.00
C GLY C 413 0.11 -49.41 -30.63
N LYS C 414 0.82 -48.69 -31.50
CA LYS C 414 1.15 -47.28 -31.30
C LYS C 414 -0.04 -46.43 -30.90
N ARG C 415 -1.22 -46.76 -31.43
CA ARG C 415 -2.40 -45.93 -31.28
C ARG C 415 -3.40 -46.47 -30.26
N ILE C 416 -2.97 -47.40 -29.42
CA ILE C 416 -3.86 -47.98 -28.43
C ILE C 416 -4.50 -46.90 -27.55
N CYS C 417 -5.51 -47.28 -26.78
CA CYS C 417 -6.28 -46.34 -25.97
C CYS C 417 -5.54 -45.93 -24.70
N LEU C 418 -5.62 -44.64 -24.36
CA LEU C 418 -5.10 -44.14 -23.10
C LEU C 418 -5.94 -44.66 -21.95
N GLY C 419 -7.26 -44.62 -22.14
CA GLY C 419 -8.21 -45.12 -21.16
C GLY C 419 -7.97 -46.55 -20.74
N GLU C 420 -6.99 -47.19 -21.36
CA GLU C 420 -6.59 -48.54 -21.00
C GLU C 420 -6.43 -48.71 -19.50
N GLY C 421 -5.82 -47.71 -18.86
CA GLY C 421 -5.58 -47.75 -17.42
C GLY C 421 -6.74 -47.51 -16.47
N ILE C 422 -7.43 -46.39 -16.66
CA ILE C 422 -8.49 -45.99 -15.73
C ILE C 422 -9.74 -46.80 -16.10
N ALA C 423 -10.04 -46.89 -17.39
CA ALA C 423 -11.24 -47.58 -17.85
C ALA C 423 -11.37 -48.97 -17.22
N ARG C 424 -10.38 -49.82 -17.47
CA ARG C 424 -10.38 -51.17 -16.92
C ARG C 424 -10.66 -51.16 -15.43
N THR C 425 -9.92 -50.35 -14.70
CA THR C 425 -10.07 -50.25 -13.24
C THR C 425 -11.47 -49.77 -12.86
N GLU C 426 -11.98 -48.78 -13.60
CA GLU C 426 -13.31 -48.26 -13.36
C GLU C 426 -14.35 -49.38 -13.43
N LEU C 427 -14.20 -50.27 -14.41
CA LEU C 427 -15.10 -51.39 -14.56
C LEU C 427 -15.11 -52.27 -13.30
N PHE C 428 -13.95 -52.80 -12.95
CA PHE C 428 -13.84 -53.71 -11.82
C PHE C 428 -14.47 -53.15 -10.55
N LEU C 429 -14.14 -51.91 -10.22
CA LEU C 429 -14.64 -51.28 -9.00
C LEU C 429 -16.12 -50.93 -9.11
N PHE C 430 -16.47 -50.13 -10.11
CA PHE C 430 -17.86 -49.71 -10.32
C PHE C 430 -18.80 -50.90 -10.49
N PHE C 431 -18.28 -52.01 -10.99
CA PHE C 431 -19.09 -53.20 -11.26
C PHE C 431 -19.28 -54.03 -9.98
N THR C 432 -18.17 -54.31 -9.29
CA THR C 432 -18.24 -55.10 -8.07
C THR C 432 -18.88 -54.33 -6.92
N THR C 433 -18.38 -53.13 -6.67
CA THR C 433 -18.88 -52.31 -5.56
C THR C 433 -20.40 -52.19 -5.59
N ILE C 434 -20.97 -52.02 -6.78
CA ILE C 434 -22.42 -52.01 -6.95
C ILE C 434 -23.00 -53.37 -6.62
N LEU C 435 -22.55 -54.40 -7.34
CA LEU C 435 -23.03 -55.76 -7.15
C LEU C 435 -22.78 -56.28 -5.74
N GLN C 436 -21.81 -55.68 -5.06
CA GLN C 436 -21.51 -56.03 -3.68
C GLN C 436 -22.67 -55.66 -2.78
N ASN C 437 -23.10 -54.40 -2.87
CA ASN C 437 -24.15 -53.88 -1.99
C ASN C 437 -25.57 -54.05 -2.53
N PHE C 438 -25.70 -54.55 -3.75
CA PHE C 438 -27.00 -54.66 -4.38
C PHE C 438 -27.22 -55.97 -5.13
N SER C 439 -28.49 -56.30 -5.33
CA SER C 439 -28.90 -57.30 -6.29
C SER C 439 -29.61 -56.56 -7.41
N ILE C 440 -29.53 -57.09 -8.63
CA ILE C 440 -30.21 -56.47 -9.76
C ILE C 440 -31.49 -57.22 -10.09
N ALA C 441 -32.53 -56.47 -10.47
CA ALA C 441 -33.82 -57.06 -10.79
C ALA C 441 -34.48 -56.31 -11.94
N SER C 442 -35.22 -57.04 -12.76
CA SER C 442 -35.93 -56.46 -13.88
C SER C 442 -37.26 -57.17 -14.09
N PRO C 443 -38.29 -56.43 -14.52
CA PRO C 443 -39.60 -57.03 -14.82
C PRO C 443 -39.55 -57.82 -16.12
N VAL C 444 -38.56 -57.52 -16.97
CA VAL C 444 -38.42 -58.20 -18.25
C VAL C 444 -37.65 -59.51 -18.08
N PRO C 445 -38.23 -60.61 -18.59
CA PRO C 445 -37.65 -61.96 -18.49
C PRO C 445 -36.32 -62.07 -19.23
N PRO C 446 -35.38 -62.88 -18.69
CA PRO C 446 -34.06 -63.05 -19.30
C PRO C 446 -34.17 -63.47 -20.76
N GLU C 447 -35.06 -64.42 -21.03
CA GLU C 447 -35.26 -64.91 -22.39
C GLU C 447 -35.59 -63.78 -23.36
N ASP C 448 -36.20 -62.72 -22.83
CA ASP C 448 -36.64 -61.60 -23.67
C ASP C 448 -35.55 -60.56 -23.89
N ILE C 449 -34.58 -60.50 -22.97
CA ILE C 449 -33.50 -59.53 -23.08
C ILE C 449 -32.82 -59.60 -24.45
N ASP C 450 -32.83 -58.49 -25.17
CA ASP C 450 -32.29 -58.43 -26.52
C ASP C 450 -31.10 -57.48 -26.60
N LEU C 451 -29.93 -58.03 -26.91
CA LEU C 451 -28.70 -57.23 -26.92
C LEU C 451 -28.46 -56.52 -28.25
N THR C 452 -29.23 -56.87 -29.27
CA THR C 452 -29.12 -56.22 -30.57
C THR C 452 -29.13 -54.71 -30.40
N PRO C 453 -28.01 -54.05 -30.71
CA PRO C 453 -27.78 -52.62 -30.43
C PRO C 453 -28.91 -51.75 -30.96
N ARG C 454 -29.25 -50.71 -30.20
CA ARG C 454 -30.28 -49.76 -30.63
C ARG C 454 -29.82 -49.01 -31.88
N GLU C 455 -28.50 -48.86 -32.02
CA GLU C 455 -27.92 -48.20 -33.18
C GLU C 455 -26.49 -48.67 -33.40
N SER C 456 -26.24 -49.29 -34.55
CA SER C 456 -24.89 -49.72 -34.90
C SER C 456 -24.23 -48.72 -35.85
N GLY C 457 -22.92 -48.58 -35.73
CA GLY C 457 -22.17 -47.64 -36.54
C GLY C 457 -20.76 -47.50 -36.01
N VAL C 458 -20.21 -46.29 -36.10
CA VAL C 458 -18.88 -46.03 -35.58
C VAL C 458 -18.85 -46.33 -34.09
N GLY C 459 -20.03 -46.34 -33.49
CA GLY C 459 -20.22 -46.79 -32.13
C GLY C 459 -21.28 -47.87 -32.10
N ASN C 460 -21.44 -48.53 -30.97
CA ASN C 460 -22.44 -49.59 -30.85
C ASN C 460 -23.27 -49.44 -29.58
N VAL C 461 -24.13 -48.43 -29.57
CA VAL C 461 -24.96 -48.13 -28.40
C VAL C 461 -25.94 -49.26 -28.09
N PRO C 462 -25.87 -49.79 -26.85
CA PRO C 462 -26.79 -50.84 -26.39
C PRO C 462 -28.13 -50.23 -26.01
N PRO C 463 -29.21 -51.00 -26.19
CA PRO C 463 -30.57 -50.50 -25.91
C PRO C 463 -30.71 -50.01 -24.47
N SER C 464 -31.65 -49.11 -24.25
CA SER C 464 -31.95 -48.62 -22.90
C SER C 464 -32.97 -49.54 -22.25
N TYR C 465 -32.78 -49.81 -20.96
CA TYR C 465 -33.59 -50.81 -20.26
C TYR C 465 -33.90 -50.40 -18.82
N GLN C 466 -35.03 -50.90 -18.32
CA GLN C 466 -35.43 -50.68 -16.95
C GLN C 466 -34.70 -51.66 -16.04
N ILE C 467 -33.96 -51.13 -15.07
CA ILE C 467 -33.29 -51.95 -14.08
C ILE C 467 -33.61 -51.42 -12.69
N ARG C 468 -33.45 -52.26 -11.67
CA ARG C 468 -33.64 -51.80 -10.30
C ARG C 468 -32.61 -52.45 -9.38
N PHE C 469 -32.19 -51.70 -8.36
CA PHE C 469 -31.16 -52.17 -7.44
C PHE C 469 -31.72 -52.38 -6.05
N LEU C 470 -31.69 -53.62 -5.57
CA LEU C 470 -32.18 -53.94 -4.23
C LEU C 470 -31.02 -54.04 -3.24
N ALA C 471 -31.12 -53.31 -2.14
CA ALA C 471 -30.10 -53.36 -1.09
C ALA C 471 -29.95 -54.79 -0.59
N ARG C 472 -28.88 -55.04 0.16
CA ARG C 472 -28.60 -56.39 0.63
C ARG C 472 -28.38 -56.47 2.13
N HIS C 473 -28.83 -57.57 2.73
CA HIS C 473 -28.71 -57.76 4.16
C HIS C 473 -28.30 -59.21 4.48
N GLY D 9 -52.29 3.51 11.60
CA GLY D 9 -53.23 3.95 12.62
C GLY D 9 -53.39 5.45 12.66
N LYS D 10 -53.00 6.12 11.57
CA LYS D 10 -53.07 7.58 11.48
C LYS D 10 -52.12 8.25 12.48
N LEU D 11 -51.51 9.35 12.05
CA LEU D 11 -50.56 10.09 12.88
C LEU D 11 -51.25 10.59 14.14
N PRO D 12 -50.48 11.13 15.10
CA PRO D 12 -51.09 11.73 16.28
C PRO D 12 -52.18 12.73 15.90
N PRO D 13 -53.11 13.00 16.82
CA PRO D 13 -54.22 13.90 16.50
C PRO D 13 -53.69 15.31 16.32
N GLY D 14 -54.55 16.24 15.91
CA GLY D 14 -54.14 17.61 15.71
C GLY D 14 -55.02 18.38 14.74
N PRO D 15 -54.80 19.70 14.67
CA PRO D 15 -55.58 20.63 13.84
C PRO D 15 -55.68 20.18 12.39
N SER D 16 -56.87 20.27 11.82
CA SER D 16 -57.10 19.92 10.42
C SER D 16 -56.54 21.00 9.50
N PRO D 17 -55.61 20.62 8.62
CA PRO D 17 -54.84 21.53 7.77
C PRO D 17 -55.48 21.81 6.41
N LEU D 18 -55.37 23.05 5.95
CA LEU D 18 -55.74 23.40 4.59
C LEU D 18 -54.58 23.00 3.68
N PRO D 19 -54.89 22.75 2.40
CA PRO D 19 -53.82 22.44 1.43
C PRO D 19 -52.86 23.62 1.29
N VAL D 20 -51.58 23.32 1.13
CA VAL D 20 -50.56 24.35 0.89
C VAL D 20 -50.21 25.17 2.14
N LEU D 21 -51.21 25.70 2.80
CA LEU D 21 -50.99 26.55 3.98
C LEU D 21 -50.65 25.74 5.22
N GLY D 22 -51.23 24.55 5.32
CA GLY D 22 -51.03 23.72 6.49
C GLY D 22 -51.91 24.06 7.68
N ASN D 23 -51.29 24.24 8.85
CA ASN D 23 -52.02 24.65 10.04
C ASN D 23 -51.74 26.12 10.32
N LEU D 24 -51.45 26.87 9.27
CA LEU D 24 -51.12 28.29 9.38
C LEU D 24 -52.07 29.08 10.28
N LEU D 25 -53.37 28.89 10.08
CA LEU D 25 -54.37 29.65 10.81
C LEU D 25 -54.41 29.27 12.29
N GLN D 26 -54.00 28.05 12.59
CA GLN D 26 -53.98 27.57 13.97
C GLN D 26 -52.65 27.88 14.66
N MET D 27 -51.94 28.88 14.15
CA MET D 27 -50.65 29.26 14.71
C MET D 27 -50.75 30.47 15.62
N ASP D 28 -49.73 30.64 16.46
CA ASP D 28 -49.67 31.78 17.38
C ASP D 28 -48.73 32.83 16.82
N ARG D 29 -48.95 34.09 17.19
CA ARG D 29 -48.15 35.18 16.65
C ARG D 29 -46.69 35.11 17.13
N LYS D 30 -46.51 34.72 18.39
CA LYS D 30 -45.20 34.77 19.03
C LYS D 30 -44.11 34.05 18.24
N GLY D 31 -44.45 32.90 17.68
CA GLY D 31 -43.49 32.13 16.91
C GLY D 31 -43.79 30.64 16.91
N LEU D 32 -42.81 29.85 16.47
CA LEU D 32 -42.98 28.40 16.40
C LEU D 32 -43.15 27.77 17.78
N LEU D 33 -42.22 28.09 18.68
CA LEU D 33 -42.27 27.52 20.03
C LEU D 33 -43.61 27.76 20.73
N ARG D 34 -43.96 29.04 20.91
CA ARG D 34 -45.20 29.40 21.56
C ARG D 34 -46.39 28.68 20.95
N SER D 35 -46.39 28.53 19.64
CA SER D 35 -47.47 27.83 18.94
C SER D 35 -47.57 26.38 19.40
N PHE D 36 -46.46 25.67 19.32
CA PHE D 36 -46.40 24.28 19.78
C PHE D 36 -46.95 24.15 21.20
N LEU D 37 -46.61 25.11 22.04
CA LEU D 37 -47.03 25.08 23.45
C LEU D 37 -48.53 25.32 23.60
N ARG D 38 -49.12 26.05 22.67
CA ARG D 38 -50.55 26.32 22.69
C ARG D 38 -51.34 25.17 22.09
N LEU D 39 -50.88 24.68 20.94
CA LEU D 39 -51.50 23.53 20.28
C LEU D 39 -51.48 22.32 21.21
N ARG D 40 -50.55 22.34 22.17
CA ARG D 40 -50.36 21.25 23.10
C ARG D 40 -51.55 21.10 24.05
N GLU D 41 -51.94 22.20 24.66
CA GLU D 41 -53.02 22.21 25.64
C GLU D 41 -54.27 21.51 25.14
N LYS D 42 -54.62 21.78 23.88
CA LYS D 42 -55.85 21.26 23.30
C LYS D 42 -55.71 19.86 22.71
N TYR D 43 -54.48 19.51 22.31
CA TYR D 43 -54.27 18.25 21.59
C TYR D 43 -53.36 17.26 22.33
N GLY D 44 -52.92 17.63 23.53
CA GLY D 44 -52.17 16.70 24.37
C GLY D 44 -50.66 16.82 24.29
N ASP D 45 -49.98 15.79 24.80
CA ASP D 45 -48.52 15.78 24.88
C ASP D 45 -47.85 15.39 23.56
N VAL D 46 -48.59 14.73 22.69
CA VAL D 46 -48.06 14.31 21.41
C VAL D 46 -49.08 14.55 20.29
N PHE D 47 -48.84 15.58 19.49
CA PHE D 47 -49.76 15.96 18.43
C PHE D 47 -49.05 16.10 17.09
N THR D 48 -49.80 16.50 16.06
CA THR D 48 -49.23 16.70 14.74
C THR D 48 -49.70 18.02 14.15
N VAL D 49 -48.73 18.88 13.81
CA VAL D 49 -49.04 20.15 13.16
C VAL D 49 -48.42 20.18 11.77
N TYR D 50 -49.11 20.79 10.83
CA TYR D 50 -48.64 20.88 9.45
C TYR D 50 -48.00 22.23 9.17
N LEU D 51 -46.67 22.21 8.96
CA LEU D 51 -45.93 23.42 8.67
C LEU D 51 -45.85 23.64 7.16
N GLY D 52 -46.96 24.07 6.59
CA GLY D 52 -47.06 24.21 5.15
C GLY D 52 -47.60 22.92 4.53
N SER D 53 -46.72 22.18 3.87
CA SER D 53 -47.07 20.89 3.32
C SER D 53 -46.64 19.79 4.29
N ARG D 54 -45.54 20.06 5.00
CA ARG D 54 -44.93 19.09 5.89
C ARG D 54 -45.79 18.82 7.13
N PRO D 55 -46.02 17.54 7.44
CA PRO D 55 -46.65 17.13 8.69
C PRO D 55 -45.58 16.77 9.72
N VAL D 56 -45.48 17.56 10.78
CA VAL D 56 -44.49 17.30 11.83
C VAL D 56 -45.14 16.83 13.12
N VAL D 57 -44.49 15.86 13.77
CA VAL D 57 -44.98 15.32 15.03
C VAL D 57 -44.27 16.02 16.19
N VAL D 58 -45.06 16.66 17.05
CA VAL D 58 -44.50 17.41 18.17
C VAL D 58 -44.58 16.62 19.47
N LEU D 59 -43.44 16.51 20.15
CA LEU D 59 -43.37 15.80 21.43
C LEU D 59 -43.17 16.78 22.57
N CYS D 60 -44.00 16.65 23.61
CA CYS D 60 -43.92 17.56 24.75
C CYS D 60 -43.87 16.83 26.09
N GLY D 61 -43.18 17.44 27.06
CA GLY D 61 -43.02 16.84 28.37
C GLY D 61 -41.72 16.05 28.47
N THR D 62 -41.26 15.82 29.69
CA THR D 62 -40.07 15.03 29.91
C THR D 62 -40.36 13.55 29.65
N ASP D 63 -41.61 13.17 29.87
CA ASP D 63 -42.03 11.78 29.69
C ASP D 63 -42.06 11.38 28.23
N ALA D 64 -42.70 12.19 27.40
CA ALA D 64 -42.87 11.87 25.98
C ALA D 64 -41.57 11.97 25.20
N ILE D 65 -40.82 13.04 25.41
CA ILE D 65 -39.53 13.21 24.75
C ILE D 65 -38.64 12.00 24.98
N ARG D 66 -38.62 11.51 26.21
CA ARG D 66 -37.80 10.36 26.56
C ARG D 66 -38.32 9.07 25.93
N GLU D 67 -39.64 8.91 25.90
CA GLU D 67 -40.26 7.72 25.33
C GLU D 67 -39.83 7.53 23.88
N ALA D 68 -39.57 8.63 23.19
CA ALA D 68 -39.19 8.57 21.79
C ALA D 68 -37.68 8.55 21.51
N LEU D 69 -36.97 9.51 22.07
CA LEU D 69 -35.54 9.68 21.81
C LEU D 69 -34.70 8.67 22.59
N VAL D 70 -35.19 8.23 23.74
CA VAL D 70 -34.42 7.32 24.59
C VAL D 70 -34.84 5.87 24.41
N ASP D 71 -36.13 5.59 24.66
CA ASP D 71 -36.65 4.24 24.54
C ASP D 71 -36.54 3.66 23.13
N GLN D 72 -37.27 4.25 22.19
CA GLN D 72 -37.18 3.83 20.80
C GLN D 72 -36.18 4.84 20.27
N ALA D 73 -34.91 4.61 20.58
CA ALA D 73 -33.83 5.55 20.29
C ALA D 73 -33.50 5.46 18.80
N GLU D 74 -33.59 4.25 18.25
CA GLU D 74 -33.20 4.02 16.86
C GLU D 74 -34.19 4.64 15.87
N ALA D 75 -35.48 4.47 16.15
CA ALA D 75 -36.51 5.01 15.26
C ALA D 75 -36.40 6.52 15.13
N PHE D 76 -36.33 7.21 16.27
CA PHE D 76 -36.31 8.67 16.30
C PHE D 76 -34.91 9.27 16.11
N SER D 77 -34.01 8.52 15.47
CA SER D 77 -32.62 8.97 15.36
C SER D 77 -32.30 9.61 14.01
N GLY D 78 -33.33 10.08 13.32
CA GLY D 78 -33.15 10.72 12.02
C GLY D 78 -33.08 12.22 12.12
N ARG D 79 -32.20 12.82 11.33
CA ARG D 79 -32.06 14.27 11.29
C ARG D 79 -33.10 14.89 10.37
N GLY D 80 -33.54 16.10 10.71
CA GLY D 80 -34.46 16.85 9.87
C GLY D 80 -33.77 18.10 9.35
N LYS D 81 -34.36 18.70 8.32
CA LYS D 81 -33.77 19.89 7.71
C LYS D 81 -34.20 21.16 8.43
N ILE D 82 -33.30 22.12 8.53
CA ILE D 82 -33.64 23.47 8.99
C ILE D 82 -33.81 24.40 7.80
N ALA D 83 -34.94 25.10 7.75
CA ALA D 83 -35.30 25.92 6.60
C ALA D 83 -34.14 26.70 6.01
N VAL D 84 -33.59 27.62 6.81
CA VAL D 84 -32.68 28.64 6.30
C VAL D 84 -31.25 28.19 6.03
N VAL D 85 -30.73 27.28 6.85
CA VAL D 85 -29.34 26.88 6.73
C VAL D 85 -29.13 25.69 5.79
N ASP D 86 -30.23 25.05 5.40
CA ASP D 86 -30.15 23.89 4.51
C ASP D 86 -29.50 24.22 3.16
N PRO D 87 -29.79 25.41 2.62
CA PRO D 87 -29.11 25.82 1.39
C PRO D 87 -27.59 25.67 1.49
N ILE D 88 -27.05 25.76 2.70
CA ILE D 88 -25.63 25.61 2.93
C ILE D 88 -25.21 24.15 3.07
N PHE D 89 -25.84 23.46 4.03
CA PHE D 89 -25.47 22.08 4.35
C PHE D 89 -26.01 21.06 3.35
N GLN D 90 -27.29 21.20 2.99
CA GLN D 90 -27.91 20.32 2.00
C GLN D 90 -27.79 18.84 2.37
N GLY D 91 -27.89 18.54 3.66
CA GLY D 91 -27.81 17.17 4.12
C GLY D 91 -26.38 16.71 4.34
N TYR D 92 -25.45 17.67 4.31
CA TYR D 92 -24.04 17.37 4.52
C TYR D 92 -23.56 17.94 5.85
N GLY D 93 -22.41 17.46 6.32
CA GLY D 93 -21.89 17.85 7.62
C GLY D 93 -22.36 16.91 8.70
N VAL D 94 -21.60 16.85 9.79
CA VAL D 94 -21.92 15.94 10.89
C VAL D 94 -23.31 16.19 11.48
N ILE D 95 -23.78 17.42 11.37
CA ILE D 95 -25.05 17.80 11.98
C ILE D 95 -26.28 17.37 11.18
N PHE D 96 -26.39 17.86 9.94
CA PHE D 96 -27.60 17.64 9.15
C PHE D 96 -27.55 16.41 8.25
N ALA D 97 -26.71 15.44 8.60
CA ALA D 97 -26.56 14.23 7.80
C ALA D 97 -27.40 13.07 8.36
N ASN D 98 -27.55 12.01 7.56
CA ASN D 98 -28.30 10.84 7.98
C ASN D 98 -27.66 9.52 7.57
N GLY D 99 -28.15 8.42 8.15
CA GLY D 99 -27.67 7.09 7.83
C GLY D 99 -26.18 6.91 8.02
N GLU D 100 -25.59 6.06 7.17
CA GLU D 100 -24.16 5.77 7.22
C GLU D 100 -23.32 7.04 7.18
N ARG D 101 -23.72 7.99 6.32
CA ARG D 101 -23.02 9.26 6.20
C ARG D 101 -22.90 9.96 7.56
N TRP D 102 -23.94 9.83 8.38
CA TRP D 102 -23.96 10.46 9.70
C TRP D 102 -23.23 9.62 10.74
N ARG D 103 -23.50 8.32 10.75
CA ARG D 103 -22.81 7.42 11.68
C ARG D 103 -21.30 7.54 11.53
N ALA D 104 -20.85 7.84 10.32
CA ALA D 104 -19.42 7.89 10.02
C ALA D 104 -18.80 9.23 10.40
N LEU D 105 -19.63 10.26 10.56
CA LEU D 105 -19.14 11.59 10.92
C LEU D 105 -19.33 11.87 12.40
N ARG D 106 -20.14 11.07 13.07
CA ARG D 106 -20.17 11.08 14.51
C ARG D 106 -19.04 10.19 15.00
N ARG D 107 -18.95 9.00 14.41
CA ARG D 107 -17.87 8.06 14.72
C ARG D 107 -16.52 8.75 14.54
N PHE D 108 -16.41 9.57 13.50
CA PHE D 108 -15.17 10.28 13.22
C PHE D 108 -14.99 11.49 14.13
N SER D 109 -15.88 12.47 14.01
CA SER D 109 -15.76 13.71 14.77
C SER D 109 -15.60 13.48 16.28
N LEU D 110 -16.36 12.51 16.80
CA LEU D 110 -16.28 12.19 18.22
C LEU D 110 -14.93 11.59 18.58
N ALA D 111 -14.44 10.69 17.73
CA ALA D 111 -13.19 9.98 17.99
C ALA D 111 -11.98 10.83 17.65
N THR D 112 -12.18 11.89 16.88
CA THR D 112 -11.07 12.76 16.49
C THR D 112 -10.84 13.87 17.51
N MET D 113 -11.93 14.34 18.12
CA MET D 113 -11.82 15.34 19.18
C MET D 113 -11.33 14.70 20.47
N ARG D 114 -11.87 13.53 20.79
CA ARG D 114 -11.46 12.79 21.99
C ARG D 114 -10.02 12.31 21.87
N ASP D 115 -9.53 12.24 20.63
CA ASP D 115 -8.14 11.83 20.39
C ASP D 115 -7.23 13.06 20.43
N PHE D 116 -7.80 14.22 20.76
CA PHE D 116 -7.04 15.46 20.80
C PHE D 116 -7.20 16.25 22.11
N GLY D 117 -8.00 15.72 23.04
CA GLY D 117 -8.13 16.35 24.34
C GLY D 117 -9.53 16.29 24.93
N MET D 118 -10.52 16.13 24.07
CA MET D 118 -11.92 16.07 24.52
C MET D 118 -12.09 15.13 25.72
N GLY D 119 -11.18 14.18 25.86
CA GLY D 119 -11.19 13.25 26.98
C GLY D 119 -11.02 13.91 28.33
N LYS D 120 -11.02 15.24 28.33
CA LYS D 120 -10.97 16.04 29.55
C LYS D 120 -9.58 16.27 30.14
N ARG D 121 -8.56 15.61 29.59
CA ARG D 121 -7.20 15.71 30.11
C ARG D 121 -6.41 16.91 29.59
N SER D 122 -6.33 17.03 28.26
CA SER D 122 -5.52 18.07 27.63
C SER D 122 -6.40 19.30 27.44
N VAL D 123 -7.69 19.06 27.19
CA VAL D 123 -8.63 20.16 26.95
C VAL D 123 -8.86 20.97 28.21
N GLU D 124 -8.85 20.31 29.37
CA GLU D 124 -9.06 20.99 30.64
C GLU D 124 -7.98 22.05 30.83
N GLU D 125 -6.74 21.68 30.55
CA GLU D 125 -5.62 22.60 30.69
C GLU D 125 -5.71 23.71 29.65
N ARG D 126 -6.06 23.35 28.42
CA ARG D 126 -6.22 24.34 27.36
C ARG D 126 -7.31 25.34 27.73
N ILE D 127 -8.38 24.85 28.34
CA ILE D 127 -9.47 25.70 28.80
C ILE D 127 -9.04 26.55 30.00
N GLN D 128 -8.48 25.89 31.01
CA GLN D 128 -7.95 26.58 32.17
C GLN D 128 -7.06 27.74 31.74
N GLU D 129 -6.40 27.57 30.59
CA GLU D 129 -5.53 28.60 30.06
C GLU D 129 -6.34 29.76 29.49
N GLU D 130 -7.30 29.44 28.63
CA GLU D 130 -8.15 30.46 28.03
C GLU D 130 -8.82 31.26 29.14
N ALA D 131 -9.10 30.58 30.25
CA ALA D 131 -9.66 31.24 31.43
C ALA D 131 -8.69 32.30 31.94
N ARG D 132 -7.42 31.95 32.02
CA ARG D 132 -6.38 32.88 32.46
C ARG D 132 -6.38 34.11 31.55
N CYS D 133 -6.36 33.87 30.24
CA CYS D 133 -6.40 34.96 29.27
C CYS D 133 -7.60 35.85 29.52
N LEU D 134 -8.77 35.24 29.64
CA LEU D 134 -10.02 35.97 29.84
C LEU D 134 -9.96 36.88 31.07
N VAL D 135 -9.46 36.33 32.18
CA VAL D 135 -9.31 37.12 33.41
C VAL D 135 -8.36 38.28 33.14
N GLU D 136 -7.26 37.99 32.46
CA GLU D 136 -6.28 39.01 32.11
C GLU D 136 -6.92 40.09 31.26
N GLU D 137 -7.84 39.69 30.38
CA GLU D 137 -8.51 40.62 29.48
C GLU D 137 -9.51 41.51 30.20
N LEU D 138 -10.33 40.92 31.06
CA LEU D 138 -11.29 41.68 31.85
C LEU D 138 -10.55 42.67 32.75
N ARG D 139 -9.48 42.19 33.38
CA ARG D 139 -8.65 43.03 34.22
C ARG D 139 -8.01 44.14 33.38
N LYS D 140 -7.73 43.83 32.11
CA LYS D 140 -7.05 44.77 31.23
C LYS D 140 -7.97 45.89 30.75
N SER D 141 -9.24 45.82 31.13
CA SER D 141 -10.21 46.83 30.71
C SER D 141 -10.52 47.84 31.82
N LYS D 142 -9.83 47.71 32.95
CA LYS D 142 -9.97 48.63 34.06
C LYS D 142 -11.38 48.66 34.66
N GLY D 143 -12.24 47.78 34.18
CA GLY D 143 -13.57 47.62 34.76
C GLY D 143 -14.57 48.69 34.38
N ALA D 144 -14.80 48.85 33.08
CA ALA D 144 -15.85 49.74 32.61
C ALA D 144 -16.99 48.92 32.02
N LEU D 145 -18.05 49.59 31.59
CA LEU D 145 -19.17 48.89 30.96
C LEU D 145 -18.83 48.42 29.56
N LEU D 146 -18.99 47.13 29.32
CA LEU D 146 -18.73 46.55 28.02
C LEU D 146 -19.85 45.60 27.65
N ASP D 147 -19.76 45.00 26.46
CA ASP D 147 -20.70 43.97 26.05
C ASP D 147 -19.82 42.74 26.03
N ASN D 148 -20.26 41.71 26.77
CA ASN D 148 -19.45 40.52 26.99
C ASN D 148 -19.75 39.49 25.89
N THR D 149 -20.50 39.90 24.88
CA THR D 149 -20.87 38.97 23.81
C THR D 149 -19.79 38.45 22.88
N LEU D 150 -19.02 39.36 22.30
CA LEU D 150 -17.96 38.98 21.37
C LEU D 150 -16.75 38.60 22.20
N LEU D 151 -16.76 38.99 23.48
CA LEU D 151 -15.67 38.64 24.38
C LEU D 151 -15.84 37.19 24.85
N PHE D 152 -17.06 36.83 25.23
CA PHE D 152 -17.35 35.46 25.65
C PHE D 152 -17.36 34.52 24.45
N HIS D 153 -17.79 35.04 23.30
CA HIS D 153 -17.81 34.25 22.07
C HIS D 153 -16.41 33.79 21.71
N SER D 154 -15.41 34.54 22.19
CA SER D 154 -14.02 34.24 21.89
C SER D 154 -13.50 33.07 22.70
N ILE D 155 -13.70 33.12 24.01
CA ILE D 155 -13.18 32.10 24.91
C ILE D 155 -13.62 30.70 24.52
N THR D 156 -14.82 30.57 23.97
CA THR D 156 -15.36 29.27 23.58
C THR D 156 -14.91 28.86 22.19
N SER D 157 -15.04 29.77 21.22
CA SER D 157 -14.60 29.51 19.86
C SER D 157 -13.13 29.10 19.86
N ASN D 158 -12.34 29.76 20.70
CA ASN D 158 -10.91 29.49 20.81
C ASN D 158 -10.61 28.09 21.34
N ILE D 159 -11.62 27.45 21.92
CA ILE D 159 -11.44 26.11 22.45
C ILE D 159 -11.53 25.07 21.34
N ILE D 160 -12.49 25.24 20.45
CA ILE D 160 -12.68 24.29 19.35
C ILE D 160 -11.63 24.52 18.28
N CYS D 161 -11.17 25.75 18.16
CA CYS D 161 -10.09 26.07 17.23
C CYS D 161 -8.81 25.38 17.66
N SER D 162 -8.69 25.10 18.95
CA SER D 162 -7.56 24.36 19.48
C SER D 162 -7.61 22.93 18.95
N ILE D 163 -8.82 22.44 18.72
CA ILE D 163 -9.01 21.08 18.24
C ILE D 163 -9.11 21.02 16.72
N VAL D 164 -9.84 21.96 16.14
CA VAL D 164 -10.16 21.92 14.72
C VAL D 164 -9.14 22.64 13.83
N PHE D 165 -8.68 23.80 14.27
CA PHE D 165 -7.79 24.61 13.46
C PHE D 165 -6.36 24.62 13.98
N GLY D 166 -6.12 23.91 15.09
CA GLY D 166 -4.80 23.76 15.66
C GLY D 166 -4.24 25.03 16.30
N LYS D 167 -4.88 26.16 16.05
CA LYS D 167 -4.41 27.43 16.55
C LYS D 167 -5.45 28.11 17.44
N ARG D 168 -5.06 29.22 18.06
CA ARG D 168 -6.01 30.07 18.77
C ARG D 168 -5.72 31.53 18.42
N PHE D 169 -6.77 32.35 18.37
CA PHE D 169 -6.62 33.73 17.92
C PHE D 169 -6.69 34.72 19.07
N ASP D 170 -5.95 35.82 18.93
CA ASP D 170 -5.94 36.86 19.95
C ASP D 170 -7.31 37.54 19.97
N TYR D 171 -7.67 38.08 21.13
CA TYR D 171 -9.00 38.63 21.35
C TYR D 171 -9.24 39.88 20.52
N LYS D 172 -8.18 40.41 19.89
CA LYS D 172 -8.30 41.65 19.14
C LYS D 172 -7.95 41.49 17.66
N ASP D 173 -7.86 40.24 17.20
CA ASP D 173 -7.60 39.98 15.79
C ASP D 173 -8.83 40.29 14.96
N PRO D 174 -8.74 41.33 14.11
CA PRO D 174 -9.86 41.80 13.29
C PRO D 174 -10.55 40.67 12.51
N VAL D 175 -9.79 39.66 12.09
CA VAL D 175 -10.34 38.53 11.36
C VAL D 175 -11.16 37.62 12.28
N PHE D 176 -10.52 37.15 13.35
CA PHE D 176 -11.18 36.29 14.32
C PHE D 176 -12.49 36.92 14.80
N LEU D 177 -12.46 38.23 15.01
CA LEU D 177 -13.64 38.96 15.46
C LEU D 177 -14.70 38.99 14.37
N ARG D 178 -14.26 38.98 13.11
CA ARG D 178 -15.19 38.98 11.98
C ARG D 178 -15.97 37.68 11.91
N LEU D 179 -15.28 36.56 12.06
CA LEU D 179 -15.94 35.25 12.08
C LEU D 179 -16.93 35.17 13.24
N LEU D 180 -16.47 35.52 14.43
CA LEU D 180 -17.31 35.48 15.61
C LEU D 180 -18.58 36.30 15.41
N ASP D 181 -18.41 37.57 15.05
CA ASP D 181 -19.55 38.44 14.82
C ASP D 181 -20.56 37.81 13.85
N LEU D 182 -20.03 37.10 12.86
CA LEU D 182 -20.88 36.41 11.88
C LEU D 182 -21.72 35.32 12.54
N PHE D 183 -21.06 34.43 13.28
CA PHE D 183 -21.77 33.39 14.03
C PHE D 183 -22.88 34.01 14.86
N PHE D 184 -22.57 35.15 15.48
CA PHE D 184 -23.50 35.82 16.38
C PHE D 184 -24.75 36.35 15.67
N GLN D 185 -24.55 37.24 14.70
CA GLN D 185 -25.68 37.81 13.97
C GLN D 185 -26.51 36.73 13.29
N SER D 186 -25.84 35.67 12.84
CA SER D 186 -26.50 34.61 12.10
C SER D 186 -27.42 33.77 12.98
N PHE D 187 -27.02 33.54 14.23
CA PHE D 187 -27.85 32.79 15.16
C PHE D 187 -29.08 33.59 15.58
N SER D 188 -29.00 34.91 15.38
CA SER D 188 -30.14 35.78 15.65
C SER D 188 -31.12 35.74 14.48
N LEU D 189 -30.57 35.65 13.27
CA LEU D 189 -31.40 35.60 12.07
C LEU D 189 -32.04 34.23 11.90
N ILE D 190 -31.35 33.19 12.33
CA ILE D 190 -31.91 31.85 12.30
C ILE D 190 -33.06 31.74 13.30
N SER D 191 -32.94 32.48 14.40
CA SER D 191 -33.97 32.46 15.43
C SER D 191 -34.91 33.64 15.28
N SER D 192 -34.85 34.30 14.13
CA SER D 192 -35.68 35.47 13.86
C SER D 192 -37.14 35.08 13.66
N PHE D 193 -37.96 36.06 13.31
CA PHE D 193 -39.35 35.77 12.97
C PHE D 193 -39.48 35.36 11.51
N SER D 194 -38.57 35.88 10.69
CA SER D 194 -38.58 35.58 9.26
C SER D 194 -38.05 34.17 9.00
N SER D 195 -37.27 33.66 9.94
CA SER D 195 -36.64 32.36 9.78
C SER D 195 -37.62 31.23 10.12
N GLN D 196 -38.80 31.60 10.61
CA GLN D 196 -39.82 30.63 10.96
C GLN D 196 -40.95 30.69 9.94
N VAL D 197 -41.33 31.91 9.57
CA VAL D 197 -42.24 32.12 8.45
C VAL D 197 -41.63 31.45 7.22
N PHE D 198 -40.31 31.41 7.19
CA PHE D 198 -39.57 30.79 6.11
C PHE D 198 -39.62 29.26 6.22
N GLU D 199 -39.62 28.77 7.46
CA GLU D 199 -39.67 27.34 7.71
C GLU D 199 -40.95 26.73 7.16
N LEU D 200 -41.99 27.55 7.05
CA LEU D 200 -43.29 27.07 6.60
C LEU D 200 -43.58 27.24 5.11
N PHE D 201 -43.03 28.29 4.52
CA PHE D 201 -43.33 28.61 3.13
C PHE D 201 -41.94 28.85 2.53
N SER D 202 -41.24 27.76 2.25
CA SER D 202 -39.87 27.82 1.74
C SER D 202 -39.87 27.93 0.22
N GLY D 203 -40.66 27.09 -0.44
CA GLY D 203 -40.71 27.05 -1.89
C GLY D 203 -41.21 28.39 -2.43
N PHE D 204 -42.14 29.00 -1.71
CA PHE D 204 -42.72 30.27 -2.12
C PHE D 204 -41.75 31.43 -1.90
N LEU D 205 -41.23 31.53 -0.68
CA LEU D 205 -40.43 32.67 -0.27
C LEU D 205 -38.96 32.59 -0.70
N LYS D 206 -38.54 31.42 -1.18
CA LYS D 206 -37.13 31.21 -1.51
C LYS D 206 -36.74 31.90 -2.81
N TYR D 207 -37.65 32.68 -3.38
CA TYR D 207 -37.37 33.43 -4.60
C TYR D 207 -37.31 34.92 -4.31
N PHE D 208 -38.17 35.37 -3.41
CA PHE D 208 -38.24 36.78 -3.04
C PHE D 208 -37.24 37.08 -1.93
N PRO D 209 -36.57 38.23 -2.01
CA PRO D 209 -35.54 38.62 -1.04
C PRO D 209 -36.05 38.55 0.39
N GLY D 210 -35.15 38.25 1.33
CA GLY D 210 -35.52 38.15 2.73
C GLY D 210 -34.32 37.84 3.62
N THR D 211 -34.58 37.70 4.91
CA THR D 211 -33.52 37.42 5.88
C THR D 211 -32.80 36.11 5.54
N HIS D 212 -33.53 35.18 4.95
CA HIS D 212 -32.96 33.90 4.55
C HIS D 212 -31.78 34.12 3.61
N ARG D 213 -31.78 35.27 2.96
CA ARG D 213 -30.74 35.63 2.01
C ARG D 213 -29.43 35.93 2.73
N GLN D 214 -29.52 36.72 3.79
CA GLN D 214 -28.35 37.16 4.54
C GLN D 214 -27.72 36.03 5.33
N ILE D 215 -28.55 35.09 5.77
CA ILE D 215 -28.06 33.94 6.51
C ILE D 215 -27.13 33.10 5.63
N TYR D 216 -27.51 32.92 4.37
CA TYR D 216 -26.73 32.13 3.43
C TYR D 216 -25.42 32.83 3.08
N ARG D 217 -25.44 34.16 3.07
CA ARG D 217 -24.26 34.94 2.77
C ARG D 217 -23.26 34.86 3.92
N ASN D 218 -23.77 34.98 5.14
CA ASN D 218 -22.94 34.93 6.33
C ASN D 218 -22.21 33.59 6.47
N LEU D 219 -22.83 32.53 5.97
CA LEU D 219 -22.25 31.19 6.07
C LEU D 219 -21.27 30.91 4.94
N GLN D 220 -21.50 31.53 3.77
CA GLN D 220 -20.58 31.37 2.65
C GLN D 220 -19.25 32.03 2.94
N GLU D 221 -19.25 32.98 3.87
CA GLU D 221 -18.03 33.63 4.30
C GLU D 221 -17.27 32.72 5.27
N ILE D 222 -18.01 32.17 6.23
CA ILE D 222 -17.42 31.30 7.23
C ILE D 222 -16.91 30.01 6.59
N ASN D 223 -17.53 29.63 5.47
CA ASN D 223 -17.04 28.50 4.70
C ASN D 223 -15.81 28.88 3.88
N THR D 224 -15.85 30.07 3.28
CA THR D 224 -14.72 30.58 2.52
C THR D 224 -13.48 30.62 3.40
N PHE D 225 -13.67 30.96 4.67
CA PHE D 225 -12.57 30.97 5.62
C PHE D 225 -12.12 29.54 5.95
N ILE D 226 -13.08 28.64 6.12
CA ILE D 226 -12.77 27.24 6.37
C ILE D 226 -12.04 26.63 5.17
N GLY D 227 -12.45 27.03 3.98
CA GLY D 227 -11.85 26.53 2.76
C GLY D 227 -10.37 26.85 2.65
N GLN D 228 -10.04 28.14 2.72
CA GLN D 228 -8.66 28.57 2.63
C GLN D 228 -7.85 28.08 3.82
N SER D 229 -8.52 27.89 4.95
CA SER D 229 -7.87 27.33 6.13
C SER D 229 -7.59 25.85 5.91
N VAL D 230 -8.53 25.16 5.28
CA VAL D 230 -8.31 23.77 4.90
C VAL D 230 -7.20 23.70 3.86
N GLU D 231 -7.02 24.79 3.13
CA GLU D 231 -6.00 24.84 2.09
C GLU D 231 -4.59 24.88 2.68
N LYS D 232 -4.38 25.76 3.66
CA LYS D 232 -3.08 25.86 4.32
C LYS D 232 -2.70 24.51 4.94
N HIS D 233 -3.62 23.94 5.72
CA HIS D 233 -3.40 22.64 6.34
C HIS D 233 -2.94 21.60 5.33
N ARG D 234 -3.37 21.76 4.09
CA ARG D 234 -3.07 20.80 3.03
C ARG D 234 -1.62 20.86 2.57
N ALA D 235 -1.04 22.06 2.60
CA ALA D 235 0.32 22.26 2.09
C ALA D 235 1.38 22.17 3.19
N THR D 236 0.96 21.83 4.41
CA THR D 236 1.89 21.63 5.51
C THR D 236 1.59 20.29 6.19
N LEU D 237 0.68 19.53 5.60
CA LEU D 237 0.24 18.26 6.19
C LEU D 237 1.36 17.21 6.26
N ASP D 238 1.78 16.91 7.48
CA ASP D 238 2.74 15.84 7.72
C ASP D 238 2.02 14.62 8.26
N PRO D 239 2.09 13.49 7.54
CA PRO D 239 1.37 12.25 7.86
C PRO D 239 1.81 11.59 9.17
N SER D 240 2.95 12.00 9.71
CA SER D 240 3.47 11.43 10.95
C SER D 240 3.17 12.35 12.14
N ASN D 241 2.56 13.49 11.84
CA ASN D 241 2.23 14.48 12.88
C ASN D 241 0.91 15.20 12.58
N PRO D 242 -0.20 14.49 12.75
CA PRO D 242 -1.52 15.11 12.58
C PRO D 242 -1.71 16.26 13.57
N ARG D 243 -1.68 17.49 13.07
CA ARG D 243 -1.75 18.67 13.92
C ARG D 243 -3.11 18.69 14.60
N ASP D 244 -4.19 18.67 13.81
CA ASP D 244 -5.54 18.76 14.38
C ASP D 244 -6.62 18.16 13.48
N PHE D 245 -7.86 18.38 13.88
CA PHE D 245 -9.02 17.85 13.16
C PHE D 245 -9.11 17.89 11.65
N ILE D 246 -8.51 18.91 11.04
CA ILE D 246 -8.54 19.07 9.60
C ILE D 246 -7.44 18.17 9.04
N ASP D 247 -6.39 17.97 9.84
CA ASP D 247 -5.31 17.06 9.45
C ASP D 247 -5.82 15.62 9.35
N VAL D 248 -6.30 15.09 10.46
CA VAL D 248 -6.77 13.71 10.54
C VAL D 248 -7.78 13.41 9.43
N TYR D 249 -8.57 14.42 9.08
CA TYR D 249 -9.59 14.26 8.04
C TYR D 249 -8.93 14.08 6.68
N LEU D 250 -7.94 14.91 6.39
CA LEU D 250 -7.21 14.82 5.13
C LEU D 250 -6.55 13.45 4.98
N LEU D 251 -5.87 13.02 6.04
CA LEU D 251 -5.20 11.72 6.04
C LEU D 251 -6.20 10.58 5.89
N ARG D 252 -7.40 10.79 6.41
CA ARG D 252 -8.48 9.82 6.29
C ARG D 252 -9.15 9.95 4.92
N MET D 253 -8.99 11.13 4.32
CA MET D 253 -9.58 11.42 3.02
C MET D 253 -8.68 10.94 1.90
N GLU D 254 -7.41 10.69 2.23
CA GLU D 254 -6.44 10.21 1.25
C GLU D 254 -6.49 8.69 1.15
N LYS D 255 -6.76 8.04 2.26
CA LYS D 255 -6.86 6.59 2.30
C LYS D 255 -8.07 6.10 1.52
N ASP D 256 -8.88 7.05 1.05
CA ASP D 256 -10.12 6.74 0.35
C ASP D 256 -10.28 7.46 -0.99
N LYS D 257 -9.17 7.93 -1.55
CA LYS D 257 -9.19 8.57 -2.86
C LYS D 257 -9.67 7.56 -3.90
N SER D 258 -9.69 6.30 -3.48
CA SER D 258 -10.11 5.21 -4.36
C SER D 258 -11.62 5.02 -4.29
N ASP D 259 -12.10 4.59 -3.13
CA ASP D 259 -13.53 4.36 -2.91
C ASP D 259 -14.24 5.68 -3.18
N PRO D 260 -15.14 5.69 -4.17
CA PRO D 260 -15.86 6.91 -4.57
C PRO D 260 -17.09 7.07 -3.69
N SER D 261 -17.37 6.06 -2.88
CA SER D 261 -18.53 6.08 -2.00
C SER D 261 -18.15 6.30 -0.54
N SER D 262 -17.01 6.95 -0.33
CA SER D 262 -16.56 7.26 1.02
C SER D 262 -17.32 8.56 1.31
N GLU D 263 -17.61 8.80 2.58
CA GLU D 263 -18.37 9.97 2.98
C GLU D 263 -17.37 11.00 3.50
N PHE D 264 -16.17 11.01 2.91
CA PHE D 264 -15.13 11.97 3.28
C PHE D 264 -14.63 12.82 2.11
N HIS D 265 -15.46 13.74 1.64
CA HIS D 265 -15.09 14.61 0.53
C HIS D 265 -14.76 16.02 1.00
N HIS D 266 -14.34 16.86 0.06
CA HIS D 266 -14.14 18.28 0.35
C HIS D 266 -15.48 18.82 0.82
N GLN D 267 -16.55 18.26 0.25
CA GLN D 267 -17.91 18.58 0.67
C GLN D 267 -18.06 18.43 2.18
N ASN D 268 -17.84 17.21 2.66
CA ASN D 268 -18.06 16.90 4.07
C ASN D 268 -17.04 17.53 5.03
N LEU D 269 -15.78 17.63 4.61
CA LEU D 269 -14.79 18.29 5.44
C LEU D 269 -15.24 19.71 5.76
N ILE D 270 -15.52 20.49 4.71
CA ILE D 270 -15.97 21.86 4.89
C ILE D 270 -17.21 21.93 5.75
N LEU D 271 -18.29 21.28 5.32
CA LEU D 271 -19.58 21.39 5.98
C LEU D 271 -19.63 20.74 7.37
N THR D 272 -18.66 19.91 7.68
CA THR D 272 -18.57 19.32 9.01
C THR D 272 -17.93 20.31 9.97
N VAL D 273 -16.86 20.94 9.50
CA VAL D 273 -16.18 21.96 10.29
C VAL D 273 -17.11 23.14 10.56
N LEU D 274 -17.81 23.59 9.52
CA LEU D 274 -18.75 24.69 9.65
C LEU D 274 -19.73 24.41 10.79
N SER D 275 -20.04 23.13 11.00
CA SER D 275 -20.93 22.73 12.08
C SER D 275 -20.20 22.79 13.42
N LEU D 276 -19.08 22.10 13.50
CA LEU D 276 -18.28 22.06 14.71
C LEU D 276 -17.79 23.46 15.10
N PHE D 277 -17.64 24.33 14.11
CA PHE D 277 -17.16 25.69 14.34
C PHE D 277 -18.29 26.54 14.89
N PHE D 278 -19.41 26.56 14.17
CA PHE D 278 -20.58 27.35 14.56
C PHE D 278 -21.17 26.83 15.87
N ALA D 279 -21.38 25.52 15.93
CA ALA D 279 -22.02 24.90 17.09
C ALA D 279 -21.10 24.84 18.31
N GLY D 280 -19.79 25.00 18.08
CA GLY D 280 -18.84 24.98 19.17
C GLY D 280 -18.74 26.35 19.83
N THR D 281 -18.96 27.39 19.03
CA THR D 281 -18.82 28.76 19.49
C THR D 281 -20.13 29.29 20.05
N GLU D 282 -21.12 29.44 19.18
CA GLU D 282 -22.35 30.15 19.50
C GLU D 282 -23.00 29.77 20.82
N THR D 283 -23.43 28.52 20.94
CA THR D 283 -24.32 28.11 22.02
C THR D 283 -23.67 28.04 23.40
N THR D 284 -22.42 27.59 23.49
CA THR D 284 -21.74 27.56 24.78
C THR D 284 -21.61 28.98 25.31
N SER D 285 -21.19 29.90 24.45
CA SER D 285 -20.96 31.29 24.83
C SER D 285 -22.24 31.99 25.28
N THR D 286 -23.26 31.96 24.43
CA THR D 286 -24.53 32.64 24.76
C THR D 286 -25.25 31.97 25.94
N THR D 287 -24.70 30.88 26.43
CA THR D 287 -25.16 30.29 27.68
C THR D 287 -24.43 30.97 28.84
N LEU D 288 -23.14 31.22 28.63
CA LEU D 288 -22.34 31.95 29.60
C LEU D 288 -22.81 33.40 29.67
N ARG D 289 -23.54 33.83 28.64
CA ARG D 289 -24.04 35.20 28.58
C ARG D 289 -25.40 35.31 29.24
N TYR D 290 -26.27 34.35 28.98
CA TYR D 290 -27.56 34.29 29.67
C TYR D 290 -27.29 34.10 31.16
N GLY D 291 -26.23 33.34 31.46
CA GLY D 291 -25.87 33.05 32.83
C GLY D 291 -25.52 34.30 33.62
N PHE D 292 -24.52 35.03 33.14
CA PHE D 292 -24.06 36.24 33.83
C PHE D 292 -25.17 37.28 33.96
N LEU D 293 -26.26 37.09 33.22
CA LEU D 293 -27.40 37.99 33.32
C LEU D 293 -28.30 37.58 34.48
N LEU D 294 -28.51 36.27 34.63
CA LEU D 294 -29.17 35.74 35.82
C LEU D 294 -28.42 36.24 37.04
N MET D 295 -27.09 36.19 36.95
CA MET D 295 -26.23 36.59 38.05
C MET D 295 -26.38 38.07 38.38
N LEU D 296 -26.88 38.85 37.42
CA LEU D 296 -27.10 40.28 37.63
C LEU D 296 -28.47 40.55 38.26
N LYS D 297 -29.44 39.69 37.97
CA LYS D 297 -30.80 39.85 38.49
C LYS D 297 -30.96 39.15 39.84
N TYR D 298 -30.15 38.13 40.05
CA TYR D 298 -30.18 37.37 41.31
C TYR D 298 -28.79 37.43 41.97
N PRO D 299 -28.48 38.58 42.58
CA PRO D 299 -27.14 38.89 43.09
C PRO D 299 -26.75 38.05 44.30
N HIS D 300 -27.70 37.78 45.19
CA HIS D 300 -27.42 37.00 46.38
C HIS D 300 -26.92 35.62 45.98
N VAL D 301 -27.37 35.14 44.83
CA VAL D 301 -26.92 33.86 44.29
C VAL D 301 -25.45 33.90 43.92
N THR D 302 -25.02 35.06 43.42
CA THR D 302 -23.64 35.26 43.01
C THR D 302 -22.69 35.16 44.21
N GLU D 303 -23.16 35.60 45.37
CA GLU D 303 -22.35 35.54 46.59
C GLU D 303 -22.13 34.11 47.04
N ARG D 304 -23.20 33.31 47.06
CA ARG D 304 -23.08 31.91 47.45
C ARG D 304 -22.14 31.18 46.49
N VAL D 305 -22.20 31.56 45.21
CA VAL D 305 -21.35 30.95 44.19
C VAL D 305 -19.87 31.31 44.43
N GLN D 306 -19.63 32.42 45.10
CA GLN D 306 -18.27 32.83 45.45
C GLN D 306 -17.88 32.26 46.81
N LYS D 307 -18.80 32.33 47.77
CA LYS D 307 -18.56 31.78 49.10
C LYS D 307 -18.09 30.35 48.98
N GLU D 308 -18.65 29.61 48.04
CA GLU D 308 -18.27 28.23 47.82
C GLU D 308 -16.93 28.16 47.08
N ILE D 309 -16.77 29.03 46.09
CA ILE D 309 -15.50 29.13 45.37
C ILE D 309 -14.36 29.39 46.35
N GLU D 310 -14.71 29.98 47.49
CA GLU D 310 -13.74 30.25 48.54
C GLU D 310 -13.52 29.03 49.44
N GLN D 311 -14.61 28.34 49.76
CA GLN D 311 -14.54 27.19 50.66
C GLN D 311 -13.78 26.01 50.05
N VAL D 312 -13.68 25.99 48.73
CA VAL D 312 -13.06 24.87 48.03
C VAL D 312 -11.80 25.27 47.28
N ILE D 313 -11.94 26.21 46.36
CA ILE D 313 -10.86 26.58 45.45
C ILE D 313 -9.94 27.63 46.06
N GLY D 314 -10.51 28.55 46.83
CA GLY D 314 -9.73 29.61 47.45
C GLY D 314 -9.50 30.79 46.52
N SER D 315 -8.36 31.45 46.70
CA SER D 315 -8.02 32.62 45.88
C SER D 315 -6.57 32.55 45.41
N HIS D 316 -5.98 31.35 45.45
CA HIS D 316 -4.59 31.18 45.06
C HIS D 316 -4.25 30.41 43.79
N ARG D 317 -5.06 29.43 43.45
CA ARG D 317 -4.79 28.55 42.33
C ARG D 317 -6.01 28.64 41.41
N PRO D 318 -5.78 28.60 40.09
CA PRO D 318 -6.85 28.58 39.09
C PRO D 318 -7.78 27.39 39.33
N PRO D 319 -9.10 27.59 39.16
CA PRO D 319 -10.10 26.54 39.34
C PRO D 319 -9.87 25.36 38.37
N ALA D 320 -10.31 24.18 38.77
CA ALA D 320 -10.14 22.99 37.93
C ALA D 320 -11.45 22.22 37.81
N LEU D 321 -11.49 21.26 36.90
CA LEU D 321 -12.72 20.52 36.61
C LEU D 321 -13.25 19.73 37.80
N ASP D 322 -12.41 18.85 38.35
CA ASP D 322 -12.86 17.98 39.44
C ASP D 322 -13.25 18.73 40.71
N ASP D 323 -13.04 20.04 40.71
CA ASP D 323 -13.50 20.88 41.80
C ASP D 323 -15.02 21.05 41.70
N ARG D 324 -15.55 20.79 40.52
CA ARG D 324 -16.98 20.83 40.29
C ARG D 324 -17.70 19.79 41.13
N ALA D 325 -17.04 18.64 41.31
CA ALA D 325 -17.59 17.56 42.12
C ALA D 325 -17.88 18.06 43.52
N LYS D 326 -16.96 18.85 44.07
CA LYS D 326 -17.05 19.31 45.44
C LYS D 326 -17.80 20.64 45.57
N MET D 327 -18.62 20.96 44.56
CA MET D 327 -19.38 22.22 44.57
C MET D 327 -20.80 22.02 44.08
N PRO D 328 -21.70 21.58 44.97
CA PRO D 328 -23.09 21.30 44.63
C PRO D 328 -23.86 22.54 44.19
N TYR D 329 -23.69 23.63 44.92
CA TYR D 329 -24.43 24.86 44.64
C TYR D 329 -24.07 25.40 43.26
N THR D 330 -22.78 25.63 43.05
CA THR D 330 -22.30 26.14 41.77
C THR D 330 -22.73 25.22 40.62
N ASP D 331 -22.43 23.94 40.76
CA ASP D 331 -22.80 22.95 39.75
C ASP D 331 -24.30 23.00 39.46
N ALA D 332 -25.07 23.40 40.46
CA ALA D 332 -26.52 23.52 40.32
C ALA D 332 -26.90 24.84 39.64
N VAL D 333 -26.33 25.94 40.15
CA VAL D 333 -26.55 27.25 39.56
C VAL D 333 -26.25 27.23 38.07
N ILE D 334 -25.28 26.42 37.68
CA ILE D 334 -24.92 26.28 36.27
C ILE D 334 -25.97 25.50 35.50
N HIS D 335 -26.46 24.42 36.08
CA HIS D 335 -27.54 23.66 35.47
C HIS D 335 -28.75 24.56 35.30
N GLU D 336 -29.08 25.29 36.37
CA GLU D 336 -30.22 26.20 36.37
C GLU D 336 -30.07 27.25 35.27
N ILE D 337 -28.85 27.75 35.10
CA ILE D 337 -28.53 28.70 34.03
C ILE D 337 -28.93 28.10 32.70
N GLN D 338 -28.55 26.84 32.50
CA GLN D 338 -28.78 26.16 31.24
C GLN D 338 -30.24 25.80 31.05
N ARG D 339 -30.90 25.39 32.12
CA ARG D 339 -32.31 25.05 32.05
C ARG D 339 -33.15 26.27 31.70
N LEU D 340 -32.98 27.34 32.47
CA LEU D 340 -33.70 28.57 32.21
C LEU D 340 -33.22 29.22 30.91
N GLY D 341 -31.94 29.05 30.62
CA GLY D 341 -31.38 29.52 29.36
C GLY D 341 -32.20 28.99 28.21
N ASP D 342 -32.29 27.68 28.10
CA ASP D 342 -33.13 27.03 27.09
C ASP D 342 -32.80 27.58 25.69
N LEU D 343 -31.57 27.34 25.24
CA LEU D 343 -31.09 27.95 24.01
C LEU D 343 -31.69 27.36 22.73
N ILE D 344 -31.86 26.05 22.70
CA ILE D 344 -32.56 25.42 21.57
C ILE D 344 -33.94 24.93 22.02
N PRO D 345 -34.93 25.82 21.97
CA PRO D 345 -36.28 25.64 22.50
C PRO D 345 -36.96 24.35 22.03
N PHE D 346 -36.97 24.10 20.73
CA PHE D 346 -37.58 22.86 20.22
C PHE D 346 -36.66 21.81 19.62
N GLY D 347 -35.43 21.78 20.12
CA GLY D 347 -34.44 20.80 19.69
C GLY D 347 -34.05 21.09 18.25
N VAL D 348 -33.36 20.14 17.64
CA VAL D 348 -33.06 20.20 16.22
C VAL D 348 -34.00 19.15 15.64
N PRO D 349 -34.53 19.41 14.43
CA PRO D 349 -35.58 18.60 13.80
C PRO D 349 -35.13 17.16 13.69
N HIS D 350 -35.92 16.25 14.27
CA HIS D 350 -35.70 14.82 14.12
C HIS D 350 -36.67 14.27 13.09
N THR D 351 -36.34 13.10 12.54
CA THR D 351 -37.26 12.36 11.69
C THR D 351 -37.11 10.89 12.02
N VAL D 352 -38.17 10.10 11.83
CA VAL D 352 -38.09 8.68 12.10
C VAL D 352 -37.57 7.92 10.88
N THR D 353 -36.83 6.84 11.13
CA THR D 353 -36.16 6.11 10.06
C THR D 353 -37.03 5.00 9.49
N LYS D 354 -37.72 4.28 10.36
CA LYS D 354 -38.69 3.28 9.94
C LYS D 354 -40.07 3.79 10.35
N ASP D 355 -41.11 3.06 9.98
CA ASP D 355 -42.45 3.34 10.48
C ASP D 355 -42.62 2.99 11.95
N THR D 356 -42.91 3.99 12.77
CA THR D 356 -42.86 3.81 14.23
C THR D 356 -44.21 3.66 14.91
N GLN D 357 -44.35 2.58 15.69
CA GLN D 357 -45.52 2.39 16.53
C GLN D 357 -45.28 3.12 17.85
N PHE D 358 -46.00 4.22 18.06
CA PHE D 358 -45.73 5.10 19.18
C PHE D 358 -46.99 5.59 19.89
N ARG D 359 -47.10 5.27 21.18
CA ARG D 359 -48.16 5.78 22.04
C ARG D 359 -49.56 5.67 21.46
N GLY D 360 -49.83 4.59 20.73
CA GLY D 360 -51.13 4.39 20.12
C GLY D 360 -51.29 5.18 18.84
N TYR D 361 -50.19 5.33 18.11
CA TYR D 361 -50.20 6.02 16.83
C TYR D 361 -49.22 5.33 15.87
N VAL D 362 -49.25 5.75 14.61
CA VAL D 362 -48.31 5.24 13.62
C VAL D 362 -47.67 6.38 12.85
N ILE D 363 -46.36 6.50 13.01
CA ILE D 363 -45.59 7.54 12.34
C ILE D 363 -44.79 6.94 11.19
N PRO D 364 -44.99 7.47 9.97
CA PRO D 364 -44.33 6.95 8.77
C PRO D 364 -42.85 7.32 8.74
N LYS D 365 -42.07 6.64 7.93
CA LYS D 365 -40.65 6.97 7.79
C LYS D 365 -40.48 8.35 7.18
N ASN D 366 -39.36 9.00 7.50
CA ASN D 366 -39.03 10.32 6.99
C ASN D 366 -39.96 11.43 7.48
N THR D 367 -40.84 11.10 8.42
CA THR D 367 -41.70 12.11 9.03
C THR D 367 -40.95 12.84 10.14
N GLU D 368 -41.08 14.16 10.14
CA GLU D 368 -40.34 15.00 11.08
C GLU D 368 -40.92 15.00 12.49
N VAL D 369 -40.05 14.91 13.47
CA VAL D 369 -40.44 14.98 14.87
C VAL D 369 -39.72 16.14 15.54
N PHE D 370 -40.48 17.01 16.19
CA PHE D 370 -39.90 18.15 16.88
C PHE D 370 -39.88 17.95 18.38
N PRO D 371 -38.72 17.59 18.94
CA PRO D 371 -38.56 17.42 20.39
C PRO D 371 -38.61 18.86 20.90
N VAL D 372 -39.61 19.17 21.72
CA VAL D 372 -39.75 20.51 22.29
C VAL D 372 -39.00 20.30 23.59
N LEU D 373 -37.73 20.71 23.60
CA LEU D 373 -36.84 20.49 24.72
C LEU D 373 -37.18 21.49 25.82
N SER D 374 -37.81 22.60 25.45
CA SER D 374 -38.17 23.63 26.42
C SER D 374 -39.28 23.13 27.35
N SER D 375 -40.24 22.40 26.80
CA SER D 375 -41.34 21.85 27.58
C SER D 375 -40.81 20.80 28.56
N ALA D 376 -39.55 20.40 28.36
CA ALA D 376 -38.89 19.47 29.25
C ALA D 376 -38.18 20.22 30.38
N LEU D 377 -37.40 21.24 29.99
CA LEU D 377 -36.71 22.07 30.97
C LEU D 377 -37.70 22.75 31.89
N HIS D 378 -38.96 22.84 31.45
CA HIS D 378 -40.00 23.49 32.23
C HIS D 378 -41.19 22.58 32.50
N ASP D 379 -40.92 21.30 32.74
CA ASP D 379 -41.96 20.33 33.02
C ASP D 379 -42.31 20.33 34.51
N PRO D 380 -43.51 20.82 34.84
CA PRO D 380 -43.97 20.94 36.22
C PRO D 380 -43.97 19.59 36.95
N ARG D 381 -43.85 18.51 36.18
CA ARG D 381 -43.92 17.17 36.74
C ARG D 381 -42.59 16.72 37.36
N TYR D 382 -41.51 17.39 36.98
CA TYR D 382 -40.18 17.05 37.50
C TYR D 382 -39.53 18.22 38.21
N PHE D 383 -40.02 19.43 37.93
CA PHE D 383 -39.47 20.63 38.54
C PHE D 383 -40.52 21.42 39.30
N GLU D 384 -40.29 21.66 40.58
CA GLU D 384 -41.08 22.64 41.30
C GLU D 384 -40.64 24.02 40.86
N THR D 385 -41.60 24.93 40.67
CA THR D 385 -41.30 26.27 40.18
C THR D 385 -40.53 26.34 38.85
N PRO D 386 -41.05 25.65 37.83
CA PRO D 386 -40.41 25.62 36.50
C PRO D 386 -40.17 26.98 35.86
N ASN D 387 -40.83 28.02 36.36
CA ASN D 387 -40.75 29.35 35.77
C ASN D 387 -39.85 30.32 36.51
N THR D 388 -39.21 29.85 37.57
CA THR D 388 -38.34 30.71 38.37
C THR D 388 -36.94 30.10 38.52
N PHE D 389 -35.93 30.96 38.57
CA PHE D 389 -34.56 30.51 38.83
C PHE D 389 -34.38 29.89 40.20
N ASN D 390 -34.10 28.60 40.23
CA ASN D 390 -34.04 27.88 41.50
C ASN D 390 -33.01 26.76 41.47
N PRO D 391 -31.88 26.95 42.16
CA PRO D 391 -30.80 25.97 42.25
C PRO D 391 -31.28 24.71 42.97
N GLY D 392 -32.37 24.83 43.72
CA GLY D 392 -32.90 23.71 44.47
C GLY D 392 -33.32 22.53 43.59
N HIS D 393 -33.56 22.81 42.31
CA HIS D 393 -34.02 21.79 41.38
C HIS D 393 -32.96 20.70 41.19
N PHE D 394 -31.77 20.94 41.70
CA PHE D 394 -30.66 20.00 41.54
C PHE D 394 -29.91 19.76 42.84
N LEU D 395 -30.62 19.93 43.96
CA LEU D 395 -30.03 19.75 45.28
C LEU D 395 -31.03 19.09 46.21
N ASP D 396 -30.55 18.17 47.04
CA ASP D 396 -31.41 17.43 47.96
C ASP D 396 -31.43 18.05 49.35
N ALA D 397 -32.13 17.40 50.28
CA ALA D 397 -32.27 17.89 51.64
C ALA D 397 -30.93 18.13 52.31
N ASN D 398 -29.89 17.54 51.74
CA ASN D 398 -28.53 17.68 52.27
C ASN D 398 -27.81 18.85 51.61
N GLY D 399 -27.92 18.93 50.30
CA GLY D 399 -27.25 19.96 49.54
C GLY D 399 -26.23 19.38 48.59
N ALA D 400 -26.54 18.20 48.06
CA ALA D 400 -25.66 17.53 47.10
C ALA D 400 -26.34 17.45 45.74
N LEU D 401 -25.54 17.36 44.68
CA LEU D 401 -26.07 17.34 43.32
C LEU D 401 -27.06 16.19 43.13
N LYS D 402 -28.29 16.53 42.75
CA LYS D 402 -29.32 15.53 42.48
C LYS D 402 -29.77 15.63 41.03
N ARG D 403 -29.44 14.61 40.24
CA ARG D 403 -29.79 14.59 38.83
C ARG D 403 -31.30 14.68 38.64
N ASN D 404 -31.74 15.29 37.55
CA ASN D 404 -33.16 15.47 37.28
C ASN D 404 -33.58 14.94 35.91
N GLU D 405 -34.56 14.04 35.93
CA GLU D 405 -35.08 13.43 34.70
C GLU D 405 -35.30 14.42 33.56
N GLY D 406 -35.86 15.58 33.91
CA GLY D 406 -36.24 16.57 32.91
C GLY D 406 -35.19 17.62 32.63
N PHE D 407 -33.93 17.29 32.80
CA PHE D 407 -32.84 18.20 32.45
C PHE D 407 -32.16 17.74 31.18
N MET D 408 -32.66 18.22 30.04
CA MET D 408 -32.14 17.79 28.75
C MET D 408 -31.84 18.96 27.81
N PRO D 409 -30.92 19.84 28.21
CA PRO D 409 -30.54 20.96 27.34
C PRO D 409 -29.77 20.46 26.12
N PHE D 410 -29.17 19.28 26.22
CA PHE D 410 -28.40 18.71 25.12
C PHE D 410 -29.18 17.62 24.39
N SER D 411 -30.48 17.55 24.67
CA SER D 411 -31.33 16.53 24.06
C SER D 411 -30.93 15.14 24.55
N LEU D 412 -31.53 14.10 23.97
CA LEU D 412 -31.26 12.73 24.37
C LEU D 412 -31.27 11.80 23.16
N GLY D 413 -30.55 10.69 23.26
CA GLY D 413 -30.57 9.68 22.22
C GLY D 413 -29.28 9.52 21.46
N LYS D 414 -29.35 8.79 20.35
CA LYS D 414 -28.19 8.55 19.51
C LYS D 414 -27.84 9.82 18.72
N ARG D 415 -28.40 10.95 19.15
CA ARG D 415 -28.19 12.22 18.47
C ARG D 415 -27.71 13.28 19.46
N ILE D 416 -27.62 12.91 20.73
CA ILE D 416 -27.26 13.84 21.79
C ILE D 416 -25.99 14.65 21.53
N CYS D 417 -26.00 15.91 21.92
CA CYS D 417 -24.90 16.81 21.63
C CYS D 417 -23.49 16.26 21.88
N LEU D 418 -22.66 16.32 20.85
CA LEU D 418 -21.25 15.94 20.96
C LEU D 418 -20.57 16.77 22.03
N GLY D 419 -20.92 18.05 22.07
CA GLY D 419 -20.32 19.01 23.00
C GLY D 419 -20.74 18.81 24.44
N GLU D 420 -21.63 17.86 24.69
CA GLU D 420 -22.05 17.52 26.04
C GLU D 420 -20.84 17.48 26.97
N GLY D 421 -19.71 17.04 26.43
CA GLY D 421 -18.49 16.96 27.20
C GLY D 421 -17.86 18.31 27.47
N ILE D 422 -17.32 18.93 26.43
CA ILE D 422 -16.60 20.19 26.59
C ILE D 422 -17.49 21.30 27.14
N ALA D 423 -18.70 21.40 26.62
CA ALA D 423 -19.63 22.45 27.04
C ALA D 423 -19.74 22.52 28.56
N ARG D 424 -20.19 21.44 29.18
CA ARG D 424 -20.31 21.39 30.63
C ARG D 424 -19.01 21.81 31.31
N THR D 425 -17.88 21.45 30.71
CA THR D 425 -16.58 21.77 31.29
C THR D 425 -16.19 23.22 31.03
N GLU D 426 -16.54 23.73 29.86
CA GLU D 426 -16.27 25.13 29.50
C GLU D 426 -17.09 26.05 30.39
N LEU D 427 -18.37 25.71 30.57
CA LEU D 427 -19.25 26.50 31.40
C LEU D 427 -18.68 26.65 32.81
N PHE D 428 -18.52 25.53 33.50
CA PHE D 428 -18.05 25.54 34.89
C PHE D 428 -16.74 26.29 35.08
N LEU D 429 -15.73 25.90 34.32
CA LEU D 429 -14.40 26.51 34.45
C LEU D 429 -14.43 28.01 34.16
N PHE D 430 -15.08 28.39 33.07
CA PHE D 430 -15.19 29.80 32.69
C PHE D 430 -16.03 30.58 33.70
N PHE D 431 -17.06 29.93 34.23
CA PHE D 431 -17.97 30.56 35.17
C PHE D 431 -17.30 30.80 36.52
N THR D 432 -16.56 29.79 37.00
CA THR D 432 -15.95 29.87 38.32
C THR D 432 -14.58 30.56 38.31
N THR D 433 -13.95 30.63 37.14
CA THR D 433 -12.69 31.33 37.01
C THR D 433 -12.92 32.83 36.98
N ILE D 434 -14.01 33.24 36.34
CA ILE D 434 -14.39 34.65 36.26
C ILE D 434 -14.86 35.15 37.62
N LEU D 435 -15.88 34.50 38.16
CA LEU D 435 -16.48 34.92 39.44
C LEU D 435 -15.49 34.85 40.60
N GLN D 436 -14.31 34.29 40.35
CA GLN D 436 -13.27 34.25 41.37
C GLN D 436 -12.52 35.58 41.41
N ASN D 437 -12.23 36.12 40.24
CA ASN D 437 -11.41 37.33 40.14
C ASN D 437 -12.21 38.60 39.92
N PHE D 438 -13.52 38.47 39.71
CA PHE D 438 -14.35 39.63 39.44
C PHE D 438 -15.74 39.53 40.06
N SER D 439 -16.30 40.68 40.43
CA SER D 439 -17.68 40.75 40.87
C SER D 439 -18.47 41.57 39.85
N ILE D 440 -19.66 41.08 39.50
CA ILE D 440 -20.45 41.72 38.46
C ILE D 440 -21.26 42.89 38.98
N ALA D 441 -21.26 43.98 38.21
CA ALA D 441 -22.07 45.15 38.53
C ALA D 441 -22.79 45.60 37.26
N SER D 442 -23.96 46.21 37.43
CA SER D 442 -24.75 46.63 36.28
C SER D 442 -25.44 47.96 36.55
N PRO D 443 -25.65 48.75 35.49
CA PRO D 443 -26.36 50.02 35.59
C PRO D 443 -27.86 49.80 35.72
N VAL D 444 -28.29 48.54 35.71
CA VAL D 444 -29.70 48.20 35.75
C VAL D 444 -30.05 47.41 37.01
N PRO D 445 -31.14 47.81 37.70
CA PRO D 445 -31.61 47.15 38.92
C PRO D 445 -31.98 45.69 38.67
N PRO D 446 -31.61 44.81 39.62
CA PRO D 446 -31.94 43.38 39.55
C PRO D 446 -33.43 43.13 39.28
N GLU D 447 -34.30 44.00 39.80
CA GLU D 447 -35.73 43.82 39.64
C GLU D 447 -36.20 44.23 38.25
N ASP D 448 -35.41 45.04 37.58
CA ASP D 448 -35.77 45.54 36.24
C ASP D 448 -35.12 44.72 35.14
N ILE D 449 -34.15 43.89 35.51
CA ILE D 449 -33.49 43.02 34.56
C ILE D 449 -34.50 42.04 33.94
N ASP D 450 -34.47 41.93 32.62
CA ASP D 450 -35.43 41.09 31.90
C ASP D 450 -34.73 40.03 31.05
N LEU D 451 -35.01 38.77 31.33
CA LEU D 451 -34.37 37.67 30.63
C LEU D 451 -35.12 37.25 29.37
N THR D 452 -36.32 37.79 29.20
CA THR D 452 -37.13 37.48 28.02
C THR D 452 -36.29 37.55 26.75
N PRO D 453 -36.18 36.42 26.05
CA PRO D 453 -35.34 36.31 24.84
C PRO D 453 -35.62 37.42 23.83
N ARG D 454 -34.56 38.01 23.28
CA ARG D 454 -34.68 39.04 22.26
C ARG D 454 -35.20 38.43 20.97
N GLU D 455 -34.89 37.15 20.77
CA GLU D 455 -35.33 36.43 19.57
C GLU D 455 -35.56 34.95 19.89
N SER D 456 -36.82 34.57 20.02
CA SER D 456 -37.16 33.18 20.25
C SER D 456 -37.36 32.47 18.93
N GLY D 457 -37.34 31.14 18.97
CA GLY D 457 -37.52 30.34 17.77
C GLY D 457 -36.68 29.08 17.80
N VAL D 458 -36.12 28.72 16.65
CA VAL D 458 -35.26 27.56 16.56
C VAL D 458 -34.09 27.72 17.54
N GLY D 459 -33.86 28.95 17.95
CA GLY D 459 -32.90 29.26 19.00
C GLY D 459 -33.43 30.40 19.84
N ASN D 460 -32.95 30.48 21.09
CA ASN D 460 -33.36 31.54 22.00
C ASN D 460 -32.23 32.50 22.32
N VAL D 461 -32.00 33.45 21.43
CA VAL D 461 -30.96 34.45 21.65
C VAL D 461 -31.43 35.46 22.69
N PRO D 462 -30.69 35.58 23.81
CA PRO D 462 -31.05 36.46 24.91
C PRO D 462 -30.64 37.91 24.64
N PRO D 463 -31.20 38.85 25.42
CA PRO D 463 -30.87 40.27 25.23
C PRO D 463 -29.40 40.52 25.51
N SER D 464 -28.87 41.64 25.02
CA SER D 464 -27.52 42.07 25.36
C SER D 464 -27.62 43.06 26.50
N TYR D 465 -26.49 43.32 27.17
CA TYR D 465 -26.51 44.18 28.34
C TYR D 465 -25.16 44.82 28.63
N GLN D 466 -25.20 45.99 29.26
CA GLN D 466 -24.01 46.61 29.81
C GLN D 466 -23.62 45.85 31.07
N ILE D 467 -22.34 45.50 31.17
CA ILE D 467 -21.85 44.77 32.34
C ILE D 467 -20.36 45.00 32.56
N ARG D 468 -20.00 45.39 33.77
CA ARG D 468 -18.60 45.64 34.08
C ARG D 468 -18.09 44.62 35.09
N PHE D 469 -16.87 44.15 34.87
CA PHE D 469 -16.22 43.24 35.81
C PHE D 469 -15.17 43.99 36.61
N LEU D 470 -15.39 44.08 37.92
CA LEU D 470 -14.46 44.77 38.80
C LEU D 470 -13.57 43.74 39.49
N ALA D 471 -12.26 43.88 39.31
CA ALA D 471 -11.31 42.93 39.87
C ALA D 471 -11.38 42.87 41.39
N ARG D 472 -11.64 41.68 41.91
CA ARG D 472 -11.67 41.47 43.35
C ARG D 472 -10.25 41.33 43.88
N HIS D 473 -10.11 41.19 45.19
CA HIS D 473 -8.78 41.08 45.79
C HIS D 473 -8.77 40.13 46.99
N GLY E 9 22.21 22.57 -30.79
CA GLY E 9 23.23 23.05 -31.71
C GLY E 9 24.32 22.03 -31.98
N LYS E 10 24.21 20.88 -31.32
CA LYS E 10 25.16 19.79 -31.48
C LYS E 10 26.42 19.97 -30.62
N LEU E 11 27.13 18.87 -30.38
CA LEU E 11 28.34 18.89 -29.57
C LEU E 11 29.56 19.21 -30.41
N PRO E 12 30.67 19.58 -29.76
CA PRO E 12 31.93 19.80 -30.46
C PRO E 12 32.40 18.62 -31.31
N PRO E 13 33.01 18.89 -32.47
CA PRO E 13 33.40 17.83 -33.39
C PRO E 13 34.24 16.70 -32.81
N GLY E 14 33.99 15.47 -33.25
CA GLY E 14 34.73 14.32 -32.77
C GLY E 14 34.52 13.10 -33.61
N PRO E 15 35.22 12.00 -33.28
CA PRO E 15 35.07 10.74 -33.99
C PRO E 15 33.63 10.27 -33.92
N SER E 16 33.20 9.47 -34.90
CA SER E 16 31.85 8.93 -34.90
C SER E 16 31.78 7.66 -34.08
N PRO E 17 31.33 7.77 -32.82
CA PRO E 17 31.38 6.67 -31.86
C PRO E 17 30.48 5.51 -32.25
N LEU E 18 30.83 4.31 -31.78
CA LEU E 18 30.01 3.12 -31.99
C LEU E 18 29.10 2.94 -30.79
N PRO E 19 28.02 2.16 -30.96
CA PRO E 19 27.23 1.77 -29.79
C PRO E 19 28.07 0.92 -28.85
N VAL E 20 27.90 1.11 -27.54
CA VAL E 20 28.63 0.32 -26.55
C VAL E 20 30.11 0.69 -26.43
N LEU E 21 30.84 0.61 -27.54
CA LEU E 21 32.29 0.80 -27.51
C LEU E 21 32.68 2.28 -27.46
N GLY E 22 31.78 3.15 -27.87
CA GLY E 22 32.09 4.57 -27.94
C GLY E 22 33.15 4.83 -28.98
N ASN E 23 34.24 5.48 -28.57
CA ASN E 23 35.37 5.74 -29.47
C ASN E 23 36.55 4.81 -29.20
N LEU E 24 36.25 3.57 -28.87
CA LEU E 24 37.29 2.58 -28.59
C LEU E 24 38.21 2.37 -29.78
N LEU E 25 37.69 2.61 -30.98
CA LEU E 25 38.45 2.36 -32.21
C LEU E 25 39.34 3.52 -32.60
N GLN E 26 39.30 4.61 -31.82
CA GLN E 26 40.10 5.79 -32.13
C GLN E 26 41.14 6.11 -31.05
N MET E 27 41.05 5.43 -29.91
CA MET E 27 41.98 5.67 -28.82
C MET E 27 43.41 5.31 -29.21
N ASP E 28 44.34 5.54 -28.30
CA ASP E 28 45.74 5.20 -28.53
C ASP E 28 46.25 4.27 -27.43
N ARG E 29 47.24 3.43 -27.77
CA ARG E 29 47.76 2.45 -26.83
C ARG E 29 48.49 3.09 -25.66
N LYS E 30 48.86 4.36 -25.80
CA LYS E 30 49.65 5.05 -24.78
C LYS E 30 48.80 5.72 -23.71
N GLY E 31 47.56 5.25 -23.56
CA GLY E 31 46.67 5.76 -22.52
C GLY E 31 45.71 6.83 -22.99
N LEU E 32 44.87 7.29 -22.07
CA LEU E 32 43.85 8.29 -22.37
C LEU E 32 44.45 9.64 -22.72
N LEU E 33 45.53 10.01 -22.05
CA LEU E 33 46.17 11.30 -22.29
C LEU E 33 46.64 11.39 -23.74
N ARG E 34 47.31 10.35 -24.21
CA ARG E 34 47.81 10.33 -25.58
C ARG E 34 46.66 10.25 -26.58
N SER E 35 45.59 9.57 -26.19
CA SER E 35 44.41 9.45 -27.05
C SER E 35 43.80 10.82 -27.33
N PHE E 36 43.73 11.65 -26.30
CA PHE E 36 43.17 13.01 -26.43
C PHE E 36 44.06 13.88 -27.31
N LEU E 37 45.34 13.58 -27.35
CA LEU E 37 46.30 14.40 -28.09
C LEU E 37 46.31 14.07 -29.58
N ARG E 38 46.39 12.79 -29.90
CA ARG E 38 46.31 12.33 -31.28
C ARG E 38 44.95 12.73 -31.86
N LEU E 39 44.03 13.08 -30.97
CA LEU E 39 42.70 13.54 -31.38
C LEU E 39 42.67 15.05 -31.54
N ARG E 40 43.42 15.75 -30.70
CA ARG E 40 43.53 17.19 -30.80
C ARG E 40 44.01 17.58 -32.18
N GLU E 41 44.90 16.76 -32.74
CA GLU E 41 45.50 17.03 -34.03
C GLU E 41 44.49 17.07 -35.17
N LYS E 42 43.52 16.16 -35.13
CA LYS E 42 42.61 15.97 -36.25
C LYS E 42 41.25 16.63 -36.08
N TYR E 43 40.94 17.08 -34.85
CA TYR E 43 39.64 17.71 -34.61
C TYR E 43 39.65 19.12 -34.00
N GLY E 44 40.80 19.58 -33.54
CA GLY E 44 40.92 20.92 -32.99
C GLY E 44 41.27 20.93 -31.52
N ASP E 45 41.11 22.09 -30.88
CA ASP E 45 41.40 22.22 -29.46
C ASP E 45 40.31 21.60 -28.59
N VAL E 46 39.08 22.09 -28.75
CA VAL E 46 37.95 21.53 -28.02
C VAL E 46 37.19 20.55 -28.91
N PHE E 47 36.98 19.34 -28.41
CA PHE E 47 36.30 18.31 -29.18
C PHE E 47 35.54 17.33 -28.30
N THR E 48 34.75 16.46 -28.93
CA THR E 48 33.95 15.48 -28.22
C THR E 48 34.41 14.06 -28.54
N VAL E 49 34.58 13.25 -27.50
CA VAL E 49 34.96 11.86 -27.66
C VAL E 49 34.11 10.99 -26.75
N TYR E 50 34.07 9.69 -27.02
CA TYR E 50 33.22 8.79 -26.25
C TYR E 50 34.00 7.73 -25.49
N LEU E 51 34.12 7.92 -24.18
CA LEU E 51 34.63 6.88 -23.31
C LEU E 51 33.53 5.83 -23.17
N GLY E 52 33.44 4.95 -24.15
CA GLY E 52 32.34 4.01 -24.21
C GLY E 52 31.03 4.77 -24.41
N SER E 53 30.09 4.55 -23.50
CA SER E 53 28.79 5.19 -23.57
C SER E 53 28.90 6.70 -23.40
N ARG E 54 29.37 7.11 -22.21
CA ARG E 54 29.45 8.51 -21.84
C ARG E 54 30.12 9.37 -22.90
N PRO E 55 29.53 10.54 -23.19
CA PRO E 55 30.17 11.53 -24.06
C PRO E 55 31.05 12.46 -23.21
N VAL E 56 32.23 12.78 -23.71
CA VAL E 56 33.18 13.60 -22.96
C VAL E 56 33.77 14.70 -23.81
N VAL E 57 33.65 15.94 -23.34
CA VAL E 57 34.19 17.10 -24.05
C VAL E 57 35.60 17.41 -23.55
N VAL E 58 36.57 17.32 -24.46
CA VAL E 58 37.98 17.47 -24.10
C VAL E 58 38.49 18.87 -24.40
N LEU E 59 39.03 19.54 -23.39
CA LEU E 59 39.58 20.88 -23.55
C LEU E 59 41.10 20.84 -23.53
N CYS E 60 41.71 21.21 -24.67
CA CYS E 60 43.17 21.24 -24.78
C CYS E 60 43.65 22.68 -24.91
N GLY E 61 44.89 22.93 -24.49
CA GLY E 61 45.47 24.24 -24.64
C GLY E 61 45.03 25.24 -23.58
N THR E 62 45.96 26.07 -23.14
CA THR E 62 45.69 27.08 -22.14
C THR E 62 44.45 27.90 -22.51
N ASP E 63 44.33 28.22 -23.79
CA ASP E 63 43.24 29.07 -24.26
C ASP E 63 41.87 28.47 -24.02
N ALA E 64 41.67 27.24 -24.48
CA ALA E 64 40.38 26.58 -24.34
C ALA E 64 40.04 26.31 -22.88
N ILE E 65 41.05 26.03 -22.08
CA ILE E 65 40.85 25.71 -20.66
C ILE E 65 40.53 26.96 -19.84
N ARG E 66 41.02 28.11 -20.30
CA ARG E 66 40.73 29.37 -19.62
C ARG E 66 39.40 29.98 -20.06
N GLU E 67 39.04 29.77 -21.32
CA GLU E 67 37.78 30.26 -21.86
C GLU E 67 36.70 29.56 -21.06
N ALA E 68 36.92 28.29 -20.76
CA ALA E 68 35.96 27.52 -19.97
C ALA E 68 35.86 27.52 -18.44
N LEU E 69 36.99 27.34 -17.77
CA LEU E 69 37.01 27.22 -16.32
C LEU E 69 37.07 28.62 -15.70
N VAL E 70 37.38 29.62 -16.52
CA VAL E 70 37.51 30.98 -15.98
C VAL E 70 36.43 31.92 -16.52
N ASP E 71 36.39 32.07 -17.84
CA ASP E 71 35.41 32.93 -18.49
C ASP E 71 33.97 32.51 -18.21
N GLN E 72 33.73 31.20 -18.26
CA GLN E 72 32.41 30.65 -17.93
C GLN E 72 32.83 29.66 -16.85
N ALA E 73 33.17 30.20 -15.69
CA ALA E 73 33.72 29.42 -14.59
C ALA E 73 32.57 28.62 -13.97
N GLU E 74 31.44 29.29 -13.77
CA GLU E 74 30.31 28.68 -13.08
C GLU E 74 29.79 27.44 -13.80
N ALA E 75 29.48 27.60 -15.09
CA ALA E 75 28.90 26.51 -15.86
C ALA E 75 29.79 25.28 -15.93
N PHE E 76 31.09 25.45 -15.67
CA PHE E 76 32.03 24.35 -15.74
C PHE E 76 32.54 23.92 -14.37
N SER E 77 31.79 24.23 -13.32
CA SER E 77 32.25 23.99 -11.95
C SER E 77 31.79 22.64 -11.37
N GLY E 78 31.09 21.85 -12.17
CA GLY E 78 30.63 20.55 -11.71
C GLY E 78 31.74 19.53 -11.63
N ARG E 79 31.48 18.44 -10.91
CA ARG E 79 32.47 17.37 -10.76
C ARG E 79 31.99 16.07 -11.39
N GLY E 80 32.90 15.37 -12.05
CA GLY E 80 32.59 14.10 -12.68
C GLY E 80 33.01 12.91 -11.84
N LYS E 81 33.12 11.75 -12.48
CA LYS E 81 33.48 10.53 -11.78
C LYS E 81 34.83 9.99 -12.22
N ILE E 82 35.56 9.40 -11.27
CA ILE E 82 36.74 8.62 -11.59
C ILE E 82 36.31 7.16 -11.60
N ALA E 83 36.57 6.47 -12.71
CA ALA E 83 36.12 5.10 -12.90
C ALA E 83 36.30 4.22 -11.66
N VAL E 84 37.55 4.12 -11.21
CA VAL E 84 37.90 3.13 -10.19
C VAL E 84 37.63 3.57 -8.75
N VAL E 85 37.79 4.86 -8.48
CA VAL E 85 37.65 5.36 -7.11
C VAL E 85 36.22 5.72 -6.73
N ASP E 86 35.36 5.84 -7.73
CA ASP E 86 33.96 6.17 -7.48
C ASP E 86 33.30 5.19 -6.51
N PRO E 87 33.45 3.88 -6.73
CA PRO E 87 32.86 2.88 -5.84
C PRO E 87 33.02 3.24 -4.37
N ILE E 88 34.12 3.89 -4.03
CA ILE E 88 34.39 4.28 -2.65
C ILE E 88 33.73 5.62 -2.30
N PHE E 89 33.93 6.62 -3.17
CA PHE E 89 33.44 7.96 -2.89
C PHE E 89 31.95 8.15 -3.15
N GLN E 90 31.42 7.46 -4.15
CA GLN E 90 30.00 7.50 -4.46
C GLN E 90 29.49 8.93 -4.42
N GLY E 91 30.26 9.86 -4.99
CA GLY E 91 29.87 11.25 -5.06
C GLY E 91 29.82 12.04 -3.76
N TYR E 92 30.54 11.55 -2.74
CA TYR E 92 30.59 12.21 -1.44
C TYR E 92 32.02 12.64 -1.11
N GLY E 93 32.15 13.60 -0.21
CA GLY E 93 33.46 14.12 0.15
C GLY E 93 33.72 15.43 -0.57
N VAL E 94 34.61 16.25 -0.02
CA VAL E 94 34.84 17.59 -0.55
C VAL E 94 35.25 17.60 -2.02
N ILE E 95 35.88 16.52 -2.49
CA ILE E 95 36.35 16.45 -3.87
C ILE E 95 35.28 16.01 -4.86
N PHE E 96 34.71 14.83 -4.64
CA PHE E 96 33.72 14.26 -5.56
C PHE E 96 32.30 14.72 -5.26
N ALA E 97 32.16 15.73 -4.41
CA ALA E 97 30.84 16.26 -4.08
C ALA E 97 30.35 17.20 -5.16
N ASN E 98 29.04 17.41 -5.21
CA ASN E 98 28.43 18.29 -6.20
C ASN E 98 27.36 19.20 -5.61
N GLY E 99 26.94 20.18 -6.39
CA GLY E 99 25.85 21.07 -6.00
C GLY E 99 25.99 21.70 -4.63
N GLU E 100 24.96 21.53 -3.81
CA GLU E 100 24.95 22.13 -2.47
C GLU E 100 25.91 21.40 -1.54
N ARG E 101 26.07 20.10 -1.75
CA ARG E 101 27.00 19.32 -0.94
C ARG E 101 28.43 19.81 -1.11
N TRP E 102 28.79 20.16 -2.35
CA TRP E 102 30.12 20.69 -2.64
C TRP E 102 30.32 22.06 -2.00
N ARG E 103 29.46 23.01 -2.36
CA ARG E 103 29.55 24.36 -1.87
C ARG E 103 29.57 24.39 -0.35
N ALA E 104 29.01 23.34 0.27
CA ALA E 104 29.00 23.22 1.72
C ALA E 104 30.34 22.69 2.21
N LEU E 105 30.85 21.66 1.56
CA LEU E 105 32.08 21.01 2.00
C LEU E 105 33.33 21.87 1.78
N ARG E 106 33.33 22.66 0.71
CA ARG E 106 34.45 23.55 0.48
C ARG E 106 34.41 24.70 1.48
N ARG E 107 33.25 25.34 1.58
CA ARG E 107 33.05 26.43 2.55
C ARG E 107 33.48 25.99 3.94
N PHE E 108 33.14 24.75 4.29
CA PHE E 108 33.49 24.20 5.60
C PHE E 108 34.99 23.87 5.69
N SER E 109 35.45 22.97 4.81
CA SER E 109 36.83 22.51 4.83
C SER E 109 37.85 23.64 4.67
N LEU E 110 37.43 24.74 4.06
CA LEU E 110 38.34 25.86 3.82
C LEU E 110 38.48 26.69 5.10
N ALA E 111 37.36 27.14 5.65
CA ALA E 111 37.37 27.97 6.84
C ALA E 111 37.77 27.18 8.09
N THR E 112 37.78 25.85 7.97
CA THR E 112 38.16 24.99 9.09
C THR E 112 39.68 24.85 9.18
N MET E 113 40.29 24.43 8.09
CA MET E 113 41.74 24.39 8.01
C MET E 113 42.31 25.79 8.23
N ARG E 114 41.52 26.80 7.90
CA ARG E 114 41.97 28.19 7.97
C ARG E 114 42.10 28.69 9.41
N ASP E 115 41.40 28.04 10.33
CA ASP E 115 41.50 28.41 11.75
C ASP E 115 42.46 27.51 12.52
N PHE E 116 43.06 26.56 11.79
CA PHE E 116 44.08 25.63 12.35
C PHE E 116 45.49 25.56 11.69
N GLY E 117 45.71 26.23 10.55
CA GLY E 117 46.96 26.15 9.83
C GLY E 117 46.94 26.38 8.32
N MET E 118 45.83 26.91 7.80
CA MET E 118 45.68 27.10 6.36
C MET E 118 45.78 28.62 6.40
N GLY E 119 45.58 29.19 7.59
CA GLY E 119 45.69 30.62 7.81
C GLY E 119 47.07 31.21 7.61
N LYS E 120 48.07 30.35 7.53
CA LYS E 120 49.43 30.73 7.14
C LYS E 120 50.36 31.13 8.29
N ARG E 121 49.80 31.28 9.49
CA ARG E 121 50.60 31.65 10.66
C ARG E 121 51.13 30.42 11.39
N SER E 122 50.27 29.44 11.60
CA SER E 122 50.64 28.25 12.38
C SER E 122 51.20 27.12 11.51
N VAL E 123 50.98 27.18 10.20
CA VAL E 123 51.49 26.15 9.30
C VAL E 123 52.95 26.35 8.96
N GLU E 124 53.32 27.57 8.58
CA GLU E 124 54.69 27.86 8.19
C GLU E 124 55.67 27.26 9.18
N GLU E 125 55.28 27.24 10.45
CA GLU E 125 56.15 26.73 11.51
C GLU E 125 56.00 25.23 11.72
N ARG E 126 54.76 24.74 11.70
CA ARG E 126 54.51 23.31 11.80
C ARG E 126 55.19 22.61 10.62
N ILE E 127 55.36 23.35 9.53
CA ILE E 127 56.09 22.87 8.36
C ILE E 127 57.58 23.11 8.55
N GLN E 128 57.91 24.26 9.14
CA GLN E 128 59.30 24.56 9.47
C GLN E 128 59.86 23.51 10.43
N GLU E 129 58.98 22.94 11.24
CA GLU E 129 59.35 21.89 12.18
C GLU E 129 59.63 20.59 11.43
N GLU E 130 58.70 20.18 10.57
CA GLU E 130 58.87 18.98 9.78
C GLU E 130 60.14 19.10 8.94
N ALA E 131 60.56 20.34 8.68
CA ALA E 131 61.80 20.56 7.98
C ALA E 131 62.97 20.23 8.90
N ARG E 132 62.91 20.74 10.13
CA ARG E 132 63.92 20.41 11.14
C ARG E 132 64.02 18.91 11.32
N CYS E 133 62.87 18.25 11.44
CA CYS E 133 62.82 16.82 11.66
C CYS E 133 63.38 16.04 10.48
N LEU E 134 62.89 16.35 9.28
CA LEU E 134 63.35 15.67 8.07
C LEU E 134 64.87 15.72 7.94
N VAL E 135 65.45 16.89 8.18
CA VAL E 135 66.90 17.06 8.07
C VAL E 135 67.66 16.24 9.11
N GLU E 136 67.17 16.25 10.34
CA GLU E 136 67.75 15.42 11.39
C GLU E 136 67.80 13.97 10.91
N GLU E 137 66.68 13.49 10.40
CA GLU E 137 66.55 12.12 9.92
C GLU E 137 67.49 11.82 8.75
N LEU E 138 67.60 12.76 7.82
CA LEU E 138 68.43 12.57 6.65
C LEU E 138 69.90 12.36 7.02
N ARG E 139 70.36 13.07 8.04
CA ARG E 139 71.71 12.91 8.54
C ARG E 139 71.83 11.62 9.37
N LYS E 140 70.70 11.18 9.92
CA LYS E 140 70.67 9.98 10.76
C LYS E 140 71.05 8.75 9.96
N SER E 141 71.08 8.88 8.64
CA SER E 141 71.37 7.75 7.77
C SER E 141 72.75 7.81 7.10
N LYS E 142 73.59 8.73 7.57
CA LYS E 142 74.94 8.89 7.05
C LYS E 142 74.95 9.00 5.53
N GLY E 143 73.85 9.52 4.98
CA GLY E 143 73.75 9.76 3.55
C GLY E 143 74.17 8.59 2.67
N ALA E 144 73.43 7.49 2.76
CA ALA E 144 73.67 6.35 1.89
C ALA E 144 72.50 6.20 0.91
N LEU E 145 72.65 5.32 -0.06
CA LEU E 145 71.60 5.10 -1.05
C LEU E 145 70.28 4.73 -0.41
N LEU E 146 69.26 5.56 -0.64
CA LEU E 146 67.94 5.34 -0.06
C LEU E 146 66.83 5.50 -1.10
N ASP E 147 65.61 5.16 -0.71
CA ASP E 147 64.44 5.43 -1.53
C ASP E 147 63.59 6.50 -0.85
N ASN E 148 63.76 7.74 -1.27
CA ASN E 148 63.12 8.88 -0.63
C ASN E 148 61.60 8.92 -0.75
N THR E 149 61.03 7.96 -1.47
CA THR E 149 59.59 7.95 -1.75
C THR E 149 58.73 8.08 -0.48
N LEU E 150 58.77 7.05 0.36
CA LEU E 150 57.97 7.02 1.58
C LEU E 150 58.39 8.13 2.55
N LEU E 151 59.66 8.51 2.49
CA LEU E 151 60.21 9.52 3.38
C LEU E 151 59.60 10.88 3.10
N PHE E 152 59.35 11.17 1.82
CA PHE E 152 58.71 12.41 1.41
C PHE E 152 57.21 12.36 1.68
N HIS E 153 56.62 11.18 1.47
CA HIS E 153 55.21 10.98 1.76
C HIS E 153 54.89 11.36 3.20
N SER E 154 55.89 11.23 4.06
CA SER E 154 55.74 11.51 5.48
C SER E 154 55.77 13.01 5.73
N ILE E 155 56.79 13.67 5.19
CA ILE E 155 57.00 15.09 5.44
C ILE E 155 55.78 15.93 5.05
N THR E 156 55.09 15.52 3.99
CA THR E 156 53.92 16.25 3.51
C THR E 156 52.66 15.83 4.26
N SER E 157 52.60 14.55 4.60
CA SER E 157 51.42 13.98 5.26
C SER E 157 51.22 14.55 6.66
N ASN E 158 52.31 14.66 7.41
CA ASN E 158 52.24 15.20 8.77
C ASN E 158 51.58 16.57 8.81
N ILE E 159 51.80 17.36 7.77
CA ILE E 159 51.20 18.69 7.69
C ILE E 159 49.68 18.61 7.66
N ILE E 160 49.15 17.68 6.89
CA ILE E 160 47.70 17.51 6.76
C ILE E 160 47.14 16.86 8.01
N CYS E 161 47.89 15.93 8.59
CA CYS E 161 47.48 15.26 9.81
C CYS E 161 47.54 16.22 10.99
N SER E 162 48.20 17.35 10.78
CA SER E 162 48.26 18.41 11.79
C SER E 162 46.93 19.17 11.85
N ILE E 163 46.16 19.05 10.77
CA ILE E 163 44.93 19.82 10.63
C ILE E 163 43.70 18.93 10.66
N VAL E 164 43.85 17.68 10.24
CA VAL E 164 42.72 16.76 10.17
C VAL E 164 42.72 15.76 11.32
N PHE E 165 43.91 15.44 11.81
CA PHE E 165 44.05 14.47 12.91
C PHE E 165 44.66 15.11 14.15
N GLY E 166 45.13 16.35 14.01
CA GLY E 166 45.72 17.06 15.12
C GLY E 166 47.13 16.60 15.43
N LYS E 167 47.30 15.30 15.60
CA LYS E 167 48.61 14.73 15.92
C LYS E 167 49.51 14.65 14.70
N ARG E 168 50.74 14.18 14.91
CA ARG E 168 51.63 13.83 13.81
C ARG E 168 52.19 12.45 14.11
N PHE E 169 52.93 11.88 13.17
CA PHE E 169 53.42 10.51 13.35
C PHE E 169 54.94 10.42 13.20
N ASP E 170 55.48 9.26 13.56
CA ASP E 170 56.90 9.00 13.45
C ASP E 170 57.25 8.52 12.05
N TYR E 171 58.48 8.74 11.63
CA TYR E 171 58.94 8.31 10.31
C TYR E 171 59.04 6.79 10.26
N LYS E 172 59.02 6.16 11.42
CA LYS E 172 59.14 4.70 11.49
C LYS E 172 57.99 4.06 12.25
N ASP E 173 56.88 4.78 12.37
CA ASP E 173 55.65 4.21 12.92
C ASP E 173 55.02 3.30 11.87
N PRO E 174 54.88 2.01 12.20
CA PRO E 174 54.42 0.98 11.26
C PRO E 174 53.00 1.22 10.75
N VAL E 175 52.10 1.70 11.61
CA VAL E 175 50.74 1.98 11.20
C VAL E 175 50.73 3.13 10.20
N PHE E 176 51.36 4.24 10.59
CA PHE E 176 51.48 5.40 9.73
C PHE E 176 52.15 5.03 8.40
N LEU E 177 53.16 4.18 8.47
CA LEU E 177 53.86 3.71 7.27
C LEU E 177 52.93 2.96 6.33
N ARG E 178 52.19 1.99 6.88
CA ARG E 178 51.23 1.23 6.10
C ARG E 178 50.24 2.18 5.42
N LEU E 179 49.84 3.23 6.15
CA LEU E 179 48.95 4.25 5.59
C LEU E 179 49.58 4.89 4.36
N LEU E 180 50.75 5.48 4.53
CA LEU E 180 51.47 6.10 3.42
C LEU E 180 51.65 5.14 2.26
N ASP E 181 52.10 3.93 2.58
CA ASP E 181 52.41 2.93 1.57
C ASP E 181 51.19 2.60 0.71
N LEU E 182 50.00 2.71 1.30
CA LEU E 182 48.77 2.49 0.56
C LEU E 182 48.50 3.63 -0.42
N PHE E 183 48.59 4.86 0.08
CA PHE E 183 48.42 6.04 -0.77
C PHE E 183 49.30 5.95 -2.00
N PHE E 184 50.57 5.59 -1.80
CA PHE E 184 51.52 5.49 -2.90
C PHE E 184 51.11 4.42 -3.90
N GLN E 185 50.90 3.19 -3.42
CA GLN E 185 50.51 2.09 -4.28
C GLN E 185 49.16 2.33 -4.95
N SER E 186 48.22 2.87 -4.20
CA SER E 186 46.89 3.16 -4.71
C SER E 186 46.96 4.12 -5.89
N PHE E 187 47.53 5.29 -5.66
CA PHE E 187 47.65 6.31 -6.70
C PHE E 187 48.34 5.76 -7.94
N SER E 188 49.35 4.92 -7.75
CA SER E 188 50.00 4.25 -8.86
C SER E 188 49.00 3.41 -9.62
N LEU E 189 48.24 2.58 -8.90
CA LEU E 189 47.22 1.75 -9.51
C LEU E 189 46.15 2.58 -10.20
N ILE E 190 45.67 3.61 -9.49
CA ILE E 190 44.63 4.47 -10.03
C ILE E 190 45.04 5.07 -11.37
N SER E 191 46.34 5.21 -11.58
CA SER E 191 46.85 5.79 -12.81
C SER E 191 47.28 4.75 -13.83
N SER E 192 47.28 3.49 -13.42
CA SER E 192 47.72 2.40 -14.30
C SER E 192 46.85 2.28 -15.55
N PHE E 193 47.22 1.34 -16.43
CA PHE E 193 46.51 1.13 -17.67
C PHE E 193 45.09 0.61 -17.43
N SER E 194 44.98 -0.46 -16.65
CA SER E 194 43.69 -1.09 -16.39
C SER E 194 42.70 -0.15 -15.71
N SER E 195 43.21 0.92 -15.09
CA SER E 195 42.33 1.90 -14.46
C SER E 195 41.74 2.85 -15.50
N GLN E 196 42.29 2.81 -16.71
CA GLN E 196 41.80 3.63 -17.80
C GLN E 196 40.83 2.84 -18.67
N VAL E 197 41.20 1.60 -18.99
CA VAL E 197 40.28 0.72 -19.69
C VAL E 197 39.01 0.60 -18.86
N PHE E 198 39.19 0.52 -17.55
CA PHE E 198 38.07 0.45 -16.62
C PHE E 198 37.25 1.74 -16.66
N GLU E 199 37.89 2.83 -17.09
CA GLU E 199 37.20 4.10 -17.22
C GLU E 199 36.21 4.08 -18.38
N LEU E 200 36.48 3.25 -19.37
CA LEU E 200 35.62 3.10 -20.53
C LEU E 200 34.54 2.05 -20.45
N PHE E 201 34.90 0.89 -19.91
CA PHE E 201 33.99 -0.26 -19.85
C PHE E 201 34.10 -0.62 -18.37
N SER E 202 33.42 0.15 -17.53
CA SER E 202 33.49 -0.04 -16.10
C SER E 202 32.34 -1.00 -15.76
N GLY E 203 31.13 -0.62 -16.15
CA GLY E 203 29.96 -1.41 -15.86
C GLY E 203 30.11 -2.84 -16.34
N PHE E 204 30.98 -3.05 -17.32
CA PHE E 204 31.24 -4.39 -17.84
C PHE E 204 32.38 -5.07 -17.10
N LEU E 205 33.46 -4.34 -16.88
CA LEU E 205 34.64 -4.89 -16.23
C LEU E 205 34.47 -5.00 -14.70
N LYS E 206 33.35 -4.49 -14.20
CA LYS E 206 33.07 -4.54 -12.77
C LYS E 206 32.94 -5.98 -12.30
N TYR E 207 32.50 -6.86 -13.20
CA TYR E 207 32.17 -8.23 -12.84
C TYR E 207 33.34 -9.20 -12.93
N PHE E 208 34.44 -8.77 -13.55
CA PHE E 208 35.63 -9.60 -13.66
C PHE E 208 36.74 -9.02 -12.81
N PRO E 209 37.60 -9.88 -12.24
CA PRO E 209 38.69 -9.42 -11.38
C PRO E 209 39.62 -8.44 -12.10
N GLY E 210 40.39 -7.67 -11.33
CA GLY E 210 41.32 -6.71 -11.90
C GLY E 210 41.76 -5.66 -10.89
N THR E 211 42.71 -4.83 -11.30
CA THR E 211 43.26 -3.79 -10.44
C THR E 211 42.18 -2.96 -9.77
N HIS E 212 41.04 -2.78 -10.45
CA HIS E 212 39.94 -2.00 -9.90
C HIS E 212 39.58 -2.47 -8.51
N ARG E 213 39.74 -3.78 -8.27
CA ARG E 213 39.45 -4.37 -6.97
C ARG E 213 40.40 -3.86 -5.89
N GLN E 214 41.70 -4.05 -6.11
CA GLN E 214 42.69 -3.72 -5.12
C GLN E 214 42.63 -2.26 -4.69
N ILE E 215 42.13 -1.40 -5.59
CA ILE E 215 41.96 0.01 -5.25
C ILE E 215 40.88 0.17 -4.19
N TYR E 216 39.71 -0.42 -4.44
CA TYR E 216 38.63 -0.43 -3.46
C TYR E 216 39.16 -1.02 -2.15
N ARG E 217 40.02 -2.02 -2.28
CA ARG E 217 40.61 -2.68 -1.13
C ARG E 217 41.43 -1.72 -0.29
N ASN E 218 42.47 -1.13 -0.91
CA ASN E 218 43.35 -0.21 -0.22
C ASN E 218 42.61 0.98 0.39
N LEU E 219 41.64 1.52 -0.36
CA LEU E 219 40.88 2.66 0.12
C LEU E 219 40.13 2.34 1.41
N GLN E 220 39.46 1.20 1.43
CA GLN E 220 38.72 0.78 2.60
C GLN E 220 39.62 0.73 3.83
N GLU E 221 40.84 0.21 3.64
CA GLU E 221 41.78 0.11 4.74
C GLU E 221 42.22 1.48 5.24
N ILE E 222 42.14 2.48 4.36
CA ILE E 222 42.48 3.84 4.74
C ILE E 222 41.26 4.52 5.38
N ASN E 223 40.08 3.99 5.08
CA ASN E 223 38.86 4.41 5.78
C ASN E 223 38.74 3.67 7.11
N THR E 224 39.15 2.41 7.11
CA THR E 224 39.19 1.61 8.32
C THR E 224 39.99 2.34 9.39
N PHE E 225 41.07 2.99 8.98
CA PHE E 225 41.88 3.78 9.90
C PHE E 225 41.25 5.14 10.17
N ILE E 226 40.70 5.75 9.12
CA ILE E 226 40.02 7.02 9.28
C ILE E 226 38.84 6.88 10.22
N GLY E 227 38.12 5.77 10.11
CA GLY E 227 36.95 5.52 10.93
C GLY E 227 37.24 5.40 12.41
N GLN E 228 38.20 4.55 12.75
CA GLN E 228 38.54 4.32 14.15
C GLN E 228 39.18 5.55 14.80
N SER E 229 39.90 6.34 14.00
CA SER E 229 40.50 7.56 14.51
C SER E 229 39.45 8.65 14.65
N VAL E 230 38.33 8.48 13.94
CA VAL E 230 37.17 9.34 14.13
C VAL E 230 36.55 8.97 15.47
N GLU E 231 36.64 7.69 15.81
CA GLU E 231 36.07 7.20 17.06
C GLU E 231 36.89 7.70 18.26
N LYS E 232 38.21 7.58 18.16
CA LYS E 232 39.09 8.12 19.19
C LYS E 232 38.75 9.57 19.48
N HIS E 233 38.18 10.24 18.48
CA HIS E 233 37.78 11.64 18.62
C HIS E 233 36.43 11.78 19.31
N ARG E 234 35.45 11.00 18.86
CA ARG E 234 34.10 11.08 19.39
C ARG E 234 34.06 10.76 20.88
N ALA E 235 35.16 10.23 21.41
CA ALA E 235 35.22 9.83 22.81
C ALA E 235 36.06 10.79 23.66
N THR E 236 36.56 11.86 23.04
CA THR E 236 37.34 12.85 23.76
C THR E 236 36.91 14.27 23.37
N LEU E 237 35.76 14.37 22.72
CA LEU E 237 35.26 15.65 22.23
C LEU E 237 34.97 16.64 23.35
N ASP E 238 35.66 17.78 23.31
CA ASP E 238 35.42 18.87 24.26
C ASP E 238 35.11 20.15 23.51
N PRO E 239 33.82 20.51 23.44
CA PRO E 239 33.31 21.62 22.63
C PRO E 239 34.04 22.93 22.90
N SER E 240 34.52 23.11 24.14
CA SER E 240 35.20 24.34 24.54
C SER E 240 36.55 24.51 23.85
N ASN E 241 37.09 23.42 23.33
CA ASN E 241 38.39 23.47 22.67
C ASN E 241 38.59 22.33 21.67
N PRO E 242 38.32 22.61 20.39
CA PRO E 242 38.47 21.62 19.31
C PRO E 242 39.94 21.37 18.98
N ARG E 243 40.25 20.13 18.63
CA ARG E 243 41.63 19.74 18.35
C ARG E 243 41.97 19.83 16.86
N ASP E 244 41.01 19.44 16.00
CA ASP E 244 41.28 19.40 14.57
C ASP E 244 40.02 19.41 13.70
N PHE E 245 40.21 19.13 12.42
CA PHE E 245 39.13 19.12 11.44
C PHE E 245 37.96 18.26 11.90
N ILE E 246 38.27 17.07 12.40
CA ILE E 246 37.25 16.15 12.86
C ILE E 246 36.45 16.76 14.02
N ASP E 247 37.15 17.17 15.06
CA ASP E 247 36.51 17.82 16.21
C ASP E 247 35.52 18.88 15.77
N VAL E 248 35.98 19.80 14.92
CA VAL E 248 35.14 20.90 14.46
C VAL E 248 33.99 20.42 13.58
N TYR E 249 34.22 19.33 12.86
CA TYR E 249 33.18 18.75 12.01
C TYR E 249 32.11 18.09 12.87
N LEU E 250 32.55 17.23 13.78
CA LEU E 250 31.64 16.53 14.70
C LEU E 250 30.73 17.51 15.42
N LEU E 251 31.31 18.63 15.87
CA LEU E 251 30.55 19.65 16.59
C LEU E 251 29.48 20.29 15.71
N ARG E 252 29.85 20.65 14.49
CA ARG E 252 28.91 21.21 13.54
C ARG E 252 27.95 20.12 13.07
N MET E 253 28.36 18.88 13.28
CA MET E 253 27.56 17.72 12.90
C MET E 253 26.43 17.52 13.89
N GLU E 254 26.73 17.70 15.17
CA GLU E 254 25.73 17.61 16.22
C GLU E 254 24.72 18.75 16.11
N LYS E 255 25.21 19.93 15.76
CA LYS E 255 24.37 21.11 15.61
C LYS E 255 23.30 20.95 14.53
N ASP E 256 23.43 19.91 13.72
CA ASP E 256 22.48 19.66 12.64
C ASP E 256 21.89 18.26 12.71
N LYS E 257 21.89 17.68 13.91
CA LYS E 257 21.35 16.35 14.11
C LYS E 257 19.87 16.30 13.75
N SER E 258 19.18 17.42 13.94
CA SER E 258 17.76 17.51 13.62
C SER E 258 17.35 17.74 12.17
N ASP E 259 18.17 18.49 11.44
CA ASP E 259 17.91 18.77 10.04
C ASP E 259 18.37 17.51 9.32
N PRO E 260 17.42 16.76 8.74
CA PRO E 260 17.70 15.48 8.08
C PRO E 260 18.38 15.65 6.72
N SER E 261 18.30 16.85 6.16
CA SER E 261 18.92 17.13 4.86
C SER E 261 20.12 18.06 4.98
N SER E 262 20.90 17.87 6.05
CA SER E 262 22.17 18.57 6.20
C SER E 262 23.27 17.67 5.63
N GLU E 263 24.23 18.27 4.94
CA GLU E 263 25.27 17.51 4.25
C GLU E 263 26.33 16.92 5.17
N PHE E 264 26.19 17.15 6.47
CA PHE E 264 27.15 16.64 7.44
C PHE E 264 26.71 15.26 7.93
N HIS E 265 27.23 14.21 7.29
CA HIS E 265 26.89 12.85 7.67
C HIS E 265 28.15 12.30 8.33
N HIS E 266 28.05 11.07 8.83
CA HIS E 266 29.23 10.29 9.14
C HIS E 266 29.85 9.91 7.81
N GLN E 267 28.98 9.80 6.80
CA GLN E 267 29.39 9.53 5.44
C GLN E 267 30.40 10.55 4.95
N ASN E 268 30.02 11.81 5.01
CA ASN E 268 30.89 12.89 4.51
C ASN E 268 32.14 13.10 5.35
N LEU E 269 31.99 13.04 6.67
CA LEU E 269 33.14 13.16 7.56
C LEU E 269 34.25 12.21 7.12
N ILE E 270 33.88 10.97 6.84
CA ILE E 270 34.85 9.95 6.43
C ILE E 270 35.45 10.25 5.07
N LEU E 271 34.61 10.26 4.03
CA LEU E 271 35.09 10.44 2.67
C LEU E 271 35.85 11.75 2.46
N THR E 272 35.49 12.77 3.23
CA THR E 272 36.17 14.05 3.15
C THR E 272 37.56 13.96 3.77
N VAL E 273 37.64 13.27 4.90
CA VAL E 273 38.93 13.03 5.55
C VAL E 273 39.80 12.13 4.67
N LEU E 274 39.15 11.28 3.88
CA LEU E 274 39.85 10.44 2.92
C LEU E 274 40.38 11.28 1.77
N SER E 275 39.63 12.32 1.42
CA SER E 275 40.04 13.23 0.36
C SER E 275 41.17 14.13 0.83
N LEU E 276 40.92 14.88 1.89
CA LEU E 276 41.92 15.78 2.45
C LEU E 276 43.17 15.03 2.91
N PHE E 277 43.03 13.72 3.08
CA PHE E 277 44.14 12.88 3.49
C PHE E 277 44.99 12.48 2.29
N PHE E 278 44.35 11.82 1.32
CA PHE E 278 45.03 11.31 0.14
C PHE E 278 45.81 12.40 -0.58
N ALA E 279 45.10 13.41 -1.08
CA ALA E 279 45.72 14.49 -1.84
C ALA E 279 46.85 15.17 -1.08
N GLY E 280 46.54 15.66 0.12
CA GLY E 280 47.52 16.35 0.95
C GLY E 280 48.79 15.56 1.17
N THR E 281 48.72 14.24 0.95
CA THR E 281 49.85 13.36 1.18
C THR E 281 50.62 13.06 -0.10
N GLU E 282 49.91 12.58 -1.12
CA GLU E 282 50.54 12.01 -2.31
C GLU E 282 51.20 13.03 -3.24
N THR E 283 50.38 13.88 -3.88
CA THR E 283 50.87 14.75 -4.94
C THR E 283 51.99 15.68 -4.53
N THR E 284 51.87 16.29 -3.35
CA THR E 284 52.87 17.23 -2.87
C THR E 284 54.21 16.53 -2.67
N SER E 285 54.16 15.26 -2.29
CA SER E 285 55.36 14.46 -2.07
C SER E 285 55.96 14.00 -3.40
N THR E 286 55.14 13.38 -4.24
CA THR E 286 55.61 12.87 -5.53
C THR E 286 56.03 14.01 -6.46
N THR E 287 55.86 15.25 -6.00
CA THR E 287 56.39 16.41 -6.70
C THR E 287 57.76 16.73 -6.13
N LEU E 288 57.85 16.76 -4.81
CA LEU E 288 59.11 16.94 -4.12
C LEU E 288 60.08 15.86 -4.58
N ARG E 289 59.51 14.72 -4.99
CA ARG E 289 60.30 13.58 -5.44
C ARG E 289 60.72 13.74 -6.90
N TYR E 290 59.79 14.19 -7.74
CA TYR E 290 60.09 14.42 -9.15
C TYR E 290 61.21 15.46 -9.27
N GLY E 291 61.21 16.41 -8.36
CA GLY E 291 62.21 17.47 -8.35
C GLY E 291 63.62 16.92 -8.26
N PHE E 292 63.90 16.21 -7.18
CA PHE E 292 65.25 15.70 -6.93
C PHE E 292 65.72 14.72 -7.99
N LEU E 293 64.81 14.30 -8.87
CA LEU E 293 65.19 13.48 -10.02
C LEU E 293 65.72 14.41 -11.12
N LEU E 294 65.00 15.52 -11.32
CA LEU E 294 65.46 16.57 -12.21
C LEU E 294 66.80 17.11 -11.72
N MET E 295 66.86 17.40 -10.42
CA MET E 295 68.04 17.98 -9.80
C MET E 295 69.28 17.13 -10.03
N LEU E 296 69.09 15.82 -10.14
CA LEU E 296 70.19 14.90 -10.40
C LEU E 296 70.59 14.95 -11.88
N LYS E 297 69.59 15.03 -12.74
CA LYS E 297 69.83 15.07 -14.18
C LYS E 297 70.46 16.40 -14.60
N TYR E 298 69.96 17.49 -14.05
CA TYR E 298 70.52 18.82 -14.29
C TYR E 298 71.12 19.35 -13.00
N PRO E 299 72.41 19.08 -12.77
CA PRO E 299 73.07 19.44 -11.50
C PRO E 299 73.57 20.88 -11.47
N HIS E 300 73.75 21.50 -12.63
CA HIS E 300 74.17 22.89 -12.68
C HIS E 300 73.13 23.77 -11.99
N VAL E 301 71.87 23.33 -12.03
CA VAL E 301 70.78 24.04 -11.37
C VAL E 301 70.86 23.86 -9.87
N THR E 302 71.13 22.63 -9.43
CA THR E 302 71.27 22.33 -8.01
C THR E 302 72.19 23.35 -7.36
N GLU E 303 73.31 23.62 -8.01
CA GLU E 303 74.27 24.60 -7.52
C GLU E 303 73.69 26.00 -7.59
N ARG E 304 73.09 26.33 -8.73
CA ARG E 304 72.49 27.64 -8.94
C ARG E 304 71.45 27.95 -7.87
N VAL E 305 70.67 26.93 -7.49
CA VAL E 305 69.65 27.06 -6.47
C VAL E 305 70.30 27.34 -5.11
N GLN E 306 71.44 26.70 -4.88
CA GLN E 306 72.12 26.77 -3.59
C GLN E 306 72.83 28.10 -3.36
N LYS E 307 73.40 28.65 -4.43
CA LYS E 307 74.07 29.95 -4.34
C LYS E 307 73.05 31.03 -3.98
N GLU E 308 71.80 30.82 -4.38
CA GLU E 308 70.74 31.78 -4.09
C GLU E 308 70.29 31.66 -2.63
N ILE E 309 70.22 30.43 -2.14
CA ILE E 309 69.87 30.19 -0.75
C ILE E 309 70.92 30.82 0.17
N GLU E 310 72.14 30.95 -0.34
CA GLU E 310 73.21 31.59 0.40
C GLU E 310 73.02 33.11 0.42
N GLN E 311 72.93 33.71 -0.77
CA GLN E 311 72.76 35.15 -0.89
C GLN E 311 71.72 35.62 0.12
N VAL E 312 70.58 34.93 0.16
CA VAL E 312 69.46 35.36 0.98
C VAL E 312 69.25 34.77 2.37
N ILE E 313 69.33 33.44 2.47
CA ILE E 313 68.98 32.73 3.70
C ILE E 313 70.22 32.59 4.59
N GLY E 314 71.25 31.95 4.06
CA GLY E 314 72.47 31.70 4.81
C GLY E 314 72.61 30.24 5.21
N SER E 315 73.32 29.99 6.30
CA SER E 315 73.49 28.63 6.79
C SER E 315 73.23 28.54 8.29
N HIS E 316 73.04 29.69 8.92
CA HIS E 316 72.75 29.75 10.35
C HIS E 316 71.26 29.61 10.62
N ARG E 317 70.47 30.50 10.01
CA ARG E 317 69.03 30.53 10.23
C ARG E 317 68.27 29.60 9.28
N PRO E 318 67.11 29.11 9.73
CA PRO E 318 66.23 28.24 8.92
C PRO E 318 65.53 29.03 7.82
N PRO E 319 65.06 28.33 6.77
CA PRO E 319 64.37 28.95 5.64
C PRO E 319 62.90 29.24 5.97
N ALA E 320 62.45 30.46 5.71
CA ALA E 320 61.06 30.83 5.93
C ALA E 320 60.35 31.08 4.60
N LEU E 321 59.08 31.50 4.67
CA LEU E 321 58.26 31.63 3.48
C LEU E 321 58.57 32.88 2.64
N ASP E 322 58.68 34.03 3.29
CA ASP E 322 58.92 35.28 2.56
C ASP E 322 60.30 35.29 1.91
N ASP E 323 61.15 34.34 2.30
CA ASP E 323 62.44 34.15 1.64
C ASP E 323 62.21 33.87 0.16
N ARG E 324 61.00 33.39 -0.15
CA ARG E 324 60.63 33.06 -1.53
C ARG E 324 60.61 34.29 -2.42
N ALA E 325 59.90 35.33 -2.00
CA ALA E 325 59.79 36.55 -2.78
C ALA E 325 61.16 37.16 -3.06
N LYS E 326 62.16 36.75 -2.29
CA LYS E 326 63.51 37.26 -2.44
C LYS E 326 64.43 36.24 -3.13
N MET E 327 63.84 35.15 -3.60
CA MET E 327 64.58 34.10 -4.30
C MET E 327 63.86 33.70 -5.58
N PRO E 328 63.95 34.54 -6.62
CA PRO E 328 63.25 34.34 -7.89
C PRO E 328 63.60 33.03 -8.59
N TYR E 329 64.87 32.62 -8.52
CA TYR E 329 65.31 31.44 -9.27
C TYR E 329 64.77 30.13 -8.68
N THR E 330 64.87 29.97 -7.37
CA THR E 330 64.35 28.79 -6.72
C THR E 330 62.84 28.73 -6.90
N ASP E 331 62.19 29.88 -6.80
CA ASP E 331 60.75 29.99 -7.00
C ASP E 331 60.42 29.55 -8.43
N ALA E 332 61.31 29.86 -9.35
CA ALA E 332 61.14 29.48 -10.75
C ALA E 332 61.31 27.97 -10.92
N VAL E 333 62.37 27.43 -10.34
CA VAL E 333 62.65 25.99 -10.43
C VAL E 333 61.55 25.15 -9.79
N ILE E 334 61.07 25.57 -8.62
CA ILE E 334 59.95 24.92 -7.97
C ILE E 334 58.76 24.87 -8.93
N HIS E 335 58.47 26.00 -9.55
CA HIS E 335 57.43 26.08 -10.57
C HIS E 335 57.71 25.10 -11.69
N GLU E 336 58.91 25.20 -12.27
CA GLU E 336 59.29 24.37 -13.41
C GLU E 336 59.16 22.88 -13.09
N ILE E 337 59.48 22.51 -11.86
CA ILE E 337 59.33 21.14 -11.41
C ILE E 337 57.89 20.68 -11.57
N GLN E 338 56.97 21.46 -11.02
CA GLN E 338 55.54 21.17 -11.14
C GLN E 338 55.10 21.08 -12.60
N ARG E 339 55.54 22.04 -13.40
CA ARG E 339 55.15 22.12 -14.80
C ARG E 339 55.47 20.84 -15.55
N LEU E 340 56.74 20.43 -15.52
CA LEU E 340 57.17 19.23 -16.22
C LEU E 340 56.61 17.98 -15.55
N GLY E 341 56.60 18.01 -14.21
CA GLY E 341 56.07 16.90 -13.43
C GLY E 341 54.71 16.46 -13.93
N ASP E 342 53.81 17.42 -14.07
CA ASP E 342 52.50 17.14 -14.66
C ASP E 342 51.80 16.00 -13.91
N LEU E 343 51.75 16.13 -12.59
CA LEU E 343 51.19 15.09 -11.73
C LEU E 343 49.78 14.70 -12.14
N ILE E 344 48.90 15.68 -12.29
CA ILE E 344 47.58 15.41 -12.85
C ILE E 344 47.54 15.85 -14.31
N PRO E 345 47.72 14.90 -15.23
CA PRO E 345 47.81 15.15 -16.68
C PRO E 345 46.57 15.84 -17.24
N PHE E 346 45.39 15.32 -16.90
CA PHE E 346 44.14 15.90 -17.38
C PHE E 346 43.11 16.16 -16.27
N GLY E 347 43.50 17.05 -15.34
CA GLY E 347 42.64 17.46 -14.24
C GLY E 347 41.83 16.33 -13.63
N VAL E 348 40.76 16.69 -12.94
CA VAL E 348 39.82 15.71 -12.41
C VAL E 348 38.56 16.02 -13.20
N PRO E 349 37.80 14.98 -13.56
CA PRO E 349 36.65 15.05 -14.46
C PRO E 349 35.71 16.16 -14.01
N HIS E 350 35.45 17.11 -14.91
CA HIS E 350 34.49 18.18 -14.67
C HIS E 350 33.15 17.84 -15.32
N THR E 351 32.12 18.57 -14.94
CA THR E 351 30.82 18.45 -15.59
C THR E 351 30.12 19.80 -15.60
N VAL E 352 29.44 20.12 -16.68
CA VAL E 352 28.71 21.39 -16.77
C VAL E 352 27.39 21.34 -16.00
N THR E 353 27.09 22.40 -15.28
CA THR E 353 25.87 22.47 -14.48
C THR E 353 24.66 22.70 -15.38
N LYS E 354 24.76 23.69 -16.25
CA LYS E 354 23.70 24.00 -17.20
C LYS E 354 24.15 23.65 -18.61
N ASP E 355 23.23 23.74 -19.57
CA ASP E 355 23.59 23.64 -20.97
C ASP E 355 24.43 24.88 -21.28
N THR E 356 25.56 24.69 -21.94
CA THR E 356 26.53 25.77 -22.07
C THR E 356 26.85 26.17 -23.51
N GLN E 357 26.90 27.47 -23.76
CA GLN E 357 27.40 28.00 -25.01
C GLN E 357 28.92 27.93 -24.96
N PHE E 358 29.53 27.37 -26.00
CA PHE E 358 30.99 27.22 -25.98
C PHE E 358 31.58 27.12 -27.39
N ARG E 359 32.28 28.17 -27.79
CA ARG E 359 32.97 28.20 -29.08
C ARG E 359 32.05 27.79 -30.22
N GLY E 360 30.80 28.24 -30.17
CA GLY E 360 29.85 27.92 -31.21
C GLY E 360 29.36 26.49 -31.11
N TYR E 361 29.40 25.95 -29.90
CA TYR E 361 28.87 24.61 -29.63
C TYR E 361 27.96 24.65 -28.42
N VAL E 362 27.18 23.58 -28.24
CA VAL E 362 26.33 23.45 -27.08
C VAL E 362 26.59 22.12 -26.37
N ILE E 363 26.82 22.19 -25.07
CA ILE E 363 26.97 20.99 -24.27
C ILE E 363 25.77 20.87 -23.32
N PRO E 364 25.10 19.72 -23.35
CA PRO E 364 23.93 19.50 -22.49
C PRO E 364 24.33 19.62 -21.02
N LYS E 365 23.35 19.49 -20.12
CA LYS E 365 23.63 19.48 -18.70
C LYS E 365 24.29 18.17 -18.30
N ASN E 366 25.14 18.22 -17.29
CA ASN E 366 25.73 17.02 -16.69
C ASN E 366 26.74 16.29 -17.57
N THR E 367 27.00 16.80 -18.76
CA THR E 367 27.99 16.17 -19.63
C THR E 367 29.37 16.32 -18.99
N GLU E 368 30.22 15.33 -19.19
CA GLU E 368 31.55 15.34 -18.59
C GLU E 368 32.56 16.12 -19.41
N VAL E 369 33.26 17.04 -18.74
CA VAL E 369 34.30 17.83 -19.40
C VAL E 369 35.67 17.47 -18.85
N PHE E 370 36.61 17.22 -19.76
CA PHE E 370 37.98 16.88 -19.38
C PHE E 370 38.95 18.00 -19.79
N PRO E 371 39.33 18.85 -18.84
CA PRO E 371 40.35 19.86 -19.12
C PRO E 371 41.75 19.26 -19.03
N VAL E 372 42.34 18.95 -20.18
CA VAL E 372 43.66 18.32 -20.22
C VAL E 372 44.76 19.31 -19.80
N LEU E 373 44.89 19.53 -18.49
CA LEU E 373 45.83 20.51 -17.97
C LEU E 373 47.25 20.32 -18.51
N SER E 374 47.62 19.08 -18.78
CA SER E 374 48.96 18.79 -19.29
C SER E 374 49.28 19.62 -20.53
N SER E 375 48.32 19.73 -21.43
CA SER E 375 48.51 20.44 -22.69
C SER E 375 48.59 21.95 -22.46
N ALA E 376 48.44 22.38 -21.21
CA ALA E 376 48.55 23.79 -20.87
C ALA E 376 49.94 24.07 -20.31
N LEU E 377 50.48 23.11 -19.58
CA LEU E 377 51.83 23.20 -19.04
C LEU E 377 52.83 23.04 -20.17
N HIS E 378 52.42 22.31 -21.21
CA HIS E 378 53.28 22.03 -22.35
C HIS E 378 52.79 22.75 -23.60
N ASP E 379 52.01 23.81 -23.41
CA ASP E 379 51.43 24.53 -24.54
C ASP E 379 52.40 25.53 -25.15
N PRO E 380 52.68 25.37 -26.45
CA PRO E 380 53.62 26.21 -27.20
C PRO E 380 53.28 27.70 -27.16
N ARG E 381 52.00 28.03 -27.16
CA ARG E 381 51.56 29.41 -27.27
C ARG E 381 51.96 30.29 -26.08
N TYR E 382 52.60 29.69 -25.07
CA TYR E 382 52.97 30.44 -23.88
C TYR E 382 54.36 30.08 -23.37
N PHE E 383 54.89 28.95 -23.82
CA PHE E 383 56.18 28.46 -23.33
C PHE E 383 57.21 28.23 -24.43
N GLU E 384 58.32 28.95 -24.36
CA GLU E 384 59.47 28.62 -25.19
C GLU E 384 60.07 27.31 -24.73
N THR E 385 60.50 26.47 -25.67
CA THR E 385 61.04 25.15 -25.34
C THR E 385 60.25 24.26 -24.37
N PRO E 386 58.98 23.99 -24.70
CA PRO E 386 58.05 23.28 -23.83
C PRO E 386 58.47 21.93 -23.24
N ASN E 387 59.26 21.17 -23.97
CA ASN E 387 59.59 19.80 -23.54
C ASN E 387 60.92 19.66 -22.79
N THR E 388 61.57 20.79 -22.50
CA THR E 388 62.84 20.74 -21.78
C THR E 388 62.78 21.55 -20.50
N PHE E 389 63.35 21.00 -19.43
CA PHE E 389 63.40 21.70 -18.16
C PHE E 389 64.03 23.07 -18.36
N ASN E 390 63.27 24.11 -18.07
CA ASN E 390 63.73 25.48 -18.32
C ASN E 390 63.22 26.48 -17.27
N PRO E 391 64.08 26.83 -16.32
CA PRO E 391 63.76 27.85 -15.33
C PRO E 391 63.38 29.16 -16.00
N GLY E 392 63.80 29.35 -17.24
CA GLY E 392 63.56 30.59 -17.95
C GLY E 392 62.10 30.91 -18.22
N HIS E 393 61.24 29.89 -18.08
CA HIS E 393 59.81 30.06 -18.38
C HIS E 393 59.13 31.01 -17.39
N PHE E 394 59.84 31.40 -16.34
CA PHE E 394 59.26 32.25 -15.31
C PHE E 394 60.15 33.44 -14.98
N LEU E 395 61.10 33.73 -15.87
CA LEU E 395 62.07 34.79 -15.61
C LEU E 395 62.11 35.82 -16.74
N ASP E 396 62.00 37.09 -16.38
CA ASP E 396 62.12 38.18 -17.34
C ASP E 396 63.57 38.52 -17.59
N ALA E 397 63.81 39.40 -18.56
CA ALA E 397 65.17 39.77 -18.95
C ALA E 397 66.03 40.15 -17.74
N ASN E 398 65.41 40.70 -16.72
CA ASN E 398 66.13 41.16 -15.53
C ASN E 398 66.58 40.02 -14.62
N GLY E 399 65.64 39.21 -14.16
CA GLY E 399 65.97 38.08 -13.31
C GLY E 399 64.95 37.83 -12.21
N ALA E 400 63.86 38.58 -12.24
CA ALA E 400 62.80 38.42 -11.25
C ALA E 400 61.75 37.42 -11.73
N LEU E 401 60.77 37.15 -10.87
CA LEU E 401 59.74 36.16 -11.17
C LEU E 401 58.64 36.74 -12.05
N LYS E 402 58.25 35.98 -13.06
CA LYS E 402 57.15 36.38 -13.93
C LYS E 402 56.11 35.26 -14.01
N ARG E 403 54.84 35.63 -14.04
CA ARG E 403 53.76 34.65 -14.13
C ARG E 403 53.62 34.13 -15.55
N ASN E 404 52.83 33.08 -15.73
CA ASN E 404 52.57 32.54 -17.05
C ASN E 404 51.19 31.94 -17.19
N GLU E 405 50.41 32.47 -18.14
CA GLU E 405 49.03 32.06 -18.34
C GLU E 405 48.84 30.55 -18.47
N GLY E 406 49.89 29.87 -18.93
CA GLY E 406 49.83 28.45 -19.17
C GLY E 406 50.03 27.62 -17.90
N PHE E 407 50.68 28.20 -16.91
CA PHE E 407 50.97 27.50 -15.66
C PHE E 407 49.72 27.36 -14.80
N MET E 408 49.04 26.23 -14.93
CA MET E 408 47.86 25.94 -14.14
C MET E 408 47.88 24.52 -13.58
N PRO E 409 48.91 24.21 -12.78
CA PRO E 409 49.09 22.87 -12.22
C PRO E 409 48.02 22.54 -11.18
N PHE E 410 47.46 23.59 -10.58
CA PHE E 410 46.38 23.43 -9.62
C PHE E 410 45.02 23.65 -10.29
N SER E 411 45.02 23.59 -11.62
CA SER E 411 43.81 23.79 -12.41
C SER E 411 43.29 25.21 -12.22
N LEU E 412 42.16 25.53 -12.83
CA LEU E 412 41.58 26.86 -12.75
C LEU E 412 40.07 26.82 -12.47
N GLY E 413 39.54 27.93 -11.98
CA GLY E 413 38.11 28.07 -11.80
C GLY E 413 37.62 27.96 -10.37
N LYS E 414 36.32 27.81 -10.23
CA LYS E 414 35.68 27.71 -8.94
C LYS E 414 35.98 26.37 -8.28
N ARG E 415 36.61 25.48 -9.05
CA ARG E 415 36.93 24.15 -8.55
C ARG E 415 38.43 23.96 -8.34
N ILE E 416 39.16 25.07 -8.35
CA ILE E 416 40.61 25.05 -8.20
C ILE E 416 41.01 24.22 -6.99
N CYS E 417 42.28 23.86 -6.91
CA CYS E 417 42.79 23.04 -5.80
C CYS E 417 42.79 23.82 -4.49
N LEU E 418 42.43 23.14 -3.40
CA LEU E 418 42.51 23.71 -2.07
C LEU E 418 43.95 23.76 -1.59
N GLY E 419 44.72 22.75 -2.00
CA GLY E 419 46.11 22.63 -1.61
C GLY E 419 47.00 23.69 -2.23
N GLU E 420 46.44 24.47 -3.14
CA GLU E 420 47.17 25.60 -3.73
C GLU E 420 47.98 26.32 -2.66
N GLY E 421 47.41 26.43 -1.47
CA GLY E 421 48.05 27.11 -0.37
C GLY E 421 49.17 26.32 0.28
N ILE E 422 48.81 25.30 1.06
CA ILE E 422 49.79 24.51 1.80
C ILE E 422 50.87 23.95 0.86
N ALA E 423 50.44 23.26 -0.19
CA ALA E 423 51.36 22.65 -1.14
C ALA E 423 52.48 23.61 -1.54
N ARG E 424 52.12 24.69 -2.22
CA ARG E 424 53.11 25.66 -2.69
C ARG E 424 54.06 26.11 -1.58
N THR E 425 53.58 26.15 -0.35
CA THR E 425 54.42 26.48 0.79
C THR E 425 55.30 25.29 1.15
N GLU E 426 54.69 24.12 1.26
CA GLU E 426 55.43 22.90 1.54
C GLU E 426 56.58 22.74 0.55
N LEU E 427 56.24 22.76 -0.74
CA LEU E 427 57.23 22.57 -1.80
C LEU E 427 58.40 23.54 -1.71
N PHE E 428 58.11 24.80 -1.38
CA PHE E 428 59.18 25.78 -1.26
C PHE E 428 60.04 25.53 -0.03
N LEU E 429 59.40 25.30 1.11
CA LEU E 429 60.10 25.10 2.37
C LEU E 429 60.89 23.78 2.37
N PHE E 430 60.20 22.68 2.06
CA PHE E 430 60.84 21.38 2.02
C PHE E 430 62.00 21.35 1.03
N PHE E 431 61.82 22.03 -0.11
CA PHE E 431 62.79 21.98 -1.20
C PHE E 431 64.05 22.79 -0.94
N THR E 432 63.91 23.91 -0.23
CA THR E 432 65.07 24.73 0.11
C THR E 432 65.74 24.23 1.40
N THR E 433 64.93 23.89 2.38
CA THR E 433 65.44 23.38 3.66
C THR E 433 66.38 22.20 3.40
N ILE E 434 65.99 21.33 2.47
CA ILE E 434 66.82 20.19 2.11
C ILE E 434 68.09 20.64 1.39
N LEU E 435 67.92 21.39 0.31
CA LEU E 435 69.04 21.85 -0.50
C LEU E 435 69.97 22.80 0.23
N GLN E 436 69.60 23.17 1.46
CA GLN E 436 70.46 24.04 2.27
C GLN E 436 71.40 23.21 3.12
N ASN E 437 70.93 22.04 3.55
CA ASN E 437 71.69 21.20 4.47
C ASN E 437 72.41 20.04 3.78
N PHE E 438 71.91 19.61 2.63
CA PHE E 438 72.50 18.48 1.93
C PHE E 438 72.69 18.74 0.44
N SER E 439 73.76 18.17 -0.11
CA SER E 439 73.90 18.05 -1.56
C SER E 439 73.30 16.72 -1.94
N ILE E 440 73.02 16.52 -3.23
CA ILE E 440 72.49 15.25 -3.68
C ILE E 440 73.44 14.58 -4.67
N ALA E 441 73.46 13.26 -4.64
CA ALA E 441 74.32 12.50 -5.53
C ALA E 441 73.71 11.13 -5.83
N SER E 442 74.04 10.58 -6.99
CA SER E 442 73.50 9.30 -7.40
C SER E 442 74.59 8.48 -8.10
N PRO E 443 74.45 7.15 -8.08
CA PRO E 443 75.37 6.25 -8.78
C PRO E 443 75.16 6.29 -10.30
N VAL E 444 74.04 6.88 -10.72
CA VAL E 444 73.73 7.01 -12.15
C VAL E 444 73.94 8.44 -12.63
N PRO E 445 74.68 8.60 -13.74
CA PRO E 445 75.03 9.90 -14.32
C PRO E 445 73.82 10.71 -14.79
N PRO E 446 73.99 12.04 -14.94
CA PRO E 446 72.95 12.98 -15.37
C PRO E 446 72.31 12.62 -16.71
N GLU E 447 73.13 12.44 -17.75
CA GLU E 447 72.61 12.17 -19.08
C GLU E 447 71.87 10.84 -19.17
N ASP E 448 71.81 10.12 -18.05
CA ASP E 448 71.14 8.83 -18.02
C ASP E 448 69.91 8.81 -17.11
N ILE E 449 69.78 9.85 -16.29
CA ILE E 449 68.59 10.01 -15.46
C ILE E 449 67.37 10.17 -16.36
N ASP E 450 66.45 9.21 -16.26
CA ASP E 450 65.28 9.20 -17.14
C ASP E 450 64.02 9.69 -16.42
N LEU E 451 63.50 10.84 -16.87
CA LEU E 451 62.37 11.48 -16.22
C LEU E 451 61.03 10.88 -16.62
N THR E 452 61.07 9.91 -17.52
CA THR E 452 59.85 9.25 -18.00
C THR E 452 59.01 8.69 -16.86
N PRO E 453 57.74 9.09 -16.78
CA PRO E 453 56.81 8.56 -15.79
C PRO E 453 56.68 7.05 -15.88
N ARG E 454 56.87 6.35 -14.77
CA ARG E 454 56.73 4.90 -14.74
C ARG E 454 55.30 4.50 -15.06
N GLU E 455 54.35 5.30 -14.59
CA GLU E 455 52.95 5.08 -14.88
C GLU E 455 52.26 6.40 -15.22
N SER E 456 51.68 6.47 -16.41
CA SER E 456 50.94 7.65 -16.83
C SER E 456 49.48 7.29 -17.06
N GLY E 457 48.59 8.07 -16.47
CA GLY E 457 47.16 7.88 -16.62
C GLY E 457 46.43 9.10 -16.09
N VAL E 458 45.52 8.88 -15.15
CA VAL E 458 44.87 9.99 -14.47
C VAL E 458 45.90 10.74 -13.65
N GLY E 459 47.02 10.08 -13.39
CA GLY E 459 48.14 10.68 -12.69
C GLY E 459 49.45 10.41 -13.39
N ASN E 460 50.52 11.06 -12.93
CA ASN E 460 51.84 10.89 -13.53
C ASN E 460 52.94 10.58 -12.52
N VAL E 461 52.91 9.36 -11.99
CA VAL E 461 53.91 8.94 -11.01
C VAL E 461 55.29 8.83 -11.65
N PRO E 462 56.29 9.49 -11.06
CA PRO E 462 57.69 9.42 -11.52
C PRO E 462 58.34 8.14 -11.03
N PRO E 463 59.47 7.75 -11.66
CA PRO E 463 60.11 6.48 -11.30
C PRO E 463 60.74 6.54 -9.92
N SER E 464 60.75 5.42 -9.21
CA SER E 464 61.48 5.32 -7.96
C SER E 464 62.97 5.37 -8.28
N TYR E 465 63.72 6.15 -7.50
CA TYR E 465 65.14 6.30 -7.77
C TYR E 465 65.98 6.23 -6.49
N GLN E 466 67.24 5.85 -6.66
CA GLN E 466 68.19 5.79 -5.56
C GLN E 466 68.96 7.11 -5.46
N ILE E 467 68.83 7.77 -4.33
CA ILE E 467 69.55 9.02 -4.08
C ILE E 467 70.34 8.86 -2.78
N ARG E 468 71.31 9.75 -2.56
CA ARG E 468 72.01 9.78 -1.28
C ARG E 468 72.24 11.23 -0.83
N PHE E 469 71.72 11.55 0.33
CA PHE E 469 71.81 12.92 0.87
C PHE E 469 73.07 13.11 1.71
N LEU E 470 74.04 13.79 1.15
CA LEU E 470 75.32 14.03 1.82
C LEU E 470 75.32 15.37 2.56
N ALA E 471 75.58 15.32 3.85
CA ALA E 471 75.60 16.52 4.69
C ALA E 471 76.49 17.58 4.08
N ARG E 472 76.23 18.84 4.44
CA ARG E 472 76.99 19.96 3.92
C ARG E 472 77.75 20.70 5.00
N HIS E 473 78.89 21.28 4.64
CA HIS E 473 79.73 21.97 5.60
C HIS E 473 80.28 23.28 5.02
N GLY F 9 -46.75 -18.09 56.23
CA GLY F 9 -47.72 -17.04 55.94
C GLY F 9 -48.67 -17.41 54.82
N LYS F 10 -49.03 -18.69 54.75
CA LYS F 10 -49.96 -19.19 53.74
C LYS F 10 -49.37 -19.12 52.33
N LEU F 11 -50.17 -19.54 51.35
CA LEU F 11 -49.77 -19.54 49.95
C LEU F 11 -50.01 -18.16 49.35
N PRO F 12 -49.43 -17.90 48.17
CA PRO F 12 -49.71 -16.64 47.45
C PRO F 12 -51.20 -16.50 47.19
N PRO F 13 -51.69 -15.25 47.10
CA PRO F 13 -53.13 -14.97 46.94
C PRO F 13 -53.71 -15.64 45.70
N GLY F 14 -55.00 -15.96 45.74
CA GLY F 14 -55.65 -16.61 44.61
C GLY F 14 -57.13 -16.85 44.83
N PRO F 15 -57.83 -17.27 43.76
CA PRO F 15 -59.27 -17.55 43.80
C PRO F 15 -59.57 -18.76 44.68
N SER F 16 -60.69 -18.73 45.39
CA SER F 16 -61.08 -19.83 46.26
C SER F 16 -61.59 -21.01 45.42
N PRO F 17 -61.03 -22.21 45.67
CA PRO F 17 -61.26 -23.41 44.85
C PRO F 17 -62.44 -24.25 45.30
N LEU F 18 -63.37 -24.51 44.38
CA LEU F 18 -64.41 -25.50 44.62
C LEU F 18 -63.77 -26.88 44.68
N PRO F 19 -64.27 -27.74 45.57
CA PRO F 19 -63.72 -29.09 45.75
C PRO F 19 -63.80 -29.90 44.46
N VAL F 20 -62.75 -30.65 44.16
CA VAL F 20 -62.71 -31.50 42.97
C VAL F 20 -62.52 -30.72 41.67
N LEU F 21 -63.21 -29.59 41.55
CA LEU F 21 -63.14 -28.80 40.31
C LEU F 21 -62.12 -27.67 40.39
N GLY F 22 -61.46 -27.53 41.53
CA GLY F 22 -60.49 -26.46 41.72
C GLY F 22 -61.02 -25.08 41.39
N ASN F 23 -60.27 -24.34 40.59
CA ASN F 23 -60.68 -23.00 40.17
C ASN F 23 -61.22 -23.05 38.75
N LEU F 24 -61.84 -24.18 38.42
CA LEU F 24 -62.36 -24.41 37.07
C LEU F 24 -63.20 -23.23 36.55
N LEU F 25 -63.93 -22.59 37.44
CA LEU F 25 -64.88 -21.54 37.05
C LEU F 25 -64.24 -20.20 36.74
N GLN F 26 -63.04 -19.95 37.26
CA GLN F 26 -62.35 -18.70 37.00
C GLN F 26 -61.35 -18.87 35.87
N MET F 27 -61.57 -19.87 35.04
CA MET F 27 -60.70 -20.15 33.91
C MET F 27 -61.17 -19.44 32.64
N ASP F 28 -60.32 -19.42 31.63
CA ASP F 28 -60.66 -18.81 30.35
C ASP F 28 -60.84 -19.89 29.30
N ARG F 29 -61.54 -19.56 28.21
CA ARG F 29 -61.78 -20.51 27.14
C ARG F 29 -60.48 -20.91 26.43
N LYS F 30 -59.61 -19.93 26.22
CA LYS F 30 -58.35 -20.16 25.50
C LYS F 30 -57.51 -21.25 26.15
N GLY F 31 -57.66 -21.43 27.46
CA GLY F 31 -56.96 -22.48 28.17
C GLY F 31 -56.00 -21.99 29.23
N LEU F 32 -55.11 -22.88 29.65
CA LEU F 32 -54.19 -22.60 30.76
C LEU F 32 -53.45 -21.27 30.63
N LEU F 33 -52.67 -21.12 29.56
CA LEU F 33 -51.85 -19.93 29.39
C LEU F 33 -52.63 -18.64 29.59
N ARG F 34 -53.63 -18.41 28.74
CA ARG F 34 -54.47 -17.23 28.86
C ARG F 34 -55.03 -17.10 30.26
N SER F 35 -55.43 -18.24 30.84
CA SER F 35 -56.03 -18.25 32.16
C SER F 35 -55.08 -17.69 33.21
N PHE F 36 -53.83 -18.13 33.16
CA PHE F 36 -52.80 -17.65 34.07
C PHE F 36 -52.58 -16.15 33.86
N LEU F 37 -52.41 -15.75 32.61
CA LEU F 37 -52.21 -14.34 32.25
C LEU F 37 -53.35 -13.47 32.75
N ARG F 38 -54.56 -14.05 32.78
CA ARG F 38 -55.74 -13.32 33.21
C ARG F 38 -55.83 -13.24 34.74
N LEU F 39 -55.67 -14.38 35.40
CA LEU F 39 -55.61 -14.42 36.85
C LEU F 39 -54.56 -13.43 37.34
N ARG F 40 -53.48 -13.31 36.57
CA ARG F 40 -52.39 -12.42 36.90
C ARG F 40 -52.83 -10.96 37.01
N GLU F 41 -53.63 -10.50 36.05
CA GLU F 41 -54.11 -9.14 36.05
C GLU F 41 -54.80 -8.77 37.37
N LYS F 42 -55.43 -9.76 37.99
CA LYS F 42 -56.19 -9.52 39.22
C LYS F 42 -55.36 -9.80 40.47
N TYR F 43 -54.73 -10.97 40.52
CA TYR F 43 -54.07 -11.43 41.74
C TYR F 43 -52.59 -11.05 41.83
N GLY F 44 -51.97 -10.71 40.70
CA GLY F 44 -50.59 -10.26 40.71
C GLY F 44 -49.59 -11.17 40.03
N ASP F 45 -48.31 -10.87 40.22
CA ASP F 45 -47.23 -11.60 39.56
C ASP F 45 -47.00 -13.01 40.11
N VAL F 46 -47.51 -13.25 41.31
CA VAL F 46 -47.41 -14.59 41.91
C VAL F 46 -48.71 -14.95 42.61
N PHE F 47 -49.25 -16.11 42.26
CA PHE F 47 -50.53 -16.53 42.83
C PHE F 47 -50.72 -18.04 42.78
N THR F 48 -51.62 -18.54 43.63
CA THR F 48 -51.93 -19.96 43.67
C THR F 48 -53.22 -20.24 42.91
N VAL F 49 -53.18 -21.22 42.02
CA VAL F 49 -54.37 -21.64 41.29
C VAL F 49 -54.61 -23.13 41.50
N TYR F 50 -55.88 -23.52 41.58
CA TYR F 50 -56.23 -24.91 41.82
C TYR F 50 -56.71 -25.61 40.55
N LEU F 51 -55.85 -26.45 40.00
CA LEU F 51 -56.18 -27.24 38.82
C LEU F 51 -56.78 -28.56 39.25
N GLY F 52 -58.05 -28.53 39.66
CA GLY F 52 -58.75 -29.71 40.13
C GLY F 52 -58.45 -30.02 41.59
N SER F 53 -57.51 -30.94 41.82
CA SER F 53 -57.17 -31.38 43.17
C SER F 53 -55.87 -30.75 43.63
N ARG F 54 -54.94 -30.57 42.71
CA ARG F 54 -53.62 -30.03 43.04
C ARG F 54 -53.57 -28.51 42.97
N PRO F 55 -52.86 -27.89 43.92
CA PRO F 55 -52.61 -26.44 43.93
C PRO F 55 -51.27 -26.13 43.28
N VAL F 56 -51.19 -25.03 42.54
CA VAL F 56 -49.96 -24.69 41.82
C VAL F 56 -49.63 -23.20 41.92
N VAL F 57 -48.34 -22.91 42.08
CA VAL F 57 -47.87 -21.54 42.18
C VAL F 57 -47.43 -21.02 40.82
N VAL F 58 -48.18 -20.05 40.29
CA VAL F 58 -47.87 -19.48 38.99
C VAL F 58 -46.87 -18.34 39.13
N LEU F 59 -45.83 -18.37 38.32
CA LEU F 59 -44.81 -17.32 38.34
C LEU F 59 -44.81 -16.49 37.06
N CYS F 60 -45.21 -15.22 37.18
CA CYS F 60 -45.27 -14.34 36.03
C CYS F 60 -44.32 -13.16 36.21
N GLY F 61 -43.73 -12.70 35.10
CA GLY F 61 -42.81 -11.59 35.13
C GLY F 61 -41.36 -12.04 35.18
N THR F 62 -40.47 -11.24 34.61
CA THR F 62 -39.05 -11.56 34.58
C THR F 62 -38.47 -11.52 35.99
N ASP F 63 -38.81 -10.48 36.73
CA ASP F 63 -38.32 -10.32 38.10
C ASP F 63 -38.80 -11.46 38.99
N ALA F 64 -40.09 -11.79 38.88
CA ALA F 64 -40.71 -12.78 39.75
C ALA F 64 -40.17 -14.20 39.56
N ILE F 65 -39.91 -14.58 38.32
CA ILE F 65 -39.41 -15.92 38.02
C ILE F 65 -37.93 -16.05 38.39
N ARG F 66 -37.16 -15.00 38.16
CA ARG F 66 -35.73 -15.02 38.44
C ARG F 66 -35.42 -15.14 39.93
N GLU F 67 -36.30 -14.59 40.76
CA GLU F 67 -36.15 -14.71 42.20
C GLU F 67 -36.28 -16.18 42.59
N ALA F 68 -37.09 -16.90 41.83
CA ALA F 68 -37.38 -18.30 42.13
C ALA F 68 -36.34 -19.25 41.55
N LEU F 69 -36.26 -19.32 40.22
CA LEU F 69 -35.37 -20.28 39.57
C LEU F 69 -33.89 -19.89 39.65
N VAL F 70 -33.61 -18.64 40.01
CA VAL F 70 -32.23 -18.15 40.02
C VAL F 70 -31.72 -17.81 41.42
N ASP F 71 -32.45 -16.96 42.14
CA ASP F 71 -32.03 -16.52 43.46
C ASP F 71 -32.26 -17.59 44.53
N GLN F 72 -33.27 -18.43 44.32
CA GLN F 72 -33.47 -19.59 45.18
C GLN F 72 -33.43 -20.84 44.33
N ALA F 73 -32.49 -20.86 43.39
CA ALA F 73 -32.39 -21.91 42.38
C ALA F 73 -32.66 -23.32 42.91
N GLU F 74 -31.89 -23.73 43.91
CA GLU F 74 -32.01 -25.09 44.46
C GLU F 74 -33.42 -25.38 44.94
N ALA F 75 -34.03 -24.40 45.59
CA ALA F 75 -35.36 -24.57 46.17
C ALA F 75 -36.42 -24.91 45.12
N PHE F 76 -36.27 -24.36 43.92
CA PHE F 76 -37.24 -24.54 42.85
C PHE F 76 -36.80 -25.57 41.82
N SER F 77 -35.76 -26.34 42.12
CA SER F 77 -35.19 -27.26 41.14
C SER F 77 -35.96 -28.57 41.01
N GLY F 78 -37.20 -28.59 41.49
CA GLY F 78 -38.02 -29.79 41.41
C GLY F 78 -38.76 -29.89 40.08
N ARG F 79 -39.05 -31.12 39.67
CA ARG F 79 -39.76 -31.37 38.42
C ARG F 79 -41.23 -31.73 38.66
N GLY F 80 -42.12 -31.05 37.98
CA GLY F 80 -43.54 -31.34 38.06
C GLY F 80 -43.96 -32.29 36.95
N LYS F 81 -45.05 -33.01 37.16
CA LYS F 81 -45.53 -33.97 36.19
C LYS F 81 -46.43 -33.32 35.14
N ILE F 82 -46.31 -33.76 33.90
CA ILE F 82 -47.23 -33.34 32.84
C ILE F 82 -48.36 -34.35 32.69
N ALA F 83 -49.59 -33.86 32.75
CA ALA F 83 -50.77 -34.72 32.77
C ALA F 83 -50.70 -35.87 31.77
N VAL F 84 -50.58 -35.53 30.51
CA VAL F 84 -50.73 -36.50 29.43
C VAL F 84 -49.55 -37.48 29.29
N VAL F 85 -48.33 -36.95 29.28
CA VAL F 85 -47.15 -37.78 29.02
C VAL F 85 -46.55 -38.40 30.27
N ASP F 86 -47.27 -38.31 31.39
CA ASP F 86 -46.80 -38.91 32.63
C ASP F 86 -46.81 -40.44 32.53
N PRO F 87 -47.95 -41.03 32.13
CA PRO F 87 -48.04 -42.49 32.02
C PRO F 87 -46.97 -43.10 31.13
N ILE F 88 -46.27 -42.26 30.37
CA ILE F 88 -45.17 -42.73 29.53
C ILE F 88 -43.87 -42.71 30.33
N PHE F 89 -43.55 -41.55 30.87
CA PHE F 89 -42.30 -41.37 31.62
C PHE F 89 -42.43 -41.87 33.07
N GLN F 90 -43.53 -41.52 33.72
CA GLN F 90 -43.84 -42.00 35.05
C GLN F 90 -42.75 -41.68 36.07
N GLY F 91 -42.14 -40.50 35.94
CA GLY F 91 -41.17 -40.04 36.91
C GLY F 91 -39.72 -40.38 36.58
N TYR F 92 -39.53 -41.25 35.60
CA TYR F 92 -38.19 -41.66 35.20
C TYR F 92 -37.67 -40.81 34.04
N GLY F 93 -36.41 -41.02 33.67
CA GLY F 93 -35.83 -40.28 32.57
C GLY F 93 -35.29 -38.93 32.98
N VAL F 94 -34.25 -38.48 32.31
CA VAL F 94 -33.55 -37.24 32.69
C VAL F 94 -34.46 -36.03 32.87
N ILE F 95 -35.46 -35.89 32.01
CA ILE F 95 -36.34 -34.72 32.03
C ILE F 95 -37.27 -34.68 33.25
N PHE F 96 -38.04 -35.74 33.44
CA PHE F 96 -39.01 -35.77 34.54
C PHE F 96 -38.45 -36.39 35.81
N ALA F 97 -37.18 -36.76 35.79
CA ALA F 97 -36.54 -37.32 36.97
C ALA F 97 -36.43 -36.27 38.06
N ASN F 98 -36.35 -36.72 39.31
CA ASN F 98 -36.23 -35.82 40.45
C ASN F 98 -35.21 -36.33 41.46
N GLY F 99 -34.86 -35.50 42.44
CA GLY F 99 -33.91 -35.88 43.46
C GLY F 99 -32.59 -36.34 42.91
N GLU F 100 -31.92 -37.22 43.66
CA GLU F 100 -30.62 -37.75 43.26
C GLU F 100 -30.69 -38.54 41.95
N ARG F 101 -31.91 -38.81 41.50
CA ARG F 101 -32.11 -39.45 40.20
C ARG F 101 -31.93 -38.41 39.09
N TRP F 102 -32.59 -37.27 39.26
CA TRP F 102 -32.43 -36.16 38.33
C TRP F 102 -30.99 -35.66 38.36
N ARG F 103 -30.44 -35.55 39.56
CA ARG F 103 -29.06 -35.10 39.74
C ARG F 103 -28.09 -36.07 39.06
N ALA F 104 -28.42 -37.36 39.13
CA ALA F 104 -27.59 -38.39 38.51
C ALA F 104 -27.64 -38.31 36.99
N LEU F 105 -28.85 -38.41 36.45
CA LEU F 105 -29.01 -38.44 35.00
C LEU F 105 -28.53 -37.16 34.32
N ARG F 106 -28.68 -36.02 34.99
CA ARG F 106 -28.19 -34.77 34.43
C ARG F 106 -26.66 -34.76 34.37
N ARG F 107 -26.03 -35.10 35.49
CA ARG F 107 -24.58 -35.20 35.55
C ARG F 107 -24.07 -36.09 34.43
N PHE F 108 -24.75 -37.22 34.23
CA PHE F 108 -24.36 -38.17 33.19
C PHE F 108 -24.62 -37.79 31.74
N SER F 109 -25.84 -37.37 31.44
CA SER F 109 -26.25 -37.03 30.08
C SER F 109 -25.42 -35.82 29.64
N LEU F 110 -25.06 -34.99 30.61
CA LEU F 110 -24.30 -33.78 30.35
C LEU F 110 -22.90 -34.10 29.84
N ALA F 111 -22.12 -34.78 30.67
CA ALA F 111 -20.73 -35.09 30.35
C ALA F 111 -20.57 -36.08 29.20
N THR F 112 -21.59 -36.93 29.00
CA THR F 112 -21.54 -37.92 27.93
C THR F 112 -21.54 -37.24 26.57
N MET F 113 -22.57 -36.45 26.30
CA MET F 113 -22.64 -35.69 25.06
C MET F 113 -21.38 -34.85 24.90
N ARG F 114 -20.88 -34.33 26.01
CA ARG F 114 -19.64 -33.56 26.01
C ARG F 114 -18.49 -34.37 25.41
N ASP F 115 -18.37 -35.63 25.84
CA ASP F 115 -17.30 -36.50 25.37
C ASP F 115 -17.48 -36.79 23.88
N PHE F 116 -18.71 -36.70 23.38
CA PHE F 116 -19.05 -37.08 21.98
C PHE F 116 -19.68 -36.09 20.95
N GLY F 117 -19.56 -34.77 21.11
CA GLY F 117 -20.26 -33.83 20.26
C GLY F 117 -20.64 -32.46 20.79
N MET F 118 -20.78 -32.36 22.11
CA MET F 118 -21.31 -31.15 22.74
C MET F 118 -20.07 -30.37 23.18
N GLY F 119 -18.90 -30.89 22.82
CA GLY F 119 -17.65 -30.23 23.13
C GLY F 119 -17.37 -29.02 22.26
N LYS F 120 -18.41 -28.54 21.58
CA LYS F 120 -18.34 -27.34 20.75
C LYS F 120 -17.61 -27.57 19.42
N ARG F 121 -16.37 -28.03 19.46
CA ARG F 121 -15.64 -28.26 18.22
C ARG F 121 -16.28 -29.36 17.36
N SER F 122 -16.63 -30.48 17.99
CA SER F 122 -17.24 -31.60 17.29
C SER F 122 -18.65 -31.35 16.73
N VAL F 123 -19.47 -30.67 17.52
CA VAL F 123 -20.87 -30.43 17.18
C VAL F 123 -21.08 -29.58 15.93
N GLU F 124 -20.25 -28.55 15.77
CA GLU F 124 -20.39 -27.62 14.65
C GLU F 124 -20.21 -28.31 13.32
N GLU F 125 -19.27 -29.23 13.24
CA GLU F 125 -18.97 -29.95 12.01
C GLU F 125 -20.14 -30.82 11.53
N ARG F 126 -20.82 -31.48 12.45
CA ARG F 126 -21.90 -32.40 12.09
C ARG F 126 -23.17 -31.61 11.80
N ILE F 127 -23.33 -30.48 12.49
CA ILE F 127 -24.42 -29.55 12.21
C ILE F 127 -24.09 -28.80 10.92
N GLN F 128 -22.83 -28.41 10.79
CA GLN F 128 -22.34 -27.76 9.58
C GLN F 128 -22.53 -28.68 8.37
N GLU F 129 -22.38 -29.98 8.60
CA GLU F 129 -22.48 -30.96 7.52
C GLU F 129 -23.93 -31.28 7.19
N GLU F 130 -24.77 -31.37 8.21
CA GLU F 130 -26.19 -31.58 7.99
C GLU F 130 -26.76 -30.38 7.26
N ALA F 131 -26.05 -29.25 7.37
CA ALA F 131 -26.40 -28.06 6.60
C ALA F 131 -26.19 -28.36 5.13
N ARG F 132 -25.03 -28.92 4.80
CA ARG F 132 -24.69 -29.28 3.42
C ARG F 132 -25.78 -30.14 2.79
N CYS F 133 -26.17 -31.21 3.48
CA CYS F 133 -27.21 -32.11 2.99
C CYS F 133 -28.55 -31.38 2.84
N LEU F 134 -28.79 -30.39 3.69
CA LEU F 134 -30.02 -29.62 3.64
C LEU F 134 -30.10 -28.78 2.36
N VAL F 135 -28.96 -28.27 1.93
CA VAL F 135 -28.91 -27.50 0.70
C VAL F 135 -29.12 -28.40 -0.50
N GLU F 136 -28.42 -29.53 -0.50
CA GLU F 136 -28.52 -30.50 -1.58
C GLU F 136 -29.96 -30.96 -1.78
N GLU F 137 -30.74 -30.90 -0.70
CA GLU F 137 -32.13 -31.36 -0.73
C GLU F 137 -33.09 -30.27 -1.17
N LEU F 138 -32.95 -29.09 -0.59
CA LEU F 138 -33.80 -27.95 -0.96
C LEU F 138 -33.52 -27.51 -2.40
N ARG F 139 -32.33 -27.84 -2.88
CA ARG F 139 -31.95 -27.50 -4.25
C ARG F 139 -32.45 -28.56 -5.23
N LYS F 140 -32.40 -29.82 -4.80
CA LYS F 140 -32.82 -30.93 -5.65
C LYS F 140 -34.31 -30.91 -5.93
N SER F 141 -35.03 -30.02 -5.25
CA SER F 141 -36.46 -29.85 -5.48
C SER F 141 -36.73 -28.64 -6.37
N LYS F 142 -35.65 -27.96 -6.75
CA LYS F 142 -35.75 -26.79 -7.63
C LYS F 142 -36.75 -25.75 -7.12
N GLY F 143 -36.91 -25.67 -5.80
CA GLY F 143 -37.74 -24.67 -5.19
C GLY F 143 -39.22 -24.74 -5.56
N ALA F 144 -39.82 -25.90 -5.33
CA ALA F 144 -41.26 -26.04 -5.53
C ALA F 144 -41.98 -25.61 -4.26
N LEU F 145 -43.28 -25.36 -4.36
CA LEU F 145 -44.07 -25.04 -3.18
C LEU F 145 -44.13 -26.24 -2.26
N LEU F 146 -43.46 -26.15 -1.12
CA LEU F 146 -43.33 -27.30 -0.22
C LEU F 146 -43.86 -27.02 1.18
N ASP F 147 -43.71 -28.03 2.05
CA ASP F 147 -44.06 -27.92 3.45
C ASP F 147 -42.86 -28.37 4.28
N ASN F 148 -42.06 -27.40 4.72
CA ASN F 148 -40.78 -27.68 5.37
C ASN F 148 -40.90 -28.24 6.78
N THR F 149 -42.11 -28.63 7.17
CA THR F 149 -42.35 -29.13 8.53
C THR F 149 -41.44 -30.31 8.89
N LEU F 150 -41.67 -31.45 8.25
CA LEU F 150 -40.92 -32.66 8.57
C LEU F 150 -39.46 -32.59 8.11
N LEU F 151 -39.20 -31.72 7.15
CA LEU F 151 -37.85 -31.55 6.63
C LEU F 151 -36.97 -30.89 7.68
N PHE F 152 -37.55 -29.98 8.46
CA PHE F 152 -36.82 -29.33 9.55
C PHE F 152 -36.69 -30.28 10.75
N HIS F 153 -37.58 -31.26 10.83
CA HIS F 153 -37.50 -32.25 11.89
C HIS F 153 -36.39 -33.26 11.62
N SER F 154 -35.92 -33.29 10.37
CA SER F 154 -34.84 -34.19 9.97
C SER F 154 -33.48 -33.58 10.27
N ILE F 155 -33.34 -32.30 9.98
CA ILE F 155 -32.09 -31.60 10.21
C ILE F 155 -31.75 -31.54 11.70
N THR F 156 -32.77 -31.50 12.54
CA THR F 156 -32.57 -31.41 13.99
C THR F 156 -32.49 -32.80 14.63
N SER F 157 -33.23 -33.75 14.07
CA SER F 157 -33.18 -35.12 14.56
C SER F 157 -31.77 -35.70 14.45
N ASN F 158 -31.17 -35.54 13.27
CA ASN F 158 -29.86 -36.11 12.99
C ASN F 158 -28.74 -35.62 13.90
N ILE F 159 -28.86 -34.40 14.41
CA ILE F 159 -27.85 -33.86 15.30
C ILE F 159 -27.88 -34.58 16.64
N ILE F 160 -29.08 -34.95 17.09
CA ILE F 160 -29.22 -35.72 18.32
C ILE F 160 -29.04 -37.20 18.03
N CYS F 161 -29.68 -37.68 16.98
CA CYS F 161 -29.53 -39.07 16.55
C CYS F 161 -28.06 -39.41 16.34
N SER F 162 -27.27 -38.40 16.02
CA SER F 162 -25.83 -38.56 15.90
C SER F 162 -25.22 -38.87 17.25
N ILE F 163 -25.67 -38.15 18.27
CA ILE F 163 -25.10 -38.27 19.61
C ILE F 163 -25.75 -39.40 20.41
N VAL F 164 -26.98 -39.75 20.05
CA VAL F 164 -27.73 -40.76 20.80
C VAL F 164 -27.81 -42.09 20.04
N PHE F 165 -27.47 -42.07 18.76
CA PHE F 165 -27.51 -43.29 17.96
C PHE F 165 -26.26 -43.48 17.11
N GLY F 166 -25.40 -42.46 17.07
CA GLY F 166 -24.16 -42.53 16.32
C GLY F 166 -24.36 -42.45 14.83
N LYS F 167 -25.45 -43.05 14.37
CA LYS F 167 -25.81 -43.02 12.95
C LYS F 167 -26.66 -41.80 12.66
N ARG F 168 -27.11 -41.70 11.41
CA ARG F 168 -28.09 -40.69 11.03
C ARG F 168 -29.01 -41.29 9.99
N PHE F 169 -29.97 -40.50 9.51
CA PHE F 169 -30.96 -41.01 8.57
C PHE F 169 -31.07 -40.15 7.32
N ASP F 170 -31.44 -40.78 6.21
CA ASP F 170 -31.69 -40.07 4.97
C ASP F 170 -33.04 -39.39 5.11
N TYR F 171 -33.23 -38.29 4.40
CA TYR F 171 -34.45 -37.51 4.51
C TYR F 171 -35.61 -38.32 3.91
N LYS F 172 -35.28 -39.43 3.27
CA LYS F 172 -36.29 -40.24 2.59
C LYS F 172 -36.56 -41.61 3.22
N ASP F 173 -35.91 -41.91 4.34
CA ASP F 173 -36.08 -43.19 5.01
C ASP F 173 -37.50 -43.22 5.54
N PRO F 174 -38.29 -44.20 5.10
CA PRO F 174 -39.69 -44.37 5.51
C PRO F 174 -39.84 -44.52 7.02
N VAL F 175 -38.85 -45.13 7.67
CA VAL F 175 -38.90 -45.33 9.11
C VAL F 175 -38.58 -44.03 9.84
N PHE F 176 -37.51 -43.37 9.42
CA PHE F 176 -37.10 -42.10 10.00
C PHE F 176 -38.22 -41.08 9.90
N LEU F 177 -38.95 -41.13 8.78
CA LEU F 177 -40.07 -40.21 8.57
C LEU F 177 -41.26 -40.54 9.46
N ARG F 178 -41.49 -41.83 9.70
CA ARG F 178 -42.55 -42.25 10.61
C ARG F 178 -42.25 -41.73 12.02
N LEU F 179 -40.98 -41.83 12.42
CA LEU F 179 -40.56 -41.30 13.71
C LEU F 179 -40.82 -39.80 13.80
N LEU F 180 -40.30 -39.05 12.83
CA LEU F 180 -40.51 -37.61 12.78
C LEU F 180 -42.00 -37.28 12.85
N ASP F 181 -42.77 -37.87 11.95
CA ASP F 181 -44.21 -37.66 11.91
C ASP F 181 -44.82 -37.92 13.28
N LEU F 182 -44.33 -38.96 13.94
CA LEU F 182 -44.79 -39.29 15.29
C LEU F 182 -44.44 -38.18 16.27
N PHE F 183 -43.21 -37.69 16.19
CA PHE F 183 -42.78 -36.58 17.04
C PHE F 183 -43.62 -35.34 16.79
N PHE F 184 -43.65 -34.89 15.54
CA PHE F 184 -44.40 -33.70 15.16
C PHE F 184 -45.86 -33.76 15.58
N GLN F 185 -46.57 -34.79 15.10
CA GLN F 185 -47.99 -34.94 15.42
C GLN F 185 -48.23 -35.00 16.92
N SER F 186 -47.33 -35.67 17.65
CA SER F 186 -47.48 -35.83 19.09
C SER F 186 -47.43 -34.51 19.83
N PHE F 187 -46.48 -33.65 19.46
CA PHE F 187 -46.35 -32.35 20.10
C PHE F 187 -47.63 -31.55 19.93
N SER F 188 -48.19 -31.58 18.73
CA SER F 188 -49.45 -30.90 18.44
C SER F 188 -50.54 -31.36 19.41
N LEU F 189 -50.57 -32.67 19.66
CA LEU F 189 -51.58 -33.25 20.55
C LEU F 189 -51.34 -32.89 22.01
N ILE F 190 -50.08 -32.91 22.41
CA ILE F 190 -49.72 -32.58 23.79
C ILE F 190 -50.09 -31.13 24.10
N SER F 191 -50.02 -30.27 23.09
CA SER F 191 -50.36 -28.87 23.25
C SER F 191 -51.83 -28.62 22.97
N SER F 192 -52.60 -29.69 22.77
CA SER F 192 -54.00 -29.57 22.42
C SER F 192 -54.87 -29.14 23.61
N PHE F 193 -56.10 -28.75 23.30
CA PHE F 193 -57.07 -28.42 24.32
C PHE F 193 -57.33 -29.65 25.18
N SER F 194 -57.36 -30.81 24.53
CA SER F 194 -57.69 -32.06 25.20
C SER F 194 -56.58 -32.52 26.15
N SER F 195 -55.43 -31.86 26.10
CA SER F 195 -54.33 -32.16 27.00
C SER F 195 -54.37 -31.25 28.22
N GLN F 196 -54.87 -30.04 28.03
CA GLN F 196 -54.94 -29.05 29.10
C GLN F 196 -56.09 -29.36 30.05
N VAL F 197 -57.15 -29.94 29.51
CA VAL F 197 -58.27 -30.38 30.33
C VAL F 197 -57.95 -31.73 30.96
N PHE F 198 -57.10 -32.49 30.28
CA PHE F 198 -56.61 -33.74 30.83
C PHE F 198 -55.70 -33.44 32.00
N GLU F 199 -55.25 -32.20 32.09
CA GLU F 199 -54.38 -31.76 33.18
C GLU F 199 -55.12 -31.75 34.50
N LEU F 200 -56.13 -30.89 34.60
CA LEU F 200 -56.93 -30.79 35.82
C LEU F 200 -57.50 -32.16 36.14
N PHE F 201 -58.42 -32.63 35.31
CA PHE F 201 -59.11 -33.89 35.57
C PHE F 201 -58.37 -35.00 34.82
N SER F 202 -57.29 -35.49 35.44
CA SER F 202 -56.49 -36.55 34.85
C SER F 202 -56.95 -37.93 35.28
N GLY F 203 -57.15 -38.12 36.57
CA GLY F 203 -57.58 -39.39 37.11
C GLY F 203 -59.00 -39.65 36.63
N PHE F 204 -59.68 -38.59 36.22
CA PHE F 204 -61.04 -38.70 35.71
C PHE F 204 -61.05 -39.24 34.27
N LEU F 205 -60.40 -38.51 33.38
CA LEU F 205 -60.44 -38.86 31.95
C LEU F 205 -59.50 -40.00 31.58
N LYS F 206 -58.59 -40.34 32.48
CA LYS F 206 -57.65 -41.43 32.25
C LYS F 206 -58.37 -42.71 31.87
N TYR F 207 -59.68 -42.73 32.13
CA TYR F 207 -60.50 -43.91 31.85
C TYR F 207 -61.23 -43.80 30.52
N PHE F 208 -61.59 -42.58 30.14
CA PHE F 208 -62.35 -42.36 28.91
C PHE F 208 -61.45 -42.13 27.69
N PRO F 209 -61.93 -42.53 26.51
CA PRO F 209 -61.19 -42.34 25.26
C PRO F 209 -60.94 -40.87 24.96
N GLY F 210 -59.75 -40.56 24.45
CA GLY F 210 -59.38 -39.20 24.13
C GLY F 210 -58.04 -39.13 23.44
N THR F 211 -57.52 -37.92 23.23
CA THR F 211 -56.22 -37.75 22.61
C THR F 211 -55.11 -38.15 23.58
N HIS F 212 -55.41 -38.11 24.88
CA HIS F 212 -54.47 -38.55 25.89
C HIS F 212 -54.09 -40.00 25.61
N ARG F 213 -55.02 -40.71 24.97
CA ARG F 213 -54.80 -42.09 24.58
C ARG F 213 -53.77 -42.15 23.45
N GLN F 214 -54.02 -41.37 22.40
CA GLN F 214 -53.17 -41.37 21.23
C GLN F 214 -51.72 -41.05 21.58
N ILE F 215 -51.53 -40.07 22.46
CA ILE F 215 -50.19 -39.67 22.90
C ILE F 215 -49.44 -40.86 23.47
N TYR F 216 -50.16 -41.70 24.20
CA TYR F 216 -49.56 -42.90 24.80
C TYR F 216 -49.04 -43.84 23.73
N ARG F 217 -49.76 -43.93 22.61
CA ARG F 217 -49.37 -44.81 21.52
C ARG F 217 -48.18 -44.27 20.75
N ASN F 218 -48.35 -43.08 20.17
CA ASN F 218 -47.30 -42.45 19.38
C ASN F 218 -45.97 -42.44 20.11
N LEU F 219 -46.02 -42.25 21.42
CA LEU F 219 -44.81 -42.27 22.25
C LEU F 219 -44.38 -43.72 22.51
N GLN F 220 -45.35 -44.61 22.66
CA GLN F 220 -45.06 -46.02 22.88
C GLN F 220 -44.42 -46.64 21.64
N GLU F 221 -44.80 -46.12 20.47
CA GLU F 221 -44.26 -46.63 19.21
C GLU F 221 -42.83 -46.16 19.02
N ILE F 222 -42.58 -44.89 19.35
CA ILE F 222 -41.23 -44.34 19.27
C ILE F 222 -40.34 -44.99 20.32
N ASN F 223 -40.94 -45.40 21.43
CA ASN F 223 -40.20 -46.11 22.47
C ASN F 223 -39.83 -47.53 22.04
N THR F 224 -40.73 -48.17 21.30
CA THR F 224 -40.43 -49.49 20.74
C THR F 224 -39.20 -49.41 19.84
N PHE F 225 -39.14 -48.37 19.02
CA PHE F 225 -37.98 -48.13 18.17
C PHE F 225 -36.75 -47.83 19.02
N ILE F 226 -36.98 -47.11 20.12
CA ILE F 226 -35.91 -46.86 21.09
C ILE F 226 -35.43 -48.19 21.66
N GLY F 227 -36.36 -49.13 21.80
CA GLY F 227 -36.05 -50.45 22.32
C GLY F 227 -35.35 -51.32 21.30
N GLN F 228 -35.75 -51.17 20.03
CA GLN F 228 -35.18 -51.97 18.95
C GLN F 228 -33.70 -51.64 18.73
N SER F 229 -33.33 -50.39 18.99
CA SER F 229 -31.95 -49.95 18.84
C SER F 229 -31.17 -50.13 20.13
N VAL F 230 -31.87 -50.40 21.23
CA VAL F 230 -31.22 -50.70 22.49
C VAL F 230 -30.64 -52.11 22.46
N GLU F 231 -31.42 -53.06 21.96
CA GLU F 231 -30.96 -54.43 21.81
C GLU F 231 -29.94 -54.51 20.66
N LYS F 232 -30.17 -53.74 19.61
CA LYS F 232 -29.24 -53.66 18.49
C LYS F 232 -27.86 -53.24 18.99
N HIS F 233 -27.82 -52.15 19.75
CA HIS F 233 -26.58 -51.66 20.33
C HIS F 233 -26.03 -52.66 21.35
N ARG F 234 -26.92 -53.41 21.97
CA ARG F 234 -26.52 -54.41 22.97
C ARG F 234 -25.77 -55.56 22.31
N ALA F 235 -25.96 -55.74 21.01
CA ALA F 235 -25.33 -56.83 20.28
C ALA F 235 -24.12 -56.36 19.48
N THR F 236 -23.80 -55.06 19.59
CA THR F 236 -22.68 -54.49 18.85
C THR F 236 -21.75 -53.72 19.77
N LEU F 237 -21.85 -54.00 21.06
CA LEU F 237 -21.11 -53.26 22.08
C LEU F 237 -19.58 -53.48 21.98
N ASP F 238 -18.87 -52.42 21.65
CA ASP F 238 -17.40 -52.45 21.57
C ASP F 238 -16.83 -51.55 22.65
N PRO F 239 -16.64 -52.11 23.86
CA PRO F 239 -16.23 -51.39 25.07
C PRO F 239 -14.96 -50.52 24.91
N SER F 240 -14.05 -50.91 24.01
CA SER F 240 -12.83 -50.16 23.80
C SER F 240 -13.09 -48.89 22.99
N ASN F 241 -14.24 -48.84 22.35
CA ASN F 241 -14.62 -47.69 21.55
C ASN F 241 -16.14 -47.52 21.50
N PRO F 242 -16.68 -46.61 22.33
CA PRO F 242 -18.11 -46.32 22.39
C PRO F 242 -18.54 -45.44 21.22
N ARG F 243 -19.63 -45.81 20.56
CA ARG F 243 -20.07 -45.11 19.36
C ARG F 243 -21.02 -43.95 19.64
N ASP F 244 -21.87 -44.10 20.65
CA ASP F 244 -22.84 -43.04 20.96
C ASP F 244 -23.29 -43.05 22.42
N PHE F 245 -24.35 -42.30 22.69
CA PHE F 245 -24.90 -42.15 24.03
C PHE F 245 -25.30 -43.51 24.62
N ILE F 246 -26.04 -44.29 23.84
CA ILE F 246 -26.50 -45.60 24.28
C ILE F 246 -25.31 -46.50 24.64
N ASP F 247 -24.23 -46.39 23.89
CA ASP F 247 -23.03 -47.17 24.16
C ASP F 247 -22.46 -46.80 25.53
N VAL F 248 -22.11 -45.54 25.69
CA VAL F 248 -21.56 -45.05 26.96
C VAL F 248 -22.44 -45.44 28.14
N TYR F 249 -23.75 -45.35 27.94
CA TYR F 249 -24.72 -45.62 28.99
C TYR F 249 -24.91 -47.11 29.25
N LEU F 250 -24.54 -47.94 28.28
CA LEU F 250 -24.65 -49.39 28.43
C LEU F 250 -23.46 -49.97 29.19
N LEU F 251 -22.31 -49.32 29.08
CA LEU F 251 -21.11 -49.75 29.78
C LEU F 251 -21.13 -49.23 31.22
N ARG F 252 -21.83 -48.11 31.42
CA ARG F 252 -22.00 -47.55 32.76
C ARG F 252 -23.28 -48.07 33.40
N MET F 253 -23.82 -49.12 32.80
CA MET F 253 -24.98 -49.80 33.37
C MET F 253 -24.59 -51.21 33.80
N GLU F 254 -23.48 -51.69 33.25
CA GLU F 254 -22.92 -52.98 33.63
C GLU F 254 -21.94 -52.81 34.79
N LYS F 255 -21.21 -51.69 34.77
CA LYS F 255 -20.31 -51.36 35.87
C LYS F 255 -21.09 -51.21 37.16
N ASP F 256 -22.41 -51.06 37.01
CA ASP F 256 -23.31 -51.00 38.16
C ASP F 256 -24.29 -52.16 38.13
N LYS F 257 -23.83 -53.31 37.66
CA LYS F 257 -24.62 -54.53 37.68
C LYS F 257 -24.98 -54.85 39.13
N SER F 258 -23.96 -54.82 39.98
CA SER F 258 -24.06 -55.21 41.40
C SER F 258 -24.90 -54.35 42.36
N ASP F 259 -24.75 -53.02 42.27
CA ASP F 259 -25.45 -52.12 43.18
C ASP F 259 -26.95 -52.20 42.93
N PRO F 260 -27.77 -52.12 43.98
CA PRO F 260 -29.21 -52.20 43.69
C PRO F 260 -29.96 -50.88 43.60
N SER F 261 -29.42 -49.84 44.23
CA SER F 261 -30.07 -48.53 44.26
C SER F 261 -29.33 -47.60 43.30
N SER F 262 -28.75 -48.18 42.25
CA SER F 262 -28.15 -47.38 41.19
C SER F 262 -29.23 -46.99 40.19
N GLU F 263 -29.25 -45.72 39.82
CA GLU F 263 -30.34 -45.16 39.00
C GLU F 263 -30.17 -45.39 37.51
N PHE F 264 -29.46 -46.45 37.14
CA PHE F 264 -29.22 -46.73 35.73
C PHE F 264 -30.04 -48.01 35.58
N HIS F 265 -31.13 -47.93 34.84
CA HIS F 265 -32.02 -49.07 34.66
C HIS F 265 -32.12 -49.13 33.14
N HIS F 266 -32.87 -50.11 32.64
CA HIS F 266 -33.35 -50.10 31.27
C HIS F 266 -34.51 -49.12 31.24
N GLN F 267 -35.16 -48.99 32.40
CA GLN F 267 -36.25 -48.03 32.58
C GLN F 267 -35.81 -46.62 32.19
N ASN F 268 -34.58 -46.26 32.55
CA ASN F 268 -34.07 -44.92 32.29
C ASN F 268 -33.39 -44.75 30.94
N LEU F 269 -32.80 -45.83 30.43
CA LEU F 269 -32.23 -45.79 29.10
C LEU F 269 -33.31 -45.44 28.10
N ILE F 270 -34.42 -46.18 28.14
CA ILE F 270 -35.55 -45.97 27.25
C ILE F 270 -36.15 -44.58 27.39
N LEU F 271 -36.18 -44.06 28.61
CA LEU F 271 -36.89 -42.82 28.89
C LEU F 271 -35.99 -41.58 29.00
N THR F 272 -34.68 -41.77 28.81
CA THR F 272 -33.80 -40.62 28.64
C THR F 272 -33.62 -40.40 27.15
N VAL F 273 -33.43 -41.49 26.42
CA VAL F 273 -33.37 -41.44 24.97
C VAL F 273 -34.66 -40.85 24.42
N LEU F 274 -35.78 -41.20 25.04
CA LEU F 274 -37.07 -40.64 24.63
C LEU F 274 -37.06 -39.14 24.85
N SER F 275 -36.58 -38.73 26.03
CA SER F 275 -36.50 -37.32 26.38
C SER F 275 -35.60 -36.56 25.41
N LEU F 276 -34.37 -37.03 25.27
CA LEU F 276 -33.38 -36.39 24.42
C LEU F 276 -33.79 -36.44 22.95
N PHE F 277 -34.30 -37.58 22.51
CA PHE F 277 -34.73 -37.77 21.13
C PHE F 277 -35.81 -36.75 20.79
N PHE F 278 -36.89 -36.77 21.55
CA PHE F 278 -38.03 -35.89 21.31
C PHE F 278 -37.59 -34.42 21.30
N ALA F 279 -37.11 -33.95 22.45
CA ALA F 279 -36.76 -32.54 22.62
C ALA F 279 -35.77 -32.05 21.57
N GLY F 280 -34.68 -32.79 21.39
CA GLY F 280 -33.64 -32.41 20.46
C GLY F 280 -34.15 -32.21 19.04
N THR F 281 -35.27 -32.87 18.72
CA THR F 281 -35.85 -32.79 17.40
C THR F 281 -36.98 -31.76 17.32
N GLU F 282 -37.97 -31.92 18.17
CA GLU F 282 -39.19 -31.13 18.09
C GLU F 282 -38.96 -29.62 18.20
N THR F 283 -38.55 -29.15 19.37
CA THR F 283 -38.52 -27.72 19.67
C THR F 283 -37.49 -26.91 18.87
N THR F 284 -36.37 -27.52 18.53
CA THR F 284 -35.34 -26.84 17.76
C THR F 284 -35.77 -26.67 16.30
N SER F 285 -36.49 -27.67 15.79
CA SER F 285 -37.03 -27.62 14.44
C SER F 285 -38.13 -26.56 14.36
N THR F 286 -39.19 -26.76 15.14
CA THR F 286 -40.34 -25.87 15.11
C THR F 286 -39.97 -24.39 15.25
N THR F 287 -38.98 -24.11 16.10
CA THR F 287 -38.47 -22.75 16.20
C THR F 287 -38.04 -22.27 14.82
N LEU F 288 -37.25 -23.10 14.15
CA LEU F 288 -36.77 -22.79 12.80
C LEU F 288 -37.94 -22.61 11.85
N ARG F 289 -38.95 -23.48 11.96
CA ARG F 289 -40.14 -23.41 11.12
C ARG F 289 -40.90 -22.12 11.37
N TYR F 290 -40.88 -21.65 12.61
CA TYR F 290 -41.56 -20.41 12.97
C TYR F 290 -40.79 -19.21 12.44
N GLY F 291 -39.47 -19.34 12.39
CA GLY F 291 -38.63 -18.25 11.93
C GLY F 291 -38.93 -17.86 10.50
N PHE F 292 -39.13 -18.86 9.64
CA PHE F 292 -39.35 -18.60 8.22
C PHE F 292 -40.78 -18.16 7.91
N LEU F 293 -41.64 -18.17 8.93
CA LEU F 293 -42.97 -17.58 8.79
C LEU F 293 -42.83 -16.09 9.09
N LEU F 294 -42.05 -15.77 10.11
CA LEU F 294 -41.67 -14.39 10.37
C LEU F 294 -40.96 -13.84 9.15
N MET F 295 -40.17 -14.70 8.51
CA MET F 295 -39.35 -14.29 7.36
C MET F 295 -40.19 -14.02 6.11
N LEU F 296 -41.35 -14.65 6.03
CA LEU F 296 -42.27 -14.36 4.94
C LEU F 296 -43.08 -13.11 5.26
N LYS F 297 -43.37 -12.92 6.54
CA LYS F 297 -44.20 -11.81 6.99
C LYS F 297 -43.44 -10.49 7.09
N TYR F 298 -42.13 -10.58 7.34
CA TYR F 298 -41.29 -9.40 7.45
C TYR F 298 -40.12 -9.46 6.47
N PRO F 299 -40.42 -9.49 5.17
CA PRO F 299 -39.41 -9.67 4.12
C PRO F 299 -38.21 -8.73 4.23
N HIS F 300 -38.42 -7.51 4.73
CA HIS F 300 -37.33 -6.55 4.83
C HIS F 300 -36.22 -7.06 5.74
N VAL F 301 -36.59 -7.89 6.71
CA VAL F 301 -35.63 -8.48 7.63
C VAL F 301 -34.81 -9.55 6.96
N THR F 302 -35.48 -10.40 6.18
CA THR F 302 -34.81 -11.45 5.43
C THR F 302 -33.64 -10.89 4.62
N GLU F 303 -33.88 -9.78 3.94
CA GLU F 303 -32.86 -9.16 3.10
C GLU F 303 -31.69 -8.61 3.91
N ARG F 304 -31.99 -7.89 4.98
CA ARG F 304 -30.95 -7.38 5.86
C ARG F 304 -30.13 -8.56 6.38
N VAL F 305 -30.82 -9.57 6.90
CA VAL F 305 -30.18 -10.79 7.37
C VAL F 305 -29.30 -11.41 6.29
N GLN F 306 -29.76 -11.33 5.05
CA GLN F 306 -28.98 -11.85 3.92
C GLN F 306 -27.82 -10.92 3.60
N LYS F 307 -28.09 -9.62 3.59
CA LYS F 307 -27.06 -8.62 3.33
C LYS F 307 -25.92 -8.78 4.31
N GLU F 308 -26.24 -9.20 5.53
CA GLU F 308 -25.25 -9.39 6.58
C GLU F 308 -24.43 -10.64 6.29
N ILE F 309 -25.11 -11.73 5.99
CA ILE F 309 -24.44 -12.98 5.62
C ILE F 309 -23.47 -12.73 4.47
N GLU F 310 -23.73 -11.66 3.72
CA GLU F 310 -22.88 -11.31 2.59
C GLU F 310 -21.55 -10.69 3.04
N GLN F 311 -21.65 -9.56 3.74
CA GLN F 311 -20.45 -8.84 4.17
C GLN F 311 -19.56 -9.69 5.10
N VAL F 312 -20.15 -10.67 5.76
CA VAL F 312 -19.43 -11.44 6.77
C VAL F 312 -18.99 -12.86 6.44
N ILE F 313 -19.90 -13.64 5.84
CA ILE F 313 -19.65 -15.04 5.58
C ILE F 313 -19.22 -15.21 4.12
N GLY F 314 -20.00 -14.65 3.20
CA GLY F 314 -19.69 -14.71 1.79
C GLY F 314 -20.57 -15.69 1.03
N SER F 315 -20.10 -16.11 -0.13
CA SER F 315 -20.83 -17.08 -0.95
C SER F 315 -19.96 -18.31 -1.21
N HIS F 316 -18.66 -18.15 -0.98
CA HIS F 316 -17.72 -19.24 -1.19
C HIS F 316 -17.89 -20.33 -0.13
N ARG F 317 -17.63 -19.96 1.12
CA ARG F 317 -17.65 -20.93 2.23
C ARG F 317 -19.03 -21.08 2.86
N PRO F 318 -19.22 -22.17 3.61
CA PRO F 318 -20.44 -22.37 4.41
C PRO F 318 -20.35 -21.60 5.71
N PRO F 319 -21.50 -21.25 6.31
CA PRO F 319 -21.51 -20.56 7.60
C PRO F 319 -20.94 -21.43 8.71
N ALA F 320 -19.97 -20.89 9.45
CA ALA F 320 -19.41 -21.56 10.61
C ALA F 320 -19.91 -20.86 11.86
N LEU F 321 -19.78 -21.52 13.01
CA LEU F 321 -20.34 -20.96 14.24
C LEU F 321 -19.70 -19.65 14.68
N ASP F 322 -18.38 -19.55 14.50
CA ASP F 322 -17.67 -18.32 14.87
C ASP F 322 -18.22 -17.11 14.11
N ASP F 323 -18.89 -17.36 13.00
CA ASP F 323 -19.47 -16.28 12.20
C ASP F 323 -20.56 -15.53 12.97
N ARG F 324 -21.04 -16.14 14.05
CA ARG F 324 -22.11 -15.53 14.84
C ARG F 324 -21.67 -14.25 15.53
N ALA F 325 -20.49 -14.28 16.13
CA ALA F 325 -20.00 -13.15 16.93
C ALA F 325 -19.88 -11.86 16.13
N LYS F 326 -19.82 -11.97 14.81
CA LYS F 326 -19.65 -10.80 13.96
C LYS F 326 -20.92 -10.41 13.22
N MET F 327 -22.04 -11.02 13.62
CA MET F 327 -23.32 -10.77 12.97
C MET F 327 -24.41 -10.45 13.99
N PRO F 328 -24.36 -9.25 14.57
CA PRO F 328 -25.34 -8.83 15.59
C PRO F 328 -26.77 -8.92 15.09
N TYR F 329 -27.02 -8.60 13.82
CA TYR F 329 -28.37 -8.58 13.31
C TYR F 329 -29.01 -9.97 13.30
N THR F 330 -28.33 -10.94 12.67
CA THR F 330 -28.85 -12.29 12.59
C THR F 330 -28.96 -12.92 13.96
N ASP F 331 -28.08 -12.51 14.87
CA ASP F 331 -28.12 -13.01 16.23
C ASP F 331 -29.24 -12.34 17.01
N ALA F 332 -29.65 -11.16 16.54
CA ALA F 332 -30.78 -10.45 17.11
C ALA F 332 -32.08 -11.09 16.63
N VAL F 333 -32.12 -11.42 15.34
CA VAL F 333 -33.32 -12.04 14.75
C VAL F 333 -33.59 -13.42 15.33
N ILE F 334 -32.60 -14.30 15.26
CA ILE F 334 -32.76 -15.65 15.79
C ILE F 334 -33.25 -15.63 17.23
N HIS F 335 -32.71 -14.71 18.02
CA HIS F 335 -33.18 -14.51 19.38
C HIS F 335 -34.64 -14.10 19.38
N GLU F 336 -34.97 -13.14 18.51
CA GLU F 336 -36.33 -12.64 18.41
C GLU F 336 -37.28 -13.72 17.95
N ILE F 337 -36.89 -14.43 16.90
CA ILE F 337 -37.66 -15.56 16.40
C ILE F 337 -38.04 -16.50 17.53
N GLN F 338 -37.13 -16.67 18.49
CA GLN F 338 -37.32 -17.60 19.58
C GLN F 338 -38.19 -17.01 20.69
N ARG F 339 -38.08 -15.70 20.89
CA ARG F 339 -38.90 -15.01 21.87
C ARG F 339 -40.36 -14.97 21.42
N LEU F 340 -40.57 -14.46 20.23
CA LEU F 340 -41.92 -14.32 19.68
C LEU F 340 -42.48 -15.68 19.30
N GLY F 341 -41.60 -16.66 19.15
CA GLY F 341 -42.01 -18.03 18.86
C GLY F 341 -42.54 -18.72 20.11
N ASP F 342 -41.86 -18.52 21.23
CA ASP F 342 -42.29 -19.06 22.51
C ASP F 342 -42.82 -20.49 22.35
N LEU F 343 -41.93 -21.42 22.05
CA LEU F 343 -42.31 -22.80 21.81
C LEU F 343 -42.90 -23.45 23.06
N ILE F 344 -42.31 -23.15 24.22
CA ILE F 344 -42.87 -23.60 25.49
C ILE F 344 -43.30 -22.41 26.34
N PRO F 345 -44.60 -22.09 26.31
CA PRO F 345 -45.21 -20.89 26.90
C PRO F 345 -45.10 -20.82 28.43
N PHE F 346 -45.26 -21.95 29.11
CA PHE F 346 -45.09 -21.96 30.56
C PHE F 346 -44.14 -23.06 31.03
N GLY F 347 -43.01 -23.18 30.33
CA GLY F 347 -41.95 -24.10 30.69
C GLY F 347 -42.42 -25.51 30.99
N VAL F 348 -41.59 -26.25 31.71
CA VAL F 348 -41.93 -27.60 32.14
C VAL F 348 -42.20 -27.51 33.63
N PRO F 349 -43.30 -28.14 34.09
CA PRO F 349 -43.76 -28.05 35.48
C PRO F 349 -42.62 -28.20 36.48
N HIS F 350 -42.62 -27.34 37.50
CA HIS F 350 -41.64 -27.38 38.57
C HIS F 350 -42.31 -27.70 39.91
N THR F 351 -41.50 -28.09 40.89
CA THR F 351 -41.96 -28.20 42.27
C THR F 351 -40.80 -27.80 43.17
N VAL F 352 -41.09 -27.48 44.43
CA VAL F 352 -40.04 -27.10 45.36
C VAL F 352 -39.57 -28.30 46.17
N THR F 353 -38.32 -28.26 46.63
CA THR F 353 -37.74 -29.35 47.40
C THR F 353 -38.07 -29.20 48.88
N LYS F 354 -37.59 -28.11 49.48
CA LYS F 354 -37.90 -27.79 50.87
C LYS F 354 -39.13 -26.90 50.92
N ASP F 355 -39.65 -26.69 52.13
CA ASP F 355 -40.70 -25.70 52.33
C ASP F 355 -40.07 -24.33 52.19
N THR F 356 -40.48 -23.58 51.16
CA THR F 356 -39.79 -22.36 50.77
C THR F 356 -40.54 -21.07 51.08
N GLN F 357 -39.89 -20.18 51.82
CA GLN F 357 -40.42 -18.84 52.07
C GLN F 357 -40.11 -17.96 50.86
N PHE F 358 -41.14 -17.57 50.14
CA PHE F 358 -40.97 -16.83 48.90
C PHE F 358 -41.92 -15.64 48.82
N ARG F 359 -41.35 -14.45 48.57
CA ARG F 359 -42.12 -13.21 48.48
C ARG F 359 -43.12 -13.02 49.62
N GLY F 360 -42.79 -13.56 50.79
CA GLY F 360 -43.64 -13.39 51.96
C GLY F 360 -44.73 -14.43 52.08
N TYR F 361 -44.60 -15.52 51.33
CA TYR F 361 -45.51 -16.63 51.43
C TYR F 361 -44.74 -17.91 51.75
N VAL F 362 -45.44 -19.03 51.83
CA VAL F 362 -44.79 -20.30 52.11
C VAL F 362 -45.29 -21.40 51.18
N ILE F 363 -44.36 -22.08 50.52
CA ILE F 363 -44.70 -23.13 49.56
C ILE F 363 -44.30 -24.50 50.09
N PRO F 364 -45.29 -25.32 50.46
CA PRO F 364 -45.05 -26.67 50.98
C PRO F 364 -44.20 -27.49 50.02
N LYS F 365 -43.46 -28.45 50.55
CA LYS F 365 -42.63 -29.32 49.74
C LYS F 365 -43.49 -29.97 48.67
N ASN F 366 -42.91 -30.17 47.48
CA ASN F 366 -43.58 -30.86 46.38
C ASN F 366 -44.85 -30.18 45.89
N THR F 367 -44.90 -28.85 45.99
CA THR F 367 -46.02 -28.10 45.44
C THR F 367 -45.60 -27.77 44.01
N GLU F 368 -46.47 -28.06 43.06
CA GLU F 368 -46.17 -27.79 41.65
C GLU F 368 -46.13 -26.28 41.40
N VAL F 369 -45.10 -25.85 40.66
CA VAL F 369 -44.89 -24.44 40.37
C VAL F 369 -44.67 -24.24 38.87
N PHE F 370 -45.42 -23.32 38.28
CA PHE F 370 -45.34 -23.07 36.85
C PHE F 370 -44.68 -21.74 36.54
N PRO F 371 -43.46 -21.78 35.99
CA PRO F 371 -42.80 -20.56 35.50
C PRO F 371 -43.39 -20.22 34.15
N VAL F 372 -44.25 -19.21 34.10
CA VAL F 372 -44.85 -18.77 32.84
C VAL F 372 -43.70 -18.09 32.12
N LEU F 373 -43.03 -18.82 31.24
CA LEU F 373 -41.87 -18.30 30.52
C LEU F 373 -42.34 -17.21 29.55
N SER F 374 -43.51 -17.41 28.96
CA SER F 374 -44.05 -16.46 27.99
C SER F 374 -44.18 -15.06 28.58
N SER F 375 -44.80 -14.96 29.74
CA SER F 375 -45.03 -13.67 30.39
C SER F 375 -43.73 -12.88 30.50
N ALA F 376 -42.61 -13.59 30.60
CA ALA F 376 -41.30 -12.96 30.71
C ALA F 376 -40.77 -12.56 29.34
N LEU F 377 -41.01 -13.42 28.34
CA LEU F 377 -40.57 -13.13 26.98
C LEU F 377 -41.30 -11.91 26.43
N HIS F 378 -42.53 -11.70 26.90
CA HIS F 378 -43.34 -10.57 26.47
C HIS F 378 -43.43 -9.51 27.57
N ASP F 379 -42.52 -9.59 28.53
CA ASP F 379 -42.52 -8.68 29.67
C ASP F 379 -42.36 -7.23 29.21
N PRO F 380 -43.39 -6.40 29.41
CA PRO F 380 -43.37 -4.99 29.01
C PRO F 380 -42.27 -4.25 29.76
N ARG F 381 -41.83 -4.81 30.88
CA ARG F 381 -40.83 -4.17 31.72
C ARG F 381 -39.45 -4.17 31.07
N TYR F 382 -39.09 -5.27 30.43
CA TYR F 382 -37.75 -5.42 29.86
C TYR F 382 -37.71 -5.25 28.35
N PHE F 383 -38.87 -5.25 27.72
CA PHE F 383 -38.96 -5.07 26.27
C PHE F 383 -39.81 -3.87 25.88
N GLU F 384 -39.33 -3.11 24.89
CA GLU F 384 -40.17 -2.13 24.22
C GLU F 384 -40.92 -2.87 23.12
N THR F 385 -42.10 -2.37 22.76
CA THR F 385 -42.90 -2.98 21.68
C THR F 385 -42.98 -4.51 21.74
N PRO F 386 -43.30 -5.05 22.93
CA PRO F 386 -43.28 -6.49 23.20
C PRO F 386 -44.02 -7.41 22.22
N ASN F 387 -45.10 -6.93 21.62
CA ASN F 387 -45.92 -7.77 20.76
C ASN F 387 -45.57 -7.68 19.28
N THR F 388 -44.47 -6.99 18.99
CA THR F 388 -44.04 -6.80 17.60
C THR F 388 -42.68 -7.44 17.35
N PHE F 389 -42.54 -8.11 16.22
CA PHE F 389 -41.23 -8.61 15.82
C PHE F 389 -40.28 -7.43 15.70
N ASN F 390 -39.32 -7.36 16.63
CA ASN F 390 -38.47 -6.19 16.74
C ASN F 390 -37.04 -6.54 17.15
N PRO F 391 -36.16 -6.74 16.15
CA PRO F 391 -34.75 -7.11 16.36
C PRO F 391 -34.04 -6.16 17.30
N GLY F 392 -34.55 -4.94 17.44
CA GLY F 392 -33.92 -3.92 18.25
C GLY F 392 -33.89 -4.27 19.73
N HIS F 393 -34.73 -5.22 20.14
CA HIS F 393 -34.81 -5.62 21.53
C HIS F 393 -33.47 -6.15 22.05
N PHE F 394 -32.63 -6.61 21.13
CA PHE F 394 -31.30 -7.12 21.50
C PHE F 394 -30.20 -6.33 20.81
N LEU F 395 -30.32 -5.01 20.84
CA LEU F 395 -29.35 -4.14 20.18
C LEU F 395 -29.21 -2.80 20.90
N ASP F 396 -27.97 -2.45 21.26
CA ASP F 396 -27.70 -1.15 21.85
C ASP F 396 -27.67 -0.08 20.77
N ALA F 397 -27.54 1.18 21.18
CA ALA F 397 -27.53 2.29 20.23
C ALA F 397 -26.42 2.16 19.20
N ASN F 398 -25.41 1.36 19.51
CA ASN F 398 -24.26 1.21 18.63
C ASN F 398 -24.49 0.19 17.51
N GLY F 399 -25.20 -0.88 17.83
CA GLY F 399 -25.48 -1.92 16.86
C GLY F 399 -24.97 -3.28 17.30
N ALA F 400 -24.51 -3.35 18.55
CA ALA F 400 -24.00 -4.60 19.11
C ALA F 400 -25.11 -5.36 19.80
N LEU F 401 -24.84 -6.63 20.12
CA LEU F 401 -25.84 -7.48 20.76
C LEU F 401 -26.10 -7.06 22.20
N LYS F 402 -27.36 -6.79 22.52
CA LYS F 402 -27.75 -6.42 23.87
C LYS F 402 -28.34 -7.62 24.60
N ARG F 403 -27.73 -7.98 25.73
CA ARG F 403 -28.24 -9.08 26.55
C ARG F 403 -29.41 -8.59 27.41
N ASN F 404 -30.54 -9.27 27.32
CA ASN F 404 -31.74 -8.85 28.03
C ASN F 404 -32.18 -9.86 29.10
N GLU F 405 -32.33 -9.36 30.33
CA GLU F 405 -32.71 -10.20 31.47
C GLU F 405 -34.02 -10.94 31.26
N GLY F 406 -34.77 -10.54 30.24
CA GLY F 406 -36.09 -11.13 30.00
C GLY F 406 -36.08 -12.28 29.01
N PHE F 407 -34.94 -12.50 28.37
CA PHE F 407 -34.83 -13.54 27.34
C PHE F 407 -34.52 -14.92 27.94
N MET F 408 -35.57 -15.66 28.27
CA MET F 408 -35.41 -16.97 28.92
C MET F 408 -36.21 -18.07 28.23
N PRO F 409 -35.93 -18.31 26.94
CA PRO F 409 -36.67 -19.35 26.19
C PRO F 409 -36.27 -20.76 26.62
N PHE F 410 -35.22 -20.87 27.43
CA PHE F 410 -34.75 -22.17 27.92
C PHE F 410 -34.97 -22.31 29.42
N SER F 411 -35.74 -21.39 29.99
CA SER F 411 -35.89 -21.30 31.45
C SER F 411 -34.60 -20.76 32.07
N LEU F 412 -34.42 -21.02 33.37
CA LEU F 412 -33.25 -20.54 34.09
C LEU F 412 -32.95 -21.45 35.28
N GLY F 413 -31.72 -21.34 35.81
CA GLY F 413 -31.36 -22.01 37.04
C GLY F 413 -30.97 -23.47 36.87
N LYS F 414 -31.19 -24.24 37.94
CA LYS F 414 -30.75 -25.63 37.99
C LYS F 414 -31.41 -26.51 36.94
N ARG F 415 -32.65 -26.17 36.57
CA ARG F 415 -33.41 -26.99 35.63
C ARG F 415 -33.31 -26.47 34.19
N ILE F 416 -32.31 -25.66 33.92
CA ILE F 416 -32.17 -25.04 32.60
C ILE F 416 -32.00 -26.11 31.52
N CYS F 417 -32.36 -25.76 30.29
CA CYS F 417 -32.31 -26.69 29.16
C CYS F 417 -30.88 -27.06 28.77
N LEU F 418 -30.63 -28.36 28.65
CA LEU F 418 -29.35 -28.85 28.18
C LEU F 418 -29.11 -28.39 26.76
N GLY F 419 -30.16 -28.43 25.95
CA GLY F 419 -30.09 -28.09 24.54
C GLY F 419 -29.64 -26.67 24.25
N GLU F 420 -29.76 -25.77 25.21
CA GLU F 420 -29.34 -24.38 25.03
C GLU F 420 -28.16 -24.27 24.07
N GLY F 421 -27.10 -25.01 24.37
CA GLY F 421 -25.90 -24.98 23.55
C GLY F 421 -26.15 -25.41 22.12
N ILE F 422 -26.55 -26.67 21.94
CA ILE F 422 -26.72 -27.25 20.61
C ILE F 422 -27.82 -26.56 19.83
N ALA F 423 -28.97 -26.36 20.47
CA ALA F 423 -30.10 -25.70 19.83
C ALA F 423 -29.70 -24.37 19.20
N ARG F 424 -29.13 -23.49 20.02
CA ARG F 424 -28.68 -22.18 19.54
C ARG F 424 -27.75 -22.30 18.34
N THR F 425 -26.90 -23.33 18.36
CA THR F 425 -25.99 -23.58 17.25
C THR F 425 -26.74 -24.11 16.04
N GLU F 426 -27.49 -25.19 16.24
CA GLU F 426 -28.36 -25.71 15.18
C GLU F 426 -29.15 -24.56 14.59
N LEU F 427 -29.75 -23.76 15.47
CA LEU F 427 -30.60 -22.65 15.07
C LEU F 427 -29.86 -21.65 14.20
N PHE F 428 -28.66 -21.26 14.61
CA PHE F 428 -27.88 -20.27 13.87
C PHE F 428 -27.35 -20.82 12.55
N LEU F 429 -26.58 -21.89 12.63
CA LEU F 429 -25.96 -22.48 11.44
C LEU F 429 -26.99 -22.84 10.38
N PHE F 430 -28.02 -23.59 10.77
CA PHE F 430 -29.09 -23.95 9.84
C PHE F 430 -29.71 -22.71 9.21
N PHE F 431 -30.16 -21.79 10.06
CA PHE F 431 -30.83 -20.58 9.61
C PHE F 431 -29.99 -19.80 8.60
N THR F 432 -28.72 -19.56 8.93
CA THR F 432 -27.85 -18.78 8.06
C THR F 432 -27.47 -19.51 6.76
N THR F 433 -27.25 -20.82 6.84
CA THR F 433 -26.92 -21.60 5.65
C THR F 433 -28.06 -21.51 4.64
N ILE F 434 -29.27 -21.84 5.10
CA ILE F 434 -30.46 -21.79 4.26
C ILE F 434 -30.62 -20.43 3.59
N LEU F 435 -30.54 -19.37 4.38
CA LEU F 435 -30.70 -18.01 3.87
C LEU F 435 -29.49 -17.56 3.05
N GLN F 436 -28.47 -18.40 3.00
CA GLN F 436 -27.27 -18.10 2.22
C GLN F 436 -27.40 -18.64 0.81
N ASN F 437 -28.09 -19.76 0.66
CA ASN F 437 -28.20 -20.44 -0.63
C ASN F 437 -29.60 -20.35 -1.25
N PHE F 438 -30.56 -19.84 -0.49
CA PHE F 438 -31.93 -19.77 -0.97
C PHE F 438 -32.64 -18.49 -0.55
N SER F 439 -33.58 -18.06 -1.38
CA SER F 439 -34.48 -16.98 -1.02
C SER F 439 -35.85 -17.57 -0.73
N ILE F 440 -36.61 -16.93 0.13
CA ILE F 440 -37.92 -17.45 0.50
C ILE F 440 -39.02 -16.79 -0.31
N ALA F 441 -39.85 -17.61 -0.95
CA ALA F 441 -40.95 -17.13 -1.76
C ALA F 441 -42.25 -17.81 -1.36
N SER F 442 -43.27 -17.02 -1.07
CA SER F 442 -44.56 -17.55 -0.69
C SER F 442 -45.67 -16.87 -1.48
N PRO F 443 -46.64 -17.66 -1.95
CA PRO F 443 -47.81 -17.13 -2.67
C PRO F 443 -48.69 -16.29 -1.74
N VAL F 444 -48.42 -16.38 -0.44
CA VAL F 444 -49.16 -15.61 0.56
C VAL F 444 -48.41 -14.32 0.89
N PRO F 445 -49.13 -13.19 0.90
CA PRO F 445 -48.53 -11.87 1.15
C PRO F 445 -48.17 -11.68 2.62
N PRO F 446 -47.15 -10.85 2.89
CA PRO F 446 -46.71 -10.59 4.27
C PRO F 446 -47.88 -10.25 5.20
N GLU F 447 -48.68 -9.26 4.83
CA GLU F 447 -49.74 -8.78 5.69
C GLU F 447 -50.86 -9.80 5.91
N ASP F 448 -50.75 -10.95 5.26
CA ASP F 448 -51.73 -12.01 5.42
C ASP F 448 -51.19 -13.20 6.20
N ILE F 449 -49.87 -13.22 6.40
CA ILE F 449 -49.24 -14.24 7.21
C ILE F 449 -49.77 -14.15 8.64
N ASP F 450 -50.36 -15.24 9.13
CA ASP F 450 -50.93 -15.27 10.46
C ASP F 450 -50.03 -16.04 11.43
N LEU F 451 -49.55 -15.37 12.46
CA LEU F 451 -48.60 -15.96 13.40
C LEU F 451 -49.28 -16.67 14.56
N THR F 452 -50.58 -16.44 14.72
CA THR F 452 -51.35 -17.10 15.78
C THR F 452 -51.06 -18.60 15.76
N PRO F 453 -50.53 -19.13 16.87
CA PRO F 453 -50.15 -20.55 16.95
C PRO F 453 -51.33 -21.47 16.66
N ARG F 454 -51.14 -22.40 15.74
CA ARG F 454 -52.17 -23.38 15.42
C ARG F 454 -52.72 -23.98 16.71
N GLU F 455 -51.82 -24.41 17.59
CA GLU F 455 -52.21 -24.94 18.89
C GLU F 455 -51.41 -24.25 19.98
N SER F 456 -52.07 -23.94 21.10
CA SER F 456 -51.40 -23.30 22.22
C SER F 456 -51.59 -24.11 23.50
N GLY F 457 -50.70 -23.89 24.47
CA GLY F 457 -50.74 -24.62 25.72
C GLY F 457 -49.34 -25.00 26.19
N VAL F 458 -49.21 -26.22 26.71
CA VAL F 458 -47.91 -26.71 27.17
C VAL F 458 -46.84 -26.49 26.10
N GLY F 459 -47.27 -26.58 24.85
CA GLY F 459 -46.41 -26.26 23.73
C GLY F 459 -47.07 -25.22 22.85
N ASN F 460 -46.34 -24.72 21.86
CA ASN F 460 -46.87 -23.69 20.98
C ASN F 460 -46.52 -23.93 19.53
N VAL F 461 -47.16 -24.94 18.93
CA VAL F 461 -46.95 -25.23 17.52
C VAL F 461 -47.52 -24.12 16.65
N PRO F 462 -46.71 -23.63 15.70
CA PRO F 462 -47.13 -22.58 14.76
C PRO F 462 -47.81 -23.18 13.54
N PRO F 463 -48.58 -22.37 12.81
CA PRO F 463 -49.29 -22.86 11.61
C PRO F 463 -48.34 -23.53 10.64
N SER F 464 -48.87 -24.41 9.79
CA SER F 464 -48.10 -24.97 8.69
C SER F 464 -48.38 -24.13 7.45
N TYR F 465 -47.37 -23.95 6.60
CA TYR F 465 -47.48 -23.03 5.50
C TYR F 465 -46.78 -23.52 4.24
N GLN F 466 -47.06 -22.85 3.12
CA GLN F 466 -46.43 -23.14 1.85
C GLN F 466 -45.28 -22.18 1.59
N ILE F 467 -44.05 -22.68 1.70
CA ILE F 467 -42.87 -21.89 1.39
C ILE F 467 -42.10 -22.56 0.26
N ARG F 468 -41.31 -21.79 -0.46
CA ARG F 468 -40.46 -22.37 -1.50
C ARG F 468 -39.09 -21.72 -1.52
N PHE F 469 -38.05 -22.55 -1.52
CA PHE F 469 -36.68 -22.06 -1.45
C PHE F 469 -36.04 -21.97 -2.83
N LEU F 470 -36.02 -20.77 -3.38
CA LEU F 470 -35.42 -20.52 -4.69
C LEU F 470 -33.92 -20.45 -4.57
N ALA F 471 -33.22 -20.70 -5.66
CA ALA F 471 -31.76 -20.61 -5.67
C ALA F 471 -31.31 -19.16 -5.55
N ARG F 472 -30.04 -18.97 -5.19
CA ARG F 472 -29.46 -17.63 -5.08
C ARG F 472 -28.18 -17.52 -5.90
N HIS F 473 -27.92 -16.33 -6.42
CA HIS F 473 -26.74 -16.10 -7.24
C HIS F 473 -25.97 -14.86 -6.81
N GLY G 9 -39.00 30.54 -38.35
CA GLY G 9 -37.62 30.75 -37.97
C GLY G 9 -37.39 30.58 -36.48
N LYS G 10 -38.36 31.07 -35.69
CA LYS G 10 -38.32 30.94 -34.24
C LYS G 10 -37.18 31.75 -33.60
N LEU G 11 -37.24 31.88 -32.28
CA LEU G 11 -36.19 32.55 -31.52
C LEU G 11 -35.05 31.57 -31.27
N PRO G 12 -33.93 32.06 -30.73
CA PRO G 12 -32.89 31.14 -30.28
C PRO G 12 -33.52 30.14 -29.31
N PRO G 13 -32.78 29.07 -28.97
CA PRO G 13 -33.32 28.01 -28.10
C PRO G 13 -33.29 28.49 -26.67
N GLY G 14 -33.70 27.64 -25.74
CA GLY G 14 -33.76 28.01 -24.33
C GLY G 14 -34.82 27.21 -23.61
N PRO G 15 -34.84 27.29 -22.28
CA PRO G 15 -35.81 26.55 -21.47
C PRO G 15 -37.24 26.96 -21.84
N SER G 16 -38.19 26.06 -21.64
CA SER G 16 -39.60 26.36 -21.90
C SER G 16 -40.22 26.98 -20.66
N PRO G 17 -40.68 28.23 -20.77
CA PRO G 17 -41.18 28.99 -19.62
C PRO G 17 -42.55 28.53 -19.18
N LEU G 18 -42.97 29.02 -18.01
CA LEU G 18 -44.34 28.84 -17.55
C LEU G 18 -45.01 30.20 -17.63
N PRO G 19 -46.34 30.22 -17.71
CA PRO G 19 -47.02 31.52 -17.76
C PRO G 19 -46.75 32.33 -16.50
N VAL G 20 -46.62 33.64 -16.62
CA VAL G 20 -46.43 34.52 -15.47
C VAL G 20 -45.04 34.40 -14.86
N LEU G 21 -44.61 33.17 -14.57
CA LEU G 21 -43.34 32.93 -13.91
C LEU G 21 -42.18 32.98 -14.89
N GLY G 22 -42.42 32.53 -16.12
CA GLY G 22 -41.37 32.43 -17.10
C GLY G 22 -40.43 31.31 -16.75
N ASN G 23 -39.13 31.61 -16.68
CA ASN G 23 -38.13 30.61 -16.34
C ASN G 23 -37.66 30.72 -14.90
N LEU G 24 -38.58 31.03 -13.99
CA LEU G 24 -38.26 31.14 -12.59
C LEU G 24 -37.73 29.81 -12.04
N LEU G 25 -38.23 28.72 -12.58
CA LEU G 25 -37.88 27.39 -12.08
C LEU G 25 -36.54 26.89 -12.61
N GLN G 26 -35.98 27.59 -13.59
CA GLN G 26 -34.70 27.19 -14.17
C GLN G 26 -33.57 28.17 -13.78
N MET G 27 -33.92 29.21 -13.04
CA MET G 27 -32.92 30.17 -12.57
C MET G 27 -32.02 29.54 -11.51
N ASP G 28 -31.05 30.31 -11.03
CA ASP G 28 -30.18 29.85 -9.95
C ASP G 28 -30.03 30.91 -8.87
N ARG G 29 -29.99 30.47 -7.61
CA ARG G 29 -29.99 31.37 -6.46
C ARG G 29 -29.00 32.54 -6.57
N LYS G 30 -27.78 32.25 -7.01
CA LYS G 30 -26.72 33.26 -7.05
C LYS G 30 -27.18 34.62 -7.60
N GLY G 31 -27.89 34.60 -8.72
CA GLY G 31 -28.38 35.83 -9.33
C GLY G 31 -28.56 35.75 -10.83
N LEU G 32 -28.92 36.88 -11.44
CA LEU G 32 -29.16 36.93 -12.87
C LEU G 32 -27.95 36.48 -13.69
N LEU G 33 -26.76 36.92 -13.30
CA LEU G 33 -25.56 36.61 -14.06
C LEU G 33 -25.17 35.12 -13.97
N ARG G 34 -24.94 34.65 -12.76
CA ARG G 34 -24.55 33.25 -12.54
C ARG G 34 -25.60 32.30 -13.08
N SER G 35 -26.80 32.81 -13.32
CA SER G 35 -27.90 32.02 -13.86
C SER G 35 -27.81 31.96 -15.38
N PHE G 36 -27.56 33.12 -16.00
CA PHE G 36 -27.35 33.19 -17.43
C PHE G 36 -26.28 32.19 -17.85
N LEU G 37 -25.16 32.21 -17.13
CA LEU G 37 -24.03 31.34 -17.44
C LEU G 37 -24.37 29.86 -17.31
N ARG G 38 -25.31 29.55 -16.41
CA ARG G 38 -25.70 28.17 -16.17
C ARG G 38 -26.53 27.61 -17.32
N LEU G 39 -27.32 28.48 -17.94
CA LEU G 39 -28.14 28.07 -19.09
C LEU G 39 -27.27 27.88 -20.33
N ARG G 40 -26.28 28.75 -20.48
CA ARG G 40 -25.34 28.69 -21.60
C ARG G 40 -24.70 27.31 -21.71
N GLU G 41 -24.56 26.63 -20.58
CA GLU G 41 -23.87 25.35 -20.55
C GLU G 41 -24.70 24.24 -21.18
N LYS G 42 -25.97 24.50 -21.43
CA LYS G 42 -26.86 23.49 -21.99
C LYS G 42 -27.55 23.95 -23.27
N TYR G 43 -27.46 25.24 -23.56
CA TYR G 43 -28.20 25.81 -24.69
C TYR G 43 -27.31 26.45 -25.76
N GLY G 44 -26.19 27.01 -25.35
CA GLY G 44 -25.27 27.63 -26.29
C GLY G 44 -24.96 29.07 -25.99
N ASP G 45 -24.24 29.73 -26.90
CA ASP G 45 -23.81 31.11 -26.69
C ASP G 45 -24.93 32.11 -26.97
N VAL G 46 -26.02 31.64 -27.56
CA VAL G 46 -27.18 32.50 -27.84
C VAL G 46 -28.48 31.76 -27.55
N PHE G 47 -29.07 32.04 -26.40
CA PHE G 47 -30.31 31.38 -25.99
C PHE G 47 -31.37 32.37 -25.52
N THR G 48 -32.60 31.88 -25.37
CA THR G 48 -33.71 32.71 -24.94
C THR G 48 -34.22 32.28 -23.57
N VAL G 49 -34.40 33.27 -22.69
CA VAL G 49 -34.93 33.02 -21.36
C VAL G 49 -36.01 34.05 -21.05
N TYR G 50 -37.07 33.62 -20.38
CA TYR G 50 -38.18 34.50 -20.06
C TYR G 50 -38.06 35.07 -18.65
N LEU G 51 -37.80 36.37 -18.56
CA LEU G 51 -37.83 37.07 -17.29
C LEU G 51 -39.27 37.45 -16.99
N GLY G 52 -39.98 36.54 -16.32
CA GLY G 52 -41.40 36.71 -16.09
C GLY G 52 -42.16 36.40 -17.36
N SER G 53 -42.73 37.42 -17.97
CA SER G 53 -43.44 37.27 -19.24
C SER G 53 -42.54 37.70 -20.39
N ARG G 54 -41.45 38.37 -20.05
CA ARG G 54 -40.55 38.96 -21.04
C ARG G 54 -39.59 37.94 -21.66
N PRO G 55 -39.63 37.81 -22.99
CA PRO G 55 -38.65 36.98 -23.70
C PRO G 55 -37.39 37.78 -23.98
N VAL G 56 -36.24 37.32 -23.48
CA VAL G 56 -34.99 38.03 -23.72
C VAL G 56 -33.91 37.11 -24.29
N VAL G 57 -33.10 37.66 -25.20
CA VAL G 57 -32.07 36.90 -25.88
C VAL G 57 -30.69 37.14 -25.26
N VAL G 58 -30.11 36.08 -24.70
CA VAL G 58 -28.80 36.15 -24.09
C VAL G 58 -27.71 36.15 -25.15
N LEU G 59 -26.59 36.80 -24.85
CA LEU G 59 -25.46 36.82 -25.77
C LEU G 59 -24.14 36.55 -25.05
N CYS G 60 -23.86 35.27 -24.81
CA CYS G 60 -22.61 34.86 -24.20
C CYS G 60 -21.57 34.56 -25.27
N GLY G 61 -20.30 34.86 -24.97
CA GLY G 61 -19.22 34.58 -25.90
C GLY G 61 -18.74 35.83 -26.62
N THR G 62 -17.42 35.97 -26.74
CA THR G 62 -16.83 37.11 -27.43
C THR G 62 -17.33 37.22 -28.87
N ASP G 63 -17.33 36.08 -29.56
CA ASP G 63 -17.75 36.03 -30.94
C ASP G 63 -19.23 36.38 -31.08
N ALA G 64 -20.08 35.65 -30.37
CA ALA G 64 -21.52 35.85 -30.42
C ALA G 64 -21.90 37.31 -30.24
N ILE G 65 -21.38 37.94 -29.18
CA ILE G 65 -21.70 39.33 -28.88
C ILE G 65 -21.41 40.25 -30.06
N ARG G 66 -20.20 40.15 -30.61
CA ARG G 66 -19.78 41.02 -31.70
C ARG G 66 -20.71 40.93 -32.91
N GLU G 67 -20.98 39.70 -33.35
CA GLU G 67 -21.85 39.48 -34.50
C GLU G 67 -23.21 40.15 -34.30
N ALA G 68 -23.50 40.51 -33.05
CA ALA G 68 -24.74 41.19 -32.72
C ALA G 68 -24.54 42.70 -32.64
N LEU G 69 -23.51 43.13 -31.92
CA LEU G 69 -23.29 44.55 -31.66
C LEU G 69 -22.41 45.25 -32.70
N VAL G 70 -21.52 44.50 -33.34
CA VAL G 70 -20.57 45.09 -34.29
C VAL G 70 -20.92 44.78 -35.75
N ASP G 71 -21.16 43.50 -36.04
CA ASP G 71 -21.42 43.06 -37.41
C ASP G 71 -22.82 43.39 -37.89
N GLN G 72 -23.79 43.38 -36.97
CA GLN G 72 -25.14 43.82 -37.27
C GLN G 72 -25.34 44.88 -36.19
N ALA G 73 -24.66 46.01 -36.36
CA ALA G 73 -24.57 47.05 -35.33
C ALA G 73 -25.86 47.87 -35.35
N GLU G 74 -26.49 47.98 -36.52
CA GLU G 74 -27.68 48.81 -36.65
C GLU G 74 -28.90 48.21 -35.95
N ALA G 75 -29.21 46.96 -36.28
CA ALA G 75 -30.40 46.30 -35.74
C ALA G 75 -30.33 46.12 -34.22
N PHE G 76 -29.11 46.01 -33.69
CA PHE G 76 -28.92 45.79 -32.26
C PHE G 76 -28.68 47.06 -31.44
N SER G 77 -29.17 48.19 -31.93
CA SER G 77 -28.93 49.47 -31.28
C SER G 77 -29.97 49.92 -30.25
N GLY G 78 -31.00 49.11 -30.05
CA GLY G 78 -32.08 49.48 -29.17
C GLY G 78 -31.72 49.40 -27.70
N ARG G 79 -32.31 50.28 -26.91
CA ARG G 79 -32.10 50.27 -25.47
C ARG G 79 -33.32 49.66 -24.77
N GLY G 80 -33.06 48.88 -23.73
CA GLY G 80 -34.12 48.28 -22.94
C GLY G 80 -34.36 49.03 -21.65
N LYS G 81 -35.27 48.52 -20.84
CA LYS G 81 -35.57 49.15 -19.56
C LYS G 81 -34.86 48.43 -18.41
N ILE G 82 -34.46 49.18 -17.41
CA ILE G 82 -33.94 48.60 -16.17
C ILE G 82 -35.06 48.66 -15.13
N ALA G 83 -35.43 47.50 -14.60
CA ALA G 83 -36.57 47.38 -13.68
C ALA G 83 -36.72 48.43 -12.59
N VAL G 84 -35.66 48.59 -11.79
CA VAL G 84 -35.72 49.44 -10.60
C VAL G 84 -35.68 50.90 -11.01
N VAL G 85 -34.75 51.26 -11.90
CA VAL G 85 -34.54 52.66 -12.25
C VAL G 85 -35.29 53.11 -13.50
N ASP G 86 -36.33 52.38 -13.86
CA ASP G 86 -37.19 52.79 -14.97
C ASP G 86 -38.17 53.89 -14.57
N PRO G 87 -38.82 53.75 -13.41
CA PRO G 87 -39.72 54.81 -12.92
C PRO G 87 -39.01 56.14 -12.98
N ILE G 88 -37.69 56.13 -12.80
CA ILE G 88 -36.91 57.37 -12.83
C ILE G 88 -36.61 57.99 -14.18
N PHE G 89 -36.15 57.18 -15.14
CA PHE G 89 -35.84 57.67 -16.47
C PHE G 89 -37.07 57.59 -17.37
N GLN G 90 -37.81 56.49 -17.27
CA GLN G 90 -39.04 56.29 -18.01
C GLN G 90 -38.82 56.26 -19.52
N GLY G 91 -37.56 56.31 -19.93
CA GLY G 91 -37.20 56.28 -21.33
C GLY G 91 -36.46 57.54 -21.76
N TYR G 92 -36.54 58.57 -20.94
CA TYR G 92 -35.90 59.84 -21.25
C TYR G 92 -34.43 59.82 -20.82
N GLY G 93 -33.68 60.83 -21.23
CA GLY G 93 -32.26 60.88 -20.91
C GLY G 93 -31.42 60.15 -21.94
N VAL G 94 -30.22 60.68 -22.19
CA VAL G 94 -29.34 60.14 -23.23
C VAL G 94 -29.07 58.64 -23.08
N ILE G 95 -29.16 58.12 -21.87
CA ILE G 95 -28.85 56.72 -21.63
C ILE G 95 -29.99 55.76 -21.98
N PHE G 96 -31.15 55.97 -21.38
CA PHE G 96 -32.30 55.08 -21.60
C PHE G 96 -33.17 55.52 -22.77
N ALA G 97 -32.69 56.47 -23.55
CA ALA G 97 -33.43 56.95 -24.72
C ALA G 97 -33.47 55.90 -25.82
N ASN G 98 -34.10 56.24 -26.94
CA ASN G 98 -34.18 55.32 -28.07
C ASN G 98 -34.48 56.03 -29.39
N GLY G 99 -34.13 55.37 -30.50
CA GLY G 99 -34.40 55.88 -31.83
C GLY G 99 -33.92 57.31 -32.04
N GLU G 100 -34.77 58.12 -32.65
CA GLU G 100 -34.46 59.53 -32.90
C GLU G 100 -34.05 60.21 -31.59
N ARG G 101 -34.85 60.01 -30.55
CA ARG G 101 -34.57 60.58 -29.23
C ARG G 101 -33.15 60.27 -28.79
N TRP G 102 -32.69 59.05 -29.07
CA TRP G 102 -31.34 58.62 -28.71
C TRP G 102 -30.29 59.28 -29.59
N ARG G 103 -30.49 59.16 -30.90
CA ARG G 103 -29.54 59.71 -31.88
C ARG G 103 -29.34 61.22 -31.68
N ALA G 104 -30.41 61.89 -31.27
CA ALA G 104 -30.37 63.34 -31.08
C ALA G 104 -29.65 63.73 -29.79
N LEU G 105 -29.98 63.05 -28.70
CA LEU G 105 -29.37 63.33 -27.41
C LEU G 105 -27.88 62.95 -27.39
N ARG G 106 -27.55 61.84 -28.06
CA ARG G 106 -26.17 61.37 -28.08
C ARG G 106 -25.26 62.35 -28.81
N ARG G 107 -25.57 62.60 -30.08
CA ARG G 107 -24.79 63.54 -30.88
C ARG G 107 -24.56 64.85 -30.13
N PHE G 108 -25.63 65.39 -29.56
CA PHE G 108 -25.53 66.62 -28.78
C PHE G 108 -24.58 66.42 -27.60
N SER G 109 -24.90 65.45 -26.74
CA SER G 109 -24.09 65.16 -25.57
C SER G 109 -22.64 64.84 -25.93
N LEU G 110 -22.44 64.35 -27.15
CA LEU G 110 -21.11 63.96 -27.60
C LEU G 110 -20.30 65.18 -27.99
N ALA G 111 -20.79 65.92 -28.98
CA ALA G 111 -20.09 67.08 -29.50
C ALA G 111 -20.08 68.24 -28.50
N THR G 112 -20.97 68.20 -27.52
CA THR G 112 -20.97 69.20 -26.46
C THR G 112 -19.82 68.91 -25.50
N MET G 113 -19.73 67.67 -25.06
CA MET G 113 -18.60 67.23 -24.25
C MET G 113 -17.32 67.43 -25.05
N ARG G 114 -17.41 67.21 -26.35
CA ARG G 114 -16.27 67.39 -27.25
C ARG G 114 -15.95 68.87 -27.45
N ASP G 115 -16.99 69.70 -27.49
CA ASP G 115 -16.82 71.13 -27.65
C ASP G 115 -16.14 71.71 -26.42
N PHE G 116 -16.27 71.02 -25.28
CA PHE G 116 -15.70 71.47 -24.00
C PHE G 116 -14.64 70.60 -23.28
N GLY G 117 -14.01 69.63 -23.94
CA GLY G 117 -13.14 68.70 -23.25
C GLY G 117 -13.20 67.19 -23.39
N MET G 118 -13.91 66.68 -24.39
CA MET G 118 -13.86 65.26 -24.70
C MET G 118 -12.67 65.04 -25.64
N GLY G 119 -12.16 66.14 -26.17
CA GLY G 119 -10.99 66.12 -27.04
C GLY G 119 -9.76 65.78 -26.23
N LYS G 120 -8.61 66.32 -26.64
CA LYS G 120 -7.35 65.99 -25.97
C LYS G 120 -6.60 67.14 -25.30
N ARG G 121 -7.21 68.32 -25.30
CA ARG G 121 -6.58 69.50 -24.70
C ARG G 121 -6.81 69.96 -23.27
N SER G 122 -8.06 70.19 -22.90
CA SER G 122 -8.39 70.71 -21.57
C SER G 122 -8.84 69.50 -20.73
N VAL G 123 -9.20 68.43 -21.42
CA VAL G 123 -9.56 67.19 -20.76
C VAL G 123 -8.40 66.64 -19.93
N GLU G 124 -7.23 66.63 -20.56
CA GLU G 124 -6.03 66.12 -19.93
C GLU G 124 -5.63 66.93 -18.70
N GLU G 125 -5.93 68.23 -18.73
CA GLU G 125 -5.51 69.13 -17.67
C GLU G 125 -6.55 69.24 -16.54
N ARG G 126 -7.82 69.18 -16.90
CA ARG G 126 -8.88 69.18 -15.91
C ARG G 126 -8.74 67.93 -15.03
N ILE G 127 -8.12 66.90 -15.57
CA ILE G 127 -7.84 65.69 -14.84
C ILE G 127 -6.57 65.85 -14.01
N GLN G 128 -5.47 66.20 -14.68
CA GLN G 128 -4.19 66.41 -14.02
C GLN G 128 -4.33 67.23 -12.74
N GLU G 129 -5.08 68.33 -12.84
CA GLU G 129 -5.27 69.21 -11.69
C GLU G 129 -5.98 68.49 -10.55
N GLU G 130 -7.07 67.80 -10.87
CA GLU G 130 -7.84 67.08 -9.87
C GLU G 130 -6.96 66.04 -9.19
N ALA G 131 -5.99 65.52 -9.93
CA ALA G 131 -5.03 64.58 -9.37
C ALA G 131 -4.26 65.22 -8.23
N ARG G 132 -3.73 66.41 -8.49
CA ARG G 132 -2.97 67.15 -7.49
C ARG G 132 -3.74 67.26 -6.17
N CYS G 133 -4.99 67.68 -6.25
CA CYS G 133 -5.85 67.84 -5.08
C CYS G 133 -5.97 66.51 -4.33
N LEU G 134 -5.99 65.42 -5.09
CA LEU G 134 -6.08 64.09 -4.50
C LEU G 134 -4.79 63.75 -3.76
N VAL G 135 -3.66 64.07 -4.37
CA VAL G 135 -2.37 63.82 -3.75
C VAL G 135 -2.24 64.63 -2.46
N GLU G 136 -2.64 65.89 -2.51
CA GLU G 136 -2.58 66.77 -1.34
C GLU G 136 -3.60 66.35 -0.29
N GLU G 137 -4.72 65.80 -0.75
CA GLU G 137 -5.76 65.33 0.15
C GLU G 137 -5.35 64.02 0.82
N LEU G 138 -4.63 63.18 0.08
CA LEU G 138 -4.13 61.92 0.62
C LEU G 138 -2.94 62.16 1.57
N ARG G 139 -2.12 63.16 1.25
CA ARG G 139 -1.01 63.53 2.10
C ARG G 139 -1.53 64.27 3.33
N LYS G 140 -2.71 64.87 3.17
CA LYS G 140 -3.35 65.61 4.26
C LYS G 140 -4.01 64.65 5.25
N SER G 141 -3.73 63.36 5.09
CA SER G 141 -4.29 62.34 5.98
C SER G 141 -3.19 61.71 6.82
N LYS G 142 -1.94 61.93 6.39
CA LYS G 142 -0.79 61.42 7.12
C LYS G 142 -0.73 59.89 7.15
N GLY G 143 -1.46 59.26 6.25
CA GLY G 143 -1.35 57.82 6.07
C GLY G 143 -1.74 56.98 7.25
N ALA G 144 -3.01 57.06 7.65
CA ALA G 144 -3.58 56.12 8.60
C ALA G 144 -4.71 55.38 7.87
N LEU G 145 -5.25 54.33 8.48
CA LEU G 145 -6.29 53.55 7.81
C LEU G 145 -7.54 54.37 7.49
N LEU G 146 -7.90 54.39 6.20
CA LEU G 146 -9.09 55.11 5.75
C LEU G 146 -9.92 54.25 4.82
N ASP G 147 -11.11 54.74 4.47
CA ASP G 147 -11.93 54.11 3.45
C ASP G 147 -12.01 55.03 2.25
N ASN G 148 -11.65 54.51 1.08
CA ASN G 148 -11.45 55.33 -0.10
C ASN G 148 -12.64 55.42 -1.05
N THR G 149 -13.77 54.84 -0.65
CA THR G 149 -14.95 54.83 -1.50
C THR G 149 -15.36 56.24 -1.92
N LEU G 150 -15.78 57.04 -0.94
CA LEU G 150 -16.18 58.42 -1.19
C LEU G 150 -15.04 59.22 -1.79
N LEU G 151 -13.84 58.98 -1.27
CA LEU G 151 -12.66 59.71 -1.70
C LEU G 151 -12.43 59.54 -3.21
N PHE G 152 -12.38 58.30 -3.66
CA PHE G 152 -12.26 58.01 -5.09
C PHE G 152 -13.47 58.52 -5.84
N HIS G 153 -14.65 58.41 -5.22
CA HIS G 153 -15.89 58.87 -5.81
C HIS G 153 -15.84 60.37 -6.11
N SER G 154 -15.03 61.08 -5.35
CA SER G 154 -14.95 62.54 -5.46
C SER G 154 -14.10 63.00 -6.64
N ILE G 155 -12.98 62.33 -6.87
CA ILE G 155 -12.06 62.74 -7.93
C ILE G 155 -12.62 62.47 -9.32
N THR G 156 -13.47 61.45 -9.44
CA THR G 156 -14.08 61.10 -10.72
C THR G 156 -15.34 61.92 -10.96
N SER G 157 -15.99 62.33 -9.87
CA SER G 157 -17.24 63.09 -9.96
C SER G 157 -16.97 64.55 -10.32
N ASN G 158 -15.85 65.08 -9.88
CA ASN G 158 -15.48 66.46 -10.19
C ASN G 158 -15.06 66.64 -11.64
N ILE G 159 -14.68 65.55 -12.30
CA ILE G 159 -14.28 65.60 -13.69
C ILE G 159 -15.50 65.78 -14.59
N ILE G 160 -16.62 65.18 -14.21
CA ILE G 160 -17.84 65.25 -15.01
C ILE G 160 -18.71 66.40 -14.54
N CYS G 161 -18.27 67.09 -13.50
CA CYS G 161 -18.94 68.31 -13.06
C CYS G 161 -18.26 69.50 -13.69
N SER G 162 -16.97 69.35 -14.01
CA SER G 162 -16.24 70.35 -14.75
C SER G 162 -16.74 70.36 -16.20
N ILE G 163 -17.62 69.42 -16.50
CA ILE G 163 -18.21 69.30 -17.83
C ILE G 163 -19.69 69.68 -17.85
N VAL G 164 -20.41 69.29 -16.80
CA VAL G 164 -21.86 69.43 -16.80
C VAL G 164 -22.38 70.48 -15.81
N PHE G 165 -21.59 70.78 -14.78
CA PHE G 165 -22.00 71.78 -13.79
C PHE G 165 -21.07 72.98 -13.79
N GLY G 166 -20.05 72.93 -14.64
CA GLY G 166 -19.07 74.00 -14.73
C GLY G 166 -18.16 74.07 -13.52
N LYS G 167 -18.77 74.00 -12.34
CA LYS G 167 -18.05 74.13 -11.08
C LYS G 167 -17.31 72.84 -10.73
N ARG G 168 -16.63 72.86 -9.58
CA ARG G 168 -16.05 71.66 -8.98
C ARG G 168 -16.12 71.82 -7.47
N PHE G 169 -16.17 70.70 -6.76
CA PHE G 169 -16.45 70.73 -5.33
C PHE G 169 -15.25 70.39 -4.47
N ASP G 170 -15.33 70.75 -3.20
CA ASP G 170 -14.28 70.42 -2.24
C ASP G 170 -14.60 69.05 -1.64
N TYR G 171 -13.56 68.27 -1.38
CA TYR G 171 -13.72 66.91 -0.87
C TYR G 171 -14.44 66.88 0.48
N LYS G 172 -14.64 68.05 1.08
CA LYS G 172 -15.28 68.14 2.38
C LYS G 172 -16.68 68.76 2.33
N ASP G 173 -17.05 69.29 1.16
CA ASP G 173 -18.33 69.96 0.99
C ASP G 173 -19.48 68.99 1.29
N PRO G 174 -20.26 69.28 2.33
CA PRO G 174 -21.36 68.43 2.80
C PRO G 174 -22.35 68.07 1.69
N VAL G 175 -22.81 69.07 0.95
CA VAL G 175 -23.80 68.84 -0.11
C VAL G 175 -23.25 67.93 -1.19
N PHE G 176 -21.94 67.96 -1.40
CA PHE G 176 -21.32 67.14 -2.43
C PHE G 176 -21.24 65.68 -2.02
N LEU G 177 -20.85 65.43 -0.78
CA LEU G 177 -20.76 64.06 -0.26
C LEU G 177 -22.12 63.36 -0.31
N ARG G 178 -23.18 64.08 0.02
CA ARG G 178 -24.53 63.54 -0.02
C ARG G 178 -24.83 62.97 -1.40
N LEU G 179 -24.48 63.73 -2.44
CA LEU G 179 -24.63 63.28 -3.82
C LEU G 179 -23.84 62.00 -4.06
N LEU G 180 -22.56 62.03 -3.69
CA LEU G 180 -21.67 60.89 -3.90
C LEU G 180 -22.12 59.68 -3.09
N ASP G 181 -22.64 59.93 -1.90
CA ASP G 181 -23.15 58.88 -1.05
C ASP G 181 -24.38 58.24 -1.68
N LEU G 182 -25.22 59.07 -2.26
CA LEU G 182 -26.43 58.61 -2.94
C LEU G 182 -26.06 57.76 -4.16
N PHE G 183 -25.14 58.27 -4.98
CA PHE G 183 -24.66 57.52 -6.14
C PHE G 183 -24.14 56.15 -5.74
N PHE G 184 -23.45 56.09 -4.60
CA PHE G 184 -22.88 54.85 -4.11
C PHE G 184 -23.95 53.86 -3.68
N GLN G 185 -24.68 54.20 -2.63
CA GLN G 185 -25.72 53.32 -2.09
C GLN G 185 -26.73 52.91 -3.15
N SER G 186 -27.02 53.82 -4.08
CA SER G 186 -27.99 53.55 -5.13
C SER G 186 -27.52 52.46 -6.09
N PHE G 187 -26.27 52.55 -6.52
CA PHE G 187 -25.70 51.51 -7.37
C PHE G 187 -25.62 50.20 -6.59
N SER G 188 -25.33 50.31 -5.30
CA SER G 188 -25.24 49.16 -4.42
C SER G 188 -26.60 48.45 -4.34
N LEU G 189 -27.66 49.25 -4.26
CA LEU G 189 -29.02 48.73 -4.21
C LEU G 189 -29.43 48.17 -5.57
N ILE G 190 -29.13 48.93 -6.62
CA ILE G 190 -29.48 48.53 -7.99
C ILE G 190 -28.94 47.15 -8.35
N SER G 191 -27.74 46.84 -7.85
CA SER G 191 -27.09 45.59 -8.19
C SER G 191 -27.41 44.49 -7.18
N SER G 192 -28.35 44.76 -6.29
CA SER G 192 -28.71 43.81 -5.25
C SER G 192 -29.63 42.71 -5.77
N PHE G 193 -29.84 41.70 -4.93
CA PHE G 193 -30.71 40.58 -5.28
C PHE G 193 -32.14 41.02 -5.51
N SER G 194 -32.65 41.87 -4.62
CA SER G 194 -34.02 42.34 -4.70
C SER G 194 -34.28 43.20 -5.92
N SER G 195 -33.21 43.70 -6.55
CA SER G 195 -33.34 44.49 -7.76
C SER G 195 -33.28 43.59 -9.00
N GLN G 196 -32.95 42.32 -8.79
CA GLN G 196 -32.93 41.34 -9.87
C GLN G 196 -34.19 40.49 -9.84
N VAL G 197 -34.72 40.26 -8.64
CA VAL G 197 -36.02 39.63 -8.49
C VAL G 197 -37.07 40.62 -8.95
N PHE G 198 -36.76 41.90 -8.82
CA PHE G 198 -37.66 42.96 -9.25
C PHE G 198 -37.79 42.94 -10.76
N GLU G 199 -36.69 42.62 -11.44
CA GLU G 199 -36.69 42.55 -12.90
C GLU G 199 -37.76 41.60 -13.41
N LEU G 200 -37.84 40.42 -12.79
CA LEU G 200 -38.81 39.40 -13.19
C LEU G 200 -40.27 39.74 -12.93
N PHE G 201 -40.57 40.17 -11.71
CA PHE G 201 -41.94 40.45 -11.31
C PHE G 201 -41.96 41.87 -10.77
N SER G 202 -41.93 42.84 -11.67
CA SER G 202 -41.88 44.25 -11.31
C SER G 202 -43.27 44.74 -10.90
N GLY G 203 -44.28 44.32 -11.64
CA GLY G 203 -45.65 44.73 -11.36
C GLY G 203 -46.19 44.13 -10.07
N PHE G 204 -45.56 43.05 -9.61
CA PHE G 204 -45.97 42.40 -8.38
C PHE G 204 -45.38 43.13 -7.18
N LEU G 205 -44.07 43.33 -7.21
CA LEU G 205 -43.36 43.91 -6.07
C LEU G 205 -43.51 45.43 -5.98
N LYS G 206 -43.95 46.05 -7.07
CA LYS G 206 -44.10 47.50 -7.09
C LYS G 206 -45.04 48.00 -5.99
N TYR G 207 -46.06 47.21 -5.69
CA TYR G 207 -47.09 47.63 -4.74
C TYR G 207 -46.73 47.34 -3.30
N PHE G 208 -45.74 46.48 -3.09
CA PHE G 208 -45.26 46.18 -1.74
C PHE G 208 -44.05 47.03 -1.41
N PRO G 209 -43.78 47.24 -0.11
CA PRO G 209 -42.60 47.99 0.30
C PRO G 209 -41.33 47.21 -0.01
N GLY G 210 -40.26 47.89 -0.39
CA GLY G 210 -39.03 47.20 -0.73
C GLY G 210 -37.88 48.10 -1.13
N THR G 211 -36.76 47.47 -1.48
CA THR G 211 -35.53 48.17 -1.83
C THR G 211 -35.70 49.06 -3.07
N HIS G 212 -36.76 48.83 -3.83
CA HIS G 212 -36.98 49.59 -5.06
C HIS G 212 -37.47 51.01 -4.78
N ARG G 213 -38.19 51.18 -3.67
CA ARG G 213 -38.65 52.51 -3.27
C ARG G 213 -37.46 53.39 -2.91
N GLN G 214 -36.49 52.80 -2.23
CA GLN G 214 -35.28 53.51 -1.83
C GLN G 214 -34.57 54.09 -3.07
N ILE G 215 -34.37 53.25 -4.07
CA ILE G 215 -33.71 53.67 -5.30
C ILE G 215 -34.42 54.86 -5.93
N TYR G 216 -35.74 54.80 -5.96
CA TYR G 216 -36.56 55.89 -6.51
C TYR G 216 -36.34 57.17 -5.72
N ARG G 217 -36.48 57.08 -4.40
CA ARG G 217 -36.33 58.25 -3.53
C ARG G 217 -34.93 58.86 -3.63
N ASN G 218 -33.91 58.01 -3.74
CA ASN G 218 -32.54 58.47 -3.85
C ASN G 218 -32.31 59.25 -5.15
N LEU G 219 -32.74 58.68 -6.27
CA LEU G 219 -32.58 59.34 -7.57
C LEU G 219 -33.42 60.60 -7.66
N GLN G 220 -34.48 60.66 -6.86
CA GLN G 220 -35.29 61.86 -6.75
C GLN G 220 -34.44 62.97 -6.16
N GLU G 221 -33.71 62.63 -5.10
CA GLU G 221 -32.91 63.59 -4.37
C GLU G 221 -31.78 64.16 -5.23
N ILE G 222 -31.34 63.39 -6.22
CA ILE G 222 -30.28 63.83 -7.13
C ILE G 222 -30.85 64.73 -8.23
N ASN G 223 -32.02 64.37 -8.74
CA ASN G 223 -32.71 65.21 -9.71
C ASN G 223 -33.10 66.54 -9.08
N THR G 224 -33.41 66.51 -7.79
CA THR G 224 -33.72 67.72 -7.03
C THR G 224 -32.57 68.69 -7.10
N PHE G 225 -31.39 68.25 -6.67
CA PHE G 225 -30.19 69.07 -6.72
C PHE G 225 -29.88 69.49 -8.15
N ILE G 226 -30.04 68.56 -9.09
CA ILE G 226 -29.83 68.85 -10.50
C ILE G 226 -30.83 69.89 -10.99
N GLY G 227 -32.02 69.88 -10.41
CA GLY G 227 -33.06 70.83 -10.76
C GLY G 227 -32.74 72.22 -10.24
N GLN G 228 -32.54 72.32 -8.94
CA GLN G 228 -32.20 73.59 -8.31
C GLN G 228 -30.85 74.13 -8.79
N SER G 229 -30.07 73.27 -9.45
CA SER G 229 -28.80 73.68 -10.01
C SER G 229 -28.94 73.95 -11.51
N VAL G 230 -29.99 73.40 -12.11
CA VAL G 230 -30.35 73.73 -13.48
C VAL G 230 -30.96 75.12 -13.48
N GLU G 231 -31.53 75.49 -12.33
CA GLU G 231 -32.15 76.80 -12.17
C GLU G 231 -31.10 77.90 -12.03
N LYS G 232 -30.13 77.68 -11.15
CA LYS G 232 -29.05 78.63 -10.94
C LYS G 232 -28.33 78.93 -12.24
N HIS G 233 -28.27 77.93 -13.12
CA HIS G 233 -27.67 78.11 -14.45
C HIS G 233 -28.54 79.02 -15.31
N ARG G 234 -29.85 78.85 -15.19
CA ARG G 234 -30.80 79.63 -15.98
C ARG G 234 -30.68 81.12 -15.72
N ALA G 235 -30.50 81.49 -14.46
CA ALA G 235 -30.51 82.89 -14.07
C ALA G 235 -29.17 83.60 -14.26
N THR G 236 -28.19 82.91 -14.84
CA THR G 236 -26.86 83.48 -15.00
C THR G 236 -26.31 83.31 -16.41
N LEU G 237 -27.11 82.76 -17.30
CA LEU G 237 -26.67 82.46 -18.67
C LEU G 237 -26.02 83.65 -19.36
N ASP G 238 -25.03 83.36 -20.20
CA ASP G 238 -24.41 84.36 -21.06
C ASP G 238 -24.29 83.70 -22.43
N PRO G 239 -25.24 84.01 -23.33
CA PRO G 239 -25.38 83.40 -24.66
C PRO G 239 -24.16 83.62 -25.56
N SER G 240 -23.18 84.41 -25.11
CA SER G 240 -21.94 84.60 -25.86
C SER G 240 -20.85 83.71 -25.26
N ASN G 241 -21.03 83.31 -24.01
CA ASN G 241 -20.09 82.44 -23.32
C ASN G 241 -20.69 81.30 -22.51
N PRO G 242 -20.78 80.12 -23.11
CA PRO G 242 -21.30 78.92 -22.44
C PRO G 242 -20.26 78.31 -21.51
N ARG G 243 -20.53 78.35 -20.21
CA ARG G 243 -19.61 77.83 -19.20
C ARG G 243 -19.50 76.32 -19.08
N ASP G 244 -20.57 75.60 -19.43
CA ASP G 244 -20.60 74.16 -19.24
C ASP G 244 -21.76 73.55 -20.04
N PHE G 245 -21.97 72.26 -19.83
CA PHE G 245 -22.98 71.51 -20.57
C PHE G 245 -24.41 72.03 -20.47
N ILE G 246 -24.87 72.30 -19.25
CA ILE G 246 -26.22 72.79 -19.03
C ILE G 246 -26.45 74.06 -19.83
N ASP G 247 -25.38 74.80 -20.10
CA ASP G 247 -25.48 76.00 -20.92
C ASP G 247 -25.88 75.67 -22.35
N VAL G 248 -25.03 74.90 -23.04
CA VAL G 248 -25.29 74.53 -24.42
C VAL G 248 -26.62 73.79 -24.54
N TYR G 249 -27.10 73.23 -23.43
CA TYR G 249 -28.38 72.54 -23.45
C TYR G 249 -29.56 73.49 -23.21
N LEU G 250 -29.29 74.66 -22.63
CA LEU G 250 -30.31 75.68 -22.49
C LEU G 250 -30.33 76.58 -23.72
N LEU G 251 -29.19 76.65 -24.41
CA LEU G 251 -29.09 77.45 -25.63
C LEU G 251 -29.86 76.78 -26.76
N ARG G 252 -29.54 75.51 -27.01
CA ARG G 252 -30.27 74.73 -28.01
C ARG G 252 -31.65 74.35 -27.48
N MET G 253 -31.99 74.87 -26.30
CA MET G 253 -33.31 74.69 -25.72
C MET G 253 -34.10 75.98 -25.87
N GLU G 254 -33.40 77.07 -26.18
CA GLU G 254 -34.04 78.35 -26.44
C GLU G 254 -34.18 78.52 -27.95
N LYS G 255 -33.27 77.90 -28.70
CA LYS G 255 -33.29 77.95 -30.16
C LYS G 255 -34.38 77.05 -30.74
N ASP G 256 -34.99 76.23 -29.88
CA ASP G 256 -36.05 75.33 -30.31
C ASP G 256 -37.25 75.46 -29.40
N LYS G 257 -37.60 76.69 -29.05
CA LYS G 257 -38.72 76.94 -28.15
C LYS G 257 -40.06 76.81 -28.84
N SER G 258 -40.02 76.62 -30.16
CA SER G 258 -41.24 76.47 -30.93
C SER G 258 -41.55 75.06 -31.40
N ASP G 259 -40.52 74.32 -31.83
CA ASP G 259 -40.71 72.96 -32.30
C ASP G 259 -41.18 72.13 -31.10
N PRO G 260 -42.41 71.59 -31.19
CA PRO G 260 -43.06 70.88 -30.08
C PRO G 260 -42.60 69.42 -29.98
N SER G 261 -42.07 68.87 -31.07
CA SER G 261 -41.60 67.49 -31.05
C SER G 261 -40.08 67.43 -30.95
N SER G 262 -39.47 68.55 -30.58
CA SER G 262 -38.03 68.61 -30.39
C SER G 262 -37.71 67.87 -29.10
N GLU G 263 -36.73 66.97 -29.18
CA GLU G 263 -36.36 66.13 -28.04
C GLU G 263 -35.30 66.89 -27.25
N PHE G 264 -35.68 68.07 -26.76
CA PHE G 264 -34.81 68.85 -25.88
C PHE G 264 -35.76 69.43 -24.85
N HIS G 265 -36.42 68.54 -24.11
CA HIS G 265 -37.39 68.94 -23.09
C HIS G 265 -36.61 69.39 -21.88
N HIS G 266 -37.33 69.86 -20.87
CA HIS G 266 -36.76 70.07 -19.55
C HIS G 266 -36.50 68.69 -18.96
N GLN G 267 -37.34 67.73 -19.37
CA GLN G 267 -37.22 66.36 -18.90
C GLN G 267 -35.94 65.69 -19.39
N ASN G 268 -35.40 66.19 -20.50
CA ASN G 268 -34.18 65.62 -21.05
C ASN G 268 -32.91 66.23 -20.48
N LEU G 269 -32.99 67.48 -20.04
CA LEU G 269 -31.85 68.10 -19.36
C LEU G 269 -31.65 67.43 -18.00
N ILE G 270 -32.76 67.18 -17.30
CA ILE G 270 -32.72 66.52 -16.00
C ILE G 270 -32.21 65.08 -16.13
N LEU G 271 -32.79 64.32 -17.05
CA LEU G 271 -32.47 62.91 -17.18
C LEU G 271 -31.25 62.63 -18.06
N THR G 272 -30.70 63.68 -18.68
CA THR G 272 -29.43 63.54 -19.40
C THR G 272 -28.28 63.87 -18.48
N VAL G 273 -28.45 64.91 -17.67
CA VAL G 273 -27.45 65.27 -16.67
C VAL G 273 -27.29 64.14 -15.66
N LEU G 274 -28.42 63.64 -15.14
CA LEU G 274 -28.39 62.53 -14.21
C LEU G 274 -27.57 61.38 -14.82
N SER G 275 -27.95 60.99 -16.04
CA SER G 275 -27.24 59.94 -16.76
C SER G 275 -25.74 60.17 -16.72
N LEU G 276 -25.31 61.35 -17.16
CA LEU G 276 -23.89 61.68 -17.25
C LEU G 276 -23.25 61.89 -15.88
N PHE G 277 -24.06 62.32 -14.92
CA PHE G 277 -23.56 62.55 -13.57
C PHE G 277 -23.28 61.22 -12.88
N PHE G 278 -24.27 60.34 -12.91
CA PHE G 278 -24.16 59.03 -12.28
C PHE G 278 -23.12 58.18 -13.00
N ALA G 279 -23.28 58.02 -14.31
CA ALA G 279 -22.36 57.22 -15.12
C ALA G 279 -20.97 57.85 -15.21
N GLY G 280 -20.88 59.14 -14.89
CA GLY G 280 -19.61 59.85 -14.91
C GLY G 280 -18.87 59.70 -13.59
N THR G 281 -19.62 59.39 -12.55
CA THR G 281 -19.04 59.22 -11.22
C THR G 281 -18.92 57.79 -10.71
N GLU G 282 -19.94 56.99 -11.01
CA GLU G 282 -20.11 55.70 -10.35
C GLU G 282 -19.15 54.56 -10.69
N THR G 283 -19.02 54.25 -11.98
CA THR G 283 -18.35 53.03 -12.41
C THR G 283 -16.86 53.33 -12.59
N THR G 284 -16.53 54.54 -12.99
CA THR G 284 -15.13 54.93 -13.14
C THR G 284 -14.42 54.89 -11.78
N SER G 285 -15.16 55.24 -10.74
CA SER G 285 -14.63 55.24 -9.38
C SER G 285 -14.42 53.82 -8.87
N THR G 286 -15.46 53.00 -8.97
CA THR G 286 -15.42 51.64 -8.43
C THR G 286 -14.48 50.73 -9.23
N THR G 287 -14.02 51.23 -10.38
CA THR G 287 -12.96 50.55 -11.10
C THR G 287 -11.64 50.88 -10.41
N LEU G 288 -11.54 52.13 -9.98
CA LEU G 288 -10.35 52.61 -9.28
C LEU G 288 -10.25 51.98 -7.90
N ARG G 289 -11.37 51.93 -7.19
CA ARG G 289 -11.41 51.30 -5.87
C ARG G 289 -11.10 49.81 -5.99
N TYR G 290 -11.67 49.17 -7.00
CA TYR G 290 -11.42 47.75 -7.24
C TYR G 290 -9.97 47.55 -7.65
N GLY G 291 -9.46 48.45 -8.48
CA GLY G 291 -8.10 48.37 -8.96
C GLY G 291 -7.08 48.36 -7.83
N PHE G 292 -7.37 49.12 -6.78
CA PHE G 292 -6.45 49.22 -5.65
C PHE G 292 -6.60 48.06 -4.66
N LEU G 293 -7.78 47.46 -4.61
CA LEU G 293 -7.96 46.24 -3.84
C LEU G 293 -7.14 45.14 -4.48
N LEU G 294 -7.03 45.22 -5.81
CA LEU G 294 -6.20 44.29 -6.58
C LEU G 294 -4.72 44.48 -6.27
N MET G 295 -4.34 45.73 -6.02
CA MET G 295 -2.94 46.08 -5.81
C MET G 295 -2.43 45.63 -4.44
N LEU G 296 -3.33 45.50 -3.48
CA LEU G 296 -2.95 45.03 -2.15
C LEU G 296 -2.70 43.54 -2.15
N LYS G 297 -3.38 42.83 -3.05
CA LYS G 297 -3.25 41.38 -3.14
C LYS G 297 -2.09 40.97 -4.04
N TYR G 298 -1.76 41.83 -5.00
CA TYR G 298 -0.66 41.57 -5.91
C TYR G 298 0.38 42.69 -5.84
N PRO G 299 1.09 42.81 -4.71
CA PRO G 299 2.05 43.88 -4.48
C PRO G 299 3.19 43.90 -5.49
N HIS G 300 3.68 42.72 -5.88
CA HIS G 300 4.76 42.62 -6.85
C HIS G 300 4.35 43.29 -8.16
N VAL G 301 3.04 43.47 -8.33
CA VAL G 301 2.52 44.18 -9.48
C VAL G 301 2.56 45.68 -9.21
N THR G 302 2.17 46.05 -8.00
CA THR G 302 2.24 47.44 -7.57
C THR G 302 3.67 47.95 -7.72
N GLU G 303 4.64 47.05 -7.54
CA GLU G 303 6.04 47.40 -7.70
C GLU G 303 6.41 47.54 -9.17
N ARG G 304 6.11 46.51 -9.97
CA ARG G 304 6.42 46.53 -11.39
C ARG G 304 5.76 47.72 -12.08
N VAL G 305 4.65 48.19 -11.50
CA VAL G 305 3.95 49.35 -12.03
C VAL G 305 4.63 50.64 -11.59
N GLN G 306 5.34 50.58 -10.46
CA GLN G 306 6.05 51.74 -9.94
C GLN G 306 7.43 51.89 -10.57
N LYS G 307 8.08 50.77 -10.86
CA LYS G 307 9.38 50.79 -11.51
C LYS G 307 9.24 51.41 -12.90
N GLU G 308 8.07 51.23 -13.50
CA GLU G 308 7.80 51.79 -14.82
C GLU G 308 7.43 53.26 -14.73
N ILE G 309 6.77 53.63 -13.63
CA ILE G 309 6.47 55.03 -13.35
C ILE G 309 7.79 55.77 -13.14
N GLU G 310 8.80 55.04 -12.67
CA GLU G 310 10.12 55.61 -12.47
C GLU G 310 10.87 55.77 -13.78
N GLN G 311 10.99 54.67 -14.53
CA GLN G 311 11.72 54.68 -15.80
C GLN G 311 11.17 55.70 -16.80
N VAL G 312 9.87 55.94 -16.74
CA VAL G 312 9.19 56.76 -17.74
C VAL G 312 8.94 58.19 -17.29
N ILE G 313 8.20 58.35 -16.19
CA ILE G 313 7.82 59.68 -15.72
C ILE G 313 8.80 60.21 -14.69
N GLY G 314 9.34 59.33 -13.86
CA GLY G 314 10.32 59.72 -12.85
C GLY G 314 9.70 60.14 -11.54
N SER G 315 10.19 61.24 -10.98
CA SER G 315 9.72 61.71 -9.69
C SER G 315 9.58 63.23 -9.68
N HIS G 316 9.77 63.85 -10.84
CA HIS G 316 9.72 65.31 -10.95
C HIS G 316 8.38 65.91 -11.39
N ARG G 317 7.89 65.48 -12.54
CA ARG G 317 6.65 66.04 -13.11
C ARG G 317 5.52 65.05 -12.90
N PRO G 318 4.35 65.55 -12.49
CA PRO G 318 3.15 64.71 -12.40
C PRO G 318 2.89 64.01 -13.73
N PRO G 319 2.45 62.74 -13.69
CA PRO G 319 2.20 61.94 -14.90
C PRO G 319 1.24 62.65 -15.86
N ALA G 320 1.49 62.48 -17.16
CA ALA G 320 0.63 63.05 -18.19
C ALA G 320 0.09 61.97 -19.12
N LEU G 321 -1.02 62.26 -19.77
CA LEU G 321 -1.67 61.31 -20.67
C LEU G 321 -0.69 60.57 -21.55
N ASP G 322 0.16 61.31 -22.25
CA ASP G 322 1.08 60.77 -23.24
C ASP G 322 1.89 59.59 -22.70
N ASP G 323 2.31 59.69 -21.44
CA ASP G 323 3.17 58.69 -20.81
C ASP G 323 2.67 57.26 -21.03
N ARG G 324 1.35 57.11 -21.16
CA ARG G 324 0.75 55.80 -21.35
C ARG G 324 1.30 55.11 -22.59
N ALA G 325 1.83 55.91 -23.52
CA ALA G 325 2.38 55.39 -24.77
C ALA G 325 3.76 54.77 -24.58
N LYS G 326 4.45 55.20 -23.53
CA LYS G 326 5.79 54.68 -23.24
C LYS G 326 5.74 53.70 -22.06
N MET G 327 4.57 53.57 -21.45
CA MET G 327 4.38 52.66 -20.34
C MET G 327 3.41 51.54 -20.73
N PRO G 328 3.95 50.43 -21.25
CA PRO G 328 3.14 49.29 -21.69
C PRO G 328 2.57 48.53 -20.50
N TYR G 329 3.44 48.12 -19.59
CA TYR G 329 3.04 47.30 -18.45
C TYR G 329 1.95 47.97 -17.61
N THR G 330 2.11 49.25 -17.31
CA THR G 330 1.11 49.98 -16.53
C THR G 330 -0.23 49.95 -17.24
N ASP G 331 -0.23 50.20 -18.55
CA ASP G 331 -1.46 50.16 -19.34
C ASP G 331 -2.04 48.75 -19.29
N ALA G 332 -1.16 47.75 -19.35
CA ALA G 332 -1.58 46.35 -19.29
C ALA G 332 -2.28 46.04 -17.98
N VAL G 333 -1.69 46.49 -16.88
CA VAL G 333 -2.28 46.31 -15.56
C VAL G 333 -3.66 46.95 -15.48
N ILE G 334 -3.77 48.13 -16.08
CA ILE G 334 -5.03 48.88 -16.06
C ILE G 334 -6.15 48.17 -16.80
N HIS G 335 -5.84 47.63 -17.97
CA HIS G 335 -6.83 46.87 -18.73
C HIS G 335 -7.22 45.59 -17.99
N GLU G 336 -6.22 44.93 -17.41
CA GLU G 336 -6.46 43.70 -16.67
C GLU G 336 -7.32 43.95 -15.44
N ILE G 337 -7.26 45.17 -14.91
CA ILE G 337 -8.12 45.58 -13.82
C ILE G 337 -9.56 45.70 -14.29
N GLN G 338 -9.74 46.38 -15.42
CA GLN G 338 -11.07 46.59 -15.97
C GLN G 338 -11.72 45.28 -16.40
N ARG G 339 -10.90 44.29 -16.76
CA ARG G 339 -11.43 42.98 -17.11
C ARG G 339 -12.01 42.30 -15.89
N LEU G 340 -11.17 42.07 -14.89
CA LEU G 340 -11.61 41.46 -13.64
C LEU G 340 -12.76 42.26 -13.03
N GLY G 341 -12.58 43.57 -12.99
CA GLY G 341 -13.59 44.46 -12.43
C GLY G 341 -14.97 44.07 -12.89
N ASP G 342 -15.14 43.94 -14.21
CA ASP G 342 -16.41 43.52 -14.78
C ASP G 342 -17.59 44.25 -14.15
N LEU G 343 -17.41 45.55 -13.92
CA LEU G 343 -18.40 46.35 -13.22
C LEU G 343 -19.81 46.09 -13.73
N ILE G 344 -20.01 46.24 -15.04
CA ILE G 344 -21.29 45.89 -15.65
C ILE G 344 -21.28 44.52 -16.30
N PRO G 345 -21.54 43.47 -15.49
CA PRO G 345 -21.44 42.07 -15.89
C PRO G 345 -22.19 41.65 -17.15
N PHE G 346 -23.48 41.93 -17.22
CA PHE G 346 -24.26 41.58 -18.40
C PHE G 346 -24.71 42.82 -19.18
N GLY G 347 -23.89 43.86 -19.11
CA GLY G 347 -24.11 45.08 -19.87
C GLY G 347 -25.43 45.75 -19.50
N VAL G 348 -25.98 46.52 -20.43
CA VAL G 348 -27.25 47.18 -20.25
C VAL G 348 -28.20 46.56 -21.28
N PRO G 349 -29.51 46.53 -20.97
CA PRO G 349 -30.51 45.91 -21.84
C PRO G 349 -30.42 46.51 -23.24
N HIS G 350 -30.15 45.66 -24.22
CA HIS G 350 -30.21 46.05 -25.63
C HIS G 350 -31.51 45.49 -26.20
N THR G 351 -31.98 46.10 -27.29
CA THR G 351 -33.17 45.59 -27.97
C THR G 351 -32.99 45.70 -29.48
N VAL G 352 -33.54 44.75 -30.21
CA VAL G 352 -33.50 44.80 -31.67
C VAL G 352 -34.50 45.83 -32.18
N THR G 353 -34.18 46.43 -33.33
CA THR G 353 -35.04 47.45 -33.91
C THR G 353 -36.03 46.82 -34.89
N LYS G 354 -35.50 46.09 -35.86
CA LYS G 354 -36.32 45.36 -36.81
C LYS G 354 -36.35 43.88 -36.45
N ASP G 355 -36.98 43.08 -37.28
CA ASP G 355 -36.97 41.64 -37.11
C ASP G 355 -35.61 41.11 -37.60
N THR G 356 -34.81 40.60 -36.67
CA THR G 356 -33.42 40.25 -36.97
C THR G 356 -33.18 38.75 -37.15
N GLN G 357 -32.40 38.42 -38.17
CA GLN G 357 -31.93 37.06 -38.37
C GLN G 357 -30.52 36.96 -37.79
N PHE G 358 -30.32 36.03 -36.86
CA PHE G 358 -29.06 35.92 -36.15
C PHE G 358 -28.68 34.47 -35.90
N ARG G 359 -27.59 34.03 -36.50
CA ARG G 359 -27.06 32.69 -36.29
C ARG G 359 -28.12 31.60 -36.40
N GLY G 360 -29.11 31.83 -37.24
CA GLY G 360 -30.14 30.83 -37.50
C GLY G 360 -31.41 31.00 -36.69
N TYR G 361 -31.60 32.19 -36.14
CA TYR G 361 -32.80 32.47 -35.36
C TYR G 361 -33.39 33.83 -35.72
N VAL G 362 -34.57 34.12 -35.19
CA VAL G 362 -35.23 35.39 -35.44
C VAL G 362 -35.52 36.14 -34.15
N ILE G 363 -35.13 37.40 -34.10
CA ILE G 363 -35.43 38.25 -32.96
C ILE G 363 -36.38 39.35 -33.38
N PRO G 364 -37.69 39.14 -33.17
CA PRO G 364 -38.75 40.09 -33.52
C PRO G 364 -38.46 41.47 -32.96
N LYS G 365 -38.82 42.51 -33.71
CA LYS G 365 -38.58 43.88 -33.29
C LYS G 365 -38.92 44.00 -31.81
N ASN G 366 -38.16 44.84 -31.09
CA ASN G 366 -38.40 45.16 -29.69
C ASN G 366 -38.25 44.02 -28.68
N THR G 367 -37.48 42.99 -29.02
CA THR G 367 -37.23 41.91 -28.08
C THR G 367 -35.98 42.42 -27.37
N GLU G 368 -35.85 42.09 -26.09
CA GLU G 368 -34.69 42.53 -25.33
C GLU G 368 -33.54 41.55 -25.42
N VAL G 369 -32.34 42.09 -25.55
CA VAL G 369 -31.13 41.29 -25.67
C VAL G 369 -30.12 41.68 -24.59
N PHE G 370 -29.61 40.69 -23.87
CA PHE G 370 -28.61 40.94 -22.83
C PHE G 370 -27.22 40.52 -23.30
N PRO G 371 -26.40 41.51 -23.69
CA PRO G 371 -25.02 41.22 -24.07
C PRO G 371 -24.29 40.94 -22.76
N VAL G 372 -24.08 39.65 -22.46
CA VAL G 372 -23.40 39.26 -21.23
C VAL G 372 -21.96 39.64 -21.58
N LEU G 373 -21.48 40.71 -20.97
CA LEU G 373 -20.15 41.24 -21.26
C LEU G 373 -19.17 40.52 -20.34
N SER G 374 -19.68 39.93 -19.28
CA SER G 374 -18.85 39.18 -18.34
C SER G 374 -18.29 37.95 -19.01
N SER G 375 -19.09 37.31 -19.85
CA SER G 375 -18.67 36.12 -20.58
C SER G 375 -17.58 36.47 -21.58
N ALA G 376 -17.59 37.72 -22.04
CA ALA G 376 -16.59 38.19 -22.99
C ALA G 376 -15.25 38.39 -22.29
N LEU G 377 -15.26 39.19 -21.23
CA LEU G 377 -14.05 39.47 -20.46
C LEU G 377 -13.45 38.18 -19.89
N HIS G 378 -14.30 37.18 -19.69
CA HIS G 378 -13.87 35.90 -19.11
C HIS G 378 -13.66 34.83 -20.19
N ASP G 379 -13.81 35.21 -21.45
CA ASP G 379 -13.77 34.24 -22.54
C ASP G 379 -12.41 33.55 -22.67
N PRO G 380 -12.40 32.22 -22.49
CA PRO G 380 -11.19 31.41 -22.62
C PRO G 380 -10.64 31.45 -24.04
N ARG G 381 -11.52 31.69 -25.00
CA ARG G 381 -11.15 31.74 -26.41
C ARG G 381 -10.14 32.85 -26.70
N TYR G 382 -10.12 33.85 -25.82
CA TYR G 382 -9.28 35.02 -26.05
C TYR G 382 -8.38 35.37 -24.86
N PHE G 383 -8.67 34.80 -23.70
CA PHE G 383 -7.89 35.07 -22.50
C PHE G 383 -7.34 33.81 -21.85
N GLU G 384 -6.03 33.63 -21.90
CA GLU G 384 -5.38 32.59 -21.11
C GLU G 384 -5.67 32.88 -19.64
N THR G 385 -5.81 31.84 -18.84
CA THR G 385 -6.13 31.99 -17.41
C THR G 385 -7.18 33.04 -17.00
N PRO G 386 -8.37 32.97 -17.62
CA PRO G 386 -9.46 33.91 -17.36
C PRO G 386 -9.81 34.23 -15.92
N ASN G 387 -9.59 33.28 -15.01
CA ASN G 387 -9.98 33.44 -13.61
C ASN G 387 -8.90 34.03 -12.71
N THR G 388 -7.85 34.59 -13.30
CA THR G 388 -6.75 35.14 -12.52
C THR G 388 -6.24 36.47 -13.08
N PHE G 389 -5.88 37.37 -12.17
CA PHE G 389 -5.26 38.64 -12.54
C PHE G 389 -3.99 38.37 -13.33
N ASN G 390 -3.90 38.92 -14.54
CA ASN G 390 -2.75 38.65 -15.40
C ASN G 390 -2.51 39.73 -16.45
N PRO G 391 -1.51 40.59 -16.21
CA PRO G 391 -1.14 41.68 -17.12
C PRO G 391 -0.71 41.17 -18.50
N GLY G 392 -0.26 39.93 -18.55
CA GLY G 392 0.23 39.34 -19.80
C GLY G 392 -0.80 39.30 -20.90
N HIS G 393 -2.07 39.32 -20.53
CA HIS G 393 -3.16 39.25 -21.50
C HIS G 393 -3.12 40.41 -22.50
N PHE G 394 -2.36 41.45 -22.17
CA PHE G 394 -2.23 42.61 -23.04
C PHE G 394 -0.77 42.93 -23.32
N LEU G 395 0.07 41.90 -23.27
CA LEU G 395 1.49 42.06 -23.58
C LEU G 395 1.97 40.97 -24.52
N ASP G 396 2.83 41.35 -25.46
CA ASP G 396 3.47 40.39 -26.35
C ASP G 396 4.80 39.96 -25.76
N ALA G 397 5.42 38.94 -26.34
CA ALA G 397 6.70 38.45 -25.85
C ALA G 397 7.74 39.56 -25.79
N ASN G 398 7.49 40.63 -26.54
CA ASN G 398 8.34 41.82 -26.49
C ASN G 398 8.19 42.57 -25.17
N GLY G 399 6.97 43.02 -24.89
CA GLY G 399 6.68 43.74 -23.67
C GLY G 399 5.74 44.92 -23.88
N ALA G 400 5.20 45.02 -25.09
CA ALA G 400 4.30 46.12 -25.43
C ALA G 400 2.82 45.67 -25.45
N LEU G 401 1.93 46.64 -25.41
CA LEU G 401 0.49 46.37 -25.31
C LEU G 401 -0.02 45.50 -26.47
N LYS G 402 -0.87 44.55 -26.13
CA LYS G 402 -1.44 43.62 -27.11
C LYS G 402 -2.97 43.65 -27.06
N ARG G 403 -3.57 44.47 -27.92
CA ARG G 403 -5.02 44.60 -27.97
C ARG G 403 -5.70 43.24 -28.14
N ASN G 404 -6.65 42.94 -27.25
CA ASN G 404 -7.32 41.65 -27.25
C ASN G 404 -8.79 41.76 -27.66
N GLU G 405 -9.24 40.85 -28.52
CA GLU G 405 -10.59 40.88 -29.05
C GLU G 405 -11.66 40.58 -28.00
N GLY G 406 -11.24 40.18 -26.81
CA GLY G 406 -12.17 39.84 -25.75
C GLY G 406 -12.45 40.99 -24.80
N PHE G 407 -11.52 41.94 -24.75
CA PHE G 407 -11.62 43.08 -23.84
C PHE G 407 -12.68 44.07 -24.30
N MET G 408 -13.86 43.99 -23.70
CA MET G 408 -14.96 44.88 -24.07
C MET G 408 -15.74 45.36 -22.84
N PRO G 409 -15.06 46.09 -21.94
CA PRO G 409 -15.70 46.59 -20.71
C PRO G 409 -16.67 47.73 -21.00
N PHE G 410 -16.41 48.49 -22.05
CA PHE G 410 -17.31 49.57 -22.46
C PHE G 410 -18.29 49.09 -23.52
N SER G 411 -18.45 47.77 -23.62
CA SER G 411 -19.35 47.17 -24.59
C SER G 411 -18.91 47.50 -26.02
N LEU G 412 -19.80 47.30 -26.98
CA LEU G 412 -19.48 47.53 -28.39
C LEU G 412 -20.73 47.94 -29.18
N GLY G 413 -20.52 48.60 -30.31
CA GLY G 413 -21.61 48.94 -31.20
C GLY G 413 -21.90 50.42 -31.28
N LYS G 414 -23.05 50.76 -31.87
CA LYS G 414 -23.48 52.14 -31.99
C LYS G 414 -23.83 52.72 -30.62
N ARG G 415 -24.04 51.84 -29.65
CA ARG G 415 -24.40 52.24 -28.30
C ARG G 415 -23.20 52.28 -27.38
N ILE G 416 -22.00 52.19 -27.96
CA ILE G 416 -20.77 52.17 -27.18
C ILE G 416 -20.65 53.35 -26.23
N CYS G 417 -20.02 53.13 -25.09
CA CYS G 417 -19.94 54.14 -24.04
C CYS G 417 -19.34 55.48 -24.48
N LEU G 418 -19.84 56.56 -23.87
CA LEU G 418 -19.30 57.89 -24.11
C LEU G 418 -18.10 58.15 -23.22
N GLY G 419 -18.09 57.51 -22.05
CA GLY G 419 -16.94 57.58 -21.16
C GLY G 419 -15.79 56.74 -21.68
N GLU G 420 -15.95 56.25 -22.90
CA GLU G 420 -14.89 55.52 -23.58
C GLU G 420 -13.56 56.25 -23.49
N GLY G 421 -13.57 57.51 -23.89
CA GLY G 421 -12.36 58.32 -23.89
C GLY G 421 -11.94 58.83 -22.53
N ILE G 422 -12.87 59.49 -21.84
CA ILE G 422 -12.55 60.15 -20.57
C ILE G 422 -12.19 59.16 -19.46
N ALA G 423 -13.03 58.16 -19.26
CA ALA G 423 -12.82 57.18 -18.19
C ALA G 423 -11.45 56.51 -18.29
N ARG G 424 -11.08 56.12 -19.50
CA ARG G 424 -9.78 55.50 -19.74
C ARG G 424 -8.63 56.43 -19.37
N THR G 425 -8.83 57.72 -19.61
CA THR G 425 -7.82 58.72 -19.31
C THR G 425 -7.80 59.07 -17.83
N GLU G 426 -8.97 59.11 -17.21
CA GLU G 426 -9.06 59.33 -15.78
C GLU G 426 -8.26 58.24 -15.08
N LEU G 427 -8.55 56.99 -15.43
CA LEU G 427 -7.90 55.83 -14.83
C LEU G 427 -6.38 55.96 -14.82
N PHE G 428 -5.76 55.98 -16.00
CA PHE G 428 -4.31 56.02 -16.10
C PHE G 428 -3.71 57.15 -15.24
N LEU G 429 -4.14 58.37 -15.50
CA LEU G 429 -3.61 59.53 -14.78
C LEU G 429 -3.80 59.40 -13.27
N PHE G 430 -5.03 59.13 -12.85
CA PHE G 430 -5.34 58.96 -11.44
C PHE G 430 -4.54 57.82 -10.81
N PHE G 431 -4.63 56.64 -11.41
CA PHE G 431 -3.95 55.44 -10.93
C PHE G 431 -2.46 55.70 -10.70
N THR G 432 -1.80 56.26 -11.71
CA THR G 432 -0.36 56.49 -11.65
C THR G 432 0.02 57.60 -10.67
N THR G 433 -0.66 58.73 -10.73
CA THR G 433 -0.35 59.86 -9.87
C THR G 433 -0.36 59.46 -8.39
N ILE G 434 -1.33 58.63 -8.02
CA ILE G 434 -1.40 58.13 -6.64
C ILE G 434 -0.22 57.21 -6.35
N LEU G 435 0.02 56.25 -7.24
CA LEU G 435 1.09 55.28 -7.06
C LEU G 435 2.47 55.90 -7.23
N GLN G 436 2.53 57.02 -7.93
CA GLN G 436 3.79 57.75 -8.07
C GLN G 436 4.20 58.36 -6.74
N ASN G 437 3.22 58.87 -6.02
CA ASN G 437 3.47 59.58 -4.77
C ASN G 437 3.35 58.72 -3.52
N PHE G 438 2.55 57.66 -3.61
CA PHE G 438 2.25 56.87 -2.42
C PHE G 438 2.56 55.38 -2.57
N SER G 439 2.48 54.68 -1.45
CA SER G 439 2.48 53.22 -1.43
C SER G 439 1.18 52.80 -0.74
N ILE G 440 0.85 51.52 -0.81
CA ILE G 440 -0.40 51.05 -0.24
C ILE G 440 -0.18 49.95 0.79
N ALA G 441 -0.84 50.08 1.94
CA ALA G 441 -0.70 49.10 3.01
C ALA G 441 -2.06 48.66 3.53
N SER G 442 -2.13 47.42 4.00
CA SER G 442 -3.36 46.87 4.56
C SER G 442 -3.01 45.95 5.73
N PRO G 443 -3.85 45.99 6.78
CA PRO G 443 -3.64 45.11 7.94
C PRO G 443 -4.01 43.66 7.60
N VAL G 444 -4.11 43.35 6.32
CA VAL G 444 -4.50 42.02 5.86
C VAL G 444 -3.55 41.47 4.80
N PRO G 445 -3.22 40.17 4.90
CA PRO G 445 -2.35 39.52 3.93
C PRO G 445 -3.00 39.47 2.56
N PRO G 446 -2.21 39.60 1.50
CA PRO G 446 -2.71 39.51 0.12
C PRO G 446 -3.42 38.18 -0.12
N GLU G 447 -2.89 37.12 0.47
CA GLU G 447 -3.45 35.79 0.32
C GLU G 447 -4.87 35.72 0.89
N ASP G 448 -5.21 36.70 1.71
CA ASP G 448 -6.53 36.76 2.34
C ASP G 448 -7.44 37.79 1.69
N ILE G 449 -6.87 38.58 0.78
CA ILE G 449 -7.64 39.57 0.04
C ILE G 449 -8.66 38.88 -0.84
N ASP G 450 -9.92 38.87 -0.41
CA ASP G 450 -11.00 38.28 -1.19
C ASP G 450 -11.53 39.28 -2.20
N LEU G 451 -11.57 38.86 -3.46
CA LEU G 451 -12.03 39.73 -4.54
C LEU G 451 -13.50 39.53 -4.88
N THR G 452 -14.15 38.64 -4.13
CA THR G 452 -15.56 38.33 -4.37
C THR G 452 -16.44 39.54 -4.07
N PRO G 453 -17.14 40.03 -5.10
CA PRO G 453 -17.96 41.25 -5.02
C PRO G 453 -18.93 41.23 -3.85
N ARG G 454 -19.21 42.40 -3.28
CA ARG G 454 -20.17 42.50 -2.19
C ARG G 454 -21.59 42.42 -2.72
N GLU G 455 -21.71 42.49 -4.04
CA GLU G 455 -22.99 42.40 -4.72
C GLU G 455 -22.68 42.18 -6.20
N SER G 456 -23.53 41.43 -6.89
CA SER G 456 -23.32 41.14 -8.30
C SER G 456 -24.67 41.12 -9.00
N GLY G 457 -24.65 41.33 -10.31
CA GLY G 457 -25.86 41.44 -11.10
C GLY G 457 -25.70 42.55 -12.12
N VAL G 458 -26.75 43.34 -12.31
CA VAL G 458 -26.69 44.46 -13.24
C VAL G 458 -25.39 45.26 -13.06
N GLY G 459 -24.96 45.39 -11.81
CA GLY G 459 -23.71 46.04 -11.50
C GLY G 459 -22.83 45.15 -10.65
N ASN G 460 -21.54 45.45 -10.60
CA ASN G 460 -20.60 44.63 -9.84
C ASN G 460 -19.84 45.44 -8.80
N VAL G 461 -20.49 45.75 -7.70
CA VAL G 461 -19.84 46.45 -6.60
C VAL G 461 -18.87 45.51 -5.90
N PRO G 462 -17.60 45.93 -5.79
CA PRO G 462 -16.58 45.11 -5.13
C PRO G 462 -16.68 45.29 -3.62
N PRO G 463 -16.08 44.37 -2.86
CA PRO G 463 -16.11 44.50 -1.40
C PRO G 463 -15.44 45.80 -0.99
N SER G 464 -15.89 46.39 0.11
CA SER G 464 -15.21 47.55 0.68
C SER G 464 -14.01 47.07 1.48
N TYR G 465 -13.07 47.96 1.74
CA TYR G 465 -11.86 47.57 2.46
C TYR G 465 -11.18 48.74 3.18
N GLN G 466 -10.27 48.39 4.09
CA GLN G 466 -9.43 49.36 4.76
C GLN G 466 -8.11 49.45 4.01
N ILE G 467 -7.68 50.68 3.72
CA ILE G 467 -6.41 50.88 3.05
C ILE G 467 -5.72 52.11 3.65
N ARG G 468 -4.45 52.31 3.29
CA ARG G 468 -3.72 53.50 3.73
C ARG G 468 -2.64 53.87 2.73
N PHE G 469 -2.47 55.17 2.52
CA PHE G 469 -1.52 55.67 1.53
C PHE G 469 -0.31 56.31 2.22
N LEU G 470 0.86 55.74 1.98
CA LEU G 470 2.09 56.22 2.60
C LEU G 470 2.89 57.07 1.63
N ALA G 471 3.18 58.31 2.02
CA ALA G 471 3.96 59.21 1.18
C ALA G 471 5.35 58.66 0.90
N ARG G 472 5.77 58.73 -0.36
CA ARG G 472 7.09 58.27 -0.76
C ARG G 472 8.09 59.42 -0.73
N HIS G 473 9.38 59.09 -0.63
CA HIS G 473 10.43 60.09 -0.61
C HIS G 473 11.66 59.62 -1.38
N GLY H 9 -4.83 -20.68 -44.17
CA GLY H 9 -3.90 -21.68 -44.69
C GLY H 9 -2.46 -21.35 -44.34
N LYS H 10 -2.23 -21.01 -43.08
CA LYS H 10 -0.91 -20.66 -42.56
C LYS H 10 -0.58 -19.18 -42.79
N LEU H 11 0.26 -18.63 -41.93
CA LEU H 11 0.69 -17.24 -42.04
C LEU H 11 1.38 -16.98 -43.37
N PRO H 12 1.27 -15.75 -43.89
CA PRO H 12 1.96 -15.37 -45.12
C PRO H 12 3.44 -15.74 -45.16
N PRO H 13 3.92 -16.19 -46.33
CA PRO H 13 5.30 -16.68 -46.49
C PRO H 13 6.46 -15.87 -45.92
N GLY H 14 7.43 -16.55 -45.32
CA GLY H 14 8.58 -15.90 -44.73
C GLY H 14 9.63 -16.90 -44.29
N PRO H 15 10.83 -16.41 -43.91
CA PRO H 15 11.92 -17.27 -43.45
C PRO H 15 11.54 -18.02 -42.17
N SER H 16 12.00 -19.25 -42.02
CA SER H 16 11.73 -20.04 -40.82
C SER H 16 12.54 -19.54 -39.62
N PRO H 17 11.88 -19.44 -38.46
CA PRO H 17 12.46 -18.86 -37.24
C PRO H 17 13.12 -19.87 -36.32
N LEU H 18 14.21 -19.46 -35.69
CA LEU H 18 14.84 -20.25 -34.64
C LEU H 18 14.07 -19.99 -33.34
N PRO H 19 13.82 -21.05 -32.56
CA PRO H 19 13.19 -20.83 -31.25
C PRO H 19 14.02 -19.83 -30.44
N VAL H 20 13.35 -18.88 -29.80
CA VAL H 20 14.01 -17.83 -29.02
C VAL H 20 14.60 -16.70 -29.87
N LEU H 21 15.49 -17.06 -30.80
CA LEU H 21 16.15 -16.06 -31.64
C LEU H 21 15.20 -15.52 -32.72
N GLY H 22 14.68 -16.41 -33.55
CA GLY H 22 13.73 -16.03 -34.58
C GLY H 22 14.35 -15.83 -35.94
N ASN H 23 14.41 -14.58 -36.38
CA ASN H 23 14.95 -14.23 -37.69
C ASN H 23 16.15 -13.29 -37.62
N LEU H 24 16.84 -13.30 -36.48
CA LEU H 24 18.02 -12.46 -36.31
C LEU H 24 19.09 -12.81 -37.35
N LEU H 25 19.02 -14.03 -37.87
CA LEU H 25 19.96 -14.47 -38.89
C LEU H 25 19.51 -14.01 -40.28
N GLN H 26 18.21 -13.73 -40.41
CA GLN H 26 17.66 -13.19 -41.65
C GLN H 26 17.40 -11.70 -41.54
N MET H 27 18.27 -11.01 -40.79
CA MET H 27 18.15 -9.57 -40.61
C MET H 27 19.18 -8.81 -41.42
N ASP H 28 19.13 -7.48 -41.32
CA ASP H 28 20.11 -6.63 -41.99
C ASP H 28 20.97 -5.93 -40.94
N ARG H 29 21.99 -5.22 -41.39
CA ARG H 29 22.89 -4.52 -40.48
C ARG H 29 22.70 -3.01 -40.54
N LYS H 30 21.66 -2.58 -41.25
CA LYS H 30 21.39 -1.15 -41.41
C LYS H 30 20.18 -0.70 -40.60
N GLY H 31 19.40 -1.65 -40.10
CA GLY H 31 18.25 -1.35 -39.27
C GLY H 31 16.98 -2.09 -39.65
N LEU H 32 15.95 -1.95 -38.82
CA LEU H 32 14.65 -2.58 -39.05
C LEU H 32 14.13 -2.28 -40.46
N LEU H 33 14.19 -1.02 -40.86
CA LEU H 33 13.64 -0.60 -42.14
C LEU H 33 14.33 -1.27 -43.31
N ARG H 34 15.66 -1.11 -43.38
CA ARG H 34 16.43 -1.70 -44.48
C ARG H 34 16.41 -3.23 -44.44
N SER H 35 15.74 -3.78 -43.44
CA SER H 35 15.65 -5.23 -43.28
C SER H 35 14.32 -5.78 -43.80
N PHE H 36 13.24 -5.02 -43.61
CA PHE H 36 11.94 -5.39 -44.15
C PHE H 36 11.98 -5.37 -45.67
N LEU H 37 12.57 -4.31 -46.22
CA LEU H 37 12.66 -4.13 -47.66
C LEU H 37 13.64 -5.11 -48.28
N ARG H 38 14.31 -5.89 -47.44
CA ARG H 38 15.26 -6.89 -47.90
C ARG H 38 14.62 -8.28 -47.94
N LEU H 39 13.88 -8.62 -46.89
CA LEU H 39 13.12 -9.86 -46.87
C LEU H 39 11.87 -9.76 -47.73
N ARG H 40 11.81 -8.70 -48.54
CA ARG H 40 10.72 -8.52 -49.49
C ARG H 40 11.19 -8.88 -50.89
N GLU H 41 12.50 -8.83 -51.09
CA GLU H 41 13.11 -9.14 -52.38
C GLU H 41 13.08 -10.65 -52.65
N LYS H 42 12.63 -11.42 -51.67
CA LYS H 42 12.59 -12.87 -51.79
C LYS H 42 11.31 -13.48 -51.21
N TYR H 43 10.66 -12.75 -50.31
CA TYR H 43 9.48 -13.29 -49.62
C TYR H 43 8.16 -12.63 -50.03
N GLY H 44 8.23 -11.47 -50.69
CA GLY H 44 7.03 -10.85 -51.23
C GLY H 44 6.63 -9.53 -50.60
N ASP H 45 5.40 -9.10 -50.87
CA ASP H 45 4.88 -7.84 -50.37
C ASP H 45 4.32 -7.97 -48.95
N VAL H 46 3.62 -9.07 -48.69
CA VAL H 46 3.13 -9.36 -47.35
C VAL H 46 3.78 -10.63 -46.83
N PHE H 47 4.83 -10.46 -46.04
CA PHE H 47 5.64 -11.58 -45.55
C PHE H 47 5.73 -11.58 -44.03
N THR H 48 6.02 -12.76 -43.47
CA THR H 48 6.10 -12.92 -42.03
C THR H 48 7.54 -13.11 -41.55
N VAL H 49 7.91 -12.33 -40.54
CA VAL H 49 9.23 -12.45 -39.91
C VAL H 49 9.03 -12.49 -38.40
N TYR H 50 9.95 -13.13 -37.69
CA TYR H 50 9.82 -13.29 -36.25
C TYR H 50 10.67 -12.24 -35.54
N LEU H 51 10.01 -11.25 -34.94
CA LEU H 51 10.71 -10.23 -34.15
C LEU H 51 11.00 -10.87 -32.80
N GLY H 52 12.18 -11.47 -32.68
CA GLY H 52 12.57 -12.13 -31.45
C GLY H 52 11.87 -13.45 -31.21
N SER H 53 10.71 -13.38 -30.58
CA SER H 53 9.93 -14.59 -30.27
C SER H 53 8.47 -14.43 -30.70
N ARG H 54 8.18 -13.35 -31.42
CA ARG H 54 6.83 -13.08 -31.88
C ARG H 54 6.77 -12.91 -33.40
N PRO H 55 5.64 -13.29 -34.02
CA PRO H 55 5.46 -13.20 -35.47
C PRO H 55 4.86 -11.87 -35.89
N VAL H 56 5.62 -11.09 -36.66
CA VAL H 56 5.15 -9.80 -37.14
C VAL H 56 4.94 -9.80 -38.66
N VAL H 57 3.69 -9.73 -39.09
CA VAL H 57 3.36 -9.74 -40.50
C VAL H 57 3.59 -8.37 -41.14
N VAL H 58 4.50 -8.33 -42.10
CA VAL H 58 4.88 -7.07 -42.74
C VAL H 58 4.00 -6.75 -43.94
N LEU H 59 3.65 -5.49 -44.08
CA LEU H 59 2.98 -5.01 -45.29
C LEU H 59 3.99 -4.25 -46.15
N CYS H 60 3.86 -4.37 -47.47
CA CYS H 60 4.75 -3.67 -48.38
C CYS H 60 4.01 -3.21 -49.63
N GLY H 61 4.25 -1.96 -50.02
CA GLY H 61 3.57 -1.38 -51.16
C GLY H 61 2.24 -0.78 -50.77
N THR H 62 1.82 0.25 -51.50
CA THR H 62 0.56 0.93 -51.21
C THR H 62 -0.64 0.02 -51.38
N ASP H 63 -0.54 -0.93 -52.30
CA ASP H 63 -1.65 -1.82 -52.63
C ASP H 63 -2.08 -2.68 -51.44
N ALA H 64 -1.11 -3.32 -50.80
CA ALA H 64 -1.40 -4.23 -49.70
C ALA H 64 -1.69 -3.50 -48.39
N ILE H 65 -1.15 -2.29 -48.26
CA ILE H 65 -1.40 -1.47 -47.08
C ILE H 65 -2.86 -1.02 -47.04
N ARG H 66 -3.38 -0.66 -48.22
CA ARG H 66 -4.76 -0.20 -48.33
C ARG H 66 -5.74 -1.36 -48.35
N GLU H 67 -5.30 -2.50 -48.89
CA GLU H 67 -6.13 -3.70 -48.90
C GLU H 67 -6.26 -4.26 -47.49
N ALA H 68 -5.35 -3.85 -46.60
CA ALA H 68 -5.35 -4.32 -45.22
C ALA H 68 -5.92 -3.28 -44.26
N LEU H 69 -5.29 -2.11 -44.22
CA LEU H 69 -5.70 -1.05 -43.29
C LEU H 69 -6.95 -0.29 -43.74
N VAL H 70 -7.28 -0.39 -45.02
CA VAL H 70 -8.45 0.33 -45.54
C VAL H 70 -9.59 -0.61 -45.94
N ASP H 71 -9.29 -1.59 -46.79
CA ASP H 71 -10.29 -2.54 -47.26
C ASP H 71 -10.95 -3.39 -46.19
N GLN H 72 -10.14 -3.92 -45.27
CA GLN H 72 -10.67 -4.64 -44.12
C GLN H 72 -10.08 -3.83 -42.96
N ALA H 73 -10.75 -2.73 -42.62
CA ALA H 73 -10.20 -1.73 -41.70
C ALA H 73 -10.60 -1.97 -40.25
N GLU H 74 -11.55 -2.87 -40.03
CA GLU H 74 -12.01 -3.17 -38.67
C GLU H 74 -11.41 -4.47 -38.14
N ALA H 75 -10.54 -5.07 -38.95
CA ALA H 75 -9.84 -6.28 -38.54
C ALA H 75 -8.34 -5.99 -38.37
N PHE H 76 -7.90 -4.88 -38.95
CA PHE H 76 -6.50 -4.44 -38.86
C PHE H 76 -6.36 -3.16 -38.05
N SER H 77 -7.34 -2.86 -37.20
CA SER H 77 -7.32 -1.61 -36.44
C SER H 77 -6.99 -1.71 -34.96
N GLY H 78 -6.16 -2.68 -34.62
CA GLY H 78 -5.67 -2.81 -33.25
C GLY H 78 -4.33 -2.16 -33.00
N ARG H 79 -3.96 -2.02 -31.73
CA ARG H 79 -2.70 -1.38 -31.37
C ARG H 79 -1.75 -2.31 -30.61
N GLY H 80 -0.72 -2.76 -31.31
CA GLY H 80 0.35 -3.50 -30.65
C GLY H 80 1.13 -2.55 -29.76
N LYS H 81 2.30 -2.98 -29.32
CA LYS H 81 3.13 -2.12 -28.46
C LYS H 81 4.46 -1.77 -29.11
N ILE H 82 5.24 -0.97 -28.42
CA ILE H 82 6.60 -0.66 -28.84
C ILE H 82 7.58 -1.00 -27.74
N ALA H 83 8.66 -1.68 -28.10
CA ALA H 83 9.63 -2.18 -27.13
C ALA H 83 10.04 -1.14 -26.09
N VAL H 84 10.61 -0.03 -26.55
CA VAL H 84 11.21 0.96 -25.66
C VAL H 84 10.20 1.75 -24.82
N VAL H 85 9.11 2.17 -25.43
CA VAL H 85 8.17 3.07 -24.76
C VAL H 85 6.87 2.39 -24.31
N ASP H 86 6.91 1.07 -24.13
CA ASP H 86 5.75 0.35 -23.62
C ASP H 86 5.66 0.41 -22.09
N PRO H 87 6.81 0.28 -21.41
CA PRO H 87 6.82 0.42 -19.94
C PRO H 87 6.39 1.80 -19.46
N ILE H 88 6.13 2.72 -20.38
CA ILE H 88 5.62 4.05 -20.03
C ILE H 88 4.10 4.09 -20.15
N PHE H 89 3.59 3.72 -21.31
CA PHE H 89 2.16 3.69 -21.56
C PHE H 89 1.55 2.40 -21.01
N GLN H 90 2.03 1.27 -21.51
CA GLN H 90 1.57 -0.05 -21.08
C GLN H 90 0.10 -0.29 -21.40
N GLY H 91 -0.29 0.00 -22.63
CA GLY H 91 -1.64 -0.27 -23.10
C GLY H 91 -2.64 0.83 -22.79
N TYR H 92 -2.16 1.89 -22.14
CA TYR H 92 -3.01 3.03 -21.81
C TYR H 92 -2.65 4.26 -22.65
N GLY H 93 -3.51 5.27 -22.62
CA GLY H 93 -3.30 6.45 -23.44
C GLY H 93 -3.90 6.25 -24.82
N VAL H 94 -4.39 7.34 -25.42
CA VAL H 94 -5.12 7.27 -26.67
C VAL H 94 -4.36 6.51 -27.77
N ILE H 95 -3.05 6.71 -27.83
CA ILE H 95 -2.24 6.12 -28.91
C ILE H 95 -2.07 4.62 -28.78
N PHE H 96 -1.74 4.15 -27.57
CA PHE H 96 -1.47 2.73 -27.36
C PHE H 96 -2.69 1.93 -26.92
N ALA H 97 -3.74 2.62 -26.51
CA ALA H 97 -4.95 1.95 -26.05
C ALA H 97 -5.52 1.02 -27.13
N ASN H 98 -6.21 -0.03 -26.68
CA ASN H 98 -6.81 -0.99 -27.60
C ASN H 98 -8.21 -1.42 -27.17
N GLY H 99 -9.00 -1.92 -28.11
CA GLY H 99 -10.36 -2.35 -27.82
C GLY H 99 -11.32 -1.19 -27.69
N GLU H 100 -12.09 -1.18 -26.61
CA GLU H 100 -13.04 -0.11 -26.35
C GLU H 100 -12.31 1.10 -25.75
N ARG H 101 -11.20 0.84 -25.07
CA ARG H 101 -10.39 1.89 -24.47
C ARG H 101 -9.89 2.87 -25.54
N TRP H 102 -9.84 2.39 -26.79
CA TRP H 102 -9.34 3.20 -27.89
C TRP H 102 -10.47 3.89 -28.66
N ARG H 103 -11.64 3.29 -28.68
CA ARG H 103 -12.81 3.90 -29.32
C ARG H 103 -13.35 5.00 -28.41
N ALA H 104 -12.94 4.97 -27.15
CA ALA H 104 -13.39 5.95 -26.16
C ALA H 104 -12.52 7.20 -26.17
N LEU H 105 -11.20 6.99 -26.18
CA LEU H 105 -10.24 8.09 -26.14
C LEU H 105 -10.01 8.73 -27.50
N ARG H 106 -10.31 7.98 -28.57
CA ARG H 106 -10.20 8.54 -29.91
C ARG H 106 -11.39 9.43 -30.21
N ARG H 107 -12.55 9.06 -29.69
CA ARG H 107 -13.75 9.86 -29.86
C ARG H 107 -13.71 11.06 -28.93
N PHE H 108 -13.13 10.87 -27.74
CA PHE H 108 -13.00 11.94 -26.77
C PHE H 108 -12.02 13.01 -27.25
N SER H 109 -10.76 12.62 -27.40
CA SER H 109 -9.72 13.55 -27.86
C SER H 109 -10.16 14.27 -29.13
N LEU H 110 -10.93 13.56 -29.97
CA LEU H 110 -11.43 14.13 -31.21
C LEU H 110 -12.53 15.16 -30.94
N ALA H 111 -13.48 14.80 -30.10
CA ALA H 111 -14.64 15.65 -29.84
C ALA H 111 -14.32 16.79 -28.86
N THR H 112 -13.12 16.75 -28.28
CA THR H 112 -12.70 17.80 -27.36
C THR H 112 -11.87 18.86 -28.08
N MET H 113 -10.99 18.42 -28.97
CA MET H 113 -10.12 19.33 -29.72
C MET H 113 -10.89 20.10 -30.78
N ARG H 114 -11.78 19.39 -31.49
CA ARG H 114 -12.57 20.02 -32.54
C ARG H 114 -13.45 21.13 -32.00
N ASP H 115 -13.66 21.12 -30.69
CA ASP H 115 -14.45 22.16 -30.03
C ASP H 115 -13.65 23.45 -29.87
N PHE H 116 -12.33 23.41 -29.29
CA PHE H 116 -11.43 24.59 -29.11
C PHE H 116 -10.69 25.10 -30.15
N GLY H 117 -10.79 24.63 -31.43
CA GLY H 117 -9.73 24.96 -32.47
C GLY H 117 -9.18 23.86 -33.41
N MET H 118 -9.68 22.72 -33.76
CA MET H 118 -9.20 21.83 -34.81
C MET H 118 -10.06 21.62 -36.06
N GLY H 119 -11.21 22.29 -36.09
CA GLY H 119 -12.15 22.13 -37.18
C GLY H 119 -12.20 23.31 -38.12
N LYS H 120 -11.06 24.00 -38.27
CA LYS H 120 -10.92 25.07 -39.25
C LYS H 120 -11.28 26.47 -38.77
N ARG H 121 -11.69 26.56 -37.46
CA ARG H 121 -12.08 27.92 -36.98
C ARG H 121 -11.29 28.69 -35.93
N SER H 122 -10.81 28.14 -34.87
CA SER H 122 -9.99 28.85 -33.89
C SER H 122 -8.53 28.48 -34.13
N VAL H 123 -8.33 27.39 -34.86
CA VAL H 123 -7.00 26.90 -35.17
C VAL H 123 -6.17 27.84 -36.03
N GLU H 124 -6.81 28.47 -37.01
CA GLU H 124 -6.11 29.36 -37.94
C GLU H 124 -5.51 30.55 -37.20
N GLU H 125 -6.26 31.12 -36.27
CA GLU H 125 -5.78 32.24 -35.49
C GLU H 125 -4.57 31.82 -34.65
N ARG H 126 -4.66 30.62 -34.08
CA ARG H 126 -3.60 30.09 -33.24
C ARG H 126 -2.28 29.87 -33.99
N ILE H 127 -2.38 29.36 -35.22
CA ILE H 127 -1.19 29.07 -36.00
C ILE H 127 -0.74 30.26 -36.83
N GLN H 128 -1.69 31.12 -37.18
CA GLN H 128 -1.39 32.35 -37.91
C GLN H 128 -0.81 33.37 -36.95
N GLU H 129 -1.14 33.22 -35.66
CA GLU H 129 -0.62 34.10 -34.62
C GLU H 129 0.73 33.62 -34.13
N GLU H 130 0.98 32.32 -34.24
CA GLU H 130 2.25 31.74 -33.84
C GLU H 130 3.29 31.93 -34.94
N ALA H 131 2.80 32.09 -36.17
CA ALA H 131 3.65 32.40 -37.30
C ALA H 131 3.93 33.90 -37.34
N ARG H 132 3.47 34.59 -36.31
CA ARG H 132 3.69 36.03 -36.18
C ARG H 132 4.71 36.31 -35.08
N CYS H 133 4.75 35.45 -34.07
CA CYS H 133 5.75 35.54 -33.02
C CYS H 133 7.05 34.89 -33.46
N LEU H 134 6.95 33.98 -34.43
CA LEU H 134 8.10 33.28 -34.97
C LEU H 134 8.85 34.18 -35.95
N VAL H 135 8.11 34.75 -36.90
CA VAL H 135 8.69 35.67 -37.88
C VAL H 135 9.24 36.92 -37.19
N GLU H 136 8.98 37.02 -35.89
CA GLU H 136 9.46 38.14 -35.10
C GLU H 136 10.74 37.77 -34.36
N GLU H 137 10.86 36.50 -33.98
CA GLU H 137 12.04 36.00 -33.30
C GLU H 137 13.21 35.82 -34.26
N LEU H 138 12.94 35.29 -35.43
CA LEU H 138 13.96 35.13 -36.44
C LEU H 138 14.45 36.53 -36.79
N ARG H 139 13.52 37.47 -36.83
CA ARG H 139 13.83 38.84 -37.20
C ARG H 139 14.71 39.47 -36.12
N LYS H 140 14.71 38.86 -34.95
CA LYS H 140 15.42 39.40 -33.80
C LYS H 140 16.89 38.97 -33.72
N SER H 141 17.25 37.96 -34.50
CA SER H 141 18.61 37.41 -34.44
C SER H 141 19.52 37.85 -35.58
N LYS H 142 19.12 38.90 -36.28
CA LYS H 142 19.96 39.55 -37.29
C LYS H 142 20.60 38.59 -38.31
N GLY H 143 19.75 37.81 -38.98
CA GLY H 143 20.20 36.93 -40.06
C GLY H 143 21.54 36.25 -39.88
N ALA H 144 21.70 35.54 -38.77
CA ALA H 144 22.91 34.78 -38.50
C ALA H 144 22.60 33.29 -38.48
N LEU H 145 23.63 32.46 -38.49
CA LEU H 145 23.45 31.00 -38.46
C LEU H 145 22.70 30.56 -37.21
N LEU H 146 21.56 29.92 -37.41
CA LEU H 146 20.74 29.44 -36.31
C LEU H 146 20.35 27.97 -36.51
N ASP H 147 20.23 27.24 -35.42
CA ASP H 147 19.76 25.87 -35.48
C ASP H 147 18.29 25.83 -35.10
N ASN H 148 17.43 25.68 -36.10
CA ASN H 148 15.99 25.82 -35.93
C ASN H 148 15.32 24.65 -35.19
N THR H 149 16.09 23.63 -34.84
CA THR H 149 15.55 22.46 -34.17
C THR H 149 14.73 22.83 -32.94
N LEU H 150 15.18 23.86 -32.22
CA LEU H 150 14.48 24.31 -31.03
C LEU H 150 13.37 25.30 -31.36
N LEU H 151 13.64 26.16 -32.34
CA LEU H 151 12.69 27.20 -32.73
C LEU H 151 11.42 26.65 -33.34
N PHE H 152 11.56 25.60 -34.17
CA PHE H 152 10.42 25.00 -34.83
C PHE H 152 9.65 24.06 -33.88
N HIS H 153 10.40 23.39 -33.01
CA HIS H 153 9.79 22.50 -32.02
C HIS H 153 8.84 23.26 -31.12
N SER H 154 9.18 24.52 -30.86
CA SER H 154 8.40 25.36 -29.95
C SER H 154 7.12 25.86 -30.62
N ILE H 155 7.19 26.14 -31.92
CA ILE H 155 6.04 26.64 -32.66
C ILE H 155 4.90 25.62 -32.67
N THR H 156 5.24 24.37 -32.95
CA THR H 156 4.26 23.29 -32.98
C THR H 156 3.76 22.97 -31.58
N SER H 157 4.61 23.20 -30.58
CA SER H 157 4.28 22.86 -29.20
C SER H 157 3.20 23.79 -28.63
N ASN H 158 3.25 25.07 -29.01
CA ASN H 158 2.23 26.02 -28.58
C ASN H 158 0.90 25.81 -29.28
N ILE H 159 0.90 24.91 -30.27
CA ILE H 159 -0.32 24.57 -31.00
C ILE H 159 -1.09 23.50 -30.26
N ILE H 160 -0.38 22.62 -29.57
CA ILE H 160 -1.01 21.57 -28.77
C ILE H 160 -1.05 22.01 -27.30
N CYS H 161 -0.31 23.06 -26.98
CA CYS H 161 -0.29 23.62 -25.63
C CYS H 161 -1.51 24.50 -25.40
N SER H 162 -2.09 25.00 -26.49
CA SER H 162 -3.27 25.85 -26.41
C SER H 162 -4.55 25.02 -26.44
N ILE H 163 -4.39 23.71 -26.60
CA ILE H 163 -5.53 22.81 -26.70
C ILE H 163 -5.52 21.76 -25.59
N VAL H 164 -4.33 21.33 -25.18
CA VAL H 164 -4.20 20.30 -24.17
C VAL H 164 -3.63 20.85 -22.87
N PHE H 165 -3.15 22.08 -22.91
CA PHE H 165 -2.60 22.72 -21.72
C PHE H 165 -3.25 24.06 -21.43
N GLY H 166 -3.81 24.69 -22.47
CA GLY H 166 -4.52 25.94 -22.31
C GLY H 166 -3.67 27.17 -22.56
N LYS H 167 -2.39 27.10 -22.19
CA LYS H 167 -1.50 28.24 -22.33
C LYS H 167 -0.41 28.00 -23.37
N ARG H 168 0.50 28.96 -23.49
CA ARG H 168 1.67 28.82 -24.34
C ARG H 168 2.89 29.39 -23.60
N PHE H 169 4.09 29.11 -24.12
CA PHE H 169 5.31 29.51 -23.44
C PHE H 169 6.19 30.40 -24.31
N ASP H 170 6.84 31.37 -23.67
CA ASP H 170 7.78 32.24 -24.36
C ASP H 170 8.93 31.39 -24.92
N TYR H 171 9.46 31.80 -26.06
CA TYR H 171 10.46 30.98 -26.77
C TYR H 171 11.76 30.77 -26.00
N LYS H 172 11.91 31.42 -24.86
CA LYS H 172 13.12 31.27 -24.05
C LYS H 172 12.78 30.92 -22.61
N ASP H 173 11.59 30.35 -22.41
CA ASP H 173 11.13 29.93 -21.09
C ASP H 173 11.68 28.55 -20.75
N PRO H 174 12.65 28.49 -19.82
CA PRO H 174 13.41 27.29 -19.45
C PRO H 174 12.55 26.09 -19.04
N VAL H 175 11.39 26.33 -18.42
CA VAL H 175 10.52 25.23 -18.03
C VAL H 175 9.94 24.56 -19.28
N PHE H 176 9.83 25.35 -20.34
CA PHE H 176 9.30 24.87 -21.62
C PHE H 176 10.41 24.35 -22.52
N LEU H 177 11.58 24.95 -22.41
CA LEU H 177 12.72 24.59 -23.24
C LEU H 177 13.36 23.26 -22.82
N ARG H 178 13.12 22.86 -21.58
CA ARG H 178 13.65 21.59 -21.06
C ARG H 178 12.64 20.46 -21.24
N LEU H 179 11.37 20.82 -21.42
CA LEU H 179 10.32 19.84 -21.67
C LEU H 179 10.33 19.38 -23.12
N LEU H 180 10.86 20.22 -24.00
CA LEU H 180 10.90 19.93 -25.43
C LEU H 180 12.23 19.30 -25.85
N ASP H 181 13.25 19.45 -25.01
CA ASP H 181 14.54 18.82 -25.27
C ASP H 181 14.48 17.35 -24.84
N LEU H 182 13.49 17.02 -24.02
CA LEU H 182 13.20 15.63 -23.70
C LEU H 182 12.50 15.01 -24.91
N PHE H 183 11.48 15.70 -25.40
CA PHE H 183 10.73 15.25 -26.58
C PHE H 183 11.66 15.02 -27.76
N PHE H 184 12.69 15.86 -27.87
CA PHE H 184 13.64 15.76 -28.97
C PHE H 184 14.56 14.54 -28.81
N GLN H 185 15.38 14.54 -27.77
CA GLN H 185 16.34 13.47 -27.55
C GLN H 185 15.69 12.10 -27.35
N SER H 186 14.40 12.09 -27.02
CA SER H 186 13.67 10.84 -26.87
C SER H 186 13.33 10.24 -28.22
N PHE H 187 13.07 11.10 -29.20
CA PHE H 187 12.69 10.66 -30.54
C PHE H 187 13.85 9.96 -31.24
N SER H 188 15.05 10.50 -31.08
CA SER H 188 16.23 9.89 -31.67
C SER H 188 16.73 8.71 -30.83
N LEU H 189 16.14 8.55 -29.65
CA LEU H 189 16.42 7.40 -28.82
C LEU H 189 15.51 6.23 -29.17
N ILE H 190 14.25 6.53 -29.49
CA ILE H 190 13.31 5.51 -29.93
C ILE H 190 13.65 5.08 -31.36
N SER H 191 14.37 5.94 -32.06
CA SER H 191 14.68 5.70 -33.47
C SER H 191 16.14 5.28 -33.68
N SER H 192 16.86 5.07 -32.59
CA SER H 192 18.26 4.69 -32.66
C SER H 192 18.43 3.22 -33.00
N PHE H 193 19.68 2.81 -33.17
CA PHE H 193 20.00 1.41 -33.45
C PHE H 193 19.66 0.54 -32.25
N SER H 194 20.06 1.00 -31.06
CA SER H 194 19.87 0.23 -29.83
C SER H 194 18.41 -0.11 -29.57
N SER H 195 17.51 0.81 -29.90
CA SER H 195 16.08 0.59 -29.68
C SER H 195 15.47 -0.33 -30.73
N GLN H 196 16.25 -0.68 -31.73
CA GLN H 196 15.80 -1.61 -32.77
C GLN H 196 16.08 -3.04 -32.34
N VAL H 197 17.26 -3.27 -31.78
CA VAL H 197 17.63 -4.58 -31.27
C VAL H 197 16.89 -4.86 -29.95
N PHE H 198 16.58 -3.78 -29.23
CA PHE H 198 15.80 -3.89 -28.00
C PHE H 198 14.38 -4.36 -28.34
N GLU H 199 13.96 -4.09 -29.57
CA GLU H 199 12.67 -4.57 -30.06
C GLU H 199 12.76 -6.07 -30.31
N LEU H 200 13.95 -6.53 -30.68
CA LEU H 200 14.20 -7.94 -30.96
C LEU H 200 14.24 -8.78 -29.68
N PHE H 201 15.05 -8.35 -28.71
CA PHE H 201 15.22 -9.12 -27.48
C PHE H 201 14.99 -8.24 -26.26
N SER H 202 13.74 -7.83 -26.07
CA SER H 202 13.37 -6.99 -24.93
C SER H 202 13.43 -7.76 -23.62
N GLY H 203 12.89 -8.98 -23.61
CA GLY H 203 12.92 -9.81 -22.42
C GLY H 203 14.33 -10.00 -21.90
N PHE H 204 15.28 -10.10 -22.83
CA PHE H 204 16.68 -10.29 -22.49
C PHE H 204 17.34 -8.96 -22.12
N LEU H 205 17.21 -7.98 -23.01
CA LEU H 205 17.90 -6.70 -22.86
C LEU H 205 17.13 -5.67 -22.03
N LYS H 206 16.22 -6.12 -21.18
CA LYS H 206 15.45 -5.22 -20.32
C LYS H 206 16.07 -5.14 -18.92
N TYR H 207 17.02 -6.02 -18.65
CA TYR H 207 17.67 -6.04 -17.34
C TYR H 207 19.05 -5.38 -17.42
N PHE H 208 19.64 -5.38 -18.61
CA PHE H 208 20.93 -4.74 -18.82
C PHE H 208 20.76 -3.26 -19.10
N PRO H 209 21.71 -2.45 -18.62
CA PRO H 209 21.73 -1.00 -18.89
C PRO H 209 21.68 -0.71 -20.39
N GLY H 210 20.61 -0.05 -20.83
CA GLY H 210 20.45 0.29 -22.23
C GLY H 210 19.78 1.64 -22.41
N THR H 211 19.58 2.04 -23.66
CA THR H 211 18.94 3.31 -23.96
C THR H 211 17.42 3.19 -23.86
N HIS H 212 16.95 2.13 -23.21
CA HIS H 212 15.52 1.88 -23.06
C HIS H 212 14.99 2.50 -21.77
N ARG H 213 15.85 2.61 -20.77
CA ARG H 213 15.48 3.21 -19.49
C ARG H 213 15.70 4.73 -19.54
N GLN H 214 16.51 5.18 -20.48
CA GLN H 214 16.76 6.61 -20.67
C GLN H 214 15.62 7.24 -21.48
N ILE H 215 14.80 6.39 -22.07
CA ILE H 215 13.57 6.84 -22.72
C ILE H 215 12.46 6.83 -21.69
N TYR H 216 12.58 5.94 -20.70
CA TYR H 216 11.64 5.85 -19.60
C TYR H 216 11.84 7.00 -18.62
N ARG H 217 13.09 7.35 -18.38
CA ARG H 217 13.42 8.45 -17.47
C ARG H 217 13.10 9.80 -18.09
N ASN H 218 13.17 9.87 -19.41
CA ASN H 218 12.83 11.09 -20.14
C ASN H 218 11.32 11.33 -20.18
N LEU H 219 10.56 10.26 -20.33
CA LEU H 219 9.10 10.35 -20.31
C LEU H 219 8.58 10.35 -18.89
N GLN H 220 9.44 9.96 -17.95
CA GLN H 220 9.08 9.97 -16.54
C GLN H 220 9.27 11.37 -15.99
N GLU H 221 9.86 12.23 -16.81
CA GLU H 221 10.08 13.62 -16.47
C GLU H 221 9.02 14.51 -17.11
N ILE H 222 8.53 14.07 -18.26
CA ILE H 222 7.45 14.78 -18.95
C ILE H 222 6.13 14.46 -18.27
N ASN H 223 6.05 13.28 -17.66
CA ASN H 223 4.84 12.87 -16.93
C ASN H 223 4.78 13.47 -15.53
N THR H 224 5.90 14.04 -15.08
CA THR H 224 5.94 14.73 -13.80
C THR H 224 5.50 16.17 -14.00
N PHE H 225 5.63 16.67 -15.23
CA PHE H 225 5.13 17.99 -15.58
C PHE H 225 3.67 17.91 -16.03
N ILE H 226 3.31 16.80 -16.68
CA ILE H 226 1.92 16.55 -17.05
C ILE H 226 1.08 16.42 -15.78
N GLY H 227 1.61 15.68 -14.81
CA GLY H 227 0.94 15.49 -13.55
C GLY H 227 0.88 16.75 -12.71
N GLN H 228 1.98 17.51 -12.70
CA GLN H 228 2.04 18.74 -11.93
C GLN H 228 1.41 19.89 -12.72
N SER H 229 0.92 19.57 -13.92
CA SER H 229 0.09 20.50 -14.68
C SER H 229 -1.37 20.13 -14.48
N VAL H 230 -1.62 18.82 -14.34
CA VAL H 230 -2.94 18.31 -13.99
C VAL H 230 -3.28 18.73 -12.57
N GLU H 231 -2.25 18.79 -11.73
CA GLU H 231 -2.40 19.22 -10.35
C GLU H 231 -2.87 20.67 -10.30
N LYS H 232 -2.35 21.48 -11.21
CA LYS H 232 -2.70 22.89 -11.28
C LYS H 232 -4.11 23.09 -11.83
N HIS H 233 -4.52 22.20 -12.72
CA HIS H 233 -5.84 22.28 -13.34
C HIS H 233 -6.95 21.84 -12.40
N ARG H 234 -6.62 21.03 -11.41
CA ARG H 234 -7.61 20.43 -10.53
C ARG H 234 -7.99 21.32 -9.34
N ALA H 235 -7.21 22.38 -9.12
CA ALA H 235 -7.44 23.27 -7.97
C ALA H 235 -7.99 24.63 -8.40
N THR H 236 -8.35 24.75 -9.67
CA THR H 236 -8.87 26.01 -10.20
C THR H 236 -10.12 25.80 -11.03
N LEU H 237 -10.36 24.55 -11.40
CA LEU H 237 -11.44 24.18 -12.31
C LEU H 237 -12.75 24.92 -12.03
N ASP H 238 -13.34 25.47 -13.09
CA ASP H 238 -14.64 26.12 -13.02
C ASP H 238 -15.59 25.42 -13.99
N PRO H 239 -16.53 24.63 -13.45
CA PRO H 239 -17.43 23.75 -14.21
C PRO H 239 -18.21 24.44 -15.33
N SER H 240 -18.29 25.78 -15.30
CA SER H 240 -19.10 26.53 -16.27
C SER H 240 -18.34 26.91 -17.53
N ASN H 241 -17.03 27.05 -17.44
CA ASN H 241 -16.23 27.43 -18.60
C ASN H 241 -14.87 26.72 -18.67
N PRO H 242 -14.88 25.43 -19.03
CA PRO H 242 -13.66 24.63 -19.18
C PRO H 242 -12.65 25.34 -20.08
N ARG H 243 -11.37 25.27 -19.72
CA ARG H 243 -10.32 26.03 -20.40
C ARG H 243 -9.64 25.22 -21.50
N ASP H 244 -9.49 23.92 -21.29
CA ASP H 244 -8.75 23.11 -22.25
C ASP H 244 -9.00 21.62 -22.09
N PHE H 245 -8.22 20.81 -22.82
CA PHE H 245 -8.40 19.37 -22.87
C PHE H 245 -8.39 18.65 -21.52
N ILE H 246 -7.58 19.17 -20.60
CA ILE H 246 -7.45 18.55 -19.27
C ILE H 246 -8.66 18.85 -18.38
N ASP H 247 -9.38 19.91 -18.69
CA ASP H 247 -10.60 20.26 -17.96
C ASP H 247 -11.79 19.44 -18.45
N VAL H 248 -11.99 19.43 -19.77
CA VAL H 248 -13.09 18.68 -20.37
C VAL H 248 -12.95 17.18 -20.09
N TYR H 249 -11.75 16.78 -19.69
CA TYR H 249 -11.50 15.40 -19.29
C TYR H 249 -11.72 15.24 -17.80
N LEU H 250 -11.41 16.30 -17.05
CA LEU H 250 -11.57 16.30 -15.60
C LEU H 250 -13.05 16.34 -15.21
N LEU H 251 -13.85 17.04 -16.02
CA LEU H 251 -15.30 17.09 -15.82
C LEU H 251 -15.94 15.82 -16.39
N ARG H 252 -15.19 15.15 -17.26
CA ARG H 252 -15.61 13.86 -17.80
C ARG H 252 -15.11 12.74 -16.89
N MET H 253 -14.48 13.12 -15.79
CA MET H 253 -14.03 12.18 -14.78
C MET H 253 -14.78 12.43 -13.48
N GLU H 254 -15.41 13.60 -13.39
CA GLU H 254 -16.22 13.95 -12.24
C GLU H 254 -17.61 13.34 -12.37
N LYS H 255 -18.13 13.31 -13.59
CA LYS H 255 -19.42 12.70 -13.86
C LYS H 255 -19.29 11.20 -14.11
N ASP H 256 -18.07 10.69 -13.94
CA ASP H 256 -17.78 9.28 -14.13
C ASP H 256 -17.11 8.67 -12.90
N LYS H 257 -17.52 9.12 -11.72
CA LYS H 257 -16.93 8.68 -10.47
C LYS H 257 -17.62 7.44 -9.91
N SER H 258 -18.87 7.23 -10.32
CA SER H 258 -19.65 6.11 -9.84
C SER H 258 -19.43 4.85 -10.68
N ASP H 259 -18.80 5.02 -11.83
CA ASP H 259 -18.54 3.90 -12.74
C ASP H 259 -17.15 3.32 -12.50
N PRO H 260 -17.09 2.13 -11.87
CA PRO H 260 -15.81 1.48 -11.55
C PRO H 260 -15.16 0.82 -12.76
N SER H 261 -15.73 1.00 -13.94
CA SER H 261 -15.16 0.44 -15.17
C SER H 261 -15.26 1.42 -16.33
N SER H 262 -14.79 2.65 -16.08
CA SER H 262 -14.77 3.68 -17.10
C SER H 262 -13.34 3.85 -17.62
N GLU H 263 -13.19 4.53 -18.75
CA GLU H 263 -11.89 4.77 -19.35
C GLU H 263 -11.41 6.19 -19.08
N PHE H 264 -11.86 6.78 -17.97
CA PHE H 264 -11.49 8.15 -17.64
C PHE H 264 -10.79 8.26 -16.30
N HIS H 265 -9.92 7.30 -15.99
CA HIS H 265 -9.15 7.33 -14.76
C HIS H 265 -8.01 8.34 -14.87
N HIS H 266 -7.24 8.49 -13.80
CA HIS H 266 -6.09 9.40 -13.82
C HIS H 266 -4.94 8.76 -14.58
N GLN H 267 -4.95 7.43 -14.65
CA GLN H 267 -3.94 6.69 -15.39
C GLN H 267 -4.05 6.97 -16.89
N ASN H 268 -5.28 7.21 -17.35
CA ASN H 268 -5.52 7.51 -18.76
C ASN H 268 -5.43 9.00 -19.08
N LEU H 269 -5.75 9.84 -18.11
CA LEU H 269 -5.69 11.28 -18.29
C LEU H 269 -4.25 11.74 -18.55
N ILE H 270 -3.31 11.15 -17.82
CA ILE H 270 -1.90 11.51 -17.96
C ILE H 270 -1.28 11.00 -19.25
N LEU H 271 -1.65 9.78 -19.64
CA LEU H 271 -1.03 9.12 -20.80
C LEU H 271 -1.61 9.57 -22.14
N THR H 272 -2.80 10.15 -22.13
CA THR H 272 -3.38 10.71 -23.35
C THR H 272 -2.75 12.06 -23.65
N VAL H 273 -2.64 12.89 -22.61
CA VAL H 273 -2.03 14.20 -22.75
C VAL H 273 -0.57 14.08 -23.17
N LEU H 274 0.05 12.95 -22.85
CA LEU H 274 1.43 12.68 -23.24
C LEU H 274 1.51 12.31 -24.72
N SER H 275 0.69 11.36 -25.13
CA SER H 275 0.64 10.93 -26.53
C SER H 275 0.45 12.12 -27.46
N LEU H 276 -0.42 13.04 -27.06
CA LEU H 276 -0.73 14.22 -27.86
C LEU H 276 0.43 15.22 -27.85
N PHE H 277 0.93 15.53 -26.65
CA PHE H 277 2.01 16.48 -26.49
C PHE H 277 3.28 16.02 -27.19
N PHE H 278 3.45 14.70 -27.28
CA PHE H 278 4.61 14.11 -27.93
C PHE H 278 4.42 14.09 -29.44
N ALA H 279 3.33 13.49 -29.87
CA ALA H 279 3.02 13.34 -31.30
C ALA H 279 2.90 14.69 -32.00
N GLY H 280 2.14 15.59 -31.41
CA GLY H 280 1.86 16.88 -32.01
C GLY H 280 3.02 17.86 -32.01
N THR H 281 4.10 17.50 -31.32
CA THR H 281 5.25 18.38 -31.20
C THR H 281 6.48 17.82 -31.91
N GLU H 282 6.67 16.51 -31.82
CA GLU H 282 7.84 15.86 -32.40
C GLU H 282 7.82 15.85 -33.92
N THR H 283 6.89 15.10 -34.49
CA THR H 283 6.86 14.86 -35.93
C THR H 283 6.40 16.08 -36.74
N THR H 284 5.41 16.79 -36.24
CA THR H 284 4.90 17.99 -36.93
C THR H 284 5.97 19.07 -36.99
N SER H 285 6.99 18.95 -36.14
CA SER H 285 8.06 19.93 -36.08
C SER H 285 9.31 19.47 -36.81
N THR H 286 9.67 18.20 -36.67
CA THR H 286 10.82 17.65 -37.40
C THR H 286 10.41 17.20 -38.80
N THR H 287 9.24 17.68 -39.24
CA THR H 287 8.84 17.60 -40.63
C THR H 287 9.07 18.97 -41.25
N LEU H 288 8.73 20.00 -40.48
CA LEU H 288 9.00 21.38 -40.86
C LEU H 288 10.51 21.62 -40.83
N ARG H 289 11.19 20.88 -39.98
CA ARG H 289 12.64 20.99 -39.85
C ARG H 289 13.33 20.30 -41.02
N TYR H 290 12.78 19.17 -41.45
CA TYR H 290 13.32 18.43 -42.59
C TYR H 290 13.14 19.23 -43.88
N GLY H 291 11.93 19.75 -44.06
CA GLY H 291 11.60 20.50 -45.26
C GLY H 291 12.53 21.65 -45.54
N PHE H 292 12.99 22.31 -44.48
CA PHE H 292 13.88 23.46 -44.63
C PHE H 292 15.32 23.04 -44.88
N LEU H 293 15.54 21.75 -45.04
CA LEU H 293 16.85 21.24 -45.46
C LEU H 293 16.79 20.86 -46.93
N LEU H 294 15.57 20.77 -47.46
CA LEU H 294 15.34 20.54 -48.88
C LEU H 294 15.40 21.86 -49.64
N MET H 295 14.96 22.92 -48.96
CA MET H 295 14.96 24.25 -49.55
C MET H 295 16.38 24.82 -49.55
N LEU H 296 17.34 23.97 -49.18
CA LEU H 296 18.76 24.35 -49.19
C LEU H 296 19.54 23.40 -50.11
N LYS H 297 18.94 22.26 -50.41
CA LYS H 297 19.52 21.30 -51.35
C LYS H 297 18.93 21.58 -52.74
N TYR H 298 17.75 22.20 -52.73
CA TYR H 298 17.08 22.63 -53.95
C TYR H 298 16.54 24.04 -53.81
N PRO H 299 17.40 25.05 -54.08
CA PRO H 299 17.13 26.46 -53.80
C PRO H 299 16.21 27.14 -54.83
N HIS H 300 16.21 26.65 -56.06
CA HIS H 300 15.35 27.21 -57.09
C HIS H 300 13.88 26.90 -56.79
N VAL H 301 13.68 25.90 -55.93
CA VAL H 301 12.33 25.48 -55.53
C VAL H 301 11.82 26.33 -54.37
N THR H 302 12.73 27.06 -53.73
CA THR H 302 12.37 28.00 -52.68
C THR H 302 11.86 29.29 -53.30
N GLU H 303 12.39 29.63 -54.47
CA GLU H 303 11.99 30.83 -55.19
C GLU H 303 10.66 30.62 -55.93
N ARG H 304 10.50 29.44 -56.51
CA ARG H 304 9.25 29.08 -57.18
C ARG H 304 8.14 28.94 -56.15
N VAL H 305 8.54 28.87 -54.88
CA VAL H 305 7.60 28.82 -53.77
C VAL H 305 7.39 30.22 -53.20
N GLN H 306 8.34 31.11 -53.46
CA GLN H 306 8.24 32.49 -53.01
C GLN H 306 7.63 33.39 -54.07
N LYS H 307 7.34 32.81 -55.24
CA LYS H 307 6.71 33.54 -56.33
C LYS H 307 5.20 33.26 -56.37
N GLU H 308 4.80 32.20 -55.67
CA GLU H 308 3.38 31.90 -55.50
C GLU H 308 2.95 32.39 -54.12
N ILE H 309 3.93 32.85 -53.34
CA ILE H 309 3.68 33.47 -52.05
C ILE H 309 3.58 34.97 -52.29
N GLU H 310 3.97 35.40 -53.48
CA GLU H 310 3.90 36.80 -53.87
C GLU H 310 2.88 37.01 -54.99
N GLN H 311 2.34 35.92 -55.51
CA GLN H 311 1.34 35.98 -56.57
C GLN H 311 -0.08 35.79 -56.01
N VAL H 312 -0.16 35.30 -54.78
CA VAL H 312 -1.44 35.07 -54.13
C VAL H 312 -1.48 35.74 -52.74
N ILE H 313 -0.39 35.57 -52.00
CA ILE H 313 -0.32 36.08 -50.63
C ILE H 313 0.15 37.54 -50.59
N GLY H 314 1.17 37.86 -51.38
CA GLY H 314 1.65 39.22 -51.48
C GLY H 314 2.60 39.45 -50.32
N SER H 315 2.83 40.72 -50.01
CA SER H 315 3.75 41.10 -48.93
C SER H 315 3.19 41.99 -47.83
N HIS H 316 1.88 42.21 -47.84
CA HIS H 316 1.25 43.07 -46.85
C HIS H 316 0.53 42.26 -45.77
N ARG H 317 -0.39 41.39 -46.20
CA ARG H 317 -1.15 40.58 -45.25
C ARG H 317 -0.49 39.22 -45.03
N PRO H 318 -0.59 38.70 -43.80
CA PRO H 318 -0.11 37.35 -43.46
C PRO H 318 -0.89 36.28 -44.21
N PRO H 319 -0.32 35.08 -44.35
CA PRO H 319 -0.99 33.96 -45.03
C PRO H 319 -2.15 33.41 -44.20
N ALA H 320 -3.19 32.96 -44.88
CA ALA H 320 -4.37 32.42 -44.21
C ALA H 320 -4.64 30.97 -44.63
N LEU H 321 -5.65 30.36 -44.01
CA LEU H 321 -5.96 28.95 -44.22
C LEU H 321 -6.26 28.59 -45.67
N ASP H 322 -7.00 29.45 -46.36
CA ASP H 322 -7.50 29.12 -47.69
C ASP H 322 -6.49 29.32 -48.82
N ASP H 323 -5.38 29.99 -48.52
CA ASP H 323 -4.37 30.26 -49.54
C ASP H 323 -3.70 28.99 -50.07
N ARG H 324 -4.11 27.84 -49.53
CA ARG H 324 -3.60 26.56 -50.00
C ARG H 324 -4.31 26.12 -51.28
N ALA H 325 -5.60 26.43 -51.36
CA ALA H 325 -6.40 26.08 -52.53
C ALA H 325 -6.09 27.01 -53.70
N LYS H 326 -5.15 27.93 -53.50
CA LYS H 326 -4.77 28.89 -54.53
C LYS H 326 -3.35 28.66 -55.03
N MET H 327 -2.53 27.99 -54.21
CA MET H 327 -1.15 27.69 -54.58
C MET H 327 -0.89 26.19 -54.55
N PRO H 328 -1.00 25.54 -55.72
CA PRO H 328 -0.82 24.09 -55.86
C PRO H 328 0.64 23.66 -55.92
N TYR H 329 1.58 24.61 -55.89
CA TYR H 329 3.00 24.27 -55.93
C TYR H 329 3.59 24.15 -54.52
N THR H 330 3.15 25.02 -53.62
CA THR H 330 3.53 24.92 -52.22
C THR H 330 2.80 23.75 -51.59
N ASP H 331 1.53 23.59 -51.95
CA ASP H 331 0.71 22.49 -51.48
C ASP H 331 1.34 21.16 -51.92
N ALA H 332 1.98 21.18 -53.08
CA ALA H 332 2.62 19.98 -53.63
C ALA H 332 4.01 19.77 -53.05
N VAL H 333 4.72 20.88 -52.80
CA VAL H 333 6.05 20.82 -52.22
C VAL H 333 5.99 20.31 -50.79
N ILE H 334 4.94 20.69 -50.08
CA ILE H 334 4.73 20.22 -48.71
C ILE H 334 4.36 18.75 -48.71
N HIS H 335 3.79 18.29 -49.82
CA HIS H 335 3.49 16.88 -50.02
C HIS H 335 4.74 16.11 -50.44
N GLU H 336 5.70 16.83 -51.00
CA GLU H 336 6.98 16.24 -51.38
C GLU H 336 7.88 16.21 -50.16
N ILE H 337 7.66 17.15 -49.24
CA ILE H 337 8.45 17.26 -48.02
C ILE H 337 8.11 16.15 -47.04
N GLN H 338 6.83 15.82 -46.93
CA GLN H 338 6.39 14.72 -46.08
C GLN H 338 6.72 13.38 -46.74
N ARG H 339 6.78 13.39 -48.06
CA ARG H 339 7.05 12.19 -48.84
C ARG H 339 8.49 11.71 -48.64
N LEU H 340 9.45 12.53 -49.05
CA LEU H 340 10.86 12.20 -48.87
C LEU H 340 11.25 12.25 -47.39
N GLY H 341 10.65 13.17 -46.66
CA GLY H 341 10.87 13.27 -45.23
C GLY H 341 10.76 11.91 -44.57
N ASP H 342 9.71 11.18 -44.93
CA ASP H 342 9.54 9.80 -44.50
C ASP H 342 9.78 9.68 -43.00
N LEU H 343 8.95 10.36 -42.21
CA LEU H 343 9.15 10.45 -40.77
C LEU H 343 8.92 9.12 -40.04
N ILE H 344 7.83 8.44 -40.37
CA ILE H 344 7.54 7.13 -39.76
C ILE H 344 7.65 6.00 -40.77
N PRO H 345 8.85 5.41 -40.90
CA PRO H 345 9.22 4.39 -41.90
C PRO H 345 8.26 3.20 -41.96
N PHE H 346 7.99 2.55 -40.83
CA PHE H 346 7.06 1.42 -40.84
C PHE H 346 5.88 1.57 -39.88
N GLY H 347 5.30 2.77 -39.89
CA GLY H 347 4.10 3.05 -39.13
C GLY H 347 4.15 2.68 -37.66
N VAL H 348 3.04 2.87 -36.97
CA VAL H 348 2.92 2.52 -35.56
C VAL H 348 2.17 1.18 -35.54
N PRO H 349 2.68 0.22 -34.73
CA PRO H 349 2.29 -1.19 -34.65
C PRO H 349 0.78 -1.41 -34.61
N HIS H 350 0.31 -2.36 -35.41
CA HIS H 350 -1.09 -2.76 -35.45
C HIS H 350 -1.26 -4.21 -34.98
N THR H 351 -2.48 -4.55 -34.56
CA THR H 351 -2.81 -5.93 -34.21
C THR H 351 -4.22 -6.27 -34.66
N VAL H 352 -4.40 -7.47 -35.19
CA VAL H 352 -5.69 -7.89 -35.74
C VAL H 352 -6.63 -8.47 -34.67
N THR H 353 -7.62 -7.68 -34.28
CA THR H 353 -8.57 -8.09 -33.24
C THR H 353 -9.06 -9.51 -33.44
N LYS H 354 -9.60 -9.80 -34.61
CA LYS H 354 -10.05 -11.14 -34.95
C LYS H 354 -8.99 -11.85 -35.80
N ASP H 355 -9.22 -13.12 -36.10
CA ASP H 355 -8.40 -13.84 -37.05
C ASP H 355 -8.79 -13.38 -38.45
N THR H 356 -7.80 -12.94 -39.22
CA THR H 356 -8.08 -12.25 -40.49
C THR H 356 -7.73 -13.05 -41.73
N GLN H 357 -8.58 -12.92 -42.75
CA GLN H 357 -8.34 -13.52 -44.05
C GLN H 357 -7.95 -12.49 -45.09
N PHE H 358 -6.76 -12.65 -45.68
CA PHE H 358 -6.33 -11.71 -46.72
C PHE H 358 -5.14 -12.16 -47.55
N ARG H 359 -5.18 -11.86 -48.84
CA ARG H 359 -4.07 -12.14 -49.75
C ARG H 359 -3.65 -13.61 -49.76
N GLY H 360 -4.57 -14.49 -49.40
CA GLY H 360 -4.33 -15.92 -49.48
C GLY H 360 -3.76 -16.56 -48.24
N TYR H 361 -3.70 -15.82 -47.14
CA TYR H 361 -3.21 -16.36 -45.89
C TYR H 361 -4.09 -15.96 -44.71
N VAL H 362 -3.84 -16.57 -43.55
CA VAL H 362 -4.63 -16.31 -42.35
C VAL H 362 -3.75 -15.81 -41.21
N ILE H 363 -4.12 -14.66 -40.66
CA ILE H 363 -3.45 -14.12 -39.48
C ILE H 363 -4.27 -14.43 -38.23
N PRO H 364 -3.63 -15.02 -37.21
CA PRO H 364 -4.29 -15.37 -35.95
C PRO H 364 -4.77 -14.14 -35.20
N LYS H 365 -5.56 -14.34 -34.16
CA LYS H 365 -6.05 -13.25 -33.33
C LYS H 365 -4.83 -12.52 -32.77
N ASN H 366 -4.89 -11.19 -32.78
CA ASN H 366 -3.86 -10.33 -32.19
C ASN H 366 -2.45 -10.35 -32.79
N THR H 367 -2.33 -10.76 -34.04
CA THR H 367 -1.04 -10.79 -34.70
C THR H 367 -0.60 -9.37 -35.07
N GLU H 368 0.48 -8.91 -34.47
CA GLU H 368 1.00 -7.56 -34.71
C GLU H 368 1.42 -7.37 -36.16
N VAL H 369 0.58 -6.65 -36.92
CA VAL H 369 0.87 -6.39 -38.32
C VAL H 369 1.63 -5.06 -38.46
N PHE H 370 2.65 -5.07 -39.32
CA PHE H 370 3.46 -3.87 -39.54
C PHE H 370 3.17 -3.25 -40.92
N PRO H 371 2.53 -2.08 -40.93
CA PRO H 371 2.24 -1.34 -42.16
C PRO H 371 3.47 -0.48 -42.49
N VAL H 372 4.36 -0.98 -43.33
CA VAL H 372 5.57 -0.24 -43.71
C VAL H 372 5.11 0.85 -44.67
N LEU H 373 4.96 2.07 -44.13
CA LEU H 373 4.44 3.19 -44.90
C LEU H 373 5.51 3.76 -45.82
N SER H 374 6.78 3.50 -45.48
CA SER H 374 7.89 4.02 -46.26
C SER H 374 7.98 3.39 -47.64
N SER H 375 7.88 2.06 -47.68
CA SER H 375 7.94 1.32 -48.93
C SER H 375 6.84 1.76 -49.89
N ALA H 376 5.83 2.46 -49.35
CA ALA H 376 4.73 2.96 -50.15
C ALA H 376 4.92 4.44 -50.50
N LEU H 377 5.63 5.17 -49.65
CA LEU H 377 5.99 6.56 -49.95
C LEU H 377 7.07 6.60 -51.02
N HIS H 378 7.65 5.43 -51.29
CA HIS H 378 8.57 5.26 -52.41
C HIS H 378 8.20 4.00 -53.19
N ASP H 379 6.91 3.82 -53.43
CA ASP H 379 6.44 2.69 -54.21
C ASP H 379 6.38 3.09 -55.68
N PRO H 380 7.30 2.56 -56.49
CA PRO H 380 7.41 2.90 -57.92
C PRO H 380 6.09 2.77 -58.67
N ARG H 381 5.14 2.02 -58.10
CA ARG H 381 3.87 1.75 -58.75
C ARG H 381 2.94 2.97 -58.77
N TYR H 382 3.23 3.97 -57.94
CA TYR H 382 2.40 5.17 -57.88
C TYR H 382 3.09 6.51 -58.10
N PHE H 383 4.39 6.49 -58.34
CA PHE H 383 5.15 7.72 -58.52
C PHE H 383 6.31 7.56 -59.49
N GLU H 384 6.64 8.65 -60.19
CA GLU H 384 7.77 8.66 -61.10
C GLU H 384 9.00 9.19 -60.34
N THR H 385 10.16 8.63 -60.65
CA THR H 385 11.40 8.93 -59.92
C THR H 385 11.18 9.06 -58.40
N PRO H 386 10.73 7.97 -57.77
CA PRO H 386 10.37 7.92 -56.34
C PRO H 386 11.53 8.21 -55.39
N ASN H 387 12.75 8.30 -55.91
CA ASN H 387 13.93 8.50 -55.07
C ASN H 387 14.50 9.91 -55.10
N THR H 388 13.77 10.84 -55.70
CA THR H 388 14.25 12.22 -55.80
C THR H 388 13.18 13.22 -55.38
N PHE H 389 13.61 14.36 -54.88
CA PHE H 389 12.71 15.44 -54.50
C PHE H 389 12.00 15.99 -55.73
N ASN H 390 10.69 15.77 -55.80
CA ASN H 390 9.92 16.16 -56.98
C ASN H 390 8.51 16.64 -56.62
N PRO H 391 8.27 17.96 -56.73
CA PRO H 391 6.94 18.53 -56.55
C PRO H 391 6.00 18.06 -57.66
N GLY H 392 6.55 17.35 -58.64
CA GLY H 392 5.79 16.90 -59.79
C GLY H 392 5.01 15.63 -59.53
N HIS H 393 5.11 15.09 -58.31
CA HIS H 393 4.34 13.92 -57.93
C HIS H 393 2.98 14.36 -57.41
N PHE H 394 2.88 15.65 -57.10
CA PHE H 394 1.62 16.23 -56.65
C PHE H 394 1.19 17.36 -57.59
N LEU H 395 1.46 17.16 -58.88
CA LEU H 395 1.06 18.11 -59.91
C LEU H 395 0.76 17.38 -61.22
N ASP H 396 -0.35 17.72 -61.85
CA ASP H 396 -0.65 17.18 -63.17
C ASP H 396 -0.09 18.09 -64.25
N ALA H 397 -0.60 17.94 -65.47
CA ALA H 397 -0.09 18.69 -66.62
C ALA H 397 -0.37 20.19 -66.55
N ASN H 398 -1.52 20.56 -66.01
CA ASN H 398 -1.94 21.95 -65.98
C ASN H 398 -1.19 22.80 -64.95
N GLY H 399 -1.17 22.34 -63.70
CA GLY H 399 -0.45 23.03 -62.65
C GLY H 399 -1.13 22.99 -61.30
N ALA H 400 -2.25 22.29 -61.22
CA ALA H 400 -3.00 22.17 -59.98
C ALA H 400 -2.46 21.05 -59.10
N LEU H 401 -3.14 20.80 -57.99
CA LEU H 401 -2.71 19.78 -57.03
C LEU H 401 -3.23 18.40 -57.40
N LYS H 402 -2.33 17.50 -57.76
CA LYS H 402 -2.71 16.14 -58.13
C LYS H 402 -2.52 15.17 -56.96
N ARG H 403 -3.63 14.71 -56.40
CA ARG H 403 -3.60 13.80 -55.27
C ARG H 403 -3.15 12.41 -55.70
N ASN H 404 -2.10 11.91 -55.05
CA ASN H 404 -1.54 10.59 -55.38
C ASN H 404 -2.11 9.50 -54.48
N GLU H 405 -2.08 8.26 -54.97
CA GLU H 405 -2.65 7.13 -54.25
C GLU H 405 -1.70 6.49 -53.25
N GLY H 406 -0.44 6.92 -53.28
CA GLY H 406 0.58 6.33 -52.43
C GLY H 406 0.99 7.21 -51.26
N PHE H 407 0.56 8.46 -51.28
CA PHE H 407 0.92 9.41 -50.23
C PHE H 407 0.16 9.14 -48.94
N MET H 408 0.78 8.37 -48.05
CA MET H 408 0.15 8.01 -46.78
C MET H 408 1.08 8.13 -45.58
N PRO H 409 1.76 9.28 -45.44
CA PRO H 409 2.65 9.49 -44.29
C PRO H 409 1.87 9.61 -42.99
N PHE H 410 0.56 9.82 -43.09
CA PHE H 410 -0.30 9.89 -41.91
C PHE H 410 -0.94 8.54 -41.62
N SER H 411 -0.62 7.54 -42.43
CA SER H 411 -1.20 6.20 -42.33
C SER H 411 -2.67 6.22 -42.72
N LEU H 412 -3.38 5.14 -42.42
CA LEU H 412 -4.80 5.05 -42.78
C LEU H 412 -5.54 3.93 -42.05
N GLY H 413 -6.87 3.96 -42.16
CA GLY H 413 -7.72 2.98 -41.51
C GLY H 413 -8.58 3.63 -40.45
N LYS H 414 -9.21 2.82 -39.62
CA LYS H 414 -9.92 3.33 -38.45
C LYS H 414 -8.88 3.81 -37.46
N ARG H 415 -7.61 3.61 -37.82
CA ARG H 415 -6.48 3.97 -36.97
C ARG H 415 -5.57 4.99 -37.63
N ILE H 416 -6.16 6.01 -38.24
CA ILE H 416 -5.39 7.07 -38.89
C ILE H 416 -4.95 8.12 -37.87
N CYS H 417 -4.13 9.06 -38.31
CA CYS H 417 -3.65 10.14 -37.46
C CYS H 417 -4.78 11.08 -37.04
N LEU H 418 -4.60 11.73 -35.90
CA LEU H 418 -5.55 12.74 -35.42
C LEU H 418 -5.09 14.14 -35.81
N GLY H 419 -3.77 14.34 -35.82
CA GLY H 419 -3.20 15.61 -36.23
C GLY H 419 -3.29 15.81 -37.72
N GLU H 420 -4.07 14.95 -38.37
CA GLU H 420 -4.33 15.02 -39.81
C GLU H 420 -4.61 16.46 -40.25
N GLY H 421 -5.37 17.19 -39.45
CA GLY H 421 -5.78 18.54 -39.80
C GLY H 421 -4.90 19.64 -39.25
N ILE H 422 -4.46 19.48 -38.00
CA ILE H 422 -3.62 20.49 -37.36
C ILE H 422 -2.20 20.49 -37.93
N ALA H 423 -1.72 19.30 -38.29
CA ALA H 423 -0.39 19.17 -38.86
C ALA H 423 -0.31 19.78 -40.25
N ARG H 424 -1.33 19.52 -41.07
CA ARG H 424 -1.38 20.07 -42.42
C ARG H 424 -1.58 21.58 -42.41
N THR H 425 -2.27 22.07 -41.39
CA THR H 425 -2.49 23.50 -41.24
C THR H 425 -1.22 24.18 -40.69
N GLU H 426 -0.50 23.47 -39.84
CA GLU H 426 0.77 23.97 -39.31
C GLU H 426 1.86 23.91 -40.38
N LEU H 427 1.90 22.80 -41.12
CA LEU H 427 2.89 22.63 -42.18
C LEU H 427 2.70 23.66 -43.28
N PHE H 428 1.50 24.21 -43.40
CA PHE H 428 1.20 25.18 -44.45
C PHE H 428 1.30 26.63 -43.96
N LEU H 429 0.67 26.93 -42.83
CA LEU H 429 0.69 28.29 -42.28
C LEU H 429 2.09 28.67 -41.81
N PHE H 430 2.81 27.72 -41.21
CA PHE H 430 4.15 27.96 -40.71
C PHE H 430 5.15 28.13 -41.86
N PHE H 431 5.14 27.19 -42.80
CA PHE H 431 6.09 27.19 -43.90
C PHE H 431 6.08 28.51 -44.69
N THR H 432 4.89 28.96 -45.08
CA THR H 432 4.76 30.15 -45.92
C THR H 432 5.13 31.44 -45.18
N THR H 433 4.62 31.61 -43.97
CA THR H 433 4.84 32.84 -43.22
C THR H 433 6.33 33.12 -42.99
N ILE H 434 7.15 32.07 -43.09
CA ILE H 434 8.60 32.20 -42.94
C ILE H 434 9.25 32.48 -44.28
N LEU H 435 8.85 31.74 -45.31
CA LEU H 435 9.42 31.87 -46.64
C LEU H 435 9.08 33.21 -47.31
N GLN H 436 7.96 33.80 -46.89
CA GLN H 436 7.53 35.08 -47.44
C GLN H 436 8.26 36.24 -46.77
N ASN H 437 8.76 36.00 -45.56
CA ASN H 437 9.48 37.01 -44.80
C ASN H 437 11.00 36.84 -44.86
N PHE H 438 11.44 35.58 -44.91
CA PHE H 438 12.87 35.29 -44.93
C PHE H 438 13.23 34.25 -45.99
N SER H 439 14.30 34.52 -46.72
CA SER H 439 14.90 33.51 -47.59
C SER H 439 15.88 32.71 -46.74
N ILE H 440 16.45 31.66 -47.32
CA ILE H 440 17.36 30.81 -46.57
C ILE H 440 18.70 30.59 -47.25
N ALA H 441 19.78 30.94 -46.56
CA ALA H 441 21.12 30.74 -47.07
C ALA H 441 21.88 29.75 -46.19
N SER H 442 22.72 28.94 -46.82
CA SER H 442 23.46 27.91 -46.10
C SER H 442 24.91 27.86 -46.56
N PRO H 443 25.85 27.95 -45.60
CA PRO H 443 27.29 27.86 -45.88
C PRO H 443 27.68 26.47 -46.40
N VAL H 444 26.71 25.57 -46.46
CA VAL H 444 26.90 24.26 -47.09
C VAL H 444 26.11 24.23 -48.42
N PRO H 445 26.83 24.11 -49.54
CA PRO H 445 26.29 24.20 -50.89
C PRO H 445 25.07 23.29 -51.12
N PRO H 446 24.20 23.67 -52.07
CA PRO H 446 23.01 22.87 -52.43
C PRO H 446 23.38 21.50 -53.00
N GLU H 447 24.66 21.27 -53.27
CA GLU H 447 25.12 20.00 -53.81
C GLU H 447 25.80 19.15 -52.75
N ASP H 448 25.95 19.70 -51.55
CA ASP H 448 26.60 18.98 -50.45
C ASP H 448 25.60 18.60 -49.36
N ILE H 449 24.46 19.27 -49.35
CA ILE H 449 23.42 19.01 -48.35
C ILE H 449 23.02 17.54 -48.32
N ASP H 450 23.20 16.92 -47.17
CA ASP H 450 22.95 15.50 -47.01
C ASP H 450 21.63 15.25 -46.30
N LEU H 451 20.72 14.55 -46.96
CA LEU H 451 19.39 14.27 -46.41
C LEU H 451 19.32 12.88 -45.81
N THR H 452 20.47 12.31 -45.49
CA THR H 452 20.53 10.99 -44.86
C THR H 452 20.39 11.14 -43.34
N PRO H 453 19.23 10.72 -42.81
CA PRO H 453 18.88 10.87 -41.39
C PRO H 453 20.00 10.49 -40.44
N ARG H 454 20.19 11.29 -39.38
CA ARG H 454 21.18 10.98 -38.36
C ARG H 454 20.83 9.65 -37.71
N GLU H 455 19.53 9.38 -37.58
CA GLU H 455 19.05 8.16 -36.96
C GLU H 455 17.87 7.57 -37.72
N SER H 456 18.03 6.33 -38.18
CA SER H 456 16.98 5.66 -38.93
C SER H 456 16.43 4.47 -38.15
N GLY H 457 15.11 4.30 -38.20
CA GLY H 457 14.44 3.22 -37.49
C GLY H 457 12.94 3.36 -37.54
N VAL H 458 12.30 3.36 -36.38
CA VAL H 458 10.85 3.57 -36.29
C VAL H 458 10.52 5.03 -36.60
N GLY H 459 11.47 5.91 -36.35
CA GLY H 459 11.34 7.31 -36.69
C GLY H 459 12.58 7.78 -37.42
N ASN H 460 12.39 8.55 -38.50
CA ASN H 460 13.52 9.04 -39.28
C ASN H 460 13.85 10.49 -38.98
N VAL H 461 14.62 10.70 -37.93
CA VAL H 461 15.05 12.04 -37.54
C VAL H 461 16.24 12.50 -38.38
N PRO H 462 16.10 13.67 -39.02
CA PRO H 462 17.09 14.20 -39.98
C PRO H 462 18.31 14.79 -39.30
N PRO H 463 19.40 14.95 -40.05
CA PRO H 463 20.63 15.59 -39.55
C PRO H 463 20.35 17.01 -39.06
N SER H 464 21.23 17.54 -38.23
CA SER H 464 21.11 18.90 -37.74
C SER H 464 21.91 19.86 -38.62
N TYR H 465 21.21 20.81 -39.22
CA TYR H 465 21.83 21.73 -40.19
C TYR H 465 21.92 23.15 -39.65
N GLN H 466 22.88 23.91 -40.18
CA GLN H 466 23.01 25.32 -39.85
C GLN H 466 22.32 26.19 -40.89
N ILE H 467 21.13 26.66 -40.57
CA ILE H 467 20.36 27.51 -41.47
C ILE H 467 20.35 28.94 -40.94
N ARG H 468 20.25 29.91 -41.83
CA ARG H 468 20.12 31.29 -41.42
C ARG H 468 19.07 32.01 -42.28
N PHE H 469 18.13 32.67 -41.61
CA PHE H 469 17.05 33.37 -42.31
C PHE H 469 17.42 34.81 -42.59
N LEU H 470 17.24 35.23 -43.84
CA LEU H 470 17.55 36.59 -44.25
C LEU H 470 16.28 37.40 -44.51
N ALA H 471 16.16 38.53 -43.82
CA ALA H 471 14.96 39.37 -43.91
C ALA H 471 14.79 40.00 -45.29
N ARG H 472 13.56 39.96 -45.80
CA ARG H 472 13.26 40.49 -47.12
C ARG H 472 12.62 41.87 -47.01
CHA HEM I . 13.90 -4.38 35.43
CHB HEM I . 10.33 -2.95 32.48
CHC HEM I . 9.51 -7.60 31.35
CHD HEM I . 12.90 -9.07 34.49
C1A HEM I . 12.98 -3.61 34.77
C2A HEM I . 12.83 -2.18 34.92
C3A HEM I . 11.85 -1.77 34.12
C4A HEM I . 11.35 -2.94 33.42
CMA HEM I . 11.33 -0.32 33.94
CAA HEM I . 13.69 -1.34 35.90
CBA HEM I . 14.26 -0.10 35.22
CGA HEM I . 15.42 0.39 36.05
O1A HEM I . 16.04 -0.44 36.76
O2A HEM I . 15.72 1.61 35.99
C1B HEM I . 9.84 -4.07 31.87
C2B HEM I . 8.88 -4.10 30.78
C3B HEM I . 8.65 -5.38 30.46
C4B HEM I . 9.46 -6.22 31.35
CMB HEM I . 8.26 -2.85 30.12
CAB HEM I . 7.71 -5.93 29.36
CBB HEM I . 7.02 -5.12 28.56
C1C HEM I . 10.42 -8.38 32.03
C2C HEM I . 10.69 -9.79 31.78
C3C HEM I . 11.63 -10.19 32.64
C4C HEM I . 11.97 -9.06 33.48
CMC HEM I . 10.01 -10.64 30.68
CAC HEM I . 12.27 -11.60 32.79
CBC HEM I . 11.88 -12.64 32.03
C1D HEM I . 13.49 -7.95 35.06
C2D HEM I . 14.52 -7.97 36.07
C3D HEM I . 14.82 -6.49 36.36
C4D HEM I . 13.94 -5.75 35.50
CMD HEM I . 15.18 -9.20 36.72
CAD HEM I . 15.84 -5.92 37.37
CBD HEM I . 17.24 -5.87 36.77
CGD HEM I . 18.12 -5.13 37.74
O1D HEM I . 19.34 -5.01 37.49
O2D HEM I . 17.56 -4.65 38.77
NA HEM I . 12.05 -4.03 33.84
NB HEM I . 10.17 -5.38 32.19
NC HEM I . 11.22 -7.97 33.08
ND HEM I . 13.17 -6.63 34.75
FE HEM I . 11.55 -5.99 33.60
C1 TB2 J . 5.90 -5.53 35.43
O1 TB2 J . 6.85 -6.11 35.82
C2 TB2 J . 5.02 -5.13 36.59
C3 TB2 J . 5.82 -5.23 37.87
C4 TB2 J . 5.29 -5.91 38.96
C5 TB2 J . 6.02 -6.00 40.14
C6 TB2 J . 7.27 -5.41 40.24
C7 TB2 J . 7.80 -4.73 39.15
C8 TB2 J . 7.08 -4.64 37.97
C9 TB2 J . 8.05 -5.51 41.51
C10 TB2 J . 7.18 -5.01 42.64
C11 TB2 J . 8.40 -6.98 41.75
C12 TB2 J . 9.31 -4.67 41.39
CHA HEM K . 34.93 -32.69 4.36
CHB HEM K . 35.50 -29.05 7.53
CHC HEM K . 39.98 -30.58 8.59
CHD HEM K . 39.36 -34.36 5.64
C1A HEM K . 34.76 -31.49 5.04
C2A HEM K . 33.76 -30.48 4.75
C3A HEM K . 33.93 -29.47 5.63
C4A HEM K . 35.03 -29.83 6.50
CMA HEM K . 33.09 -28.18 5.70
CAA HEM K . 32.69 -30.50 3.64
CBA HEM K . 31.86 -31.77 3.77
CGA HEM K . 30.40 -31.40 3.70
O1A HEM K . 29.55 -32.33 3.81
O2A HEM K . 30.08 -30.19 3.55
C1B HEM K . 36.74 -29.15 8.12
C2B HEM K . 37.27 -28.30 9.17
C3B HEM K . 38.50 -28.72 9.46
C4B HEM K . 38.80 -29.85 8.61
CMB HEM K . 36.53 -27.12 9.84
CAB HEM K . 39.41 -28.09 10.54
CBB HEM K . 40.62 -28.59 10.78
C1C HEM K . 40.16 -31.78 7.97
C2C HEM K . 41.21 -32.73 8.23
C3C HEM K . 41.05 -33.78 7.41
C4C HEM K . 39.87 -33.53 6.60
CMC HEM K . 42.35 -32.57 9.27
CAC HEM K . 41.96 -35.02 7.38
CBC HEM K . 41.76 -36.02 6.50
C1D HEM K . 38.12 -34.28 5.03
C2D HEM K . 37.59 -35.29 4.15
C3D HEM K . 36.20 -34.79 3.74
C4D HEM K . 36.04 -33.52 4.43
CMD HEM K . 38.27 -36.59 3.70
CAD HEM K . 35.24 -35.53 2.77
CBD HEM K . 33.78 -35.37 3.14
CGD HEM K . 32.97 -36.32 2.29
O1D HEM K . 32.61 -37.42 2.80
O2D HEM K . 32.71 -36.01 1.11
NA HEM K . 35.52 -31.07 6.11
NB HEM K . 37.71 -30.09 7.81
NC HEM K . 39.35 -32.29 6.97
ND HEM K . 37.19 -33.26 5.18
FE HEM K . 37.51 -31.62 6.43
C1 TB2 L . 40.80 -26.79 4.93
O1 TB2 L . 40.81 -28.00 4.71
C2 TB2 L . 40.89 -25.81 3.81
C3 TB2 L . 40.55 -26.50 2.50
C4 TB2 L . 39.22 -26.70 2.14
C5 TB2 L . 38.91 -27.33 0.94
C6 TB2 L . 39.94 -27.76 0.10
C7 TB2 L . 41.26 -27.56 0.46
C8 TB2 L . 41.57 -26.93 1.66
C9 TB2 L . 39.63 -28.44 -1.19
C10 TB2 L . 38.42 -29.35 -0.98
C11 TB2 L . 39.29 -27.39 -2.24
C12 TB2 L . 40.83 -29.25 -1.64
CHA HEM M . -8.38 -44.22 -28.25
CHB HEM M . -11.58 -47.63 -26.94
CHC HEM M . -12.18 -45.44 -22.65
CHD HEM M . -9.12 -41.93 -23.99
C1A HEM M . -9.25 -45.29 -28.30
C2A HEM M . -9.55 -46.10 -29.46
C3A HEM M . -10.42 -47.04 -29.10
C4A HEM M . -10.72 -46.86 -27.70
CMA HEM M . -11.02 -48.12 -30.02
CAA HEM M . -8.94 -45.91 -30.85
CBA HEM M . -7.72 -46.82 -30.95
CGA HEM M . -7.14 -46.78 -32.34
O1A HEM M . -7.06 -45.68 -32.93
O2A HEM M . -6.75 -47.86 -32.85
C1B HEM M . -12.00 -47.35 -25.66
C2B HEM M . -12.92 -48.15 -24.88
C3B HEM M . -13.09 -47.55 -23.70
C4B HEM M . -12.28 -46.34 -23.70
CMB HEM M . -13.58 -49.47 -25.36
CAB HEM M . -13.98 -48.01 -22.52
CBB HEM M . -14.76 -49.10 -22.59
C1C HEM M . -11.36 -44.34 -22.62
C2C HEM M . -11.10 -43.51 -21.46
C3C HEM M . -10.26 -42.54 -21.83
C4C HEM M . -9.95 -42.72 -23.24
CMC HEM M . -11.71 -43.74 -20.06
CAC HEM M . -9.66 -41.40 -20.96
CBC HEM M . -9.97 -41.25 -19.67
C1D HEM M . -8.63 -42.21 -25.25
C2D HEM M . -7.71 -41.36 -25.99
C3D HEM M . -7.48 -42.08 -27.32
C4D HEM M . -8.29 -43.27 -27.25
CMD HEM M . -7.10 -40.02 -25.52
CAD HEM M . -6.58 -41.57 -28.46
CBD HEM M . -5.62 -42.69 -28.85
CGD HEM M . -4.75 -42.20 -29.97
O1D HEM M . -4.66 -40.96 -30.19
O2D HEM M . -4.13 -43.06 -30.65
NA HEM M . -9.99 -45.78 -27.23
NB HEM M . -11.63 -46.25 -24.92
NC HEM M . -10.64 -43.83 -23.69
ND HEM M . -8.95 -43.31 -26.03
FE HEM M . -10.44 -44.70 -25.57
C1 TB2 N . -16.31 -44.13 -26.47
O1 TB2 N . -15.29 -43.39 -26.43
C2 TB2 N . -17.20 -43.91 -27.66
C3 TB2 N . -16.63 -42.81 -28.50
C4 TB2 N . -17.07 -41.50 -28.32
C5 TB2 N . -16.53 -40.47 -29.09
C6 TB2 N . -15.57 -40.76 -30.05
C7 TB2 N . -15.13 -42.07 -30.23
C8 TB2 N . -15.66 -43.09 -29.45
C9 TB2 N . -14.99 -39.66 -30.89
C10 TB2 N . -15.89 -39.48 -32.12
C11 TB2 N . -14.98 -38.36 -30.07
C12 TB2 N . -13.60 -40.05 -31.33
CHA HEM O . -26.24 18.50 18.60
CHB HEM O . -27.47 21.74 21.98
CHC HEM O . -22.77 22.85 22.49
CHD HEM O . -21.72 20.33 18.49
C1A HEM O . -26.97 19.26 19.47
C2A HEM O . -28.40 19.15 19.67
C3A HEM O . -28.76 20.05 20.61
C4A HEM O . -27.55 20.74 21.04
CMA HEM O . -30.16 20.35 21.17
CAA HEM O . -29.28 18.16 18.87
CBA HEM O . -30.59 17.79 19.56
CGA HEM O . -31.35 16.86 18.67
O1A HEM O . -30.71 16.10 17.90
O2A HEM O . -32.61 16.87 18.73
C1B HEM O . -26.29 22.26 22.48
C2B HEM O . -26.14 23.06 23.68
C3B HEM O . -24.84 23.36 23.81
C4B HEM O . -24.12 22.77 22.70
CMB HEM O . -27.30 23.47 24.61
CAB HEM O . -24.18 24.19 24.93
CBB HEM O . -24.87 24.70 25.97
C1C HEM O . -22.06 22.23 21.48
C2C HEM O . -20.61 22.17 21.36
C3C HEM O . -20.33 21.47 20.25
C4C HEM O . -21.58 21.07 19.65
CMC HEM O . -19.61 22.80 22.35
CAC HEM O . -18.93 21.13 19.69
CBC HEM O . -17.80 21.48 20.31
C1D HEM O . -22.82 19.59 18.13
C2D HEM O . -22.91 18.72 16.98
C3D HEM O . -24.33 18.13 17.02
C4D HEM O . -24.96 18.73 18.18
CMD HEM O . -21.81 18.42 15.94
CAD HEM O . -24.96 17.14 16.01
CBD HEM O . -25.40 15.87 16.73
CGD HEM O . -26.07 14.96 15.75
O1D HEM O . -26.02 13.72 15.94
O2D HEM O . -26.65 15.48 14.76
NA HEM O . -26.48 20.23 20.32
NB HEM O . -25.04 22.10 21.90
NC HEM O . -22.62 21.54 20.42
ND HEM O . -24.04 19.58 18.80
FE HEM O . -24.55 20.93 20.27
C1 TB2 P . -25.95 26.63 19.18
O1 TB2 P . -25.16 25.93 18.55
C2 TB2 P . -27.20 27.08 18.46
C3 TB2 P . -27.12 26.66 17.01
C4 TB2 P . -28.11 25.86 16.47
C5 TB2 P . -28.03 25.46 15.13
C6 TB2 P . -26.97 25.88 14.34
C7 TB2 P . -25.97 26.69 14.89
C8 TB2 P . -26.05 27.08 16.22
C9 TB2 P . -26.90 25.47 12.90
C10 TB2 P . -26.99 23.95 12.88
C11 TB2 P . -28.08 26.07 12.15
C12 TB2 P . -25.57 25.93 12.30
CHA HEM Q . 41.51 19.32 -6.07
CHB HEM Q . 45.99 19.10 -7.92
CHC HEM Q . 47.86 19.25 -3.44
CHD HEM Q . 43.39 19.36 -1.55
C1A HEM Q . 42.57 19.28 -6.97
C2A HEM Q . 42.46 19.31 -8.41
C3A HEM Q . 43.69 19.25 -8.92
C4A HEM Q . 44.62 19.19 -7.81
CMA HEM Q . 44.06 19.26 -10.42
CAA HEM Q . 41.15 19.40 -9.23
CBA HEM Q . 40.90 20.84 -9.63
CGA HEM Q . 39.85 20.84 -10.71
O1A HEM Q . 38.70 21.24 -10.42
O2A HEM Q . 40.18 20.43 -11.86
C1B HEM Q . 46.89 19.18 -6.87
C2B HEM Q . 48.33 19.34 -7.00
C3B HEM Q . 48.85 19.37 -5.78
C4B HEM Q . 47.76 19.25 -4.82
CMB HEM Q . 49.11 19.43 -8.33
CAB HEM Q . 50.36 19.53 -5.47
CBB HEM Q . 50.81 19.60 -4.22
C1C HEM Q . 46.81 19.29 -2.54
C2C HEM Q . 46.94 19.37 -1.10
C3C HEM Q . 45.72 19.40 -0.56
C4C HEM Q . 44.76 19.34 -1.66
CMC HEM Q . 48.27 19.40 -0.30
CAC HEM Q . 45.40 19.47 0.94
CBC HEM Q . 44.15 19.48 1.39
C1D HEM Q . 42.47 19.38 -2.57
C2D HEM Q . 41.04 19.46 -2.39
C3D HEM Q . 40.44 19.45 -3.81
C4D HEM Q . 41.58 19.37 -4.70
CMD HEM Q . 40.27 19.53 -1.06
CAD HEM Q . 38.94 19.50 -4.17
CBD HEM Q . 38.64 20.65 -5.13
CGD HEM Q . 37.20 20.54 -5.54
O1D HEM Q . 36.48 21.58 -5.50
O2D HEM Q . 36.75 19.43 -5.91
NA HEM Q . 43.90 19.20 -6.64
NB HEM Q . 46.57 19.13 -5.53
NC HEM Q . 45.47 19.29 -2.85
ND HEM Q . 42.75 19.33 -3.94
FE HEM Q . 44.65 19.11 -4.73
C1 TB2 R . 47.47 14.12 -5.78
O1 TB2 R . 46.56 14.75 -5.28
C2 TB2 R . 47.27 12.69 -6.22
C3 TB2 R . 45.82 12.33 -6.12
C4 TB2 R . 45.41 11.34 -5.22
C5 TB2 R . 44.08 11.00 -5.12
C6 TB2 R . 43.13 11.63 -5.91
C7 TB2 R . 43.53 12.62 -6.81
C8 TB2 R . 44.87 12.96 -6.92
C9 TB2 R . 41.68 11.26 -5.79
C10 TB2 R . 41.59 9.75 -5.62
C11 TB2 R . 41.11 11.97 -4.57
C12 TB2 R . 40.94 11.71 -7.04
CHA HEM S . -35.58 -28.86 29.31
CHB HEM S . -36.57 -25.46 25.99
CHC HEM S . -34.07 -27.97 22.68
CHD HEM S . -32.85 -31.26 26.01
C1A HEM S . -36.05 -27.72 28.70
C2A HEM S . -36.80 -26.68 29.36
C3A HEM S . -37.09 -25.73 28.44
C4A HEM S . -36.51 -26.15 27.18
CMA HEM S . -37.86 -24.41 28.64
CAA HEM S . -37.15 -26.77 30.86
CBA HEM S . -37.90 -25.56 31.43
CGA HEM S . -37.87 -25.68 32.94
O1A HEM S . -37.21 -26.62 33.44
O2A HEM S . -38.50 -24.82 33.62
C1B HEM S . -35.91 -25.80 24.82
C2B HEM S . -35.73 -24.96 23.66
C3B HEM S . -35.04 -25.65 22.74
C4B HEM S . -34.76 -26.95 23.30
CMB HEM S . -36.26 -23.50 23.53
CAB HEM S . -34.59 -25.19 21.33
CBB HEM S . -34.89 -23.99 20.85
C1C HEM S . -33.45 -29.02 23.31
C2C HEM S . -32.39 -29.84 22.76
C3C HEM S . -32.05 -30.75 23.68
C4C HEM S . -32.89 -30.53 24.86
CMC HEM S . -31.78 -29.67 21.36
CAC HEM S . -30.97 -31.85 23.59
CBC HEM S . -30.22 -32.04 22.49
C1D HEM S . -33.49 -30.96 27.20
C2D HEM S . -33.45 -31.76 28.40
C3D HEM S . -34.30 -31.01 29.43
C4D HEM S . -34.77 -29.83 28.74
CMD HEM S . -32.70 -33.09 28.61
CAD HEM S . -34.59 -31.42 30.89
CBD HEM S . -33.77 -30.54 31.83
CGD HEM S . -34.08 -30.86 33.27
O1D HEM S . -33.44 -30.28 34.18
O2D HEM S . -34.98 -31.71 33.51
NA HEM S . -35.88 -27.37 27.37
NB HEM S . -35.31 -27.02 24.57
NC HEM S . -33.73 -29.46 24.59
ND HEM S . -34.28 -29.83 27.44
FE HEM S . -34.88 -28.49 25.99
C1 TB2 T . -39.91 -29.16 22.31
O1 TB2 T . -39.28 -30.18 22.56
C2 TB2 T . -41.31 -29.19 22.72
C3 TB2 T . -41.56 -30.22 23.81
C4 TB2 T . -40.80 -31.37 23.90
C5 TB2 T . -41.05 -32.31 24.90
C6 TB2 T . -42.07 -32.08 25.81
C7 TB2 T . -42.86 -30.93 25.72
C8 TB2 T . -42.60 -30.00 24.71
C9 TB2 T . -42.35 -33.09 26.89
C10 TB2 T . -43.83 -33.01 27.26
C11 TB2 T . -42.02 -34.48 26.37
C12 TB2 T . -41.50 -32.74 28.10
CHA HEM U . -23.19 53.15 -21.22
CHB HEM U . -19.06 51.36 -19.44
CHC HEM U . -17.88 55.72 -17.69
CHD HEM U . -21.65 57.65 -20.04
C1A HEM U . -22.21 52.27 -20.85
C2A HEM U . -22.22 50.83 -21.03
C3A HEM U . -21.08 50.34 -20.54
C4A HEM U . -20.30 51.44 -20.03
CMA HEM U . -20.67 48.85 -20.51
CAA HEM U . -23.35 50.00 -21.67
CBA HEM U . -23.19 49.99 -23.19
CGA HEM U . -24.29 49.16 -23.80
O1A HEM U . -24.79 49.53 -24.88
O2A HEM U . -24.67 48.13 -23.18
C1B HEM U . -18.46 52.35 -18.70
C2B HEM U . -17.44 52.16 -17.70
C3B HEM U . -17.11 53.36 -17.21
C4B HEM U . -17.91 54.36 -17.90
CMB HEM U . -16.87 50.78 -17.30
CAB HEM U . -16.06 53.67 -16.12
CBB HEM U . -15.36 52.69 -15.52
C1C HEM U . -18.75 56.63 -18.24
C2C HEM U . -18.61 58.08 -18.20
C3C HEM U . -19.66 58.62 -18.85
C4C HEM U . -20.48 57.53 -19.33
CMC HEM U . -17.45 58.84 -17.52
CAC HEM U . -19.97 60.11 -19.08
CBC HEM U . -19.17 61.08 -18.61
C1D HEM U . -22.37 56.64 -20.65
C2D HEM U . -23.40 56.84 -21.64
C3D HEM U . -23.89 55.42 -22.02
C4D HEM U . -23.08 54.52 -21.21
CMD HEM U . -23.88 58.20 -22.18
CAD HEM U . -24.97 54.97 -23.02
CBD HEM U . -25.72 56.16 -23.61
CGD HEM U . -26.01 55.91 -25.06
O1D HEM U . -26.44 56.87 -25.76
O2D HEM U . -25.80 54.76 -25.54
NA HEM U . -21.01 52.61 -20.23
NB HEM U . -18.73 53.71 -18.80
NC HEM U . -19.90 56.33 -18.94
ND HEM U . -22.21 55.28 -20.43
FE HEM U . -20.54 54.46 -19.51
C1 TB2 V . -21.64 52.31 -13.72
O1 TB2 V . -21.89 53.44 -14.16
C2 TB2 V . -22.63 51.34 -13.50
C3 TB2 V . -23.98 51.97 -13.77
C4 TB2 V . -24.91 51.28 -14.53
C5 TB2 V . -26.16 51.84 -14.78
C6 TB2 V . -26.48 53.08 -14.25
C7 TB2 V . -25.55 53.77 -13.47
C8 TB2 V . -24.31 53.21 -13.24
C9 TB2 V . -27.83 53.68 -14.52
C10 TB2 V . -27.74 54.49 -15.80
C11 TB2 V . -28.84 52.56 -14.67
C12 TB2 V . -28.21 54.59 -13.36
CHA HEM W . -0.96 8.17 -35.13
CHB HEM W . 1.85 10.39 -38.40
CHC HEM W . 1.02 14.66 -36.25
CHD HEM W . -1.54 12.44 -32.77
C1A HEM W . -0.10 8.38 -36.18
C2A HEM W . 0.52 7.37 -37.02
C3A HEM W . 1.29 7.99 -37.92
C4A HEM W . 1.20 9.41 -37.69
CMA HEM W . 2.14 7.31 -39.02
CAA HEM W . 0.34 5.83 -36.94
CBA HEM W . -1.11 5.43 -36.74
CGA HEM W . -1.26 3.98 -37.12
O1A HEM W . -2.31 3.38 -36.77
O2A HEM W . -0.35 3.43 -37.78
C1B HEM W . 1.89 11.73 -38.10
C2B HEM W . 2.68 12.74 -38.78
C3B HEM W . 2.44 13.92 -38.20
C4B HEM W . 1.50 13.70 -37.10
CMB HEM W . 3.60 12.46 -39.99
CAB HEM W . 3.04 15.30 -38.55
CBB HEM W . 3.95 15.45 -39.53
C1C HEM W . 0.20 14.45 -35.17
C2C HEM W . -0.44 15.46 -34.36
C3C HEM W . -1.14 14.86 -33.40
C4C HEM W . -0.98 13.43 -33.56
CMC HEM W . -0.31 16.98 -34.61
CAC HEM W . -2.00 15.52 -32.29
CBC HEM W . -2.09 16.85 -32.16
C1D HEM W . -1.68 11.11 -33.10
C2D HEM W . -2.55 10.18 -32.41
C3D HEM W . -2.38 8.84 -33.14
C4D HEM W . -1.42 9.10 -34.20
CMD HEM W . -3.46 10.48 -31.20
CAD HEM W . -3.11 7.52 -32.77
CBD HEM W . -2.74 6.41 -33.74
CGD HEM W . -3.97 5.60 -34.07
O1D HEM W . -5.08 5.95 -33.58
O2D HEM W . -3.83 4.60 -34.82
NA HEM W . 0.35 9.62 -36.62
NB HEM W . 1.19 12.35 -37.08
NC HEM W . -0.16 13.21 -34.65
ND HEM W . -1.05 10.43 -34.14
FE HEM W . 0.09 11.38 -35.59
C1 TB2 X . 6.13 11.90 -34.38
O1 TB2 X . 4.95 11.90 -34.01
C2 TB2 X . 7.20 11.27 -33.53
C3 TB2 X . 6.57 10.52 -32.37
C4 TB2 X . 6.06 11.21 -31.28
C5 TB2 X . 5.47 10.53 -30.22
C6 TB2 X . 5.39 9.14 -30.26
C7 TB2 X . 5.91 8.44 -31.34
C8 TB2 X . 6.49 9.12 -32.40
C9 TB2 X . 4.76 8.40 -29.13
C10 TB2 X . 5.81 8.10 -28.07
C11 TB2 X . 3.67 9.27 -28.52
C12 TB2 X . 4.19 7.09 -29.65
#